data_6RN4
#
_entry.id   6RN4
#
_cell.length_a   1.00
_cell.length_b   1.00
_cell.length_c   1.00
_cell.angle_alpha   90.00
_cell.angle_beta   90.00
_cell.angle_gamma   90.00
#
_symmetry.space_group_name_H-M   'P 1'
#
loop_
_entity.id
_entity.type
_entity.pdbx_description
1 polymer 'Chaperone protein ClpB'
2 polymer casein
3 non-polymer 'PHOSPHOTHIOPHOSPHORIC ACID-ADENYLATE ESTER'
4 non-polymer "ADENOSINE-5'-DIPHOSPHATE"
#
loop_
_entity_poly.entity_id
_entity_poly.type
_entity_poly.pdbx_seq_one_letter_code
_entity_poly.pdbx_strand_id
1 'polypeptide(L)'
;MRLDRLTNKFQLALADAQSLALGHDNQFIEPLHLMSALLNQEGGSVSPLLTSAGINAGQLRTDINQALNRLPQVEGTGGD
VQPSQDLVRVLNLCDKLAQKRGDNFISSELFVLAALESRGTLADILKAAGATTANITQAIEQMRGGESVNDQGAEDQRQA
LKKYTIDLTERAEQGKLDPVIGRDEEIRRTIQVLQRRTKNNPVLIGEPGVGKTAIVEGLAQRIINGEVPEGLKGRRVLAL
DMGALVAGAKYRGEFEERLKGVLNDLAKQEGNVILFIDALHTMVGAGKADGAMDAGNMLKPALARGELHCVGATTLDEYR
QYIEKDAALERRFQKVFVAEPSVEDTIAILRGLKERYELHHHVQITDPAIVAAATLSHRYIADRQLPDKAIDLIDEAASS
IRMQIDSKPEELDRLDRRIIQLKLEQQALMKESDEASKKRLDMLNEELSDKERQYSELEEEWKAEKASLSGTQTIKAELE
QAKIAIEQARRVGDLARMSELQYGKIPELEKQLEAATQLEGKTMRLLRNKVTDAEIAEVLARWTGIPVSRMMESEREKLL
RMEQELHHRVIGQNEAVDAVSNAIRRSRAGLADPNRPIGSFLFLGPTGVGKTELCKALANFMFDSDEAMVRIDMSEFMEK
HSVSRLVGAPPGYVGYEEGGYLTEAVRRRPYSVILLDAVEKAHPDVFNILLQVLDDGRLTDGQGRTVDFRNTVVIMTSNL
GSDLIQERFGELDYAHMKELVLGVVSHNFRPEFINRIDEVVVFHPLGEQHIASIAQIQLKRLYKRLEERGYEIHISDEAL
KLLSENGYDPVYGARPLKRAIQQQIENPLAQQILSGELVPGKVIRLEVNEDRIVAVQH
;
A,B,C,D,E,F
2 'polypeptide(L)' AAAAAAAAAAAAAAAAAAAAAAAA S
#
# COMPACT_ATOMS: atom_id res chain seq x y z
N GLN A 159 9.32 -25.11 -30.44
CA GLN A 159 10.02 -23.97 -31.05
C GLN A 159 9.37 -22.65 -30.66
N ALA A 160 9.75 -22.13 -29.49
CA ALA A 160 9.19 -20.89 -28.97
C ALA A 160 9.61 -19.68 -29.78
N LEU A 161 10.70 -19.81 -30.54
CA LEU A 161 11.10 -18.75 -31.46
C LEU A 161 10.04 -18.55 -32.52
N LYS A 162 9.46 -19.65 -32.99
CA LYS A 162 8.28 -19.55 -33.83
C LYS A 162 7.08 -19.07 -33.05
N LYS A 163 7.07 -19.27 -31.73
CA LYS A 163 5.91 -18.88 -30.94
C LYS A 163 5.99 -17.46 -30.46
N TYR A 164 7.18 -16.87 -30.35
CA TYR A 164 7.25 -15.59 -29.68
C TYR A 164 8.12 -14.54 -30.33
N THR A 165 8.94 -14.86 -31.32
CA THR A 165 9.90 -13.92 -31.84
C THR A 165 9.59 -13.57 -33.28
N ILE A 166 10.20 -12.48 -33.74
CA ILE A 166 9.99 -11.97 -35.08
C ILE A 166 11.36 -11.83 -35.76
N ASP A 167 11.56 -12.54 -36.86
CA ASP A 167 12.78 -12.39 -37.64
C ASP A 167 12.67 -11.08 -38.42
N LEU A 168 13.23 -10.02 -37.85
CA LEU A 168 13.26 -8.75 -38.54
C LEU A 168 14.23 -8.79 -39.71
N THR A 169 15.25 -9.65 -39.63
CA THR A 169 16.17 -9.81 -40.74
C THR A 169 15.47 -10.41 -41.94
N GLU A 170 14.50 -11.27 -41.69
CA GLU A 170 13.64 -11.78 -42.76
C GLU A 170 12.81 -10.66 -43.37
N ARG A 171 12.30 -9.76 -42.54
CA ARG A 171 11.39 -8.73 -43.01
C ARG A 171 12.12 -7.69 -43.84
N ALA A 172 13.22 -7.16 -43.32
CA ALA A 172 14.04 -6.24 -44.10
C ALA A 172 14.74 -6.95 -45.25
N GLU A 173 15.00 -8.24 -45.11
CA GLU A 173 15.50 -9.04 -46.21
C GLU A 173 14.49 -9.11 -47.33
N GLN A 174 13.21 -9.16 -46.97
CA GLN A 174 12.13 -9.00 -47.92
C GLN A 174 11.71 -7.55 -48.08
N GLY A 175 12.49 -6.62 -47.53
CA GLY A 175 12.24 -5.21 -47.72
C GLY A 175 10.98 -4.71 -47.05
N LYS A 176 10.51 -5.39 -46.01
CA LYS A 176 9.25 -4.99 -45.40
C LYS A 176 9.39 -3.74 -44.57
N LEU A 177 10.61 -3.33 -44.25
CA LEU A 177 10.85 -2.41 -43.16
C LEU A 177 11.31 -1.06 -43.69
N ASP A 178 11.38 -0.11 -42.76
CA ASP A 178 11.72 1.26 -43.09
C ASP A 178 13.20 1.35 -43.42
N PRO A 179 13.58 1.94 -44.52
CA PRO A 179 14.97 2.32 -44.70
C PRO A 179 15.31 3.48 -43.78
N VAL A 180 15.63 3.15 -42.53
CA VAL A 180 15.78 4.13 -41.47
C VAL A 180 17.04 4.94 -41.67
N ILE A 181 16.94 6.25 -41.46
CA ILE A 181 17.92 7.23 -41.89
C ILE A 181 18.55 7.88 -40.66
N GLY A 182 19.87 7.98 -40.66
CA GLY A 182 20.57 8.76 -39.67
C GLY A 182 20.98 7.95 -38.47
N ARG A 183 21.19 8.66 -37.36
CA ARG A 183 21.39 8.10 -36.02
C ARG A 183 22.64 7.23 -35.93
N ASP A 184 23.62 7.49 -36.80
CA ASP A 184 24.69 6.52 -37.05
C ASP A 184 25.64 6.41 -35.86
N GLU A 185 25.81 7.51 -35.11
CA GLU A 185 26.67 7.49 -33.93
C GLU A 185 26.13 6.54 -32.88
N GLU A 186 24.83 6.55 -32.69
CA GLU A 186 24.20 5.76 -31.66
C GLU A 186 24.17 4.29 -32.07
N ILE A 187 23.93 4.04 -33.35
CA ILE A 187 24.01 2.70 -33.90
C ILE A 187 25.41 2.14 -33.70
N ARG A 188 26.41 2.97 -33.93
CA ARG A 188 27.79 2.54 -33.79
C ARG A 188 28.12 2.26 -32.33
N ARG A 189 27.60 3.06 -31.41
CA ARG A 189 27.86 2.78 -30.01
C ARG A 189 27.14 1.52 -29.56
N THR A 190 25.99 1.22 -30.17
CA THR A 190 25.31 -0.03 -29.91
C THR A 190 26.11 -1.22 -30.42
N ILE A 191 26.73 -1.07 -31.58
CA ILE A 191 27.58 -2.13 -32.11
C ILE A 191 28.81 -2.30 -31.22
N GLN A 192 29.31 -1.20 -30.65
CA GLN A 192 30.39 -1.27 -29.67
C GLN A 192 29.99 -2.11 -28.48
N VAL A 193 28.79 -1.84 -27.94
CA VAL A 193 28.30 -2.60 -26.81
C VAL A 193 28.07 -4.05 -27.19
N LEU A 194 27.53 -4.28 -28.36
CA LEU A 194 27.19 -5.64 -28.74
C LEU A 194 28.39 -6.49 -29.11
N GLN A 195 29.60 -5.96 -29.14
CA GLN A 195 30.77 -6.81 -29.31
C GLN A 195 31.70 -6.73 -28.12
N ARG A 196 31.14 -6.73 -26.90
CA ARG A 196 31.96 -6.81 -25.71
C ARG A 196 32.12 -8.26 -25.30
N ARG A 197 32.90 -8.50 -24.25
CA ARG A 197 32.95 -9.87 -23.73
C ARG A 197 31.84 -10.10 -22.74
N THR A 198 31.78 -9.27 -21.72
CA THR A 198 30.69 -9.32 -20.74
C THR A 198 29.88 -8.05 -20.83
N LYS A 199 28.78 -8.07 -20.07
CA LYS A 199 27.78 -6.99 -20.03
C LYS A 199 27.32 -6.63 -21.42
N ASN A 200 26.89 -7.64 -22.15
CA ASN A 200 26.76 -7.55 -23.59
C ASN A 200 25.42 -7.04 -24.00
N ASN A 201 24.84 -6.16 -23.21
CA ASN A 201 23.46 -5.75 -23.40
C ASN A 201 23.31 -4.24 -23.37
N PRO A 202 22.95 -3.63 -24.48
CA PRO A 202 22.60 -2.22 -24.47
C PRO A 202 21.15 -2.04 -24.10
N VAL A 203 20.87 -0.91 -23.46
CA VAL A 203 19.51 -0.46 -23.28
C VAL A 203 19.38 0.83 -24.06
N LEU A 204 18.15 1.18 -24.39
CA LEU A 204 17.87 2.38 -25.16
C LEU A 204 16.96 3.29 -24.35
N ILE A 205 17.45 4.48 -24.02
CA ILE A 205 16.75 5.40 -23.14
C ILE A 205 16.21 6.54 -23.99
N GLY A 206 14.89 6.61 -24.11
CA GLY A 206 14.26 7.70 -24.83
C GLY A 206 12.75 7.54 -24.75
N GLU A 207 12.06 8.67 -24.90
CA GLU A 207 10.61 8.66 -24.85
C GLU A 207 10.05 7.91 -26.05
N PRO A 208 8.94 7.19 -25.90
CA PRO A 208 8.46 6.33 -27.00
C PRO A 208 7.95 7.16 -28.15
N GLY A 209 8.20 6.68 -29.35
CA GLY A 209 7.92 7.45 -30.54
C GLY A 209 9.12 8.10 -31.15
N VAL A 210 10.30 8.00 -30.53
CA VAL A 210 11.52 8.43 -31.19
C VAL A 210 12.12 7.33 -32.03
N GLY A 211 11.49 6.17 -32.09
CA GLY A 211 11.89 5.17 -33.05
C GLY A 211 13.10 4.37 -32.65
N LYS A 212 13.22 4.05 -31.35
CA LYS A 212 14.27 3.14 -30.90
C LYS A 212 14.10 1.77 -31.54
N THR A 213 12.85 1.35 -31.70
CA THR A 213 12.51 0.16 -32.50
C THR A 213 13.12 0.29 -33.88
N ALA A 214 12.89 1.44 -34.51
CA ALA A 214 13.41 1.69 -35.84
C ALA A 214 14.93 1.78 -35.84
N ILE A 215 15.53 2.15 -34.73
CA ILE A 215 16.99 2.15 -34.67
C ILE A 215 17.51 0.74 -34.74
N VAL A 216 16.87 -0.17 -34.00
CA VAL A 216 17.24 -1.58 -34.10
C VAL A 216 16.93 -2.12 -35.48
N GLU A 217 15.85 -1.63 -36.09
CA GLU A 217 15.49 -2.02 -37.44
C GLU A 217 16.55 -1.60 -38.45
N GLY A 218 17.06 -0.37 -38.31
CA GLY A 218 18.09 0.09 -39.21
C GLY A 218 19.40 -0.62 -39.00
N LEU A 219 19.66 -1.02 -37.75
CA LEU A 219 20.79 -1.89 -37.47
C LEU A 219 20.65 -3.21 -38.22
N ALA A 220 19.45 -3.76 -38.20
CA ALA A 220 19.19 -5.00 -38.91
C ALA A 220 19.35 -4.82 -40.41
N GLN A 221 18.94 -3.67 -40.93
CA GLN A 221 19.15 -3.40 -42.33
C GLN A 221 20.62 -3.24 -42.66
N ARG A 222 21.41 -2.73 -41.72
CA ARG A 222 22.84 -2.68 -41.95
C ARG A 222 23.45 -4.06 -41.93
N ILE A 223 22.89 -4.96 -41.13
CA ILE A 223 23.32 -6.34 -41.14
C ILE A 223 22.99 -6.99 -42.47
N ILE A 224 21.80 -6.69 -43.00
CA ILE A 224 21.43 -7.07 -44.36
C ILE A 224 22.44 -6.51 -45.35
N ASN A 225 22.86 -5.27 -45.14
CA ASN A 225 23.92 -4.70 -45.94
C ASN A 225 25.25 -5.34 -45.60
N GLY A 226 25.45 -5.71 -44.34
CA GLY A 226 26.73 -6.26 -43.94
C GLY A 226 27.74 -5.16 -43.69
N GLU A 227 27.31 -4.08 -43.04
CA GLU A 227 28.22 -2.99 -42.66
C GLU A 227 28.90 -3.24 -41.33
N VAL A 228 28.78 -4.45 -40.81
CA VAL A 228 29.10 -4.72 -39.41
C VAL A 228 30.53 -5.22 -39.30
N PRO A 229 31.14 -5.12 -38.14
CA PRO A 229 32.42 -5.80 -37.93
C PRO A 229 32.31 -7.31 -37.84
N GLU A 230 33.44 -7.95 -37.57
CA GLU A 230 33.57 -9.39 -37.73
C GLU A 230 33.15 -10.16 -36.48
N GLY A 231 31.98 -9.85 -35.95
CA GLY A 231 31.43 -10.68 -34.90
C GLY A 231 29.95 -10.82 -35.13
N LEU A 232 29.46 -10.08 -36.11
CA LEU A 232 28.05 -9.96 -36.34
C LEU A 232 27.62 -10.49 -37.70
N LYS A 233 28.56 -10.87 -38.54
CA LYS A 233 28.25 -11.34 -39.89
C LYS A 233 27.66 -12.74 -39.80
N GLY A 234 26.37 -12.84 -40.08
CA GLY A 234 25.66 -14.09 -39.99
C GLY A 234 24.70 -14.19 -38.83
N ARG A 235 24.62 -13.16 -37.99
CA ARG A 235 23.74 -13.26 -36.85
C ARG A 235 22.30 -13.01 -37.26
N ARG A 236 21.38 -13.37 -36.38
CA ARG A 236 19.95 -13.20 -36.61
C ARG A 236 19.36 -12.42 -35.46
N VAL A 237 18.85 -11.24 -35.75
CA VAL A 237 18.29 -10.37 -34.72
C VAL A 237 16.82 -10.70 -34.56
N LEU A 238 16.42 -11.02 -33.33
CA LEU A 238 15.05 -11.42 -33.05
C LEU A 238 14.52 -10.62 -31.87
N ALA A 239 13.28 -10.15 -31.99
CA ALA A 239 12.66 -9.28 -31.01
C ALA A 239 11.70 -10.08 -30.14
N LEU A 240 11.37 -9.54 -28.97
CA LEU A 240 10.52 -10.24 -28.02
C LEU A 240 9.85 -9.28 -27.05
N ASP A 241 8.61 -9.57 -26.71
CA ASP A 241 7.82 -8.90 -25.70
C ASP A 241 7.87 -9.66 -24.38
N MET A 242 7.62 -8.94 -23.28
CA MET A 242 7.33 -9.58 -22.01
C MET A 242 5.85 -9.83 -21.81
N GLY A 243 4.99 -8.97 -22.39
CA GLY A 243 3.56 -9.15 -22.26
C GLY A 243 3.06 -10.42 -22.92
N ALA A 244 3.78 -10.92 -23.92
CA ALA A 244 3.50 -12.23 -24.50
C ALA A 244 3.83 -13.37 -23.55
N LEU A 245 4.63 -13.11 -22.52
CA LEU A 245 4.97 -14.13 -21.55
C LEU A 245 4.18 -14.01 -20.25
N VAL A 246 3.90 -12.79 -19.81
CA VAL A 246 3.20 -12.59 -18.55
C VAL A 246 1.74 -13.02 -18.66
N ALA A 247 1.13 -12.80 -19.82
CA ALA A 247 -0.32 -12.92 -19.96
C ALA A 247 -0.83 -14.34 -19.88
N GLY A 248 0.05 -15.34 -19.86
CA GLY A 248 -0.37 -16.72 -19.73
C GLY A 248 -0.09 -17.32 -18.37
N ALA A 249 -0.13 -16.51 -17.32
CA ALA A 249 0.18 -17.00 -15.98
C ALA A 249 -1.11 -17.26 -15.20
N LYS A 250 -1.71 -18.42 -15.48
CA LYS A 250 -2.77 -18.91 -14.62
C LYS A 250 -2.24 -19.25 -13.24
N TYR A 251 -1.26 -20.13 -13.19
CA TYR A 251 -0.86 -20.80 -11.98
C TYR A 251 0.57 -20.39 -11.68
N ARG A 252 1.15 -21.04 -10.69
CA ARG A 252 2.60 -21.00 -10.50
C ARG A 252 3.27 -21.72 -11.66
N GLY A 253 4.39 -21.19 -12.14
CA GLY A 253 5.23 -21.90 -13.08
C GLY A 253 4.62 -22.12 -14.45
N GLU A 254 4.20 -21.07 -15.10
CA GLU A 254 3.76 -21.20 -16.48
C GLU A 254 4.37 -20.12 -17.36
N PHE A 255 4.49 -18.91 -16.83
CA PHE A 255 5.40 -17.89 -17.33
C PHE A 255 6.81 -18.43 -17.53
N GLU A 256 7.27 -19.19 -16.56
CA GLU A 256 8.67 -19.49 -16.41
C GLU A 256 9.09 -20.70 -17.21
N GLU A 257 8.17 -21.63 -17.49
CA GLU A 257 8.45 -22.67 -18.46
C GLU A 257 8.69 -22.06 -19.83
N ARG A 258 7.88 -21.08 -20.20
CA ARG A 258 8.08 -20.35 -21.44
C ARG A 258 9.43 -19.64 -21.43
N LEU A 259 9.77 -19.03 -20.30
CA LEU A 259 11.00 -18.27 -20.21
C LEU A 259 12.23 -19.16 -20.32
N LYS A 260 12.20 -20.31 -19.65
CA LYS A 260 13.34 -21.22 -19.75
C LYS A 260 13.40 -21.89 -21.12
N GLY A 261 12.27 -22.20 -21.73
CA GLY A 261 12.29 -22.74 -23.09
C GLY A 261 12.83 -21.74 -24.09
N VAL A 262 12.57 -20.46 -23.85
CA VAL A 262 13.22 -19.38 -24.60
C VAL A 262 14.73 -19.47 -24.43
N LEU A 263 15.19 -19.60 -23.19
CA LEU A 263 16.64 -19.72 -22.99
C LEU A 263 17.22 -20.99 -23.58
N ASN A 264 16.43 -22.06 -23.65
CA ASN A 264 16.89 -23.30 -24.28
C ASN A 264 17.02 -23.13 -25.79
N ASP A 265 16.10 -22.39 -26.40
CA ASP A 265 16.27 -22.08 -27.82
C ASP A 265 17.44 -21.15 -28.05
N LEU A 266 17.68 -20.24 -27.10
CA LEU A 266 18.78 -19.29 -27.24
C LEU A 266 20.14 -19.97 -27.15
N ALA A 267 20.29 -20.85 -26.17
CA ALA A 267 21.51 -21.64 -26.12
C ALA A 267 21.56 -22.63 -27.27
N LYS A 268 20.39 -23.04 -27.78
CA LYS A 268 20.34 -24.02 -28.86
C LYS A 268 20.89 -23.43 -30.16
N GLN A 269 20.67 -22.14 -30.38
CA GLN A 269 21.21 -21.52 -31.58
C GLN A 269 22.68 -21.17 -31.44
N GLU A 270 23.25 -21.29 -30.23
CA GLU A 270 24.68 -21.34 -29.98
C GLU A 270 25.39 -20.03 -30.36
N GLY A 271 25.00 -18.96 -29.68
CA GLY A 271 25.70 -17.69 -29.84
C GLY A 271 25.54 -17.04 -31.19
N ASN A 272 24.41 -17.26 -31.86
CA ASN A 272 24.18 -16.76 -33.19
C ASN A 272 23.04 -15.74 -33.23
N VAL A 273 22.25 -15.63 -32.18
CA VAL A 273 21.03 -14.84 -32.19
C VAL A 273 21.22 -13.63 -31.29
N ILE A 274 20.92 -12.46 -31.83
CA ILE A 274 20.88 -11.23 -31.06
C ILE A 274 19.44 -10.97 -30.67
N LEU A 275 19.20 -10.73 -29.39
CA LEU A 275 17.86 -10.59 -28.89
C LEU A 275 17.45 -9.13 -28.78
N PHE A 276 16.20 -8.85 -29.10
CA PHE A 276 15.61 -7.58 -28.70
C PHE A 276 14.44 -7.79 -27.75
N ILE A 277 14.39 -6.95 -26.70
CA ILE A 277 13.29 -6.88 -25.74
C ILE A 277 13.02 -5.41 -25.45
N ASP A 278 11.83 -4.94 -25.79
CA ASP A 278 11.40 -3.65 -25.27
C ASP A 278 10.59 -3.86 -23.99
N ALA A 279 10.15 -2.74 -23.41
CA ALA A 279 9.45 -2.68 -22.13
C ALA A 279 10.26 -3.40 -21.06
N LEU A 280 11.46 -2.87 -20.84
CA LEU A 280 12.35 -3.43 -19.84
C LEU A 280 11.79 -3.24 -18.44
N HIS A 281 11.21 -2.07 -18.20
CA HIS A 281 10.57 -1.78 -16.92
C HIS A 281 9.34 -2.64 -16.69
N THR A 282 8.75 -3.19 -17.74
CA THR A 282 7.72 -4.20 -17.55
C THR A 282 8.30 -5.46 -16.95
N MET A 283 9.46 -5.91 -17.45
CA MET A 283 10.11 -7.15 -17.02
C MET A 283 10.52 -7.12 -15.54
N VAL A 284 10.57 -5.95 -14.94
CA VAL A 284 10.77 -5.84 -13.50
C VAL A 284 9.64 -6.53 -12.75
N GLY A 285 8.39 -6.28 -13.15
CA GLY A 285 7.29 -6.84 -12.41
C GLY A 285 6.40 -7.81 -13.15
N ALA A 286 6.45 -9.09 -12.77
CA ALA A 286 5.53 -10.10 -13.30
C ALA A 286 5.02 -11.09 -12.27
N GLY A 287 5.52 -11.04 -11.04
CA GLY A 287 5.17 -12.04 -10.04
C GLY A 287 6.25 -12.24 -8.98
N MET A 293 13.00 -14.03 -8.81
CA MET A 293 11.59 -14.08 -8.48
C MET A 293 10.79 -14.33 -9.75
N ASP A 294 10.43 -13.26 -10.46
CA ASP A 294 9.59 -13.40 -11.64
C ASP A 294 10.42 -13.48 -12.93
N ALA A 295 11.15 -12.45 -13.25
CA ALA A 295 11.66 -12.46 -14.60
C ALA A 295 13.15 -12.16 -14.71
N GLY A 296 13.65 -11.19 -13.95
CA GLY A 296 15.03 -10.78 -14.13
C GLY A 296 16.01 -11.82 -13.63
N ASN A 297 15.60 -12.60 -12.64
CA ASN A 297 16.51 -13.55 -12.04
C ASN A 297 16.71 -14.78 -12.90
N MET A 298 15.72 -15.19 -13.69
CA MET A 298 15.97 -16.26 -14.64
C MET A 298 16.85 -15.80 -15.78
N LEU A 299 16.75 -14.54 -16.17
CA LEU A 299 17.62 -14.06 -17.23
C LEU A 299 18.99 -13.62 -16.72
N LYS A 300 19.14 -13.51 -15.41
CA LYS A 300 20.42 -13.15 -14.78
C LYS A 300 21.65 -13.92 -15.26
N PRO A 301 21.64 -15.25 -15.42
CA PRO A 301 22.89 -15.90 -15.88
C PRO A 301 23.20 -15.61 -17.34
N ALA A 302 22.21 -15.68 -18.21
CA ALA A 302 22.48 -15.46 -19.63
C ALA A 302 22.79 -14.00 -19.92
N LEU A 303 22.21 -13.09 -19.15
CA LEU A 303 22.65 -11.70 -19.23
C LEU A 303 24.06 -11.54 -18.71
N ALA A 304 24.46 -12.35 -17.75
CA ALA A 304 25.79 -12.16 -17.18
C ALA A 304 26.88 -12.92 -17.93
N ARG A 305 26.61 -14.14 -18.37
CA ARG A 305 27.66 -15.03 -18.87
C ARG A 305 27.89 -14.91 -20.36
N GLY A 306 27.46 -13.82 -20.99
CA GLY A 306 27.71 -13.62 -22.39
C GLY A 306 26.88 -14.45 -23.34
N GLU A 307 26.04 -15.34 -22.82
CA GLU A 307 25.27 -16.25 -23.64
C GLU A 307 23.95 -15.66 -24.11
N LEU A 308 23.85 -14.33 -24.15
CA LEU A 308 22.65 -13.65 -24.57
C LEU A 308 23.05 -12.22 -24.91
N HIS A 309 22.37 -11.64 -25.89
CA HIS A 309 22.74 -10.35 -26.42
C HIS A 309 21.54 -9.43 -26.44
N CYS A 310 20.90 -9.31 -25.27
CA CYS A 310 19.67 -8.55 -25.12
C CYS A 310 19.84 -7.08 -25.46
N VAL A 311 18.80 -6.50 -26.03
CA VAL A 311 18.79 -5.08 -26.41
C VAL A 311 17.56 -4.45 -25.79
N GLY A 312 17.76 -3.43 -24.98
CA GLY A 312 16.64 -2.81 -24.30
C GLY A 312 15.96 -1.72 -25.11
N ALA A 313 14.81 -1.27 -24.58
CA ALA A 313 14.11 -0.09 -25.08
C ALA A 313 13.14 0.39 -24.01
N THR A 314 13.41 1.55 -23.43
CA THR A 314 12.53 2.09 -22.41
C THR A 314 12.70 3.60 -22.33
N THR A 315 12.07 4.18 -21.30
CA THR A 315 12.00 5.61 -21.09
C THR A 315 12.83 5.95 -19.86
N LEU A 316 13.29 7.20 -19.79
CA LEU A 316 14.19 7.64 -18.74
C LEU A 316 13.52 7.60 -17.37
N ASP A 317 12.25 7.98 -17.31
CA ASP A 317 11.53 7.92 -16.02
C ASP A 317 11.41 6.49 -15.53
N GLU A 318 11.10 5.56 -16.41
CA GLU A 318 11.04 4.16 -16.02
C GLU A 318 12.40 3.59 -15.71
N TYR A 319 13.45 4.16 -16.31
CA TYR A 319 14.79 3.76 -15.92
C TYR A 319 15.07 4.15 -14.48
N ARG A 320 14.84 5.41 -14.14
CA ARG A 320 15.13 5.85 -12.78
C ARG A 320 14.13 5.28 -11.77
N GLN A 321 13.00 4.78 -12.23
CA GLN A 321 12.00 4.21 -11.33
C GLN A 321 12.23 2.73 -11.10
N TYR A 322 12.58 2.00 -12.14
CA TYR A 322 12.68 0.55 -12.04
C TYR A 322 14.10 0.04 -12.06
N ILE A 323 14.93 0.54 -12.97
CA ILE A 323 16.15 -0.18 -13.28
C ILE A 323 17.28 0.16 -12.31
N GLU A 324 17.10 1.17 -11.47
CA GLU A 324 18.05 1.45 -10.41
C GLU A 324 17.78 0.63 -9.16
N LYS A 325 16.89 -0.36 -9.22
CA LYS A 325 16.52 -1.15 -8.07
C LYS A 325 17.30 -2.46 -7.98
N ASP A 326 17.20 -3.29 -9.01
CA ASP A 326 17.99 -4.52 -9.06
C ASP A 326 19.33 -4.21 -9.71
N ALA A 327 20.40 -4.47 -8.99
CA ALA A 327 21.71 -4.16 -9.52
C ALA A 327 22.07 -5.06 -10.67
N ALA A 328 21.61 -6.32 -10.64
CA ALA A 328 21.78 -7.21 -11.78
C ALA A 328 21.00 -6.68 -12.97
N LEU A 329 19.84 -6.09 -12.71
CA LEU A 329 19.16 -5.34 -13.75
C LEU A 329 19.93 -4.10 -14.16
N GLU A 330 20.80 -3.56 -13.32
CA GLU A 330 21.58 -2.43 -13.83
C GLU A 330 22.72 -2.93 -14.70
N ARG A 331 23.69 -3.57 -14.08
CA ARG A 331 24.94 -3.83 -14.77
C ARG A 331 24.86 -5.03 -15.70
N ARG A 332 23.79 -5.79 -15.69
CA ARG A 332 23.62 -6.71 -16.79
C ARG A 332 22.98 -6.01 -18.00
N PHE A 333 22.85 -4.69 -17.97
CA PHE A 333 22.59 -3.88 -19.14
C PHE A 333 23.62 -2.76 -19.21
N GLN A 334 23.50 -1.95 -20.26
CA GLN A 334 24.34 -0.79 -20.47
C GLN A 334 23.52 0.32 -21.10
N LYS A 335 23.75 1.53 -20.64
CA LYS A 335 23.07 2.68 -21.20
C LYS A 335 23.59 3.01 -22.59
N VAL A 336 22.66 3.21 -23.53
CA VAL A 336 22.93 3.92 -24.78
C VAL A 336 21.86 4.99 -24.89
N PHE A 337 22.28 6.25 -24.83
CA PHE A 337 21.32 7.35 -24.82
C PHE A 337 20.70 7.49 -26.20
N VAL A 338 19.40 7.71 -26.24
CA VAL A 338 18.68 7.94 -27.48
C VAL A 338 18.14 9.36 -27.47
N ALA A 339 18.52 10.13 -28.47
CA ALA A 339 18.16 11.54 -28.54
C ALA A 339 16.90 11.72 -29.39
N GLU A 340 16.43 12.96 -29.42
CA GLU A 340 15.26 13.40 -30.16
C GLU A 340 15.69 13.96 -31.51
N PRO A 341 15.01 13.62 -32.60
CA PRO A 341 15.48 14.04 -33.92
C PRO A 341 15.11 15.49 -34.23
N SER A 342 16.00 16.14 -34.98
CA SER A 342 15.90 17.58 -35.19
C SER A 342 14.82 17.91 -36.20
N VAL A 343 14.79 19.18 -36.59
CA VAL A 343 13.85 19.61 -37.63
C VAL A 343 14.33 19.16 -38.99
N GLU A 344 15.58 19.49 -39.35
CA GLU A 344 16.08 19.20 -40.68
C GLU A 344 16.26 17.70 -40.91
N ASP A 345 16.66 16.99 -39.87
CA ASP A 345 16.84 15.56 -40.01
C ASP A 345 15.51 14.87 -40.21
N THR A 346 14.46 15.41 -39.59
CA THR A 346 13.11 14.94 -39.87
C THR A 346 12.74 15.18 -41.32
N ILE A 347 13.19 16.31 -41.88
CA ILE A 347 12.91 16.63 -43.27
C ILE A 347 13.59 15.62 -44.19
N ALA A 348 14.86 15.33 -43.93
CA ALA A 348 15.57 14.35 -44.76
C ALA A 348 15.02 12.96 -44.57
N ILE A 349 14.56 12.65 -43.37
CA ILE A 349 13.89 11.38 -43.10
C ILE A 349 12.63 11.25 -43.93
N LEU A 350 11.83 12.30 -43.96
CA LEU A 350 10.59 12.24 -44.72
C LEU A 350 10.84 12.27 -46.21
N ARG A 351 11.95 12.89 -46.62
CA ARG A 351 12.39 12.77 -47.99
C ARG A 351 12.72 11.33 -48.34
N GLY A 352 13.37 10.62 -47.43
CA GLY A 352 13.56 9.20 -47.62
C GLY A 352 12.27 8.44 -47.56
N LEU A 353 11.32 8.93 -46.76
CA LEU A 353 10.05 8.25 -46.61
C LEU A 353 9.01 8.70 -47.61
N LYS A 354 9.34 9.66 -48.46
CA LYS A 354 8.34 10.21 -49.38
C LYS A 354 7.95 9.19 -50.43
N GLU A 355 8.92 8.48 -50.98
CA GLU A 355 8.63 7.58 -52.09
C GLU A 355 7.85 6.36 -51.63
N ARG A 356 8.09 5.92 -50.39
CA ARG A 356 7.33 4.80 -49.84
C ARG A 356 5.86 5.16 -49.69
N TYR A 357 5.59 6.36 -49.16
CA TYR A 357 4.22 6.84 -49.04
C TYR A 357 3.57 7.03 -50.40
N GLU A 358 4.32 7.56 -51.37
CA GLU A 358 3.73 7.82 -52.67
C GLU A 358 3.46 6.53 -53.44
N LEU A 359 4.28 5.50 -53.20
CA LEU A 359 3.91 4.17 -53.66
C LEU A 359 2.67 3.62 -52.99
N HIS A 360 2.54 3.80 -51.68
CA HIS A 360 1.41 3.15 -51.03
C HIS A 360 0.09 3.83 -51.35
N HIS A 361 0.03 5.15 -51.21
CA HIS A 361 -1.26 5.80 -51.37
C HIS A 361 -1.55 6.22 -52.80
N HIS A 362 -0.74 5.76 -53.76
CA HIS A 362 -0.99 5.85 -55.20
C HIS A 362 -0.97 7.31 -55.71
N VAL A 363 -0.47 8.23 -54.89
CA VAL A 363 -0.58 9.65 -55.19
C VAL A 363 0.80 10.29 -55.05
N GLN A 364 0.85 11.60 -55.18
CA GLN A 364 2.08 12.35 -55.04
C GLN A 364 1.98 13.26 -53.82
N ILE A 365 3.11 13.83 -53.43
CA ILE A 365 3.17 14.64 -52.22
C ILE A 365 3.93 15.92 -52.54
N THR A 366 3.39 17.06 -52.12
CA THR A 366 4.12 18.32 -52.15
C THR A 366 5.15 18.32 -51.04
N ASP A 367 6.42 18.47 -51.40
CA ASP A 367 7.51 18.50 -50.44
C ASP A 367 7.60 19.80 -49.63
N PRO A 368 7.29 20.99 -50.18
CA PRO A 368 7.04 22.12 -49.29
C PRO A 368 5.90 21.90 -48.32
N ALA A 369 4.88 21.13 -48.70
CA ALA A 369 3.89 20.75 -47.71
C ALA A 369 4.46 19.77 -46.69
N ILE A 370 5.50 19.02 -47.04
CA ILE A 370 6.14 18.15 -46.07
C ILE A 370 6.86 18.97 -45.01
N VAL A 371 7.66 19.94 -45.45
CA VAL A 371 8.39 20.75 -44.47
C VAL A 371 7.42 21.64 -43.70
N ALA A 372 6.31 22.03 -44.32
CA ALA A 372 5.27 22.76 -43.59
C ALA A 372 4.58 21.86 -42.57
N ALA A 373 4.41 20.57 -42.90
CA ALA A 373 3.84 19.62 -41.97
C ALA A 373 4.76 19.41 -40.79
N ALA A 374 6.07 19.44 -41.03
CA ALA A 374 7.05 19.37 -39.94
C ALA A 374 6.94 20.60 -39.05
N THR A 375 6.81 21.78 -39.66
CA THR A 375 6.70 23.03 -38.92
C THR A 375 5.46 23.05 -38.06
N LEU A 376 4.31 22.69 -38.63
CA LEU A 376 3.08 22.69 -37.86
C LEU A 376 3.01 21.53 -36.88
N SER A 377 3.73 20.44 -37.13
CA SER A 377 3.78 19.35 -36.17
C SER A 377 4.54 19.77 -34.93
N HIS A 378 5.63 20.52 -35.11
CA HIS A 378 6.25 21.11 -33.92
C HIS A 378 5.39 22.21 -33.33
N ARG A 379 4.61 22.91 -34.17
CA ARG A 379 3.93 24.10 -33.72
C ARG A 379 2.67 23.78 -32.91
N TYR A 380 1.72 23.08 -33.52
CA TYR A 380 0.41 22.89 -32.93
C TYR A 380 0.24 21.52 -32.28
N ILE A 381 1.31 20.78 -32.05
CA ILE A 381 1.24 19.51 -31.34
C ILE A 381 2.23 19.56 -30.20
N ALA A 382 1.79 19.17 -29.02
CA ALA A 382 2.66 19.08 -27.86
C ALA A 382 3.11 17.66 -27.52
N ASP A 383 2.21 16.68 -27.64
CA ASP A 383 2.50 15.35 -27.11
C ASP A 383 3.38 14.55 -28.04
N ARG A 384 2.87 14.26 -29.23
CA ARG A 384 3.59 13.42 -30.17
C ARG A 384 4.82 14.15 -30.69
N GLN A 385 5.80 13.36 -31.14
CA GLN A 385 7.08 13.89 -31.56
C GLN A 385 7.55 13.10 -32.77
N LEU A 386 8.70 13.28 -33.10
CA LEU A 386 9.21 12.88 -34.39
C LEU A 386 9.89 11.51 -34.29
N PRO A 387 9.85 10.69 -35.35
CA PRO A 387 9.29 10.81 -36.70
C PRO A 387 7.77 10.69 -36.71
N ASP A 388 7.21 10.28 -35.57
CA ASP A 388 5.89 9.65 -35.56
C ASP A 388 4.77 10.62 -35.92
N LYS A 389 4.81 11.85 -35.42
CA LYS A 389 3.68 12.74 -35.63
C LYS A 389 3.59 13.18 -37.08
N ALA A 390 4.73 13.40 -37.72
CA ALA A 390 4.70 13.74 -39.15
C ALA A 390 4.31 12.53 -39.98
N ILE A 391 4.73 11.34 -39.55
CA ILE A 391 4.27 10.09 -40.17
C ILE A 391 2.76 10.03 -40.17
N ASP A 392 2.14 10.31 -39.02
CA ASP A 392 0.70 10.23 -38.88
C ASP A 392 0.01 11.29 -39.71
N LEU A 393 0.58 12.50 -39.74
CA LEU A 393 0.01 13.59 -40.53
C LEU A 393 0.03 13.27 -42.00
N ILE A 394 1.18 12.83 -42.52
CA ILE A 394 1.29 12.59 -43.95
C ILE A 394 0.49 11.37 -44.34
N ASP A 395 0.45 10.35 -43.49
CA ASP A 395 -0.32 9.16 -43.78
C ASP A 395 -1.81 9.45 -43.81
N GLU A 396 -2.31 10.20 -42.83
CA GLU A 396 -3.75 10.44 -42.78
C GLU A 396 -4.18 11.44 -43.85
N ALA A 397 -3.31 12.38 -44.18
CA ALA A 397 -3.62 13.31 -45.26
C ALA A 397 -3.59 12.60 -46.61
N ALA A 398 -2.63 11.70 -46.81
CA ALA A 398 -2.56 10.94 -48.05
C ALA A 398 -3.73 10.01 -48.20
N SER A 399 -4.18 9.44 -47.08
CA SER A 399 -5.38 8.61 -47.10
C SER A 399 -6.61 9.42 -47.40
N SER A 400 -6.70 10.64 -46.87
CA SER A 400 -7.85 11.48 -47.15
C SER A 400 -7.89 11.89 -48.62
N ILE A 401 -6.74 12.25 -49.17
CA ILE A 401 -6.66 12.56 -50.59
C ILE A 401 -6.95 11.35 -51.45
N ARG A 402 -6.50 10.17 -51.02
CA ARG A 402 -6.77 8.95 -51.77
C ARG A 402 -8.27 8.61 -51.74
N MET A 403 -8.93 8.91 -50.63
CA MET A 403 -10.38 8.74 -50.59
C MET A 403 -11.09 9.75 -51.49
N GLN A 404 -10.59 10.98 -51.51
CA GLN A 404 -11.20 12.00 -52.36
C GLN A 404 -11.00 11.68 -53.84
N ILE A 405 -9.90 11.02 -54.17
CA ILE A 405 -9.67 10.61 -55.55
C ILE A 405 -10.49 9.37 -55.89
N ASP A 406 -10.58 8.44 -54.94
CA ASP A 406 -11.16 7.14 -55.19
C ASP A 406 -12.67 7.12 -54.97
N SER A 407 -13.34 8.27 -55.16
CA SER A 407 -14.79 8.37 -55.07
C SER A 407 -15.42 8.13 -56.44
N PRO A 409 -17.89 10.20 -57.73
CA PRO A 409 -17.69 11.54 -57.19
C PRO A 409 -19.00 12.27 -56.90
N GLU A 410 -18.89 13.50 -56.38
CA GLU A 410 -20.04 14.17 -55.79
C GLU A 410 -20.99 14.67 -56.88
N GLU A 411 -20.45 15.33 -57.91
CA GLU A 411 -21.28 15.79 -59.01
C GLU A 411 -21.85 14.63 -59.79
N LEU A 412 -21.12 13.51 -59.86
CA LEU A 412 -21.65 12.31 -60.46
C LEU A 412 -22.84 11.77 -59.67
N ASP A 413 -22.78 11.88 -58.35
CA ASP A 413 -23.91 11.44 -57.52
C ASP A 413 -25.11 12.34 -57.71
N ARG A 414 -24.87 13.66 -57.79
CA ARG A 414 -25.95 14.61 -58.02
C ARG A 414 -26.60 14.39 -59.39
N LEU A 415 -25.77 14.19 -60.41
CA LEU A 415 -26.28 13.94 -61.75
C LEU A 415 -26.97 12.60 -61.86
N ASP A 416 -26.50 11.59 -61.12
CA ASP A 416 -27.11 10.27 -61.20
C ASP A 416 -28.47 10.25 -60.52
N ARG A 417 -28.57 10.90 -59.36
CA ARG A 417 -29.87 11.04 -58.70
C ARG A 417 -30.82 11.89 -59.54
N ARG A 418 -30.27 12.91 -60.23
CA ARG A 418 -31.09 13.75 -61.09
C ARG A 418 -31.63 12.97 -62.28
N ILE A 419 -30.78 12.15 -62.92
CA ILE A 419 -31.24 11.43 -64.11
C ILE A 419 -32.18 10.30 -63.72
N ILE A 420 -32.00 9.68 -62.55
CA ILE A 420 -32.92 8.60 -62.20
C ILE A 420 -34.26 9.18 -61.72
N GLN A 421 -34.25 10.38 -61.13
CA GLN A 421 -35.50 11.02 -60.74
C GLN A 421 -36.28 11.50 -61.95
N LEU A 422 -35.59 12.09 -62.93
CA LEU A 422 -36.26 12.51 -64.14
C LEU A 422 -36.67 11.31 -65.00
N LYS A 423 -35.95 10.19 -64.86
CA LYS A 423 -36.35 8.95 -65.53
C LYS A 423 -37.66 8.41 -64.95
N LEU A 424 -37.79 8.43 -63.63
CA LEU A 424 -39.04 8.02 -63.00
C LEU A 424 -40.18 8.98 -63.34
N GLU A 425 -39.87 10.28 -63.45
CA GLU A 425 -40.89 11.26 -63.83
C GLU A 425 -41.37 11.06 -65.26
N GLN A 426 -40.43 10.78 -66.18
CA GLN A 426 -40.80 10.56 -67.58
C GLN A 426 -41.53 9.23 -67.75
N GLN A 427 -41.17 8.24 -66.93
CA GLN A 427 -41.91 6.98 -66.94
C GLN A 427 -43.31 7.16 -66.39
N ALA A 428 -43.49 8.09 -65.44
CA ALA A 428 -44.82 8.38 -64.93
C ALA A 428 -45.66 9.16 -65.95
N LEU A 429 -45.03 10.07 -66.71
CA LEU A 429 -45.78 10.91 -67.63
C LEU A 429 -46.23 10.17 -68.88
N MET A 430 -45.61 9.03 -69.21
CA MET A 430 -46.03 8.26 -70.38
C MET A 430 -47.25 7.40 -70.06
N LEU A 441 -45.67 18.11 -74.66
CA LEU A 441 -45.53 18.47 -73.26
C LEU A 441 -44.15 18.12 -72.73
N ASP A 442 -43.61 17.01 -73.24
CA ASP A 442 -42.60 16.18 -72.57
C ASP A 442 -41.37 16.92 -72.04
N MET A 443 -40.49 17.38 -72.94
CA MET A 443 -39.27 18.16 -72.67
C MET A 443 -38.20 17.41 -71.85
N LEU A 444 -38.55 16.23 -71.36
CA LEU A 444 -37.83 15.59 -70.27
C LEU A 444 -36.95 14.52 -70.86
N ASN A 445 -37.31 14.03 -72.04
CA ASN A 445 -36.38 13.25 -72.85
C ASN A 445 -35.17 14.10 -73.21
N GLU A 446 -35.41 15.36 -73.59
CA GLU A 446 -34.33 16.28 -73.95
C GLU A 446 -33.50 16.65 -72.72
N GLU A 447 -34.16 17.01 -71.62
CA GLU A 447 -33.43 17.35 -70.40
C GLU A 447 -32.66 16.15 -69.84
N LEU A 448 -33.25 14.96 -69.94
CA LEU A 448 -32.62 13.73 -69.48
C LEU A 448 -31.41 13.39 -70.34
N SER A 449 -31.53 13.58 -71.66
CA SER A 449 -30.41 13.31 -72.55
C SER A 449 -29.26 14.27 -72.32
N ASP A 450 -29.58 15.54 -72.04
CA ASP A 450 -28.54 16.52 -71.72
C ASP A 450 -27.84 16.17 -70.41
N LYS A 451 -28.60 15.80 -69.38
CA LYS A 451 -27.97 15.47 -68.11
C LYS A 451 -27.21 14.15 -68.17
N GLU A 452 -27.69 13.18 -68.96
CA GLU A 452 -26.95 11.95 -69.20
C GLU A 452 -25.66 12.20 -69.97
N ARG A 453 -25.69 13.13 -70.92
CA ARG A 453 -24.47 13.48 -71.65
C ARG A 453 -23.46 14.14 -70.72
N GLN A 454 -23.91 15.04 -69.85
CA GLN A 454 -23.02 15.69 -68.89
C GLN A 454 -22.46 14.71 -67.89
N TYR A 455 -23.30 13.78 -67.41
CA TYR A 455 -22.86 12.73 -66.51
C TYR A 455 -21.86 11.80 -67.18
N SER A 456 -22.05 11.51 -68.47
CA SER A 456 -21.11 10.68 -69.20
C SER A 456 -19.78 11.39 -69.40
N GLU A 457 -19.82 12.72 -69.62
CA GLU A 457 -18.60 13.51 -69.73
C GLU A 457 -17.81 13.50 -68.42
N LEU A 458 -18.52 13.70 -67.30
CA LEU A 458 -17.87 13.67 -65.99
C LEU A 458 -17.34 12.28 -65.68
N GLU A 459 -18.06 11.25 -66.11
CA GLU A 459 -17.65 9.87 -65.86
C GLU A 459 -16.41 9.51 -66.68
N GLU A 460 -16.36 9.94 -67.93
CA GLU A 460 -15.20 9.65 -68.78
C GLU A 460 -14.00 10.45 -68.33
N GLU A 461 -14.21 11.67 -67.84
CA GLU A 461 -13.14 12.44 -67.22
C GLU A 461 -12.61 11.73 -65.97
N TRP A 462 -13.52 11.16 -65.18
CA TRP A 462 -13.16 10.43 -63.97
C TRP A 462 -12.33 9.20 -64.31
N LYS A 463 -12.73 8.48 -65.36
CA LYS A 463 -11.98 7.29 -65.78
C LYS A 463 -10.61 7.65 -66.36
N ALA A 464 -10.54 8.78 -67.08
CA ALA A 464 -9.26 9.23 -67.64
C ALA A 464 -8.30 9.63 -66.54
N GLU A 465 -8.82 10.32 -65.51
CA GLU A 465 -8.02 10.67 -64.34
C GLU A 465 -7.52 9.42 -63.62
N LYS A 466 -8.41 8.43 -63.44
CA LYS A 466 -8.02 7.21 -62.72
C LYS A 466 -6.99 6.41 -63.51
N ALA A 467 -7.10 6.40 -64.84
CA ALA A 467 -6.11 5.72 -65.67
C ALA A 467 -4.76 6.44 -65.63
N SER A 468 -4.79 7.77 -65.60
CA SER A 468 -3.56 8.55 -65.51
C SER A 468 -2.86 8.33 -64.18
N LEU A 469 -3.62 8.30 -63.09
CA LEU A 469 -3.03 8.03 -61.78
C LEU A 469 -2.58 6.58 -61.66
N SER A 470 -3.25 5.67 -62.36
CA SER A 470 -2.81 4.28 -62.39
C SER A 470 -1.46 4.15 -63.08
N GLY A 471 -1.29 4.82 -64.22
CA GLY A 471 0.00 4.82 -64.89
C GLY A 471 1.09 5.48 -64.07
N THR A 472 0.75 6.57 -63.39
CA THR A 472 1.71 7.25 -62.52
C THR A 472 2.14 6.39 -61.34
N GLN A 473 1.21 5.67 -60.71
CA GLN A 473 1.57 4.79 -59.62
C GLN A 473 2.37 3.58 -60.09
N THR A 474 2.05 3.04 -61.27
CA THR A 474 2.83 1.91 -61.78
C THR A 474 4.25 2.34 -62.12
N ILE A 475 4.43 3.52 -62.71
CA ILE A 475 5.77 3.95 -63.07
C ILE A 475 6.55 4.39 -61.83
N LYS A 476 5.82 4.81 -60.78
CA LYS A 476 6.46 5.14 -59.51
C LYS A 476 6.94 3.88 -58.79
N ALA A 477 6.12 2.83 -58.85
CA ALA A 477 6.51 1.55 -58.24
C ALA A 477 7.66 0.90 -59.00
N GLU A 478 7.68 1.06 -60.32
CA GLU A 478 8.82 0.58 -61.10
C GLU A 478 10.08 1.38 -60.79
N LEU A 479 9.92 2.68 -60.49
CA LEU A 479 11.05 3.49 -60.02
C LEU A 479 11.60 2.96 -58.70
N GLU A 480 10.71 2.63 -57.76
CA GLU A 480 11.16 2.06 -56.49
C GLU A 480 11.79 0.68 -56.66
N GLN A 481 11.25 -0.13 -57.56
CA GLN A 481 11.84 -1.44 -57.83
C GLN A 481 13.20 -1.31 -58.50
N ALA A 482 13.40 -0.28 -59.32
CA ALA A 482 14.72 -0.02 -59.86
C ALA A 482 15.69 0.41 -58.77
N LYS A 483 15.21 1.17 -57.78
CA LYS A 483 16.06 1.56 -56.67
C LYS A 483 16.44 0.36 -55.79
N ILE A 484 15.48 -0.54 -55.56
CA ILE A 484 15.76 -1.76 -54.81
C ILE A 484 16.73 -2.65 -55.58
N ALA A 485 16.60 -2.68 -56.90
CA ALA A 485 17.50 -3.48 -57.73
C ALA A 485 18.91 -2.90 -57.74
N ILE A 486 19.04 -1.56 -57.71
CA ILE A 486 20.39 -0.99 -57.71
C ILE A 486 21.00 -1.11 -56.31
N GLU A 487 20.18 -1.18 -55.27
CA GLU A 487 20.73 -1.52 -53.95
C GLU A 487 21.18 -2.98 -53.88
N GLN A 488 20.44 -3.89 -54.49
CA GLN A 488 20.88 -5.28 -54.60
C GLN A 488 22.15 -5.40 -55.44
N ALA A 489 22.32 -4.51 -56.43
CA ALA A 489 23.57 -4.47 -57.17
C ALA A 489 24.71 -3.91 -56.32
N ARG A 490 24.42 -2.96 -55.43
CA ARG A 490 25.43 -2.47 -54.50
C ARG A 490 25.86 -3.54 -53.51
N ARG A 491 24.95 -4.42 -53.10
CA ARG A 491 25.33 -5.53 -52.23
C ARG A 491 26.08 -6.62 -52.99
N VAL A 492 25.55 -7.07 -54.13
CA VAL A 492 26.14 -8.16 -54.88
C VAL A 492 27.39 -7.74 -55.65
N GLY A 493 27.34 -6.63 -56.39
CA GLY A 493 28.51 -6.17 -57.11
C GLY A 493 28.50 -6.43 -58.61
N ASP A 494 27.40 -6.14 -59.29
CA ASP A 494 27.40 -6.17 -60.74
C ASP A 494 27.83 -4.81 -61.27
N LEU A 495 28.68 -4.82 -62.30
CA LEU A 495 29.40 -3.62 -62.70
C LEU A 495 28.61 -2.74 -63.66
N ALA A 496 28.25 -3.29 -64.83
CA ALA A 496 27.49 -2.53 -65.81
C ALA A 496 26.05 -2.33 -65.39
N ARG A 497 25.55 -3.17 -64.46
CA ARG A 497 24.19 -3.02 -63.97
C ARG A 497 24.04 -1.75 -63.14
N MET A 498 25.08 -1.39 -62.39
CA MET A 498 25.08 -0.16 -61.59
C MET A 498 24.91 1.08 -62.46
N SER A 499 25.85 1.30 -63.38
CA SER A 499 25.81 2.45 -64.28
C SER A 499 24.60 2.43 -65.18
N GLU A 500 24.19 1.24 -65.66
CA GLU A 500 23.01 1.10 -66.50
C GLU A 500 21.75 1.55 -65.76
N LEU A 501 21.47 0.91 -64.61
CA LEU A 501 20.26 1.23 -63.84
C LEU A 501 20.25 2.68 -63.38
N GLN A 502 21.38 3.18 -62.88
CA GLN A 502 21.45 4.58 -62.45
C GLN A 502 21.20 5.54 -63.61
N TYR A 503 22.13 5.57 -64.57
CA TYR A 503 22.16 6.63 -65.56
C TYR A 503 21.03 6.51 -66.57
N GLY A 504 20.54 5.29 -66.82
CA GLY A 504 19.34 5.18 -67.61
C GLY A 504 18.08 5.38 -66.79
N LYS A 505 17.84 4.49 -65.83
CA LYS A 505 16.50 4.32 -65.28
C LYS A 505 16.11 5.45 -64.33
N ILE A 506 17.05 6.03 -63.58
CA ILE A 506 16.66 7.05 -62.61
C ILE A 506 16.22 8.38 -63.26
N PRO A 507 17.01 9.03 -64.14
CA PRO A 507 16.56 10.36 -64.60
C PRO A 507 15.39 10.32 -65.57
N GLU A 508 15.27 9.31 -66.43
CA GLU A 508 14.15 9.30 -67.38
C GLU A 508 12.83 9.00 -66.67
N LEU A 509 12.85 8.10 -65.67
CA LEU A 509 11.63 7.80 -64.94
C LEU A 509 11.26 8.94 -64.01
N GLU A 510 12.24 9.66 -63.46
CA GLU A 510 11.90 10.84 -62.68
C GLU A 510 11.35 11.96 -63.55
N LYS A 511 11.87 12.15 -64.76
CA LYS A 511 11.37 13.25 -65.57
C LYS A 511 10.00 12.93 -66.19
N GLN A 512 9.72 11.67 -66.53
CA GLN A 512 8.36 11.39 -66.97
C GLN A 512 7.41 11.19 -65.81
N LEU A 513 7.91 10.95 -64.61
CA LEU A 513 7.06 11.05 -63.42
C LEU A 513 6.68 12.50 -63.16
N GLU A 514 7.59 13.43 -63.41
CA GLU A 514 7.25 14.85 -63.34
C GLU A 514 6.36 15.30 -64.50
N ALA A 515 6.48 14.66 -65.66
CA ALA A 515 5.52 14.88 -66.73
C ALA A 515 4.13 14.40 -66.34
N ALA A 516 4.04 13.25 -65.67
CA ALA A 516 2.78 12.81 -65.09
C ALA A 516 2.31 13.75 -63.98
N THR A 517 3.24 14.34 -63.23
CA THR A 517 2.90 15.30 -62.18
C THR A 517 2.22 16.54 -62.75
N GLN A 518 2.84 17.16 -63.76
CA GLN A 518 2.24 18.33 -64.38
C GLN A 518 0.99 17.96 -65.18
N LEU A 519 0.93 16.74 -65.71
CA LEU A 519 -0.27 16.27 -66.41
C LEU A 519 -1.45 16.12 -65.47
N GLU A 520 -1.20 15.60 -64.25
CA GLU A 520 -2.28 15.44 -63.29
C GLU A 520 -2.58 16.76 -62.60
N GLY A 521 -1.62 17.69 -62.58
CA GLY A 521 -1.93 19.04 -62.19
C GLY A 521 -2.86 19.70 -63.19
N LYS A 522 -2.75 19.32 -64.46
CA LYS A 522 -3.67 19.79 -65.49
C LYS A 522 -5.03 19.12 -65.39
N THR A 523 -5.07 17.79 -65.23
CA THR A 523 -6.31 17.08 -65.51
C THR A 523 -7.16 16.82 -64.27
N MET A 524 -6.60 16.84 -63.07
CA MET A 524 -7.41 16.61 -61.87
C MET A 524 -8.20 17.88 -61.56
N ARG A 525 -9.50 17.82 -61.78
CA ARG A 525 -10.34 19.01 -61.74
C ARG A 525 -11.41 18.95 -60.67
N LEU A 526 -12.16 17.84 -60.64
CA LEU A 526 -13.42 17.74 -59.89
C LEU A 526 -13.24 17.83 -58.37
N LEU A 527 -10.01 18.47 -57.79
CA LEU A 527 -9.18 17.33 -57.41
C LEU A 527 -7.70 17.60 -57.52
N ARG A 528 -6.94 16.95 -56.64
CA ARG A 528 -5.49 16.94 -56.65
C ARG A 528 -5.02 15.58 -56.13
N ASN A 529 -3.79 15.22 -56.47
CA ASN A 529 -3.11 14.14 -55.76
C ASN A 529 -1.97 14.63 -54.88
N LYS A 530 -1.24 15.65 -55.29
CA LYS A 530 -0.17 16.23 -54.49
C LYS A 530 -0.77 16.90 -53.25
N VAL A 531 -0.50 16.33 -52.10
CA VAL A 531 -1.14 16.75 -50.87
C VAL A 531 -0.55 18.08 -50.44
N THR A 532 -1.40 19.07 -50.28
CA THR A 532 -0.93 20.37 -49.88
C THR A 532 -1.04 20.55 -48.37
N ASP A 533 -0.48 21.66 -47.90
CA ASP A 533 -0.46 21.97 -46.48
C ASP A 533 -1.82 22.36 -45.93
N ALA A 534 -2.78 22.71 -46.79
CA ALA A 534 -4.13 22.94 -46.30
C ALA A 534 -4.77 21.64 -45.84
N GLU A 535 -4.44 20.52 -46.50
CA GLU A 535 -4.85 19.21 -46.04
C GLU A 535 -4.22 18.91 -44.69
N ILE A 536 -2.97 19.37 -44.50
CA ILE A 536 -2.30 19.22 -43.23
C ILE A 536 -3.00 20.04 -42.16
N ALA A 537 -3.49 21.22 -42.54
CA ALA A 537 -4.26 22.05 -41.61
C ALA A 537 -5.58 21.37 -41.24
N GLU A 538 -6.19 20.69 -42.20
CA GLU A 538 -7.42 19.93 -41.94
C GLU A 538 -7.18 18.81 -40.95
N VAL A 539 -6.17 17.98 -41.21
CA VAL A 539 -5.83 16.87 -40.33
C VAL A 539 -5.39 17.38 -38.96
N LEU A 540 -4.71 18.52 -38.93
CA LEU A 540 -4.15 19.03 -37.69
C LEU A 540 -5.22 19.64 -36.79
N ALA A 541 -5.93 20.66 -37.30
CA ALA A 541 -6.95 21.32 -36.50
C ALA A 541 -8.13 20.38 -36.23
N ARG A 542 -8.36 19.42 -37.13
CA ARG A 542 -9.34 18.40 -36.85
C ARG A 542 -8.85 17.45 -35.77
N TRP A 543 -7.56 17.15 -35.76
CA TRP A 543 -7.06 16.10 -34.91
C TRP A 543 -5.72 16.46 -34.28
N GLU A 553 -3.29 30.25 -40.73
CA GLU A 553 -1.93 30.50 -41.16
C GLU A 553 -1.62 31.97 -41.30
N SER A 554 -2.57 32.80 -40.86
CA SER A 554 -2.45 34.25 -40.95
C SER A 554 -1.93 34.87 -39.66
N GLU A 555 -1.01 34.19 -38.97
CA GLU A 555 -0.60 34.61 -37.64
C GLU A 555 0.17 35.92 -37.68
N ARG A 556 1.20 35.99 -38.52
CA ARG A 556 2.04 37.18 -38.60
C ARG A 556 1.25 38.38 -39.09
N GLU A 557 0.36 38.17 -40.04
CA GLU A 557 -0.40 39.26 -40.60
C GLU A 557 -1.53 39.69 -39.69
N LYS A 558 -2.03 38.79 -38.85
CA LYS A 558 -2.95 39.19 -37.80
C LYS A 558 -2.21 40.00 -36.75
N LEU A 559 -0.95 39.65 -36.49
CA LEU A 559 -0.13 40.47 -35.61
C LEU A 559 0.21 41.82 -36.24
N LEU A 560 0.19 41.90 -37.57
CA LEU A 560 0.31 43.21 -38.21
C LEU A 560 -0.90 44.08 -37.92
N ARG A 561 -2.08 43.47 -37.76
CA ARG A 561 -3.31 44.18 -37.46
C ARG A 561 -3.78 43.91 -36.04
N MET A 562 -2.83 43.70 -35.13
CA MET A 562 -3.16 43.25 -33.79
C MET A 562 -3.82 44.35 -32.96
N GLU A 563 -3.46 45.61 -33.22
CA GLU A 563 -4.10 46.73 -32.54
C GLU A 563 -5.57 46.83 -32.91
N GLN A 564 -5.86 46.60 -34.19
CA GLN A 564 -7.24 46.51 -34.63
C GLN A 564 -7.96 45.36 -33.96
N GLU A 565 -7.27 44.24 -33.77
CA GLU A 565 -7.85 43.09 -33.07
C GLU A 565 -8.20 43.45 -31.62
N LEU A 566 -7.31 44.18 -30.95
CA LEU A 566 -7.57 44.52 -29.56
C LEU A 566 -8.67 45.56 -29.44
N HIS A 567 -8.80 46.45 -30.42
CA HIS A 567 -9.91 47.37 -30.41
C HIS A 567 -11.13 46.85 -31.14
N HIS A 568 -11.13 45.56 -31.51
CA HIS A 568 -12.40 44.92 -31.84
C HIS A 568 -13.31 44.84 -30.64
N ARG A 569 -12.74 44.66 -29.46
CA ARG A 569 -13.53 44.42 -28.27
C ARG A 569 -13.41 45.49 -27.22
N VAL A 570 -12.23 46.07 -27.01
CA VAL A 570 -12.03 47.03 -25.94
C VAL A 570 -11.87 48.41 -26.55
N ILE A 571 -12.71 49.32 -26.14
CA ILE A 571 -12.68 50.70 -26.61
C ILE A 571 -11.71 51.48 -25.74
N GLY A 572 -11.01 52.43 -26.36
CA GLY A 572 -10.13 53.32 -25.64
C GLY A 572 -8.86 52.64 -25.16
N GLN A 573 -8.08 53.43 -24.43
CA GLN A 573 -6.72 53.08 -23.96
C GLN A 573 -5.86 52.62 -25.14
N ASN A 574 -5.74 53.51 -26.11
CA ASN A 574 -5.11 53.14 -27.37
C ASN A 574 -3.62 52.92 -27.19
N GLU A 575 -2.99 53.73 -26.33
CA GLU A 575 -1.55 53.70 -26.15
C GLU A 575 -1.08 52.39 -25.55
N ALA A 576 -1.84 51.86 -24.59
CA ALA A 576 -1.50 50.58 -23.99
C ALA A 576 -1.62 49.45 -24.99
N VAL A 577 -2.64 49.52 -25.84
CA VAL A 577 -2.79 48.56 -26.93
C VAL A 577 -1.61 48.62 -27.87
N ASP A 578 -1.14 49.83 -28.18
CA ASP A 578 0.00 50.01 -29.07
C ASP A 578 1.27 49.44 -28.46
N ALA A 579 1.50 49.70 -27.18
CA ALA A 579 2.71 49.24 -26.52
C ALA A 579 2.72 47.73 -26.36
N VAL A 580 1.56 47.16 -26.05
CA VAL A 580 1.45 45.70 -25.94
C VAL A 580 1.69 45.06 -27.30
N SER A 581 1.17 45.68 -28.36
CA SER A 581 1.41 45.15 -29.70
C SER A 581 2.87 45.28 -30.10
N ASN A 582 3.53 46.35 -29.64
CA ASN A 582 4.97 46.49 -29.82
C ASN A 582 5.72 45.35 -29.14
N ALA A 583 5.31 45.02 -27.92
CA ALA A 583 5.96 43.94 -27.19
C ALA A 583 5.74 42.61 -27.88
N ILE A 584 4.54 42.39 -28.40
CA ILE A 584 4.21 41.13 -29.07
C ILE A 584 5.00 41.01 -30.36
N ARG A 585 5.15 42.12 -31.08
CA ARG A 585 5.93 42.10 -32.31
C ARG A 585 7.40 41.87 -32.00
N ARG A 586 7.90 42.45 -30.91
CA ARG A 586 9.26 42.16 -30.51
C ARG A 586 9.42 40.72 -30.06
N SER A 587 8.35 40.15 -29.51
CA SER A 587 8.40 38.78 -29.01
C SER A 587 8.45 37.79 -30.15
N ARG A 588 7.43 37.79 -30.99
CA ARG A 588 7.38 36.85 -32.11
C ARG A 588 8.38 37.22 -33.20
N ALA A 589 8.87 38.45 -33.18
CA ALA A 589 10.01 38.78 -34.01
C ALA A 589 11.31 38.40 -33.35
N GLY A 590 11.33 38.33 -32.03
CA GLY A 590 12.46 37.76 -31.32
C GLY A 590 13.72 38.59 -31.31
N LEU A 591 13.63 39.83 -30.84
CA LEU A 591 14.81 40.67 -30.83
C LEU A 591 15.56 40.59 -29.51
N ALA A 592 14.84 40.68 -28.41
CA ALA A 592 15.45 40.79 -27.09
C ALA A 592 15.90 39.42 -26.60
N ASP A 593 16.18 39.33 -25.31
CA ASP A 593 16.67 38.11 -24.70
C ASP A 593 15.57 37.06 -24.67
N PRO A 594 15.74 35.92 -25.36
CA PRO A 594 14.70 34.88 -25.32
C PRO A 594 14.62 34.17 -24.00
N ASN A 595 15.66 34.25 -23.17
CA ASN A 595 15.57 33.71 -21.83
C ASN A 595 14.82 34.61 -20.88
N ARG A 596 14.45 35.81 -21.33
CA ARG A 596 13.63 36.71 -20.57
C ARG A 596 12.19 36.61 -21.05
N PRO A 597 11.21 36.78 -20.17
CA PRO A 597 9.82 36.45 -20.52
C PRO A 597 9.23 37.46 -21.49
N ILE A 598 8.05 37.11 -21.98
CA ILE A 598 7.44 37.89 -23.05
C ILE A 598 6.89 39.20 -22.50
N GLY A 599 5.89 39.11 -21.64
CA GLY A 599 5.20 40.28 -21.14
C GLY A 599 5.60 40.54 -19.69
N SER A 600 6.10 41.75 -19.45
CA SER A 600 6.48 42.19 -18.11
C SER A 600 5.87 43.56 -17.92
N PHE A 601 4.65 43.63 -17.41
CA PHE A 601 3.89 44.88 -17.43
C PHE A 601 3.17 45.11 -16.11
N LEU A 602 3.53 46.20 -15.46
CA LEU A 602 2.80 46.67 -14.29
C LEU A 602 1.71 47.63 -14.75
N PHE A 603 0.51 47.46 -14.23
CA PHE A 603 -0.64 48.25 -14.62
C PHE A 603 -1.20 49.02 -13.42
N LEU A 604 -1.66 50.25 -13.67
CA LEU A 604 -2.13 51.11 -12.60
C LEU A 604 -3.50 51.70 -12.88
N GLY A 605 -3.90 52.70 -12.10
CA GLY A 605 -5.13 53.40 -12.34
C GLY A 605 -6.32 52.69 -11.76
N PRO A 606 -7.50 53.32 -11.83
CA PRO A 606 -8.69 52.70 -11.26
C PRO A 606 -9.26 51.60 -12.14
N THR A 607 -9.78 50.58 -11.49
CA THR A 607 -10.22 49.37 -12.18
C THR A 607 -11.61 49.57 -12.78
N GLY A 608 -12.24 48.46 -13.18
CA GLY A 608 -13.59 48.50 -13.71
C GLY A 608 -13.72 48.99 -15.13
N VAL A 609 -12.70 49.64 -15.69
CA VAL A 609 -12.76 50.13 -17.06
C VAL A 609 -12.52 49.04 -18.07
N GLY A 610 -12.05 47.87 -17.64
CA GLY A 610 -11.75 46.79 -18.53
C GLY A 610 -10.30 46.37 -18.59
N LYS A 611 -9.55 46.52 -17.50
CA LYS A 611 -8.18 46.03 -17.44
C LYS A 611 -8.16 44.52 -17.58
N THR A 612 -8.98 43.85 -16.76
CA THR A 612 -9.16 42.42 -16.86
C THR A 612 -9.78 42.03 -18.18
N GLU A 613 -10.68 42.87 -18.70
CA GLU A 613 -11.25 42.65 -20.02
C GLU A 613 -10.15 42.74 -21.08
N LEU A 614 -9.22 43.68 -20.88
CA LEU A 614 -8.06 43.78 -21.76
C LEU A 614 -7.19 42.53 -21.66
N CYS A 615 -7.02 42.03 -20.44
CA CYS A 615 -6.27 40.80 -20.23
C CYS A 615 -6.90 39.64 -20.96
N LYS A 616 -8.22 39.53 -20.87
CA LYS A 616 -8.95 38.44 -21.50
C LYS A 616 -8.85 38.51 -23.01
N ALA A 617 -9.19 39.66 -23.59
CA ALA A 617 -9.14 39.82 -25.03
C ALA A 617 -7.71 39.76 -25.54
N LEU A 618 -6.75 40.13 -24.70
CA LEU A 618 -5.36 40.06 -25.07
C LEU A 618 -4.92 38.62 -25.19
N ALA A 619 -5.26 37.79 -24.21
CA ALA A 619 -4.96 36.38 -24.33
C ALA A 619 -5.79 35.72 -25.42
N ASN A 620 -6.94 36.29 -25.73
CA ASN A 620 -7.84 35.73 -26.72
C ASN A 620 -7.29 35.90 -28.11
N PHE A 621 -7.21 37.14 -28.58
CA PHE A 621 -6.71 37.40 -29.93
C PHE A 621 -5.20 37.29 -30.02
N MET A 622 -4.49 37.33 -28.89
CA MET A 622 -3.07 37.02 -28.93
C MET A 622 -2.88 35.53 -29.16
N PHE A 623 -3.34 34.71 -28.22
CA PHE A 623 -3.08 33.28 -28.35
C PHE A 623 -4.35 32.45 -28.49
N ASP A 624 -5.16 32.29 -27.45
CA ASP A 624 -6.37 31.51 -27.65
C ASP A 624 -7.67 32.11 -27.17
N SER A 625 -7.76 32.46 -25.88
CA SER A 625 -9.06 32.58 -25.24
C SER A 625 -9.04 33.66 -24.18
N ASP A 626 -10.23 34.01 -23.71
CA ASP A 626 -10.36 35.05 -22.69
C ASP A 626 -9.85 34.59 -21.34
N GLU A 627 -10.45 33.53 -20.79
CA GLU A 627 -10.14 33.08 -19.44
C GLU A 627 -9.28 31.82 -19.43
N ALA A 628 -8.55 31.57 -20.51
CA ALA A 628 -7.58 30.48 -20.52
C ALA A 628 -6.23 30.94 -19.97
N MET A 629 -6.26 31.45 -18.75
CA MET A 629 -5.18 32.22 -18.17
C MET A 629 -5.04 31.80 -16.71
N VAL A 630 -4.28 32.57 -15.95
CA VAL A 630 -4.10 32.37 -14.52
C VAL A 630 -4.28 33.71 -13.81
N ARG A 631 -5.16 33.74 -12.82
CA ARG A 631 -5.36 34.91 -11.99
C ARG A 631 -4.85 34.63 -10.58
N ILE A 632 -4.05 35.55 -10.05
CA ILE A 632 -3.47 35.39 -8.72
C ILE A 632 -3.85 36.57 -7.86
N ASP A 633 -4.42 36.29 -6.69
CA ASP A 633 -4.91 37.32 -5.78
C ASP A 633 -3.77 37.72 -4.86
N MET A 634 -2.91 38.62 -5.32
CA MET A 634 -1.79 39.09 -4.53
C MET A 634 -2.15 40.18 -3.56
N SER A 635 -3.43 40.50 -3.43
CA SER A 635 -3.89 41.27 -2.28
C SER A 635 -3.71 40.49 -0.99
N GLU A 636 -3.85 39.17 -1.08
CA GLU A 636 -3.87 38.31 0.10
C GLU A 636 -2.51 38.26 0.76
N PHE A 637 -1.49 37.99 -0.03
CA PHE A 637 -0.26 37.41 0.44
C PHE A 637 0.60 38.48 1.06
N MET A 638 0.68 38.50 2.39
CA MET A 638 1.42 39.55 3.07
C MET A 638 2.54 39.03 3.96
N GLU A 639 2.71 37.72 4.11
CA GLU A 639 3.74 37.24 5.01
C GLU A 639 4.60 36.11 4.47
N LYS A 640 5.41 35.54 5.36
CA LYS A 640 6.41 34.55 4.94
C LYS A 640 5.73 33.26 4.52
N HIS A 641 4.82 32.77 5.35
CA HIS A 641 3.97 31.64 5.00
C HIS A 641 3.12 31.90 3.78
N SER A 642 2.79 33.16 3.49
CA SER A 642 2.09 33.46 2.26
C SER A 642 2.99 33.23 1.05
N VAL A 643 4.27 33.57 1.19
CA VAL A 643 5.24 33.30 0.15
C VAL A 643 5.41 31.80 -0.01
N SER A 644 5.42 31.08 1.11
CA SER A 644 5.53 29.63 1.06
C SER A 644 4.33 29.01 0.38
N ARG A 645 3.18 29.65 0.48
CA ARG A 645 2.02 29.21 -0.28
C ARG A 645 2.25 29.37 -1.77
N LEU A 646 2.40 30.62 -2.22
CA LEU A 646 2.30 30.85 -3.67
C LEU A 646 3.54 30.36 -4.38
N VAL A 647 4.67 30.33 -3.68
CA VAL A 647 5.89 29.81 -4.27
C VAL A 647 5.85 28.29 -4.31
N GLY A 648 5.55 27.68 -3.18
CA GLY A 648 5.68 26.24 -3.04
C GLY A 648 6.25 25.89 -1.68
N ALA A 649 5.55 25.03 -0.96
CA ALA A 649 6.02 24.64 0.35
C ALA A 649 7.24 23.75 0.22
N PRO A 650 8.19 23.85 1.12
CA PRO A 650 9.33 22.95 1.09
C PRO A 650 8.88 21.56 1.48
N PRO A 651 9.55 20.52 0.99
CA PRO A 651 9.09 19.15 1.25
C PRO A 651 9.17 18.79 2.72
N GLY A 652 8.29 17.88 3.13
CA GLY A 652 8.13 17.61 4.53
C GLY A 652 7.44 18.72 5.28
N TYR A 653 6.48 19.37 4.66
CA TYR A 653 5.74 20.43 5.34
C TYR A 653 4.30 20.38 4.85
N VAL A 654 3.58 21.48 5.07
CA VAL A 654 2.13 21.47 4.96
C VAL A 654 1.71 21.36 3.51
N GLY A 655 1.99 22.38 2.72
CA GLY A 655 1.32 22.48 1.44
C GLY A 655 2.09 21.89 0.30
N TYR A 656 2.31 20.58 0.30
CA TYR A 656 3.31 20.17 -0.66
C TYR A 656 2.78 19.66 -1.99
N GLU A 657 2.09 18.51 -2.03
CA GLU A 657 2.25 17.66 -3.23
C GLU A 657 1.64 18.19 -4.51
N GLU A 658 1.03 19.36 -4.53
CA GLU A 658 0.64 19.98 -5.79
C GLU A 658 1.14 21.41 -5.82
N GLY A 659 2.41 21.55 -5.50
CA GLY A 659 3.22 22.73 -5.75
C GLY A 659 2.73 24.00 -5.06
N GLY A 660 3.22 25.09 -5.56
CA GLY A 660 2.67 26.36 -5.14
C GLY A 660 1.33 26.63 -5.78
N TYR A 661 0.77 27.75 -5.37
CA TYR A 661 -0.41 28.27 -6.06
C TYR A 661 -0.09 28.58 -7.51
N LEU A 662 1.12 29.07 -7.74
CA LEU A 662 1.53 29.49 -9.07
C LEU A 662 1.94 28.31 -9.93
N THR A 663 2.56 27.32 -9.32
CA THR A 663 3.40 26.39 -10.07
C THR A 663 2.56 25.41 -10.88
N GLU A 664 1.55 24.81 -10.24
CA GLU A 664 0.58 24.01 -10.99
C GLU A 664 -0.13 24.83 -12.03
N ALA A 665 -0.44 26.08 -11.70
CA ALA A 665 -1.20 26.94 -12.60
C ALA A 665 -0.44 27.23 -13.86
N VAL A 666 0.88 27.28 -13.80
CA VAL A 666 1.62 27.49 -15.01
C VAL A 666 2.05 26.17 -15.65
N ARG A 667 2.36 25.16 -14.84
CA ARG A 667 2.87 23.94 -15.42
C ARG A 667 1.79 23.17 -16.15
N ARG A 668 0.53 23.35 -15.74
CA ARG A 668 -0.53 22.81 -16.55
C ARG A 668 -0.90 23.71 -17.72
N ARG A 669 -0.42 24.96 -17.73
CA ARG A 669 -0.78 25.94 -18.76
C ARG A 669 0.48 26.45 -19.43
N PRO A 670 1.02 25.73 -20.41
CA PRO A 670 2.32 26.10 -20.98
C PRO A 670 2.30 27.42 -21.73
N TYR A 671 1.15 27.88 -22.17
CA TYR A 671 1.02 29.11 -22.93
C TYR A 671 -0.19 29.86 -22.38
N SER A 672 0.04 30.74 -21.42
CA SER A 672 -1.06 31.49 -20.85
C SER A 672 -0.52 32.84 -20.42
N VAL A 673 -1.30 33.53 -19.60
CA VAL A 673 -0.93 34.84 -19.11
C VAL A 673 -1.10 34.84 -17.60
N ILE A 674 -0.07 35.29 -16.91
CA ILE A 674 -0.10 35.41 -15.47
C ILE A 674 -0.65 36.78 -15.11
N LEU A 675 -1.55 36.82 -14.14
CA LEU A 675 -2.16 38.04 -13.68
C LEU A 675 -1.81 38.26 -12.21
N LEU A 676 -1.37 39.47 -11.88
CA LEU A 676 -1.01 39.81 -10.51
C LEU A 676 -1.82 41.02 -10.10
N ASP A 677 -2.83 40.81 -9.26
CA ASP A 677 -3.67 41.89 -8.80
C ASP A 677 -3.20 42.34 -7.44
N ALA A 678 -3.18 43.67 -7.24
CA ALA A 678 -2.82 44.32 -5.98
C ALA A 678 -1.41 43.93 -5.54
N VAL A 679 -0.47 44.34 -6.39
CA VAL A 679 0.93 44.05 -6.14
C VAL A 679 1.43 44.83 -4.91
N GLU A 680 0.81 45.96 -4.61
CA GLU A 680 1.23 46.80 -3.50
C GLU A 680 0.87 46.19 -2.15
N LYS A 681 -0.05 45.25 -2.12
CA LYS A 681 -0.43 44.64 -0.85
C LYS A 681 0.55 43.58 -0.41
N ALA A 682 1.41 43.12 -1.32
CA ALA A 682 2.29 42.02 -1.01
C ALA A 682 3.42 42.46 -0.10
N HIS A 683 3.93 41.52 0.67
CA HIS A 683 5.21 41.75 1.32
C HIS A 683 6.29 41.84 0.24
N PRO A 684 7.27 42.71 0.41
CA PRO A 684 8.24 42.96 -0.67
C PRO A 684 9.14 41.77 -1.05
N ASP A 685 9.09 40.67 -0.31
CA ASP A 685 9.92 39.53 -0.66
C ASP A 685 9.42 38.79 -1.89
N VAL A 686 8.15 38.95 -2.26
CA VAL A 686 7.64 38.24 -3.43
C VAL A 686 8.17 38.90 -4.69
N PHE A 687 8.52 40.18 -4.59
CA PHE A 687 9.20 40.88 -5.67
C PHE A 687 10.52 40.21 -6.03
N ASN A 688 11.17 39.55 -5.07
CA ASN A 688 12.36 38.77 -5.39
C ASN A 688 12.01 37.61 -6.31
N ILE A 689 10.87 36.98 -6.06
CA ILE A 689 10.43 35.89 -6.93
C ILE A 689 10.11 36.45 -8.31
N LEU A 690 9.55 37.67 -8.35
CA LEU A 690 9.29 38.33 -9.62
C LEU A 690 10.58 38.64 -10.35
N LEU A 691 11.62 39.00 -9.62
CA LEU A 691 12.89 39.32 -10.28
C LEU A 691 13.54 38.07 -10.84
N GLN A 692 13.40 36.94 -10.14
CA GLN A 692 13.91 35.69 -10.70
C GLN A 692 13.12 35.28 -11.93
N VAL A 693 11.83 35.59 -11.94
CA VAL A 693 11.02 35.41 -13.13
C VAL A 693 11.58 36.24 -14.28
N LEU A 694 11.82 37.53 -14.03
CA LEU A 694 12.16 38.41 -15.12
C LEU A 694 13.56 38.16 -15.64
N ASP A 695 14.47 37.68 -14.78
CA ASP A 695 15.78 37.33 -15.27
C ASP A 695 15.77 35.94 -15.88
N ASP A 696 15.49 34.92 -15.06
CA ASP A 696 15.66 33.55 -15.51
C ASP A 696 14.49 33.09 -16.37
N GLY A 697 13.26 33.33 -15.91
CA GLY A 697 12.10 32.75 -16.55
C GLY A 697 11.79 31.34 -16.12
N ARG A 698 12.79 30.53 -15.86
CA ARG A 698 12.62 29.31 -15.11
C ARG A 698 12.62 29.67 -13.63
N LEU A 699 11.69 29.09 -12.89
CA LEU A 699 11.49 29.40 -11.49
C LEU A 699 11.44 28.12 -10.68
N THR A 700 12.34 27.99 -9.72
CA THR A 700 12.45 26.79 -8.92
C THR A 700 11.46 26.86 -7.76
N ASP A 701 10.57 25.89 -7.69
CA ASP A 701 9.57 25.86 -6.65
C ASP A 701 10.09 25.11 -5.44
N GLY A 702 9.20 24.73 -4.55
CA GLY A 702 9.62 23.78 -3.54
C GLY A 702 9.66 22.36 -4.03
N GLN A 703 9.14 22.08 -5.21
CA GLN A 703 9.11 20.71 -5.70
C GLN A 703 10.28 20.36 -6.60
N GLY A 704 11.35 21.16 -6.57
CA GLY A 704 12.55 20.79 -7.28
C GLY A 704 12.48 20.83 -8.78
N ARG A 705 11.39 21.32 -9.35
CA ARG A 705 11.30 21.40 -10.79
C ARG A 705 11.01 22.84 -11.21
N THR A 706 11.73 23.30 -12.21
CA THR A 706 11.53 24.65 -12.69
C THR A 706 10.43 24.67 -13.72
N VAL A 707 9.45 25.54 -13.51
CA VAL A 707 8.38 25.72 -14.47
C VAL A 707 8.64 27.04 -15.17
N ASP A 708 8.93 26.95 -16.47
CA ASP A 708 9.35 28.12 -17.23
C ASP A 708 8.21 29.10 -17.40
N PHE A 709 8.57 30.38 -17.51
CA PHE A 709 7.61 31.42 -17.85
C PHE A 709 7.89 32.05 -19.21
N ARG A 710 8.90 31.60 -19.95
CA ARG A 710 9.36 32.30 -21.14
C ARG A 710 8.35 32.28 -22.28
N ASN A 711 7.40 31.36 -22.24
CA ASN A 711 6.40 31.30 -23.29
C ASN A 711 5.08 31.87 -22.83
N THR A 712 5.11 32.70 -21.79
CA THR A 712 3.92 33.26 -21.19
C THR A 712 4.11 34.75 -20.98
N VAL A 713 3.05 35.39 -20.49
CA VAL A 713 3.03 36.82 -20.25
C VAL A 713 2.70 37.05 -18.79
N VAL A 714 3.55 37.79 -18.10
CA VAL A 714 3.27 38.22 -16.74
C VAL A 714 2.61 39.59 -16.80
N ILE A 715 1.47 39.72 -16.16
CA ILE A 715 0.82 41.00 -16.01
C ILE A 715 0.64 41.27 -14.54
N MET A 716 1.23 42.36 -14.09
CA MET A 716 1.04 42.84 -12.74
C MET A 716 0.12 44.05 -12.82
N THR A 717 -0.79 44.16 -11.88
CA THR A 717 -1.73 45.25 -11.87
C THR A 717 -1.79 45.87 -10.49
N SER A 718 -2.11 47.16 -10.46
CA SER A 718 -2.35 47.86 -9.22
C SER A 718 -3.25 49.06 -9.49
N ASN A 719 -3.40 49.92 -8.50
CA ASN A 719 -4.27 51.07 -8.58
C ASN A 719 -3.71 52.26 -7.82
N LEU A 720 -2.38 52.39 -7.76
CA LEU A 720 -1.74 53.32 -6.85
C LEU A 720 -1.98 54.77 -7.24
N GLY A 721 -1.86 55.10 -8.52
CA GLY A 721 -2.04 56.47 -8.94
C GLY A 721 -3.38 56.65 -9.60
N SER A 722 -4.41 56.03 -9.02
CA SER A 722 -5.76 56.09 -9.57
C SER A 722 -6.29 57.52 -9.53
N ASP A 723 -6.32 58.11 -8.34
CA ASP A 723 -6.84 59.46 -8.19
C ASP A 723 -5.92 60.49 -8.81
N LEU A 724 -4.62 60.19 -8.90
CA LEU A 724 -3.70 61.07 -9.60
C LEU A 724 -4.06 61.19 -11.07
N ILE A 725 -4.55 60.12 -11.68
CA ILE A 725 -4.99 60.19 -13.07
C ILE A 725 -6.40 60.78 -13.16
N GLN A 726 -7.30 60.37 -12.26
CA GLN A 726 -8.68 60.84 -12.29
C GLN A 726 -8.76 62.35 -12.12
N GLU A 727 -7.90 62.89 -11.26
CA GLU A 727 -7.84 64.33 -11.08
C GLU A 727 -7.12 65.01 -12.23
N ARG A 728 -6.23 64.30 -12.92
CA ARG A 728 -5.33 64.95 -13.86
C ARG A 728 -5.27 64.23 -15.20
N PHE A 729 -6.37 63.62 -15.63
CA PHE A 729 -6.39 63.13 -17.01
C PHE A 729 -6.74 64.24 -18.00
N GLY A 730 -7.55 65.20 -17.57
CA GLY A 730 -8.04 66.27 -18.41
C GLY A 730 -6.96 67.13 -19.02
N GLU A 731 -6.76 66.94 -20.34
CA GLU A 731 -5.79 67.65 -21.16
C GLU A 731 -4.36 67.49 -20.66
N LEU A 732 -4.06 66.36 -20.06
CA LEU A 732 -2.68 66.03 -19.68
C LEU A 732 -2.27 64.76 -20.42
N ASP A 733 -1.03 64.74 -20.86
CA ASP A 733 -0.59 63.80 -21.88
C ASP A 733 -0.41 62.40 -21.31
N TYR A 734 0.10 61.53 -22.17
CA TYR A 734 0.35 60.15 -21.79
C TYR A 734 1.72 60.02 -21.12
N ALA A 735 2.73 60.67 -21.69
CA ALA A 735 4.11 60.42 -21.29
C ALA A 735 4.44 61.07 -19.95
N HIS A 736 4.08 62.34 -19.78
CA HIS A 736 4.46 63.04 -18.55
C HIS A 736 3.65 62.55 -17.37
N MET A 737 2.38 62.20 -17.59
CA MET A 737 1.58 61.64 -16.52
C MET A 737 2.06 60.23 -16.18
N LYS A 738 2.49 59.47 -17.20
CA LYS A 738 3.15 58.20 -16.96
C LYS A 738 4.40 58.38 -16.12
N GLU A 739 5.18 59.42 -16.40
CA GLU A 739 6.40 59.66 -15.63
C GLU A 739 6.09 60.11 -14.21
N LEU A 740 5.01 60.87 -14.05
CA LEU A 740 4.60 61.32 -12.72
C LEU A 740 4.18 60.14 -11.85
N VAL A 741 3.31 59.28 -12.38
CA VAL A 741 2.89 58.13 -11.60
C VAL A 741 4.02 57.11 -11.49
N LEU A 742 4.97 57.13 -12.42
CA LEU A 742 6.17 56.31 -12.30
C LEU A 742 7.02 56.77 -11.14
N GLY A 743 7.11 58.09 -10.93
CA GLY A 743 7.77 58.61 -9.76
C GLY A 743 7.03 58.24 -8.49
N VAL A 744 5.70 58.19 -8.56
CA VAL A 744 4.90 57.73 -7.41
C VAL A 744 5.24 56.27 -7.07
N VAL A 745 5.34 55.43 -8.10
CA VAL A 745 5.74 54.03 -7.92
C VAL A 745 7.16 53.93 -7.38
N SER A 746 8.03 54.84 -7.81
CA SER A 746 9.38 54.92 -7.25
C SER A 746 9.36 55.27 -5.77
N HIS A 747 8.39 56.10 -5.37
CA HIS A 747 8.18 56.29 -3.93
C HIS A 747 7.65 55.01 -3.29
N ASN A 748 6.91 54.20 -4.04
CA ASN A 748 6.38 52.97 -3.47
C ASN A 748 7.38 51.83 -3.55
N PHE A 749 7.82 51.49 -4.75
CA PHE A 749 8.39 50.18 -4.99
C PHE A 749 9.90 50.24 -5.11
N ARG A 750 10.48 49.08 -5.38
CA ARG A 750 11.92 48.95 -5.45
C ARG A 750 12.45 49.56 -6.74
N PRO A 751 13.63 50.17 -6.68
CA PRO A 751 14.28 50.60 -7.91
C PRO A 751 14.75 49.45 -8.77
N GLU A 752 15.13 48.33 -8.13
CA GLU A 752 15.45 47.11 -8.88
C GLU A 752 14.23 46.57 -9.59
N PHE A 753 13.06 46.72 -8.97
CA PHE A 753 11.84 46.19 -9.54
C PHE A 753 11.39 47.02 -10.73
N ILE A 754 11.40 48.35 -10.58
CA ILE A 754 11.01 49.20 -11.68
C ILE A 754 12.08 49.24 -12.77
N ASN A 755 13.29 48.77 -12.45
CA ASN A 755 14.31 48.59 -13.47
C ASN A 755 13.88 47.53 -14.47
N ARG A 756 13.35 46.42 -13.99
CA ARG A 756 13.05 45.33 -14.88
C ARG A 756 11.70 45.45 -15.57
N ILE A 757 10.96 46.52 -15.30
CA ILE A 757 9.68 46.70 -15.97
C ILE A 757 9.93 47.05 -17.42
N ASP A 758 9.22 46.38 -18.32
CA ASP A 758 9.15 46.86 -19.69
C ASP A 758 8.47 48.23 -19.73
N GLU A 759 7.21 48.29 -19.35
CA GLU A 759 6.47 49.54 -19.41
C GLU A 759 5.26 49.49 -18.49
N VAL A 760 5.02 50.58 -17.78
CA VAL A 760 3.80 50.77 -17.03
C VAL A 760 2.89 51.67 -17.84
N VAL A 761 1.75 51.15 -18.26
CA VAL A 761 0.81 51.97 -19.02
C VAL A 761 -0.04 52.76 -18.03
N VAL A 762 -0.77 53.74 -18.54
CA VAL A 762 -1.51 54.65 -17.67
C VAL A 762 -2.78 54.01 -17.13
N PHE A 763 -3.61 53.45 -18.02
CA PHE A 763 -4.99 53.04 -17.74
C PHE A 763 -5.79 54.18 -17.11
N HIS A 764 -5.96 55.24 -17.91
CA HIS A 764 -6.76 56.36 -17.48
C HIS A 764 -8.25 55.98 -17.51
N PRO A 765 -9.06 56.69 -16.72
CA PRO A 765 -10.52 56.62 -16.94
C PRO A 765 -10.84 57.18 -18.32
N LEU A 766 -11.66 56.43 -19.06
CA LEU A 766 -11.83 56.76 -20.48
C LEU A 766 -12.71 57.98 -20.66
N GLY A 767 -14.01 57.82 -20.38
CA GLY A 767 -15.03 58.86 -20.51
C GLY A 767 -16.36 58.29 -20.03
N GLU A 768 -17.40 59.12 -20.03
CA GLU A 768 -18.72 58.60 -19.75
C GLU A 768 -19.35 57.95 -20.97
N GLN A 769 -19.06 58.46 -22.17
CA GLN A 769 -19.63 57.90 -23.37
C GLN A 769 -19.00 56.56 -23.73
N HIS A 770 -17.72 56.37 -23.42
CA HIS A 770 -17.09 55.10 -23.76
C HIS A 770 -17.51 54.01 -22.79
N ILE A 771 -17.69 54.37 -21.52
CA ILE A 771 -18.23 53.42 -20.55
C ILE A 771 -19.70 53.17 -20.84
N ALA A 772 -20.39 54.17 -21.38
CA ALA A 772 -21.73 53.96 -21.91
C ALA A 772 -21.69 52.99 -23.09
N SER A 773 -20.67 53.07 -23.92
CA SER A 773 -20.54 52.15 -25.05
C SER A 773 -20.20 50.75 -24.59
N ILE A 774 -19.44 50.62 -23.51
CA ILE A 774 -19.18 49.30 -22.95
C ILE A 774 -20.47 48.72 -22.38
N ALA A 775 -21.30 49.57 -21.77
CA ALA A 775 -22.63 49.17 -21.37
C ALA A 775 -23.49 48.78 -22.57
N GLN A 776 -23.28 49.45 -23.71
CA GLN A 776 -23.98 49.07 -24.94
C GLN A 776 -23.57 47.69 -25.39
N ILE A 777 -22.29 47.35 -25.25
CA ILE A 777 -21.83 46.03 -25.62
C ILE A 777 -22.36 44.98 -24.65
N GLN A 778 -22.53 45.36 -23.39
CA GLN A 778 -23.22 44.49 -22.45
C GLN A 778 -24.68 44.31 -22.85
N LEU A 779 -25.28 45.35 -23.39
CA LEU A 779 -26.62 45.19 -23.96
C LEU A 779 -26.60 44.32 -25.20
N LYS A 780 -25.50 44.33 -25.94
CA LYS A 780 -25.38 43.49 -27.12
C LYS A 780 -25.36 42.02 -26.75
N ARG A 781 -24.54 41.67 -25.76
CA ARG A 781 -24.52 40.28 -25.30
C ARG A 781 -25.80 39.93 -24.56
N LEU A 782 -26.45 40.94 -23.95
CA LEU A 782 -27.75 40.73 -23.35
C LEU A 782 -28.80 40.39 -24.39
N TYR A 783 -28.83 41.15 -25.48
CA TYR A 783 -29.77 40.89 -26.56
C TYR A 783 -29.44 39.60 -27.27
N LYS A 784 -28.15 39.24 -27.27
CA LYS A 784 -27.75 37.93 -27.76
C LYS A 784 -28.37 36.83 -26.93
N ARG A 785 -28.36 36.98 -25.60
CA ARG A 785 -28.98 35.98 -24.75
C ARG A 785 -30.51 36.01 -24.81
N LEU A 786 -31.07 37.17 -25.11
CA LEU A 786 -32.52 37.25 -25.32
C LEU A 786 -32.91 36.56 -26.61
N GLU A 787 -32.09 36.70 -27.64
CA GLU A 787 -32.28 35.98 -28.88
C GLU A 787 -32.01 34.50 -28.69
N GLU A 788 -31.14 34.15 -27.74
CA GLU A 788 -31.01 32.76 -27.31
C GLU A 788 -32.30 32.26 -26.71
N ARG A 789 -32.99 33.10 -25.95
CA ARG A 789 -34.36 32.76 -25.59
C ARG A 789 -35.29 32.96 -26.78
N GLY A 790 -34.99 33.93 -27.65
CA GLY A 790 -35.76 34.10 -28.86
C GLY A 790 -36.70 35.28 -28.80
N TYR A 791 -36.22 36.41 -28.28
CA TYR A 791 -37.02 37.62 -28.19
C TYR A 791 -36.41 38.74 -29.02
N GLU A 792 -37.28 39.50 -29.69
CA GLU A 792 -36.91 40.66 -30.48
C GLU A 792 -37.21 41.89 -29.63
N ILE A 793 -36.19 42.40 -28.94
CA ILE A 793 -36.36 43.45 -27.96
C ILE A 793 -35.50 44.63 -28.36
N HIS A 794 -36.11 45.80 -28.43
CA HIS A 794 -35.40 47.05 -28.70
C HIS A 794 -35.53 47.97 -27.48
N ILE A 795 -34.93 49.16 -27.60
CA ILE A 795 -34.70 50.01 -26.45
C ILE A 795 -34.75 51.46 -26.89
N SER A 796 -35.14 52.34 -25.96
CA SER A 796 -34.89 53.76 -26.12
C SER A 796 -33.44 54.07 -25.83
N ASP A 797 -32.88 55.03 -26.55
CA ASP A 797 -31.51 55.44 -26.27
C ASP A 797 -31.46 56.29 -25.01
N GLU A 798 -32.56 56.99 -24.69
CA GLU A 798 -32.67 57.64 -23.40
C GLU A 798 -32.69 56.60 -22.28
N ALA A 799 -33.31 55.45 -22.52
CA ALA A 799 -33.25 54.36 -21.56
C ALA A 799 -31.84 53.85 -21.40
N LEU A 800 -31.06 53.86 -22.48
CA LEU A 800 -29.65 53.49 -22.39
C LEU A 800 -28.86 54.53 -21.59
N LYS A 801 -29.25 55.81 -21.71
CA LYS A 801 -28.57 56.85 -20.93
C LYS A 801 -28.89 56.74 -19.45
N LEU A 802 -30.16 56.46 -19.12
CA LEU A 802 -30.54 56.21 -17.74
C LEU A 802 -29.82 54.98 -17.18
N LEU A 803 -29.66 53.93 -18.00
CA LEU A 803 -28.87 52.77 -17.61
C LEU A 803 -27.44 53.15 -17.30
N SER A 804 -26.80 53.87 -18.22
CA SER A 804 -25.42 54.30 -18.04
C SER A 804 -25.25 55.28 -16.89
N GLU A 805 -26.33 55.92 -16.45
CA GLU A 805 -26.28 56.76 -15.27
C GLU A 805 -26.77 56.08 -14.01
N ASN A 806 -27.20 54.81 -14.08
CA ASN A 806 -27.64 54.13 -12.87
C ASN A 806 -26.48 53.81 -11.94
N GLY A 807 -25.61 52.91 -12.35
CA GLY A 807 -24.59 52.41 -11.43
C GLY A 807 -23.20 52.92 -11.72
N TYR A 808 -23.12 54.05 -12.43
CA TYR A 808 -21.82 54.54 -12.84
C TYR A 808 -21.10 55.18 -11.66
N ASP A 809 -19.82 54.85 -11.52
CA ASP A 809 -19.01 55.53 -10.57
C ASP A 809 -17.57 55.63 -11.07
N PRO A 810 -16.93 56.79 -10.90
CA PRO A 810 -15.51 56.88 -11.20
C PRO A 810 -14.65 56.13 -10.21
N VAL A 811 -15.16 55.85 -9.01
CA VAL A 811 -14.32 55.26 -7.98
C VAL A 811 -14.07 53.79 -8.23
N TYR A 812 -14.96 53.09 -8.92
CA TYR A 812 -14.82 51.67 -9.15
C TYR A 812 -14.74 51.30 -10.62
N GLY A 813 -15.33 52.11 -11.50
CA GLY A 813 -15.36 51.78 -12.91
C GLY A 813 -16.73 51.38 -13.38
N ALA A 814 -16.78 50.49 -14.37
CA ALA A 814 -18.06 50.12 -14.97
C ALA A 814 -18.69 48.93 -14.28
N ARG A 815 -17.97 48.23 -13.41
CA ARG A 815 -18.52 47.05 -12.76
C ARG A 815 -19.72 47.32 -11.85
N PRO A 816 -19.80 48.42 -11.06
CA PRO A 816 -21.09 48.74 -10.45
C PRO A 816 -22.16 49.09 -11.44
N LEU A 817 -21.77 49.76 -12.53
CA LEU A 817 -22.70 50.02 -13.61
C LEU A 817 -23.16 48.72 -14.25
N LYS A 818 -22.23 47.76 -14.42
CA LYS A 818 -22.56 46.46 -14.99
C LYS A 818 -23.57 45.71 -14.15
N ARG A 819 -23.29 45.58 -12.85
CA ARG A 819 -24.21 44.82 -12.00
C ARG A 819 -25.52 45.57 -11.76
N ALA A 820 -25.49 46.91 -11.73
CA ALA A 820 -26.72 47.66 -11.48
C ALA A 820 -27.65 47.58 -12.68
N ILE A 821 -27.11 47.73 -13.89
CA ILE A 821 -27.89 47.56 -15.10
C ILE A 821 -28.40 46.14 -15.23
N GLN A 822 -27.55 45.16 -14.85
CA GLN A 822 -27.94 43.75 -14.92
C GLN A 822 -29.10 43.44 -14.00
N GLN A 823 -29.06 43.96 -12.77
CA GLN A 823 -30.16 43.74 -11.83
C GLN A 823 -31.42 44.47 -12.27
N GLN A 824 -31.30 45.75 -12.60
CA GLN A 824 -32.45 46.55 -12.96
C GLN A 824 -33.03 46.20 -14.31
N ILE A 825 -32.38 45.35 -15.09
CA ILE A 825 -33.00 44.75 -16.26
C ILE A 825 -33.57 43.39 -15.93
N GLU A 826 -32.76 42.48 -15.39
CA GLU A 826 -33.16 41.09 -15.21
C GLU A 826 -34.29 40.93 -14.21
N ASN A 827 -34.43 41.83 -13.25
CA ASN A 827 -35.53 41.66 -12.31
C ASN A 827 -36.88 42.10 -12.90
N PRO A 828 -37.11 43.37 -13.37
CA PRO A 828 -38.48 43.71 -13.79
C PRO A 828 -38.86 43.10 -15.14
N LEU A 829 -37.89 42.90 -16.03
CA LEU A 829 -38.20 42.35 -17.34
C LEU A 829 -38.64 40.90 -17.24
N ALA A 830 -37.81 40.05 -16.63
CA ALA A 830 -38.20 38.66 -16.41
C ALA A 830 -39.35 38.54 -15.42
N GLN A 831 -39.57 39.56 -14.59
CA GLN A 831 -40.80 39.61 -13.81
C GLN A 831 -42.01 39.74 -14.72
N GLN A 832 -41.94 40.62 -15.72
CA GLN A 832 -43.04 40.79 -16.67
C GLN A 832 -43.17 39.58 -17.60
N ILE A 833 -42.07 38.91 -17.88
CA ILE A 833 -42.09 37.72 -18.72
C ILE A 833 -42.78 36.57 -18.01
N LEU A 834 -42.42 36.36 -16.75
CA LEU A 834 -43.12 35.38 -15.94
C LEU A 834 -44.49 35.87 -15.48
N SER A 835 -44.80 37.14 -15.70
CA SER A 835 -46.16 37.64 -15.57
C SER A 835 -47.02 37.31 -16.79
N GLY A 836 -46.47 36.64 -17.80
CA GLY A 836 -47.23 36.24 -18.96
C GLY A 836 -47.59 37.42 -19.85
N GLU A 837 -46.61 38.28 -20.09
CA GLU A 837 -46.82 39.48 -20.88
C GLU A 837 -46.04 39.46 -22.20
N LEU A 838 -44.78 39.06 -22.15
CA LEU A 838 -43.93 39.13 -23.34
C LEU A 838 -44.12 37.90 -24.21
N VAL A 839 -44.28 38.13 -25.50
CA VAL A 839 -44.48 37.08 -26.48
C VAL A 839 -43.27 37.11 -27.41
N PRO A 840 -42.63 35.96 -27.68
CA PRO A 840 -41.54 35.95 -28.67
C PRO A 840 -42.04 36.25 -30.07
N GLY A 841 -41.69 37.41 -30.59
CA GLY A 841 -42.11 37.81 -31.91
C GLY A 841 -42.94 39.08 -31.94
N LYS A 842 -42.78 39.93 -30.93
CA LYS A 842 -43.47 41.20 -30.87
C LYS A 842 -42.48 42.34 -30.74
N VAL A 843 -42.95 43.54 -31.04
CA VAL A 843 -42.14 44.75 -30.94
C VAL A 843 -41.97 45.07 -29.46
N ILE A 844 -40.77 44.80 -28.93
CA ILE A 844 -40.54 45.00 -27.51
C ILE A 844 -39.55 46.15 -27.35
N ARG A 845 -40.07 47.36 -27.24
CA ARG A 845 -39.24 48.53 -27.09
C ARG A 845 -39.10 48.83 -25.61
N LEU A 846 -37.86 48.81 -25.12
CA LEU A 846 -37.59 49.11 -23.72
C LEU A 846 -37.72 50.60 -23.50
N GLU A 847 -38.96 51.02 -23.31
CA GLU A 847 -39.27 52.43 -23.10
C GLU A 847 -38.99 52.81 -21.65
N VAL A 848 -38.79 54.12 -21.43
CA VAL A 848 -38.45 54.58 -20.09
C VAL A 848 -39.69 54.59 -19.22
N ASN A 849 -39.47 54.45 -17.92
CA ASN A 849 -40.40 54.94 -16.92
C ASN A 849 -39.93 56.33 -16.52
N GLU A 850 -40.46 56.87 -15.43
CA GLU A 850 -39.97 58.15 -14.93
C GLU A 850 -38.52 58.03 -14.47
N ASP A 851 -38.18 56.93 -13.83
CA ASP A 851 -36.81 56.62 -13.45
C ASP A 851 -36.35 55.26 -13.94
N ARG A 852 -37.24 54.45 -14.49
CA ARG A 852 -36.94 53.06 -14.80
C ARG A 852 -37.24 52.76 -16.25
N ILE A 853 -37.30 51.48 -16.60
CA ILE A 853 -37.53 51.05 -17.97
C ILE A 853 -38.66 50.03 -17.99
N VAL A 854 -39.63 50.24 -18.88
CA VAL A 854 -40.69 49.28 -19.12
C VAL A 854 -40.55 48.75 -20.54
N ALA A 855 -40.96 47.51 -20.73
CA ALA A 855 -41.06 46.91 -22.06
C ALA A 855 -42.49 46.97 -22.55
N VAL A 856 -42.64 47.06 -23.87
CA VAL A 856 -43.95 47.13 -24.49
C VAL A 856 -44.16 45.90 -25.37
N GLN A 857 -45.40 45.70 -25.81
CA GLN A 857 -45.80 44.56 -26.63
C GLN A 857 -46.56 45.08 -27.83
N HIS A 858 -45.89 45.18 -28.98
CA HIS A 858 -46.54 45.68 -30.18
C HIS A 858 -46.16 44.88 -31.42
N GLN B 159 18.73 -39.42 -15.02
CA GLN B 159 19.13 -38.87 -13.74
C GLN B 159 18.57 -37.48 -13.55
N ALA B 160 17.91 -37.24 -12.42
CA ALA B 160 17.27 -35.95 -12.16
C ALA B 160 18.24 -34.85 -11.82
N LEU B 161 19.53 -35.17 -11.64
CA LEU B 161 20.49 -34.16 -11.23
C LEU B 161 20.80 -33.20 -12.37
N LYS B 162 21.11 -33.74 -13.55
CA LYS B 162 21.35 -32.86 -14.68
C LYS B 162 20.09 -32.20 -15.18
N LYS B 163 18.92 -32.69 -14.79
CA LYS B 163 17.67 -32.09 -15.21
C LYS B 163 17.46 -30.71 -14.62
N TYR B 164 18.09 -30.40 -13.50
CA TYR B 164 17.88 -29.11 -12.90
C TYR B 164 19.16 -28.43 -12.45
N THR B 165 20.27 -29.14 -12.40
CA THR B 165 21.51 -28.55 -11.92
C THR B 165 22.50 -28.42 -13.05
N ILE B 166 23.57 -27.68 -12.78
CA ILE B 166 24.66 -27.49 -13.72
C ILE B 166 25.96 -27.74 -12.97
N ASP B 167 26.74 -28.70 -13.44
CA ASP B 167 28.08 -28.93 -12.91
C ASP B 167 28.96 -27.75 -13.29
N LEU B 168 29.44 -27.03 -12.28
CA LEU B 168 30.39 -25.97 -12.56
C LEU B 168 31.76 -26.51 -12.90
N THR B 169 32.13 -27.67 -12.35
CA THR B 169 33.45 -28.21 -12.59
C THR B 169 33.58 -28.69 -14.02
N GLU B 170 32.47 -29.09 -14.62
CA GLU B 170 32.37 -29.22 -16.06
C GLU B 170 32.85 -27.95 -16.76
N ARG B 171 32.30 -26.81 -16.38
CA ARG B 171 32.69 -25.55 -17.02
C ARG B 171 34.08 -25.10 -16.61
N ALA B 172 34.60 -25.60 -15.49
CA ALA B 172 35.99 -25.35 -15.15
C ALA B 172 36.91 -26.13 -16.06
N GLU B 173 36.53 -27.38 -16.33
CA GLU B 173 37.24 -28.19 -17.31
C GLU B 173 37.12 -27.58 -18.69
N GLN B 174 36.02 -26.89 -18.96
CA GLN B 174 35.91 -26.08 -20.16
C GLN B 174 36.87 -24.92 -20.16
N GLY B 175 37.26 -24.44 -18.98
CA GLY B 175 38.17 -23.33 -18.91
C GLY B 175 37.58 -22.03 -19.40
N LYS B 176 36.26 -21.93 -19.43
CA LYS B 176 35.60 -20.71 -19.88
C LYS B 176 35.65 -19.59 -18.86
N LEU B 177 36.12 -19.88 -17.65
CA LEU B 177 35.78 -19.09 -16.49
C LEU B 177 36.91 -18.14 -16.17
N ASP B 178 36.56 -17.09 -15.44
CA ASP B 178 37.55 -16.13 -15.00
C ASP B 178 38.50 -16.79 -14.00
N PRO B 179 39.80 -16.74 -14.21
CA PRO B 179 40.71 -17.08 -13.12
C PRO B 179 40.57 -16.03 -12.05
N VAL B 180 40.54 -16.47 -10.80
CA VAL B 180 40.23 -15.59 -9.70
C VAL B 180 41.48 -15.38 -8.87
N ILE B 181 41.85 -14.13 -8.70
CA ILE B 181 43.14 -13.76 -8.18
C ILE B 181 42.93 -12.95 -6.90
N GLY B 182 43.81 -13.12 -5.94
CA GLY B 182 43.57 -12.64 -4.61
C GLY B 182 42.79 -13.71 -3.87
N ARG B 183 42.07 -13.27 -2.84
CA ARG B 183 40.94 -14.01 -2.28
C ARG B 183 41.37 -15.31 -1.63
N ASP B 184 42.50 -15.30 -0.96
CA ASP B 184 42.81 -16.47 -0.16
C ASP B 184 41.94 -16.50 1.07
N GLU B 185 41.61 -15.34 1.59
CA GLU B 185 41.05 -15.26 2.92
C GLU B 185 39.61 -15.72 2.95
N GLU B 186 38.79 -15.20 2.03
CA GLU B 186 37.40 -15.58 2.01
C GLU B 186 37.20 -16.98 1.48
N ILE B 187 38.07 -17.45 0.60
CA ILE B 187 37.89 -18.80 0.07
C ILE B 187 38.33 -19.84 1.08
N ARG B 188 39.40 -19.56 1.83
CA ARG B 188 39.71 -20.39 2.99
C ARG B 188 38.58 -20.35 4.00
N ARG B 189 37.96 -19.19 4.17
CA ARG B 189 36.90 -19.07 5.15
C ARG B 189 35.66 -19.83 4.71
N THR B 190 35.36 -19.78 3.43
CA THR B 190 34.24 -20.52 2.89
C THR B 190 34.47 -22.02 2.94
N ILE B 191 35.71 -22.46 2.73
CA ILE B 191 35.99 -23.88 2.82
C ILE B 191 35.88 -24.36 4.26
N GLN B 192 36.27 -23.52 5.21
CA GLN B 192 36.07 -23.86 6.61
C GLN B 192 34.60 -23.96 6.96
N VAL B 193 33.79 -23.08 6.40
CA VAL B 193 32.36 -23.20 6.67
C VAL B 193 31.76 -24.36 5.88
N LEU B 194 32.42 -24.84 4.83
CA LEU B 194 31.88 -26.00 4.14
C LEU B 194 32.06 -27.29 4.92
N GLN B 195 33.19 -27.46 5.59
CA GLN B 195 33.48 -28.74 6.23
C GLN B 195 33.17 -28.66 7.73
N ARG B 196 31.90 -28.57 8.04
CA ARG B 196 31.50 -28.58 9.43
C ARG B 196 30.75 -29.86 9.72
N ARG B 197 30.31 -30.02 10.95
CA ARG B 197 29.40 -31.12 11.20
C ARG B 197 27.99 -30.69 10.80
N THR B 198 27.46 -29.64 11.41
CA THR B 198 26.20 -29.07 11.00
C THR B 198 26.41 -27.68 10.44
N LYS B 199 25.37 -27.18 9.77
CA LYS B 199 25.33 -25.89 9.07
C LYS B 199 26.42 -25.80 8.01
N ASN B 200 26.28 -26.64 7.00
CA ASN B 200 27.18 -26.63 5.85
C ASN B 200 26.73 -25.56 4.86
N ASN B 201 26.66 -24.32 5.35
CA ASN B 201 25.90 -23.27 4.68
C ASN B 201 26.59 -21.93 4.78
N PRO B 202 27.57 -21.66 3.91
CA PRO B 202 28.08 -20.30 3.78
C PRO B 202 27.27 -19.49 2.80
N VAL B 203 27.12 -18.22 3.12
CA VAL B 203 26.45 -17.32 2.21
C VAL B 203 27.44 -16.21 1.89
N LEU B 204 27.40 -15.71 0.67
CA LEU B 204 28.27 -14.62 0.27
C LEU B 204 27.49 -13.33 0.29
N ILE B 205 27.99 -12.37 1.03
CA ILE B 205 27.29 -11.13 1.25
C ILE B 205 28.22 -9.99 0.89
N GLY B 206 27.75 -9.08 0.07
CA GLY B 206 28.47 -7.85 -0.19
C GLY B 206 27.74 -7.09 -1.27
N GLU B 207 28.15 -5.84 -1.45
CA GLU B 207 27.57 -5.03 -2.49
C GLU B 207 27.90 -5.64 -3.85
N PRO B 208 27.03 -5.44 -4.85
CA PRO B 208 27.16 -6.21 -6.09
C PRO B 208 28.38 -5.85 -6.89
N GLY B 209 28.74 -6.76 -7.78
CA GLY B 209 29.90 -6.60 -8.62
C GLY B 209 31.19 -7.10 -8.01
N VAL B 210 31.24 -7.36 -6.70
CA VAL B 210 32.52 -7.61 -6.05
C VAL B 210 33.01 -9.03 -6.27
N GLY B 211 32.32 -9.79 -7.10
CA GLY B 211 32.84 -11.06 -7.53
C GLY B 211 32.38 -12.24 -6.72
N LYS B 212 31.20 -12.15 -6.12
CA LYS B 212 30.73 -13.22 -5.26
C LYS B 212 30.47 -14.47 -6.07
N THR B 213 29.97 -14.31 -7.28
CA THR B 213 29.88 -15.43 -8.18
C THR B 213 31.26 -15.95 -8.50
N ALA B 214 32.21 -15.02 -8.68
CA ALA B 214 33.55 -15.44 -9.01
C ALA B 214 34.26 -16.08 -7.83
N ILE B 215 33.81 -15.85 -6.60
CA ILE B 215 34.44 -16.53 -5.47
C ILE B 215 34.16 -18.01 -5.54
N VAL B 216 32.92 -18.39 -5.79
CA VAL B 216 32.57 -19.79 -5.95
C VAL B 216 33.20 -20.36 -7.22
N GLU B 217 33.31 -19.53 -8.25
CA GLU B 217 33.99 -20.00 -9.46
C GLU B 217 35.46 -20.27 -9.19
N GLY B 218 36.11 -19.42 -8.41
CA GLY B 218 37.49 -19.64 -8.05
C GLY B 218 37.64 -20.80 -7.10
N LEU B 219 36.62 -21.06 -6.30
CA LEU B 219 36.57 -22.28 -5.51
C LEU B 219 36.61 -23.51 -6.41
N ALA B 220 35.78 -23.51 -7.45
CA ALA B 220 35.73 -24.65 -8.36
C ALA B 220 37.05 -24.80 -9.10
N GLN B 221 37.66 -23.68 -9.46
CA GLN B 221 38.97 -23.73 -10.10
C GLN B 221 40.04 -24.27 -9.17
N ARG B 222 39.98 -23.93 -7.88
CA ARG B 222 40.99 -24.46 -6.98
C ARG B 222 40.74 -25.91 -6.61
N ILE B 223 39.50 -26.38 -6.72
CA ILE B 223 39.23 -27.79 -6.54
C ILE B 223 39.78 -28.59 -7.72
N ILE B 224 39.48 -28.14 -8.94
CA ILE B 224 39.94 -28.84 -10.13
C ILE B 224 41.46 -28.80 -10.22
N ASN B 225 42.04 -27.65 -9.91
CA ASN B 225 43.47 -27.56 -9.77
C ASN B 225 44.00 -28.26 -8.54
N GLY B 226 43.15 -28.52 -7.55
CA GLY B 226 43.53 -29.35 -6.43
C GLY B 226 44.28 -28.63 -5.33
N GLU B 227 44.07 -27.33 -5.18
CA GLU B 227 44.75 -26.57 -4.15
C GLU B 227 43.95 -26.49 -2.86
N VAL B 228 43.17 -27.51 -2.56
CA VAL B 228 42.22 -27.50 -1.46
C VAL B 228 42.76 -28.42 -0.37
N PRO B 229 42.18 -28.44 0.81
CA PRO B 229 42.45 -29.54 1.75
C PRO B 229 41.86 -30.85 1.24
N GLU B 230 42.36 -31.93 1.82
CA GLU B 230 42.09 -33.29 1.35
C GLU B 230 40.63 -33.70 1.49
N GLY B 231 39.91 -33.09 2.43
CA GLY B 231 38.51 -33.41 2.63
C GLY B 231 37.61 -32.97 1.51
N LEU B 232 38.05 -32.02 0.69
CA LEU B 232 37.28 -31.64 -0.47
C LEU B 232 37.76 -32.29 -1.75
N LYS B 233 38.82 -33.08 -1.71
CA LYS B 233 39.39 -33.58 -2.93
C LYS B 233 38.49 -34.68 -3.46
N GLY B 234 37.71 -34.33 -4.48
CA GLY B 234 36.68 -35.19 -5.01
C GLY B 234 35.30 -34.57 -5.01
N ARG B 235 35.15 -33.31 -4.61
CA ARG B 235 33.82 -32.72 -4.51
C ARG B 235 33.26 -32.37 -5.88
N ARG B 236 31.98 -32.06 -5.87
CA ARG B 236 31.23 -31.71 -7.06
C ARG B 236 30.45 -30.45 -6.76
N VAL B 237 30.91 -29.32 -7.25
CA VAL B 237 30.11 -28.12 -7.08
C VAL B 237 29.05 -28.11 -8.17
N LEU B 238 27.81 -27.87 -7.78
CA LEU B 238 26.69 -27.86 -8.70
C LEU B 238 25.93 -26.54 -8.61
N ALA B 239 25.55 -26.03 -9.75
CA ALA B 239 24.76 -24.81 -9.83
C ALA B 239 23.29 -25.20 -9.90
N LEU B 240 22.62 -25.17 -8.76
CA LEU B 240 21.18 -25.38 -8.74
C LEU B 240 20.49 -24.17 -9.35
N ASP B 241 19.36 -24.41 -10.02
CA ASP B 241 18.77 -23.38 -10.85
C ASP B 241 17.30 -23.23 -10.48
N MET B 242 16.95 -22.05 -9.93
CA MET B 242 15.55 -21.72 -9.68
C MET B 242 14.76 -21.66 -10.98
N GLY B 243 15.40 -21.18 -12.05
CA GLY B 243 14.76 -21.19 -13.34
C GLY B 243 14.50 -22.58 -13.87
N ALA B 244 15.23 -23.57 -13.37
CA ALA B 244 14.90 -24.94 -13.74
C ALA B 244 13.74 -25.46 -12.92
N LEU B 245 13.66 -25.04 -11.67
CA LEU B 245 12.82 -25.69 -10.68
C LEU B 245 11.40 -25.14 -10.64
N VAL B 246 11.23 -23.83 -10.79
CA VAL B 246 9.90 -23.22 -10.80
C VAL B 246 9.11 -23.61 -12.05
N ALA B 247 9.79 -24.19 -13.04
CA ALA B 247 9.46 -24.11 -14.47
C ALA B 247 8.00 -24.39 -14.79
N GLY B 248 7.53 -25.59 -14.49
CA GLY B 248 6.21 -26.00 -14.93
C GLY B 248 5.29 -26.41 -13.80
N ALA B 249 5.49 -25.85 -12.63
CA ALA B 249 4.83 -26.33 -11.43
C ALA B 249 3.44 -25.70 -11.30
N LYS B 250 2.56 -26.06 -12.23
CA LYS B 250 1.20 -25.55 -12.19
C LYS B 250 0.25 -26.48 -11.46
N TYR B 251 0.58 -27.74 -11.33
CA TYR B 251 -0.23 -28.63 -10.56
C TYR B 251 0.28 -28.61 -9.13
N ARG B 252 -0.63 -28.89 -8.19
CA ARG B 252 -0.28 -28.83 -6.78
C ARG B 252 0.77 -29.87 -6.44
N GLY B 253 1.80 -29.46 -5.73
CA GLY B 253 2.80 -30.41 -5.31
C GLY B 253 3.66 -30.85 -6.47
N GLU B 254 4.13 -29.92 -7.18
CA GLU B 254 4.97 -30.25 -8.30
C GLU B 254 6.37 -29.70 -8.11
N PHE B 255 6.47 -28.43 -7.73
CA PHE B 255 7.73 -27.83 -7.35
C PHE B 255 8.35 -28.57 -6.18
N GLU B 256 7.53 -28.90 -5.19
CA GLU B 256 8.00 -29.62 -4.02
C GLU B 256 8.46 -31.01 -4.39
N GLU B 257 7.81 -31.63 -5.38
CA GLU B 257 8.21 -32.96 -5.81
C GLU B 257 9.58 -32.93 -6.46
N ARG B 258 9.78 -31.99 -7.39
CA ARG B 258 11.09 -31.81 -8.03
C ARG B 258 12.17 -31.55 -6.99
N LEU B 259 11.89 -30.64 -6.06
CA LEU B 259 12.87 -30.23 -5.07
C LEU B 259 13.23 -31.39 -4.14
N LYS B 260 12.26 -32.19 -3.75
CA LYS B 260 12.60 -33.27 -2.84
C LYS B 260 13.26 -34.43 -3.57
N GLY B 261 13.00 -34.56 -4.88
CA GLY B 261 13.83 -35.42 -5.69
C GLY B 261 15.29 -34.99 -5.65
N VAL B 262 15.53 -33.68 -5.75
CA VAL B 262 16.89 -33.14 -5.64
C VAL B 262 17.48 -33.46 -4.27
N LEU B 263 16.68 -33.28 -3.23
CA LEU B 263 17.12 -33.52 -1.86
C LEU B 263 17.57 -34.96 -1.67
N ASN B 264 16.73 -35.91 -2.08
CA ASN B 264 17.07 -37.30 -1.86
C ASN B 264 18.19 -37.77 -2.78
N ASP B 265 18.32 -37.18 -3.95
CA ASP B 265 19.42 -37.60 -4.78
C ASP B 265 20.74 -36.99 -4.37
N LEU B 266 20.72 -35.85 -3.69
CA LEU B 266 21.96 -35.37 -3.11
C LEU B 266 22.28 -36.09 -1.82
N ALA B 267 21.26 -36.61 -1.14
CA ALA B 267 21.53 -37.54 -0.04
C ALA B 267 22.09 -38.86 -0.55
N LYS B 268 21.77 -39.22 -1.80
CA LYS B 268 22.40 -40.38 -2.42
C LYS B 268 23.89 -40.17 -2.63
N GLN B 269 24.31 -38.92 -2.87
CA GLN B 269 25.67 -38.60 -3.26
C GLN B 269 26.71 -38.74 -2.15
N GLU B 270 26.31 -39.12 -0.94
CA GLU B 270 27.21 -39.51 0.14
C GLU B 270 28.12 -38.38 0.59
N GLY B 271 27.59 -37.15 0.54
CA GLY B 271 28.32 -36.00 1.04
C GLY B 271 29.53 -35.62 0.22
N ASN B 272 29.45 -35.78 -1.10
CA ASN B 272 30.56 -35.46 -1.96
C ASN B 272 30.19 -34.35 -2.95
N VAL B 273 29.14 -33.61 -2.65
CA VAL B 273 28.57 -32.63 -3.58
C VAL B 273 28.33 -31.32 -2.84
N ILE B 274 28.77 -30.22 -3.43
CA ILE B 274 28.59 -28.90 -2.88
C ILE B 274 27.52 -28.18 -3.67
N LEU B 275 26.49 -27.71 -2.99
CA LEU B 275 25.39 -27.05 -3.66
C LEU B 275 25.66 -25.56 -3.75
N PHE B 276 25.52 -25.00 -4.94
CA PHE B 276 25.66 -23.58 -5.15
C PHE B 276 24.35 -22.97 -5.62
N ILE B 277 23.92 -21.90 -4.97
CA ILE B 277 22.74 -21.16 -5.39
C ILE B 277 23.09 -19.70 -5.42
N ASP B 278 22.83 -19.05 -6.54
CA ASP B 278 22.79 -17.61 -6.59
C ASP B 278 21.40 -17.10 -6.30
N ALA B 279 21.33 -15.90 -5.75
CA ALA B 279 20.08 -15.21 -5.36
C ALA B 279 19.26 -16.10 -4.43
N LEU B 280 19.80 -16.25 -3.23
CA LEU B 280 19.19 -17.14 -2.27
C LEU B 280 17.86 -16.62 -1.79
N HIS B 281 17.69 -15.30 -1.80
CA HIS B 281 16.40 -14.68 -1.55
C HIS B 281 15.35 -15.09 -2.58
N THR B 282 15.76 -15.29 -3.83
CA THR B 282 14.84 -15.81 -4.83
C THR B 282 14.36 -17.19 -4.45
N MET B 283 15.25 -18.03 -3.94
CA MET B 283 14.82 -19.35 -3.49
C MET B 283 13.92 -19.24 -2.26
N VAL B 284 14.14 -18.24 -1.41
CA VAL B 284 13.27 -18.07 -0.25
C VAL B 284 11.85 -17.74 -0.69
N GLY B 285 11.72 -16.82 -1.63
CA GLY B 285 10.40 -16.55 -2.17
C GLY B 285 10.07 -17.31 -3.44
N ALA B 286 10.56 -18.55 -3.59
CA ALA B 286 10.45 -19.25 -4.87
C ALA B 286 9.09 -19.89 -5.05
N GLY B 287 8.76 -20.85 -4.21
CA GLY B 287 7.49 -21.53 -4.29
C GLY B 287 6.44 -20.96 -3.37
N LYS B 288 6.68 -19.79 -2.78
CA LYS B 288 5.77 -19.22 -1.80
C LYS B 288 4.53 -18.73 -2.51
N ALA B 289 3.62 -19.63 -2.78
CA ALA B 289 2.35 -19.26 -3.36
C ALA B 289 1.39 -19.07 -2.21
N ASP B 290 0.20 -18.56 -2.53
CA ASP B 290 -0.83 -18.34 -1.52
C ASP B 290 -1.30 -19.69 -1.03
N GLY B 291 -0.89 -20.04 0.20
CA GLY B 291 -1.15 -21.33 0.85
C GLY B 291 -0.60 -22.50 0.02
N ALA B 292 0.73 -22.52 -0.07
CA ALA B 292 1.49 -23.61 -0.66
C ALA B 292 2.72 -23.80 0.20
N MET B 293 3.75 -24.42 -0.37
CA MET B 293 5.03 -24.61 0.30
C MET B 293 6.19 -24.15 -0.57
N ASP B 294 7.08 -23.37 -0.01
CA ASP B 294 8.20 -22.90 -0.80
C ASP B 294 9.38 -23.84 -0.62
N ALA B 295 10.52 -23.41 -1.15
CA ALA B 295 11.76 -24.09 -0.80
C ALA B 295 12.29 -23.64 0.54
N GLY B 296 11.78 -22.56 1.10
CA GLY B 296 12.25 -22.10 2.40
C GLY B 296 11.89 -23.06 3.51
N ASN B 297 10.62 -23.41 3.58
CA ASN B 297 10.16 -24.38 4.56
C ASN B 297 10.34 -25.81 4.10
N MET B 298 11.07 -26.05 3.03
CA MET B 298 11.55 -27.36 2.71
C MET B 298 13.04 -27.51 2.88
N LEU B 299 13.77 -26.42 2.87
CA LEU B 299 15.19 -26.46 3.19
C LEU B 299 15.45 -26.08 4.61
N LYS B 300 14.41 -25.74 5.34
CA LYS B 300 14.53 -25.68 6.78
C LYS B 300 15.04 -26.98 7.44
N PRO B 301 14.60 -28.23 7.03
CA PRO B 301 15.15 -29.41 7.73
C PRO B 301 16.48 -29.88 7.20
N ALA B 302 16.70 -29.77 5.91
CA ALA B 302 17.92 -30.36 5.37
C ALA B 302 19.14 -29.47 5.57
N LEU B 303 19.00 -28.34 6.25
CA LEU B 303 20.12 -27.43 6.49
C LEU B 303 20.43 -27.23 7.96
N ALA B 304 19.46 -27.38 8.85
CA ALA B 304 19.80 -27.45 10.26
C ALA B 304 20.54 -28.73 10.58
N ARG B 305 20.27 -29.79 9.84
CA ARG B 305 21.13 -30.94 9.87
C ARG B 305 22.28 -30.78 8.90
N GLY B 306 22.04 -30.14 7.77
CA GLY B 306 23.13 -29.77 6.91
C GLY B 306 23.74 -30.93 6.19
N GLU B 307 22.92 -31.83 5.67
CA GLU B 307 23.44 -32.76 4.69
C GLU B 307 23.55 -32.13 3.32
N LEU B 308 22.89 -31.00 3.12
CA LEU B 308 22.87 -30.30 1.84
C LEU B 308 23.83 -29.12 1.91
N HIS B 309 24.98 -29.25 1.26
CA HIS B 309 26.07 -28.30 1.39
C HIS B 309 25.82 -27.06 0.52
N CYS B 310 24.93 -26.22 1.01
CA CYS B 310 24.55 -25.03 0.27
C CYS B 310 25.67 -24.00 0.27
N VAL B 311 25.68 -23.14 -0.74
CA VAL B 311 26.58 -21.98 -0.83
C VAL B 311 25.78 -20.81 -1.39
N GLY B 312 25.71 -19.73 -0.63
CA GLY B 312 24.83 -18.62 -0.97
C GLY B 312 25.52 -17.48 -1.70
N ALA B 313 24.69 -16.55 -2.18
CA ALA B 313 25.16 -15.40 -2.95
C ALA B 313 24.07 -14.35 -2.90
N THR B 314 24.37 -13.16 -2.39
CA THR B 314 23.32 -12.15 -2.31
C THR B 314 23.85 -10.73 -2.28
N THR B 315 22.95 -9.82 -2.58
CA THR B 315 23.11 -8.40 -2.44
C THR B 315 22.78 -8.02 -1.01
N LEU B 316 23.44 -6.98 -0.51
CA LEU B 316 23.35 -6.65 0.91
C LEU B 316 21.99 -6.11 1.27
N ASP B 317 21.43 -5.20 0.48
CA ASP B 317 20.11 -4.67 0.81
C ASP B 317 19.04 -5.73 0.74
N GLU B 318 19.09 -6.59 -0.27
CA GLU B 318 17.99 -7.50 -0.42
C GLU B 318 18.15 -8.75 0.43
N TYR B 319 19.35 -9.02 0.94
CA TYR B 319 19.46 -9.89 2.08
C TYR B 319 18.64 -9.36 3.23
N ARG B 320 18.78 -8.06 3.51
CA ARG B 320 18.08 -7.46 4.63
C ARG B 320 16.58 -7.42 4.42
N GLN B 321 16.11 -7.13 3.22
CA GLN B 321 14.68 -7.12 3.03
C GLN B 321 14.15 -8.52 3.00
N TYR B 322 14.87 -9.44 2.38
CA TYR B 322 14.21 -10.67 2.00
C TYR B 322 14.51 -11.83 2.93
N ILE B 323 15.76 -12.14 3.20
CA ILE B 323 15.97 -13.36 3.95
C ILE B 323 15.80 -13.11 5.44
N GLU B 324 16.26 -11.96 5.92
CA GLU B 324 16.10 -11.61 7.35
C GLU B 324 14.66 -11.40 7.76
N LYS B 325 13.71 -11.39 6.81
CA LYS B 325 12.30 -11.58 7.11
C LYS B 325 12.01 -12.97 7.64
N ASP B 326 12.79 -13.96 7.22
CA ASP B 326 12.49 -15.35 7.58
C ASP B 326 13.63 -15.82 8.47
N ALA B 327 13.40 -15.82 9.79
CA ALA B 327 14.49 -15.89 10.73
C ALA B 327 15.12 -17.26 10.78
N ALA B 328 14.34 -18.31 10.55
CA ALA B 328 14.88 -19.65 10.63
C ALA B 328 15.85 -19.91 9.49
N LEU B 329 15.45 -19.57 8.28
CA LEU B 329 16.37 -19.61 7.18
C LEU B 329 17.31 -18.41 7.20
N GLU B 330 17.19 -17.51 8.16
CA GLU B 330 18.30 -16.60 8.34
C GLU B 330 19.42 -17.31 9.05
N ARG B 331 19.15 -17.98 10.17
CA ARG B 331 20.26 -18.61 10.88
C ARG B 331 20.58 -20.00 10.40
N ARG B 332 19.98 -20.47 9.32
CA ARG B 332 20.58 -21.64 8.70
C ARG B 332 21.95 -21.34 8.13
N PHE B 333 22.23 -20.10 7.79
CA PHE B 333 23.40 -19.77 6.99
C PHE B 333 24.39 -18.94 7.78
N GLN B 334 25.66 -19.22 7.56
CA GLN B 334 26.73 -18.37 8.07
C GLN B 334 27.09 -17.27 7.10
N LYS B 335 27.15 -16.05 7.60
CA LYS B 335 27.61 -14.92 6.82
C LYS B 335 29.08 -15.07 6.48
N VAL B 336 29.44 -14.60 5.29
CA VAL B 336 30.82 -14.26 4.95
C VAL B 336 30.77 -12.86 4.36
N PHE B 337 31.23 -11.88 5.11
CA PHE B 337 31.12 -10.54 4.61
C PHE B 337 32.20 -10.32 3.59
N VAL B 338 31.85 -10.41 2.31
CA VAL B 338 32.82 -10.21 1.25
C VAL B 338 33.18 -8.73 1.22
N ALA B 339 34.48 -8.45 1.27
CA ALA B 339 34.92 -7.07 1.35
C ALA B 339 34.94 -6.42 -0.02
N GLU B 340 34.67 -5.13 -0.02
CA GLU B 340 35.04 -4.27 -1.13
C GLU B 340 36.53 -4.46 -1.39
N PRO B 341 36.93 -4.87 -2.57
CA PRO B 341 38.35 -5.06 -2.84
C PRO B 341 39.05 -3.72 -2.88
N SER B 342 40.33 -3.73 -2.54
CA SER B 342 41.07 -2.48 -2.48
C SER B 342 41.46 -2.04 -3.89
N VAL B 343 41.99 -0.83 -3.97
CA VAL B 343 42.44 -0.29 -5.24
C VAL B 343 43.61 -1.11 -5.77
N GLU B 344 44.49 -1.53 -4.89
CA GLU B 344 45.69 -2.23 -5.31
C GLU B 344 45.40 -3.70 -5.61
N ASP B 345 44.47 -4.29 -4.88
CA ASP B 345 43.96 -5.61 -5.24
C ASP B 345 43.29 -5.57 -6.59
N THR B 346 42.54 -4.49 -6.86
CA THR B 346 41.92 -4.30 -8.15
C THR B 346 42.95 -4.21 -9.25
N ILE B 347 44.05 -3.49 -8.98
CA ILE B 347 45.18 -3.42 -9.90
C ILE B 347 45.70 -4.82 -10.22
N ALA B 348 45.86 -5.65 -9.20
CA ALA B 348 46.36 -7.01 -9.41
C ALA B 348 45.38 -7.84 -10.23
N ILE B 349 44.10 -7.72 -9.94
CA ILE B 349 43.08 -8.50 -10.65
C ILE B 349 43.04 -8.10 -12.10
N LEU B 350 43.14 -6.80 -12.37
CA LEU B 350 43.18 -6.32 -13.74
C LEU B 350 44.43 -6.78 -14.45
N ARG B 351 45.53 -6.89 -13.71
CA ARG B 351 46.74 -7.47 -14.26
C ARG B 351 46.58 -8.94 -14.57
N GLY B 352 45.65 -9.62 -13.91
CA GLY B 352 45.42 -10.99 -14.27
C GLY B 352 44.43 -11.21 -15.39
N LEU B 353 43.41 -10.36 -15.47
CA LEU B 353 42.33 -10.55 -16.42
C LEU B 353 42.62 -10.00 -17.80
N LYS B 354 43.87 -9.62 -18.07
CA LYS B 354 44.17 -8.95 -19.33
C LYS B 354 44.05 -9.91 -20.50
N GLU B 355 44.54 -11.13 -20.32
CA GLU B 355 44.76 -11.99 -21.47
C GLU B 355 43.45 -12.56 -22.00
N ARG B 356 42.48 -12.76 -21.10
CA ARG B 356 41.16 -13.18 -21.54
C ARG B 356 40.49 -12.08 -22.38
N TYR B 357 40.68 -10.83 -21.99
CA TYR B 357 40.11 -9.73 -22.75
C TYR B 357 40.80 -9.58 -24.08
N GLU B 358 42.11 -9.78 -24.12
CA GLU B 358 42.82 -9.68 -25.40
C GLU B 358 42.46 -10.82 -26.33
N LEU B 359 42.22 -12.02 -25.78
CA LEU B 359 41.55 -13.09 -26.50
C LEU B 359 40.20 -12.68 -27.04
N HIS B 360 39.46 -11.85 -26.34
CA HIS B 360 38.20 -11.41 -26.92
C HIS B 360 38.44 -10.40 -28.04
N HIS B 361 39.03 -9.26 -27.73
CA HIS B 361 38.95 -8.10 -28.60
C HIS B 361 40.07 -8.01 -29.60
N HIS B 362 40.92 -9.03 -29.69
CA HIS B 362 41.93 -9.16 -30.73
C HIS B 362 43.00 -8.07 -30.68
N VAL B 363 43.12 -7.40 -29.55
CA VAL B 363 44.02 -6.25 -29.43
C VAL B 363 44.92 -6.45 -28.23
N GLN B 364 45.72 -5.44 -27.91
CA GLN B 364 46.70 -5.53 -26.84
C GLN B 364 46.45 -4.40 -25.85
N ILE B 365 46.92 -4.60 -24.63
CA ILE B 365 46.64 -3.69 -23.52
C ILE B 365 47.94 -3.31 -22.85
N THR B 366 48.10 -2.03 -22.52
CA THR B 366 49.30 -1.50 -21.90
C THR B 366 49.05 -1.27 -20.43
N ASP B 367 50.00 -1.72 -19.61
CA ASP B 367 49.82 -1.73 -18.16
C ASP B 367 49.67 -0.35 -17.48
N PRO B 368 50.31 0.74 -17.93
CA PRO B 368 49.93 2.04 -17.37
C PRO B 368 48.49 2.43 -17.61
N ALA B 369 47.90 2.00 -18.74
CA ALA B 369 46.48 2.22 -18.92
C ALA B 369 45.67 1.41 -17.93
N ILE B 370 46.18 0.25 -17.52
CA ILE B 370 45.49 -0.56 -16.51
C ILE B 370 45.49 0.14 -15.17
N VAL B 371 46.66 0.61 -14.73
CA VAL B 371 46.72 1.21 -13.41
C VAL B 371 46.03 2.57 -13.42
N ALA B 372 46.03 3.25 -14.58
CA ALA B 372 45.27 4.48 -14.68
C ALA B 372 43.79 4.21 -14.68
N ALA B 373 43.36 3.08 -15.24
CA ALA B 373 41.96 2.70 -15.18
C ALA B 373 41.52 2.48 -13.76
N ALA B 374 42.39 1.87 -12.96
CA ALA B 374 42.09 1.68 -11.54
C ALA B 374 41.96 3.01 -10.81
N THR B 375 42.92 3.91 -11.02
CA THR B 375 42.93 5.20 -10.32
C THR B 375 41.73 6.04 -10.70
N LEU B 376 41.47 6.18 -12.00
CA LEU B 376 40.37 6.99 -12.48
C LEU B 376 39.03 6.43 -12.05
N SER B 377 38.83 5.12 -12.20
CA SER B 377 37.57 4.51 -11.82
C SER B 377 37.33 4.59 -10.33
N HIS B 378 38.40 4.62 -9.55
CA HIS B 378 38.17 4.69 -8.14
C HIS B 378 37.88 6.10 -7.69
N ARG B 379 38.41 7.09 -8.39
CA ARG B 379 38.22 8.45 -7.91
C ARG B 379 36.96 9.10 -8.45
N TYR B 380 36.62 8.86 -9.70
CA TYR B 380 35.70 9.77 -10.33
C TYR B 380 34.28 9.24 -10.41
N ILE B 381 34.09 7.95 -10.68
CA ILE B 381 32.78 7.34 -10.60
C ILE B 381 32.38 7.25 -9.13
N ALA B 382 31.09 7.10 -8.86
CA ALA B 382 30.65 6.65 -7.56
C ALA B 382 29.53 5.63 -7.65
N ASP B 383 29.15 5.21 -8.86
CA ASP B 383 27.93 4.43 -9.04
C ASP B 383 28.16 2.95 -8.78
N ARG B 384 28.93 2.30 -9.62
CA ARG B 384 29.20 0.88 -9.46
C ARG B 384 30.34 0.74 -8.47
N GLN B 385 30.85 -0.47 -8.30
CA GLN B 385 31.93 -0.66 -7.34
C GLN B 385 33.07 -1.44 -7.97
N LEU B 386 34.24 -1.36 -7.33
CA LEU B 386 35.41 -2.06 -7.80
C LEU B 386 35.18 -3.55 -7.69
N PRO B 387 35.75 -4.34 -8.59
CA PRO B 387 36.61 -4.05 -9.72
C PRO B 387 35.82 -3.99 -10.98
N ASP B 388 34.50 -3.94 -10.82
CA ASP B 388 33.64 -4.18 -11.96
C ASP B 388 33.63 -2.99 -12.90
N LYS B 389 33.65 -1.78 -12.34
CA LYS B 389 33.67 -0.58 -13.17
C LYS B 389 34.98 -0.47 -13.94
N ALA B 390 36.08 -0.93 -13.36
CA ALA B 390 37.33 -0.94 -14.09
C ALA B 390 37.29 -1.95 -15.22
N ILE B 391 36.69 -3.10 -14.96
CA ILE B 391 36.48 -4.11 -16.00
C ILE B 391 35.69 -3.52 -17.15
N ASP B 392 34.68 -2.73 -16.84
CA ASP B 392 33.82 -2.21 -17.89
C ASP B 392 34.53 -1.14 -18.70
N LEU B 393 35.35 -0.31 -18.03
CA LEU B 393 36.16 0.66 -18.74
C LEU B 393 37.07 -0.03 -19.74
N ILE B 394 37.76 -1.08 -19.27
CA ILE B 394 38.75 -1.74 -20.09
C ILE B 394 38.10 -2.40 -21.29
N ASP B 395 37.00 -3.11 -21.06
CA ASP B 395 36.28 -3.77 -22.14
C ASP B 395 35.73 -2.75 -23.12
N GLU B 396 35.28 -1.60 -22.63
CA GLU B 396 34.63 -0.65 -23.51
C GLU B 396 35.65 0.05 -24.40
N ALA B 397 36.83 0.30 -23.84
CA ALA B 397 37.90 0.84 -24.65
C ALA B 397 38.35 -0.15 -25.71
N ALA B 398 38.38 -1.43 -25.33
CA ALA B 398 38.80 -2.45 -26.30
C ALA B 398 37.78 -2.58 -27.42
N SER B 399 36.49 -2.39 -27.11
CA SER B 399 35.47 -2.40 -28.14
C SER B 399 35.63 -1.24 -29.10
N SER B 400 35.93 -0.06 -28.56
CA SER B 400 36.11 1.11 -29.41
C SER B 400 37.31 0.95 -30.31
N ILE B 401 38.36 0.31 -29.79
CA ILE B 401 39.55 0.11 -30.60
C ILE B 401 39.29 -0.93 -31.69
N ARG B 402 38.55 -1.99 -31.36
CA ARG B 402 38.22 -2.99 -32.36
C ARG B 402 37.38 -2.41 -33.49
N MET B 403 36.45 -1.52 -33.16
CA MET B 403 35.66 -0.90 -34.23
C MET B 403 36.41 0.21 -34.94
N GLN B 404 37.41 0.83 -34.31
CA GLN B 404 38.30 1.68 -35.09
C GLN B 404 39.10 0.85 -36.08
N ILE B 405 39.45 -0.39 -35.70
CA ILE B 405 40.20 -1.24 -36.60
C ILE B 405 39.36 -1.65 -37.80
N ASP B 406 38.12 -2.07 -37.57
CA ASP B 406 37.31 -2.53 -38.68
C ASP B 406 36.42 -1.41 -39.23
N SER B 407 36.90 -0.18 -39.23
CA SER B 407 36.15 0.95 -39.78
C SER B 407 36.47 1.16 -41.26
N PRO B 409 38.33 3.54 -42.28
CA PRO B 409 38.94 4.59 -41.46
C PRO B 409 38.54 5.99 -41.89
N GLU B 410 38.89 6.98 -41.06
CA GLU B 410 38.37 8.34 -41.26
C GLU B 410 39.00 9.01 -42.47
N GLU B 411 40.29 8.74 -42.73
CA GLU B 411 40.87 9.19 -43.98
C GLU B 411 40.26 8.47 -45.17
N LEU B 412 39.92 7.19 -45.00
CA LEU B 412 39.19 6.49 -46.04
C LEU B 412 37.78 7.05 -46.19
N ASP B 413 37.19 7.53 -45.08
CA ASP B 413 35.89 8.18 -45.15
C ASP B 413 35.97 9.48 -45.94
N ARG B 414 37.01 10.28 -45.70
CA ARG B 414 37.19 11.54 -46.42
C ARG B 414 37.50 11.30 -47.88
N LEU B 415 38.31 10.29 -48.17
CA LEU B 415 38.63 9.96 -49.55
C LEU B 415 37.43 9.37 -50.28
N ASP B 416 36.57 8.63 -49.58
CA ASP B 416 35.41 8.04 -50.24
C ASP B 416 34.34 9.11 -50.50
N ARG B 417 34.16 10.02 -49.56
CA ARG B 417 33.25 11.15 -49.79
C ARG B 417 33.81 12.07 -50.86
N ARG B 418 35.14 12.17 -50.94
CA ARG B 418 35.78 12.96 -51.98
C ARG B 418 35.58 12.34 -53.35
N ILE B 419 35.73 11.02 -53.47
CA ILE B 419 35.60 10.40 -54.79
C ILE B 419 34.14 10.35 -55.21
N ILE B 420 33.19 10.25 -54.27
CA ILE B 420 31.79 10.29 -54.70
C ILE B 420 31.38 11.71 -55.06
N GLN B 421 31.98 12.73 -54.41
CA GLN B 421 31.70 14.11 -54.77
C GLN B 421 32.26 14.43 -56.15
N LEU B 422 33.48 13.98 -56.44
CA LEU B 422 34.08 14.22 -57.74
C LEU B 422 33.40 13.38 -58.83
N LYS B 423 32.86 12.22 -58.46
CA LYS B 423 32.11 11.41 -59.41
C LYS B 423 30.79 12.07 -59.79
N LEU B 424 30.09 12.62 -58.80
CA LEU B 424 28.86 13.36 -59.07
C LEU B 424 29.14 14.61 -59.91
N GLU B 425 30.25 15.29 -59.62
CA GLU B 425 30.63 16.48 -60.37
C GLU B 425 31.00 16.13 -61.81
N GLN B 426 31.72 15.02 -62.01
CA GLN B 426 32.13 14.61 -63.34
C GLN B 426 30.93 14.14 -64.17
N GLN B 427 29.99 13.44 -63.53
CA GLN B 427 28.79 13.02 -64.25
C GLN B 427 27.88 14.22 -64.54
N ALA B 428 27.90 15.24 -63.70
CA ALA B 428 27.18 16.47 -64.01
C ALA B 428 27.84 17.23 -65.15
N LEU B 429 29.17 17.13 -65.28
CA LEU B 429 29.85 17.79 -66.38
C LEU B 429 29.72 17.03 -67.70
N MET B 430 29.41 15.73 -67.66
CA MET B 430 29.22 14.97 -68.89
C MET B 430 27.84 15.23 -69.47
N LEU B 441 38.67 20.02 -71.12
CA LEU B 441 38.21 20.70 -69.93
C LEU B 441 38.28 19.80 -68.70
N ASP B 442 38.19 18.48 -68.94
CA ASP B 442 37.74 17.52 -67.94
C ASP B 442 38.59 17.46 -66.67
N MET B 443 39.79 16.88 -66.77
CA MET B 443 40.82 16.78 -65.72
C MET B 443 40.40 15.95 -64.49
N LEU B 444 39.14 15.56 -64.43
CA LEU B 444 38.53 15.09 -63.20
C LEU B 444 38.47 13.57 -63.27
N ASN B 445 38.55 13.02 -64.48
CA ASN B 445 38.86 11.61 -64.64
C ASN B 445 40.23 11.30 -64.06
N GLU B 446 41.21 12.18 -64.33
CA GLU B 446 42.55 12.00 -63.80
C GLU B 446 42.59 12.22 -62.29
N GLU B 447 41.92 13.29 -61.82
CA GLU B 447 41.86 13.55 -60.39
C GLU B 447 41.13 12.45 -59.62
N LEU B 448 40.06 11.91 -60.20
CA LEU B 448 39.29 10.83 -59.58
C LEU B 448 40.09 9.54 -59.58
N SER B 449 40.86 9.29 -60.65
CA SER B 449 41.71 8.11 -60.70
C SER B 449 42.82 8.19 -59.65
N ASP B 450 43.40 9.38 -59.46
CA ASP B 450 44.43 9.56 -58.45
C ASP B 450 43.86 9.38 -57.04
N LYS B 451 42.67 9.95 -56.79
CA LYS B 451 42.07 9.83 -55.46
C LYS B 451 41.58 8.42 -55.17
N GLU B 452 41.06 7.71 -56.17
CA GLU B 452 40.66 6.33 -55.98
C GLU B 452 41.86 5.40 -55.84
N ARG B 453 42.98 5.71 -56.49
CA ARG B 453 44.20 4.94 -56.27
C ARG B 453 44.74 5.16 -54.86
N GLN B 454 44.69 6.41 -54.38
CA GLN B 454 45.09 6.71 -53.00
C GLN B 454 44.18 6.01 -52.00
N TYR B 455 42.86 6.03 -52.26
CA TYR B 455 41.90 5.33 -51.43
C TYR B 455 42.12 3.82 -51.44
N SER B 456 42.49 3.26 -52.59
CA SER B 456 42.75 1.83 -52.70
C SER B 456 44.04 1.45 -51.95
N GLU B 457 45.05 2.31 -52.00
CA GLU B 457 46.29 2.05 -51.26
C GLU B 457 46.08 2.12 -49.76
N LEU B 458 45.30 3.12 -49.32
CA LEU B 458 44.95 3.23 -47.90
C LEU B 458 44.10 2.05 -47.45
N GLU B 459 43.22 1.58 -48.33
CA GLU B 459 42.39 0.43 -48.03
C GLU B 459 43.22 -0.85 -47.97
N GLU B 460 44.21 -0.97 -48.85
CA GLU B 460 45.07 -2.15 -48.84
C GLU B 460 45.97 -2.16 -47.62
N GLU B 461 46.40 -0.96 -47.18
CA GLU B 461 47.13 -0.84 -45.92
C GLU B 461 46.24 -1.24 -44.74
N TRP B 462 44.97 -0.85 -44.80
CA TRP B 462 43.98 -1.22 -43.78
C TRP B 462 43.81 -2.73 -43.72
N LYS B 463 43.71 -3.38 -44.89
CA LYS B 463 43.55 -4.84 -44.94
C LYS B 463 44.82 -5.56 -44.49
N ALA B 464 45.98 -4.99 -44.78
CA ALA B 464 47.24 -5.59 -44.35
C ALA B 464 47.39 -5.52 -42.84
N GLU B 465 47.01 -4.38 -42.25
CA GLU B 465 46.99 -4.25 -40.79
C GLU B 465 46.00 -5.23 -40.16
N LYS B 466 44.84 -5.39 -40.79
CA LYS B 466 43.84 -6.32 -40.28
C LYS B 466 44.34 -7.77 -40.32
N ALA B 467 45.01 -8.14 -41.41
CA ALA B 467 45.57 -9.48 -41.54
C ALA B 467 46.68 -9.72 -40.53
N SER B 468 47.51 -8.70 -40.30
CA SER B 468 48.63 -8.82 -39.36
C SER B 468 48.14 -9.00 -37.93
N LEU B 469 47.20 -8.16 -37.51
CA LEU B 469 46.66 -8.27 -36.16
C LEU B 469 45.83 -9.53 -36.00
N SER B 470 45.22 -10.01 -37.08
CA SER B 470 44.47 -11.26 -37.03
C SER B 470 45.41 -12.44 -36.78
N GLY B 471 46.54 -12.49 -37.50
CA GLY B 471 47.48 -13.57 -37.30
C GLY B 471 48.14 -13.52 -35.93
N THR B 472 48.45 -12.31 -35.47
CA THR B 472 48.98 -12.11 -34.13
C THR B 472 48.01 -12.58 -33.05
N GLN B 473 46.71 -12.31 -33.25
CA GLN B 473 45.74 -12.75 -32.26
C GLN B 473 45.53 -14.26 -32.29
N THR B 474 45.57 -14.87 -33.48
CA THR B 474 45.45 -16.33 -33.56
C THR B 474 46.61 -17.03 -32.85
N ILE B 475 47.82 -16.50 -33.00
CA ILE B 475 48.94 -17.17 -32.35
C ILE B 475 48.98 -16.86 -30.86
N LYS B 476 48.43 -15.71 -30.44
CA LYS B 476 48.26 -15.45 -29.00
C LYS B 476 47.20 -16.37 -28.39
N ALA B 477 46.15 -16.67 -29.16
CA ALA B 477 45.12 -17.61 -28.71
C ALA B 477 45.69 -19.02 -28.57
N GLU B 478 46.58 -19.39 -29.49
CA GLU B 478 47.25 -20.69 -29.38
C GLU B 478 48.22 -20.71 -28.21
N LEU B 479 48.80 -19.57 -27.87
CA LEU B 479 49.59 -19.46 -26.65
C LEU B 479 48.75 -19.69 -25.39
N GLU B 480 47.56 -19.08 -25.35
CA GLU B 480 46.70 -19.27 -24.17
C GLU B 480 46.18 -20.70 -24.09
N GLN B 481 45.89 -21.31 -25.23
CA GLN B 481 45.55 -22.73 -25.23
C GLN B 481 46.73 -23.60 -24.81
N ALA B 482 47.95 -23.15 -25.08
CA ALA B 482 49.13 -23.85 -24.57
C ALA B 482 49.22 -23.75 -23.05
N LYS B 483 48.85 -22.59 -22.50
CA LYS B 483 48.83 -22.41 -21.04
C LYS B 483 47.79 -23.33 -20.40
N ILE B 484 46.59 -23.39 -20.99
CA ILE B 484 45.54 -24.27 -20.49
C ILE B 484 45.94 -25.73 -20.63
N ALA B 485 46.64 -26.08 -21.72
CA ALA B 485 47.03 -27.46 -21.94
C ALA B 485 48.13 -27.90 -20.99
N ILE B 486 49.07 -27.02 -20.68
CA ILE B 486 50.11 -27.41 -19.72
C ILE B 486 49.52 -27.46 -18.31
N GLU B 487 48.46 -26.69 -18.02
CA GLU B 487 47.80 -26.90 -16.74
C GLU B 487 47.01 -28.20 -16.69
N GLN B 488 46.42 -28.62 -17.81
CA GLN B 488 45.81 -29.95 -17.88
C GLN B 488 46.86 -31.04 -17.71
N ALA B 489 48.08 -30.78 -18.21
CA ALA B 489 49.17 -31.73 -17.99
C ALA B 489 49.65 -31.72 -16.54
N ARG B 490 49.54 -30.57 -15.86
CA ARG B 490 49.85 -30.53 -14.43
C ARG B 490 48.85 -31.34 -13.61
N ARG B 491 47.56 -31.26 -13.95
CA ARG B 491 46.56 -32.04 -13.23
C ARG B 491 46.64 -33.52 -13.56
N VAL B 492 46.63 -33.88 -14.85
CA VAL B 492 46.62 -35.27 -15.27
C VAL B 492 47.95 -35.98 -15.02
N GLY B 493 49.06 -35.42 -15.48
CA GLY B 493 50.36 -36.00 -15.18
C GLY B 493 51.01 -36.75 -16.31
N ASP B 494 50.93 -36.22 -17.53
CA ASP B 494 51.67 -36.80 -18.64
C ASP B 494 53.12 -36.33 -18.57
N LEU B 495 54.03 -37.20 -19.01
CA LEU B 495 55.45 -37.00 -18.76
C LEU B 495 56.11 -36.14 -19.82
N ALA B 496 56.08 -36.57 -21.08
CA ALA B 496 56.69 -35.81 -22.15
C ALA B 496 55.91 -34.55 -22.49
N ARG B 497 54.64 -34.50 -22.11
CA ARG B 497 53.78 -33.36 -22.42
C ARG B 497 54.25 -32.11 -21.68
N MET B 498 54.73 -32.28 -20.45
CA MET B 498 55.18 -31.15 -19.62
C MET B 498 56.35 -30.41 -20.25
N SER B 499 57.50 -31.08 -20.35
CA SER B 499 58.70 -30.49 -20.92
C SER B 499 58.53 -30.16 -22.40
N GLU B 500 57.74 -30.97 -23.11
CA GLU B 500 57.45 -30.72 -24.52
C GLU B 500 56.73 -29.39 -24.71
N LEU B 501 55.56 -29.23 -24.07
CA LEU B 501 54.77 -28.00 -24.20
C LEU B 501 55.53 -26.79 -23.67
N GLN B 502 56.23 -26.94 -22.54
CA GLN B 502 57.01 -25.83 -22.00
C GLN B 502 58.11 -25.39 -22.96
N TYR B 503 59.11 -26.25 -23.15
CA TYR B 503 60.33 -25.84 -23.82
C TYR B 503 60.14 -25.67 -25.32
N GLY B 504 59.14 -26.33 -25.92
CA GLY B 504 58.80 -26.01 -27.28
C GLY B 504 57.90 -24.79 -27.39
N LYS B 505 56.68 -24.89 -26.85
CA LYS B 505 55.61 -23.99 -27.23
C LYS B 505 55.75 -22.62 -26.58
N ILE B 506 56.32 -22.54 -25.38
CA ILE B 506 56.41 -21.23 -24.71
C ILE B 506 57.43 -20.28 -25.35
N PRO B 507 58.73 -20.63 -25.51
CA PRO B 507 59.66 -19.58 -25.95
C PRO B 507 59.53 -19.18 -27.41
N GLU B 508 59.21 -20.11 -28.32
CA GLU B 508 59.09 -19.74 -29.72
C GLU B 508 57.84 -18.89 -29.98
N LEU B 509 56.73 -19.21 -29.29
CA LEU B 509 55.53 -18.41 -29.47
C LEU B 509 55.66 -17.06 -28.79
N GLU B 510 56.38 -17.00 -27.67
CA GLU B 510 56.66 -15.70 -27.05
C GLU B 510 57.53 -14.82 -27.95
N LYS B 511 58.58 -15.38 -28.56
CA LYS B 511 59.45 -14.54 -29.38
C LYS B 511 58.80 -14.15 -30.70
N GLN B 512 58.01 -15.03 -31.33
CA GLN B 512 57.38 -14.58 -32.56
C GLN B 512 56.08 -13.82 -32.31
N LEU B 513 55.52 -13.89 -31.10
CA LEU B 513 54.42 -13.01 -30.75
C LEU B 513 54.94 -11.61 -30.48
N GLU B 514 56.12 -11.50 -29.86
CA GLU B 514 56.79 -10.20 -29.77
C GLU B 514 57.26 -9.68 -31.13
N ALA B 515 57.65 -10.58 -32.04
CA ALA B 515 57.99 -10.18 -33.40
C ALA B 515 56.78 -9.68 -34.16
N ALA B 516 55.63 -10.34 -33.99
CA ALA B 516 54.39 -9.84 -34.56
C ALA B 516 53.96 -8.53 -33.91
N THR B 517 54.26 -8.35 -32.62
CA THR B 517 53.93 -7.11 -31.93
C THR B 517 54.74 -5.92 -32.46
N GLN B 518 56.04 -6.11 -32.64
CA GLN B 518 56.85 -5.04 -33.21
C GLN B 518 56.56 -4.86 -34.70
N LEU B 519 56.12 -5.92 -35.38
CA LEU B 519 55.61 -5.78 -36.74
C LEU B 519 54.36 -4.91 -36.79
N GLU B 520 53.48 -5.09 -35.81
CA GLU B 520 52.32 -4.21 -35.68
C GLU B 520 52.74 -2.77 -35.41
N GLY B 521 53.72 -2.59 -34.52
CA GLY B 521 54.23 -1.25 -34.23
C GLY B 521 54.88 -0.60 -35.42
N LYS B 522 55.39 -1.40 -36.34
CA LYS B 522 55.84 -0.89 -37.63
C LYS B 522 54.67 -0.53 -38.54
N THR B 523 53.70 -1.46 -38.71
CA THR B 523 52.76 -1.31 -39.81
C THR B 523 51.53 -0.49 -39.45
N MET B 524 51.24 -0.30 -38.16
CA MET B 524 50.08 0.49 -37.78
C MET B 524 50.40 1.97 -37.96
N ARG B 525 49.88 2.54 -39.03
CA ARG B 525 50.11 3.94 -39.37
C ARG B 525 48.84 4.75 -39.23
N LEU B 526 47.78 4.29 -39.90
CA LEU B 526 46.51 4.99 -39.94
C LEU B 526 45.77 4.89 -38.62
N LEU B 527 45.91 3.76 -37.93
CA LEU B 527 45.05 3.45 -36.80
C LEU B 527 45.85 3.22 -35.53
N ARG B 528 45.24 2.53 -34.57
CA ARG B 528 45.88 2.19 -33.32
C ARG B 528 45.58 0.73 -33.01
N ASN B 529 46.42 0.13 -32.18
CA ASN B 529 46.21 -1.27 -31.82
C ASN B 529 46.22 -1.55 -30.33
N LYS B 530 47.05 -0.88 -29.55
CA LYS B 530 47.13 -1.16 -28.14
C LYS B 530 46.20 -0.25 -27.36
N VAL B 531 45.80 -0.75 -26.20
CA VAL B 531 44.96 0.01 -25.29
C VAL B 531 45.85 0.97 -24.51
N THR B 532 45.66 2.26 -24.74
CA THR B 532 46.39 3.29 -24.04
C THR B 532 45.46 4.06 -23.11
N ASP B 533 46.06 4.81 -22.19
CA ASP B 533 45.30 5.54 -21.19
C ASP B 533 44.46 6.64 -21.81
N ALA B 534 44.89 7.14 -22.96
CA ALA B 534 44.09 8.09 -23.69
C ALA B 534 42.74 7.50 -24.09
N GLU B 535 42.75 6.23 -24.50
CA GLU B 535 41.51 5.55 -24.87
C GLU B 535 40.62 5.37 -23.65
N ILE B 536 41.24 5.02 -22.52
CA ILE B 536 40.52 4.85 -21.26
C ILE B 536 39.86 6.14 -20.86
N ALA B 537 40.59 7.23 -20.97
CA ALA B 537 40.05 8.51 -20.56
C ALA B 537 39.01 9.01 -21.54
N GLU B 538 39.11 8.62 -22.81
CA GLU B 538 38.01 8.85 -23.76
C GLU B 538 36.74 8.19 -23.26
N VAL B 539 36.85 6.92 -22.87
CA VAL B 539 35.70 6.17 -22.44
C VAL B 539 35.13 6.75 -21.15
N LEU B 540 36.00 7.25 -20.29
CA LEU B 540 35.51 7.79 -19.03
C LEU B 540 34.85 9.14 -19.23
N ALA B 541 35.41 9.97 -20.11
CA ALA B 541 34.81 11.28 -20.33
C ALA B 541 33.49 11.15 -21.06
N ARG B 542 33.40 10.27 -22.05
CA ARG B 542 32.13 10.05 -22.72
C ARG B 542 31.14 9.37 -21.81
N TRP B 543 31.64 8.59 -20.88
CA TRP B 543 30.80 7.63 -20.19
C TRP B 543 29.97 8.32 -19.13
N THR B 544 30.57 9.24 -18.38
CA THR B 544 29.82 10.10 -17.47
C THR B 544 29.95 11.57 -17.81
N GLY B 545 31.17 12.09 -17.94
CA GLY B 545 31.28 13.51 -18.16
C GLY B 545 32.40 14.21 -17.43
N ILE B 546 33.30 13.46 -16.79
CA ILE B 546 34.45 14.11 -16.19
C ILE B 546 35.47 14.42 -17.29
N PRO B 547 35.92 15.66 -17.40
CA PRO B 547 36.91 16.01 -18.42
C PRO B 547 38.30 15.47 -18.10
N VAL B 548 38.54 14.18 -18.37
CA VAL B 548 39.74 13.55 -17.84
C VAL B 548 40.93 13.77 -18.76
N SER B 549 40.71 13.58 -20.06
CA SER B 549 41.71 13.04 -20.99
C SER B 549 42.92 13.95 -21.13
N ARG B 550 43.99 13.38 -21.69
CA ARG B 550 45.19 14.16 -21.93
C ARG B 550 44.90 15.22 -23.00
N MET B 551 45.52 16.38 -22.84
CA MET B 551 45.07 17.56 -23.54
C MET B 551 45.53 17.54 -24.99
N MET B 552 44.59 17.71 -25.90
CA MET B 552 44.95 18.08 -27.26
C MET B 552 45.30 19.55 -27.32
N GLU B 553 45.81 19.98 -28.47
CA GLU B 553 46.44 21.28 -28.58
C GLU B 553 45.45 22.42 -28.45
N SER B 554 44.30 22.29 -29.11
CA SER B 554 43.34 23.38 -29.14
C SER B 554 42.74 23.63 -27.77
N GLU B 555 42.36 22.56 -27.07
CA GLU B 555 41.79 22.72 -25.74
C GLU B 555 42.83 23.20 -24.74
N ARG B 556 44.07 22.75 -24.88
CA ARG B 556 45.09 23.15 -23.92
C ARG B 556 45.51 24.60 -24.12
N GLU B 557 45.74 25.01 -25.36
CA GLU B 557 46.06 26.41 -25.61
C GLU B 557 44.86 27.30 -25.39
N LYS B 558 43.65 26.76 -25.53
CA LYS B 558 42.45 27.46 -25.13
C LYS B 558 42.46 27.71 -23.63
N LEU B 559 42.91 26.71 -22.86
CA LEU B 559 42.96 26.85 -21.43
C LEU B 559 44.06 27.82 -21.00
N LEU B 560 45.15 27.84 -21.76
CA LEU B 560 46.23 28.79 -21.49
C LEU B 560 45.79 30.22 -21.74
N ARG B 561 44.84 30.41 -22.64
CA ARG B 561 44.30 31.73 -22.93
C ARG B 561 42.91 31.86 -22.34
N MET B 562 42.75 31.32 -21.13
CA MET B 562 41.48 31.44 -20.41
C MET B 562 41.11 32.89 -20.18
N GLU B 563 42.08 33.70 -19.80
CA GLU B 563 41.86 35.08 -19.44
C GLU B 563 41.44 35.89 -20.65
N GLN B 564 42.06 35.59 -21.78
CA GLN B 564 41.69 36.21 -23.04
C GLN B 564 40.26 35.86 -23.43
N GLU B 565 39.88 34.60 -23.24
CA GLU B 565 38.52 34.20 -23.59
C GLU B 565 37.50 34.81 -22.66
N LEU B 566 37.89 35.06 -21.41
CA LEU B 566 36.98 35.75 -20.52
C LEU B 566 36.79 37.18 -20.95
N HIS B 567 37.88 37.86 -21.29
CA HIS B 567 37.72 39.23 -21.71
C HIS B 567 37.26 39.37 -23.14
N HIS B 568 37.06 38.25 -23.84
CA HIS B 568 36.20 38.26 -25.01
C HIS B 568 34.75 38.47 -24.62
N ARG B 569 34.37 38.13 -23.40
CA ARG B 569 33.01 38.37 -22.94
C ARG B 569 32.90 39.17 -21.67
N VAL B 570 33.96 39.27 -20.88
CA VAL B 570 33.89 40.02 -19.63
C VAL B 570 35.03 41.03 -19.63
N ILE B 571 34.73 42.26 -20.02
CA ILE B 571 35.63 43.36 -19.75
C ILE B 571 35.52 43.75 -18.27
N GLY B 572 36.63 44.22 -17.71
CA GLY B 572 36.67 44.65 -16.34
C GLY B 572 36.78 43.49 -15.37
N GLN B 573 37.11 43.85 -14.13
CA GLN B 573 37.16 42.97 -12.96
C GLN B 573 38.13 41.81 -13.18
N ASN B 574 39.40 42.18 -13.34
CA ASN B 574 40.45 41.23 -13.70
C ASN B 574 40.75 40.24 -12.59
N GLU B 575 40.42 40.59 -11.35
CA GLU B 575 40.72 39.75 -10.20
C GLU B 575 40.04 38.40 -10.34
N ALA B 576 38.76 38.41 -10.65
CA ALA B 576 38.02 37.16 -10.72
C ALA B 576 38.39 36.36 -11.95
N VAL B 577 38.73 37.05 -13.04
CA VAL B 577 39.24 36.39 -14.23
C VAL B 577 40.48 35.57 -13.90
N ASP B 578 41.42 36.20 -13.21
CA ASP B 578 42.65 35.53 -12.84
C ASP B 578 42.38 34.40 -11.86
N ALA B 579 41.41 34.61 -10.95
CA ALA B 579 41.08 33.62 -9.93
C ALA B 579 40.51 32.35 -10.56
N VAL B 580 39.45 32.51 -11.34
CA VAL B 580 38.81 31.34 -11.92
C VAL B 580 39.67 30.71 -12.99
N SER B 581 40.51 31.51 -13.65
CA SER B 581 41.46 30.97 -14.60
C SER B 581 42.45 30.05 -13.90
N ASN B 582 42.94 30.48 -12.74
CA ASN B 582 43.81 29.61 -11.95
C ASN B 582 43.09 28.37 -11.49
N ALA B 583 41.81 28.51 -11.16
CA ALA B 583 41.05 27.38 -10.65
C ALA B 583 40.92 26.30 -11.70
N ILE B 584 40.48 26.68 -12.90
CA ILE B 584 40.22 25.66 -13.89
C ILE B 584 41.53 25.17 -14.52
N ARG B 585 42.58 25.98 -14.52
CA ARG B 585 43.88 25.46 -14.92
C ARG B 585 44.40 24.43 -13.94
N ARG B 586 44.10 24.60 -12.65
CA ARG B 586 44.47 23.54 -11.72
C ARG B 586 43.58 22.33 -11.87
N SER B 587 42.32 22.56 -12.24
CA SER B 587 41.38 21.47 -12.41
C SER B 587 41.80 20.56 -13.56
N ARG B 588 41.84 21.11 -14.77
CA ARG B 588 42.29 20.32 -15.91
C ARG B 588 43.75 19.97 -15.79
N ALA B 589 44.51 20.71 -15.00
CA ALA B 589 45.84 20.27 -14.65
C ALA B 589 45.78 19.01 -13.80
N GLY B 590 44.81 18.95 -12.90
CA GLY B 590 44.69 17.79 -12.04
C GLY B 590 45.49 17.87 -10.76
N LEU B 591 45.65 19.06 -10.21
CA LEU B 591 46.36 19.21 -8.94
C LEU B 591 45.43 19.49 -7.79
N ALA B 592 44.14 19.25 -7.97
CA ALA B 592 43.19 19.60 -6.94
C ALA B 592 43.28 18.63 -5.78
N ASP B 593 42.68 19.02 -4.69
CA ASP B 593 42.66 18.20 -3.50
C ASP B 593 41.58 17.13 -3.65
N PRO B 594 41.92 15.85 -3.52
CA PRO B 594 40.90 14.81 -3.65
C PRO B 594 39.95 14.68 -2.48
N ASN B 595 39.98 15.63 -1.56
CA ASN B 595 38.98 15.71 -0.51
C ASN B 595 38.29 17.05 -0.48
N ARG B 596 38.47 17.88 -1.50
CA ARG B 596 37.79 19.16 -1.57
C ARG B 596 37.30 19.33 -3.00
N PRO B 597 36.28 20.15 -3.22
CA PRO B 597 35.84 20.39 -4.59
C PRO B 597 36.81 21.33 -5.28
N ILE B 598 36.57 21.55 -6.57
CA ILE B 598 37.53 22.27 -7.38
C ILE B 598 37.48 23.75 -7.08
N GLY B 599 36.33 24.37 -7.28
CA GLY B 599 36.18 25.81 -7.11
C GLY B 599 35.28 26.13 -5.94
N SER B 600 35.70 27.11 -5.13
CA SER B 600 34.94 27.42 -3.94
C SER B 600 35.10 28.91 -3.61
N PHE B 601 34.23 29.75 -4.16
CA PHE B 601 34.50 31.17 -4.20
C PHE B 601 33.35 32.02 -3.71
N LEU B 602 33.68 33.27 -3.39
CA LEU B 602 32.75 34.22 -2.84
C LEU B 602 32.91 35.54 -3.58
N PHE B 603 31.83 36.04 -4.16
CA PHE B 603 31.89 37.24 -4.98
C PHE B 603 31.16 38.37 -4.29
N LEU B 604 31.86 39.47 -4.04
CA LEU B 604 31.30 40.62 -3.37
C LEU B 604 31.49 41.84 -4.24
N GLY B 605 30.39 42.39 -4.73
CA GLY B 605 30.41 43.56 -5.55
C GLY B 605 29.07 44.26 -5.50
N PRO B 606 28.97 45.40 -6.16
CA PRO B 606 27.72 46.15 -6.14
C PRO B 606 26.71 45.54 -7.09
N THR B 607 25.55 46.18 -7.16
CA THR B 607 24.44 45.65 -7.94
C THR B 607 24.75 45.75 -9.42
N GLY B 608 24.65 44.62 -10.10
CA GLY B 608 24.74 44.65 -11.54
C GLY B 608 26.12 44.92 -12.11
N VAL B 609 27.08 44.07 -11.83
CA VAL B 609 28.42 44.29 -12.36
C VAL B 609 28.96 43.04 -13.05
N GLY B 610 28.07 42.20 -13.58
CA GLY B 610 28.52 41.12 -14.43
C GLY B 610 28.95 39.86 -13.73
N LYS B 611 28.63 39.73 -12.45
CA LYS B 611 29.03 38.56 -11.68
C LYS B 611 28.33 37.32 -12.20
N THR B 612 27.01 37.42 -12.32
CA THR B 612 26.20 36.35 -12.86
C THR B 612 26.60 36.06 -14.29
N GLU B 613 26.87 37.10 -15.08
CA GLU B 613 27.28 36.85 -16.45
C GLU B 613 28.70 36.34 -16.52
N LEU B 614 29.53 36.65 -15.52
CA LEU B 614 30.84 36.01 -15.44
C LEU B 614 30.71 34.51 -15.29
N CYS B 615 29.89 34.08 -14.34
CA CYS B 615 29.72 32.65 -14.11
C CYS B 615 29.05 31.97 -15.28
N LYS B 616 28.13 32.67 -15.94
CA LYS B 616 27.52 32.15 -17.15
C LYS B 616 28.56 31.96 -18.25
N ALA B 617 29.50 32.90 -18.36
CA ALA B 617 30.54 32.75 -19.36
C ALA B 617 31.49 31.63 -19.00
N LEU B 618 31.68 31.38 -17.70
CA LEU B 618 32.52 30.27 -17.27
C LEU B 618 31.88 28.95 -17.64
N ALA B 619 30.57 28.88 -17.47
CA ALA B 619 29.83 27.72 -17.92
C ALA B 619 29.93 27.57 -19.42
N ASN B 620 29.88 28.69 -20.14
CA ASN B 620 29.95 28.60 -21.59
C ASN B 620 31.34 28.30 -22.07
N PHE B 621 32.35 28.61 -21.26
CA PHE B 621 33.69 28.11 -21.56
C PHE B 621 33.74 26.62 -21.40
N MET B 622 33.33 26.13 -20.25
CA MET B 622 33.61 24.76 -19.88
C MET B 622 32.74 23.79 -20.66
N PHE B 623 31.54 24.21 -21.02
CA PHE B 623 30.50 23.31 -21.47
C PHE B 623 29.98 23.63 -22.84
N ASP B 624 30.35 24.77 -23.41
CA ASP B 624 29.67 25.40 -24.54
C ASP B 624 28.17 25.49 -24.28
N SER B 625 27.82 25.95 -23.08
CA SER B 625 26.44 26.06 -22.68
C SER B 625 26.33 27.12 -21.60
N ASP B 626 25.29 27.95 -21.70
CA ASP B 626 25.15 29.06 -20.76
C ASP B 626 24.53 28.58 -19.45
N GLU B 627 23.27 28.15 -19.50
CA GLU B 627 22.59 27.64 -18.31
C GLU B 627 22.54 26.12 -18.26
N ALA B 628 23.66 25.43 -18.46
CA ALA B 628 23.76 24.05 -17.98
C ALA B 628 24.44 24.02 -16.62
N MET B 629 23.98 24.93 -15.79
CA MET B 629 24.55 25.20 -14.49
C MET B 629 23.40 25.25 -13.51
N VAL B 630 23.56 24.62 -12.37
CA VAL B 630 22.45 24.47 -11.45
C VAL B 630 22.48 25.72 -10.58
N ARG B 631 21.92 26.79 -11.12
CA ARG B 631 21.75 28.00 -10.37
C ARG B 631 20.67 27.79 -9.32
N ILE B 632 21.01 27.93 -8.06
CA ILE B 632 20.06 27.74 -6.98
C ILE B 632 20.06 29.01 -6.16
N ASP B 633 19.08 29.85 -6.39
CA ASP B 633 19.10 31.21 -5.85
C ASP B 633 18.78 31.19 -4.37
N MET B 634 19.65 31.80 -3.57
CA MET B 634 19.45 31.84 -2.12
C MET B 634 18.40 32.83 -1.71
N SER B 635 17.88 33.62 -2.64
CA SER B 635 16.93 34.66 -2.32
C SER B 635 15.61 34.08 -1.83
N GLU B 636 15.28 32.88 -2.28
CA GLU B 636 14.05 32.23 -1.84
C GLU B 636 14.13 31.78 -0.40
N PHE B 637 15.33 31.63 0.13
CA PHE B 637 15.56 30.69 1.22
C PHE B 637 15.55 31.36 2.57
N MET B 638 14.69 32.33 2.75
CA MET B 638 14.88 33.26 3.85
C MET B 638 14.33 32.76 5.17
N GLU B 639 13.91 31.50 5.27
CA GLU B 639 13.79 30.88 6.59
C GLU B 639 14.48 29.53 6.58
N LYS B 640 14.36 28.79 7.67
CA LYS B 640 15.31 27.71 7.93
C LYS B 640 14.99 26.43 7.16
N HIS B 641 13.75 26.27 6.72
CA HIS B 641 13.29 25.06 6.05
C HIS B 641 13.99 24.78 4.73
N SER B 642 14.55 25.80 4.12
CA SER B 642 14.91 25.70 2.72
C SER B 642 16.13 24.84 2.50
N VAL B 643 16.89 24.57 3.55
CA VAL B 643 17.85 23.49 3.49
C VAL B 643 17.13 22.21 3.15
N SER B 644 16.01 21.98 3.79
CA SER B 644 15.24 20.82 3.44
C SER B 644 14.51 20.98 2.14
N ARG B 645 14.43 22.18 1.59
CA ARG B 645 14.10 22.22 0.18
C ARG B 645 15.21 21.60 -0.64
N LEU B 646 16.43 22.08 -0.46
CA LEU B 646 17.42 21.83 -1.48
C LEU B 646 18.16 20.49 -1.31
N VAL B 647 18.19 19.92 -0.11
CA VAL B 647 18.90 18.66 0.12
C VAL B 647 17.97 17.50 0.28
N GLY B 648 16.69 17.72 0.43
CA GLY B 648 15.77 16.63 0.64
C GLY B 648 15.05 16.76 1.96
N ALA B 649 14.11 15.85 2.13
CA ALA B 649 13.31 15.75 3.32
C ALA B 649 13.40 14.32 3.81
N PRO B 650 13.40 14.11 5.12
CA PRO B 650 13.78 12.83 5.68
C PRO B 650 12.71 11.78 5.44
N PRO B 651 12.94 10.52 5.80
CA PRO B 651 11.86 9.54 5.68
C PRO B 651 10.74 9.82 6.65
N GLY B 652 9.57 9.38 6.28
CA GLY B 652 8.41 9.65 7.08
C GLY B 652 7.68 10.86 6.61
N TYR B 653 8.38 11.93 6.38
CA TYR B 653 7.70 13.12 5.92
C TYR B 653 7.48 13.02 4.43
N VAL B 654 7.08 14.11 3.78
CA VAL B 654 6.54 14.01 2.44
C VAL B 654 7.64 13.85 1.43
N GLY B 655 8.67 14.66 1.51
CA GLY B 655 9.69 14.61 0.49
C GLY B 655 10.78 13.57 0.68
N TYR B 656 10.39 12.37 1.02
CA TYR B 656 11.38 11.31 0.98
C TYR B 656 11.37 10.61 -0.36
N GLU B 657 10.19 10.46 -0.97
CA GLU B 657 10.06 9.69 -2.20
C GLU B 657 10.81 10.34 -3.35
N GLU B 658 10.95 11.65 -3.32
CA GLU B 658 11.58 12.39 -4.39
C GLU B 658 13.08 12.38 -4.30
N GLY B 659 13.62 12.72 -3.13
CA GLY B 659 15.01 13.10 -3.00
C GLY B 659 15.16 14.58 -3.23
N GLY B 660 16.29 15.08 -2.83
CA GLY B 660 16.52 16.51 -2.87
C GLY B 660 16.70 17.05 -4.26
N TYR B 661 16.82 18.37 -4.32
CA TYR B 661 16.98 19.04 -5.58
C TYR B 661 18.44 19.11 -6.01
N LEU B 662 19.28 19.76 -5.22
CA LEU B 662 20.69 19.90 -5.57
C LEU B 662 21.38 18.57 -5.60
N THR B 663 20.98 17.64 -4.75
CA THR B 663 21.65 16.36 -4.72
C THR B 663 21.30 15.53 -5.94
N GLU B 664 20.07 15.62 -6.42
CA GLU B 664 19.79 14.93 -7.68
C GLU B 664 20.36 15.68 -8.87
N ALA B 665 20.55 16.99 -8.74
CA ALA B 665 21.18 17.75 -9.81
C ALA B 665 22.61 17.30 -10.00
N VAL B 666 23.34 17.13 -8.91
CA VAL B 666 24.72 16.73 -9.06
C VAL B 666 24.82 15.23 -9.32
N ARG B 667 23.90 14.42 -8.81
CA ARG B 667 23.98 13.01 -9.13
C ARG B 667 23.62 12.77 -10.58
N ARG B 668 22.81 13.64 -11.18
CA ARG B 668 22.60 13.54 -12.62
C ARG B 668 23.83 14.02 -13.39
N ARG B 669 24.17 15.29 -13.25
CA ARG B 669 25.32 15.87 -13.93
C ARG B 669 26.48 15.86 -12.96
N PRO B 670 27.49 15.00 -13.14
CA PRO B 670 28.52 14.87 -12.11
C PRO B 670 29.44 16.07 -12.07
N TYR B 671 29.68 16.67 -13.21
CA TYR B 671 30.68 17.72 -13.37
C TYR B 671 29.95 19.01 -13.77
N SER B 672 29.71 19.89 -12.80
CA SER B 672 28.82 21.02 -13.00
C SER B 672 29.43 22.28 -12.43
N VAL B 673 28.67 23.37 -12.50
CA VAL B 673 29.06 24.63 -11.89
C VAL B 673 27.87 25.14 -11.10
N ILE B 674 28.03 25.20 -9.80
CA ILE B 674 26.92 25.50 -8.91
C ILE B 674 27.04 26.95 -8.50
N LEU B 675 25.91 27.65 -8.55
CA LEU B 675 25.82 29.03 -8.13
C LEU B 675 24.92 29.10 -6.92
N LEU B 676 25.29 29.91 -5.94
CA LEU B 676 24.37 30.25 -4.86
C LEU B 676 24.22 31.76 -4.87
N ASP B 677 23.35 32.25 -5.73
CA ASP B 677 23.18 33.66 -5.96
C ASP B 677 22.38 34.26 -4.83
N ALA B 678 22.63 35.56 -4.60
CA ALA B 678 21.94 36.39 -3.59
C ALA B 678 22.06 35.80 -2.19
N VAL B 679 23.30 35.56 -1.80
CA VAL B 679 23.60 34.70 -0.65
C VAL B 679 23.77 35.60 0.57
N GLU B 680 23.31 36.83 0.44
CA GLU B 680 23.07 37.74 1.55
C GLU B 680 21.68 37.63 2.11
N LYS B 681 20.77 36.97 1.38
CA LYS B 681 19.36 36.99 1.71
C LYS B 681 19.01 36.03 2.83
N ALA B 682 19.61 34.86 2.84
CA ALA B 682 19.10 33.79 3.69
C ALA B 682 19.52 33.99 5.14
N HIS B 683 18.83 33.26 6.00
CA HIS B 683 19.18 33.14 7.40
C HIS B 683 20.60 32.58 7.50
N PRO B 684 21.37 32.99 8.50
CA PRO B 684 22.78 32.58 8.53
C PRO B 684 23.01 31.11 8.81
N ASP B 685 22.01 30.34 9.22
CA ASP B 685 22.22 28.90 9.20
C ASP B 685 21.56 28.23 7.99
N VAL B 686 21.75 28.76 6.79
CA VAL B 686 21.57 27.96 5.60
C VAL B 686 22.92 27.51 5.09
N PHE B 687 23.96 27.95 5.78
CA PHE B 687 25.34 27.75 5.42
C PHE B 687 25.92 26.57 6.16
N ASN B 688 25.19 25.49 6.30
CA ASN B 688 25.81 24.33 6.91
C ASN B 688 25.98 23.15 5.96
N ILE B 689 25.03 22.97 5.05
CA ILE B 689 25.28 22.15 3.88
C ILE B 689 26.51 22.63 3.14
N LEU B 690 26.68 23.93 3.06
CA LEU B 690 27.86 24.49 2.44
C LEU B 690 29.11 24.10 3.18
N LEU B 691 29.03 23.98 4.51
CA LEU B 691 30.18 23.51 5.29
C LEU B 691 30.53 22.07 4.95
N GLN B 692 29.53 21.23 4.76
CA GLN B 692 29.85 19.83 4.48
C GLN B 692 30.36 19.66 3.06
N VAL B 693 29.77 20.41 2.13
CA VAL B 693 30.21 20.47 0.75
C VAL B 693 31.66 20.90 0.69
N LEU B 694 32.01 21.98 1.35
CA LEU B 694 33.38 22.42 1.24
C LEU B 694 34.31 21.65 2.15
N ASP B 695 33.78 20.84 3.07
CA ASP B 695 34.64 19.96 3.84
C ASP B 695 35.15 18.82 2.98
N ASP B 696 34.26 17.91 2.55
CA ASP B 696 34.72 16.74 1.81
C ASP B 696 34.22 16.64 0.40
N GLY B 697 33.31 17.50 -0.02
CA GLY B 697 32.66 17.25 -1.27
C GLY B 697 31.65 16.15 -1.20
N ARG B 698 31.33 15.68 -0.01
CA ARG B 698 30.27 14.72 0.14
C ARG B 698 29.05 15.43 0.70
N LEU B 699 27.89 14.94 0.29
CA LEU B 699 26.63 15.43 0.81
C LEU B 699 25.64 14.29 0.86
N THR B 700 25.02 14.12 2.02
CA THR B 700 24.05 13.07 2.24
C THR B 700 22.66 13.65 2.16
N ASP B 701 21.90 13.23 1.17
CA ASP B 701 20.53 13.70 1.01
C ASP B 701 19.60 12.87 1.89
N GLY B 702 18.28 12.98 1.68
CA GLY B 702 17.33 12.41 2.61
C GLY B 702 17.40 10.90 2.67
N GLN B 703 17.57 10.27 1.53
CA GLN B 703 17.58 8.81 1.46
C GLN B 703 18.80 8.19 2.13
N GLY B 704 19.84 8.97 2.44
CA GLY B 704 20.93 8.45 3.23
C GLY B 704 22.11 7.93 2.45
N ARG B 705 22.45 8.55 1.33
CA ARG B 705 23.63 8.16 0.56
C ARG B 705 24.44 9.41 0.26
N THR B 706 25.71 9.22 -0.07
CA THR B 706 26.56 10.36 -0.34
C THR B 706 26.46 10.73 -1.81
N VAL B 707 26.77 11.99 -2.11
CA VAL B 707 26.87 12.44 -3.49
C VAL B 707 28.15 13.24 -3.64
N ASP B 708 28.97 12.81 -4.59
CA ASP B 708 30.30 13.36 -4.83
C ASP B 708 30.22 14.79 -5.37
N PHE B 709 30.80 15.75 -4.66
CA PHE B 709 30.90 17.10 -5.20
C PHE B 709 32.31 17.51 -5.56
N ARG B 710 33.28 16.60 -5.51
CA ARG B 710 34.67 16.98 -5.69
C ARG B 710 34.93 17.55 -7.08
N ASN B 711 34.21 17.05 -8.08
CA ASN B 711 34.38 17.51 -9.45
C ASN B 711 33.37 18.58 -9.79
N THR B 712 33.11 19.48 -8.86
CA THR B 712 32.19 20.57 -9.09
C THR B 712 32.85 21.87 -8.70
N VAL B 713 32.10 22.97 -8.80
CA VAL B 713 32.58 24.28 -8.43
C VAL B 713 31.44 25.01 -7.73
N VAL B 714 31.67 25.46 -6.52
CA VAL B 714 30.66 26.20 -5.75
C VAL B 714 30.98 27.67 -5.80
N ILE B 715 29.99 28.49 -6.13
CA ILE B 715 30.18 29.92 -6.35
C ILE B 715 29.09 30.70 -5.63
N MET B 716 29.46 31.70 -4.86
CA MET B 716 28.52 32.59 -4.22
C MET B 716 28.69 34.01 -4.71
N THR B 717 27.59 34.73 -4.85
CA THR B 717 27.61 36.14 -5.29
C THR B 717 26.82 36.96 -4.29
N SER B 718 27.49 37.68 -3.41
CA SER B 718 26.75 38.53 -2.52
C SER B 718 27.12 39.99 -2.77
N ASN B 719 26.49 40.89 -2.02
CA ASN B 719 26.67 42.32 -2.23
C ASN B 719 26.78 43.05 -0.90
N LEU B 720 27.62 42.52 -0.01
CA LEU B 720 27.65 43.01 1.36
C LEU B 720 28.35 44.36 1.47
N GLY B 721 29.62 44.41 1.14
CA GLY B 721 30.40 45.61 1.38
C GLY B 721 30.37 46.57 0.21
N SER B 722 29.33 46.44 -0.61
CA SER B 722 29.22 47.17 -1.86
C SER B 722 29.17 48.67 -1.63
N ASP B 723 28.55 49.09 -0.53
CA ASP B 723 28.57 50.48 -0.14
C ASP B 723 29.98 50.92 0.19
N LEU B 724 30.70 50.09 0.93
CA LEU B 724 32.09 50.38 1.23
C LEU B 724 32.96 50.24 -0.01
N ILE B 725 32.56 49.40 -0.96
CA ILE B 725 33.29 49.28 -2.22
C ILE B 725 33.21 50.59 -2.99
N GLN B 726 31.99 51.06 -3.25
CA GLN B 726 31.79 52.31 -3.97
C GLN B 726 32.29 53.50 -3.18
N GLU B 727 32.36 53.37 -1.86
CA GLU B 727 32.92 54.43 -1.05
C GLU B 727 34.43 54.51 -1.20
N ARG B 728 35.12 53.38 -1.10
CA ARG B 728 36.55 53.43 -0.90
C ARG B 728 37.31 52.53 -1.85
N PHE B 729 36.79 52.24 -3.05
CA PHE B 729 37.65 51.56 -3.99
C PHE B 729 38.79 52.46 -4.44
N GLY B 730 38.51 53.75 -4.59
CA GLY B 730 39.58 54.71 -4.67
C GLY B 730 40.38 54.78 -3.39
N GLU B 731 41.60 55.34 -3.54
CA GLU B 731 42.60 55.55 -2.47
C GLU B 731 42.90 54.31 -1.63
N LEU B 732 42.68 53.11 -2.18
CA LEU B 732 43.06 51.89 -1.51
C LEU B 732 43.66 50.93 -2.53
N ASP B 733 44.47 50.01 -2.03
CA ASP B 733 44.99 48.92 -2.83
C ASP B 733 44.00 47.76 -2.82
N TYR B 734 44.46 46.60 -3.24
CA TYR B 734 43.60 45.43 -3.19
C TYR B 734 43.63 44.75 -1.84
N ALA B 735 44.77 44.84 -1.15
CA ALA B 735 44.97 44.06 0.07
C ALA B 735 44.14 44.59 1.22
N HIS B 736 44.17 45.91 1.44
CA HIS B 736 43.35 46.52 2.49
C HIS B 736 41.88 46.40 2.18
N MET B 737 41.54 46.40 0.89
CA MET B 737 40.18 46.17 0.43
C MET B 737 39.68 44.82 0.90
N LYS B 738 40.42 43.76 0.55
CA LYS B 738 40.03 42.42 0.93
C LYS B 738 40.04 42.25 2.43
N GLU B 739 40.98 42.92 3.12
CA GLU B 739 41.06 42.84 4.57
C GLU B 739 39.82 43.43 5.23
N LEU B 740 39.44 44.62 4.79
CA LEU B 740 38.32 45.30 5.42
C LEU B 740 37.00 44.62 5.09
N VAL B 741 36.83 44.17 3.84
CA VAL B 741 35.57 43.52 3.50
C VAL B 741 35.52 42.10 4.07
N LEU B 742 36.67 41.50 4.34
CA LEU B 742 36.67 40.21 4.99
C LEU B 742 36.24 40.35 6.43
N GLY B 743 36.67 41.45 7.06
CA GLY B 743 36.11 41.79 8.37
C GLY B 743 34.62 42.07 8.30
N VAL B 744 34.14 42.63 7.19
CA VAL B 744 32.70 42.84 7.04
C VAL B 744 31.95 41.51 6.98
N VAL B 745 32.54 40.51 6.31
CA VAL B 745 31.93 39.19 6.32
C VAL B 745 32.01 38.59 7.72
N SER B 746 33.07 38.90 8.45
CA SER B 746 33.17 38.49 9.85
C SER B 746 32.10 39.12 10.71
N HIS B 747 31.65 40.32 10.35
CA HIS B 747 30.43 40.85 10.95
C HIS B 747 29.23 39.97 10.57
N ASN B 748 29.10 39.65 9.29
CA ASN B 748 27.89 38.94 8.88
C ASN B 748 27.92 37.47 9.21
N PHE B 749 28.82 36.73 8.60
CA PHE B 749 28.67 35.28 8.56
C PHE B 749 29.32 34.67 9.79
N ARG B 750 29.52 33.36 9.74
CA ARG B 750 30.28 32.74 10.81
C ARG B 750 31.71 32.50 10.38
N PRO B 751 32.65 32.70 11.30
CA PRO B 751 34.06 32.53 10.94
C PRO B 751 34.43 31.10 10.65
N GLU B 752 33.59 30.16 11.04
CA GLU B 752 33.79 28.76 10.74
C GLU B 752 33.64 28.49 9.25
N PHE B 753 32.92 29.36 8.57
CA PHE B 753 32.64 29.27 7.15
C PHE B 753 33.71 29.93 6.30
N ILE B 754 34.13 31.14 6.66
CA ILE B 754 35.06 31.89 5.81
C ILE B 754 36.47 31.37 5.84
N ASN B 755 36.74 30.33 6.62
CA ASN B 755 37.98 29.63 6.43
C ASN B 755 37.92 28.80 5.16
N ARG B 756 36.74 28.35 4.76
CA ARG B 756 36.63 27.34 3.73
C ARG B 756 36.83 27.88 2.33
N ILE B 757 36.78 29.18 2.13
CA ILE B 757 36.60 29.77 0.80
C ILE B 757 37.95 30.00 0.15
N ASP B 758 38.02 29.70 -1.16
CA ASP B 758 39.29 29.77 -1.89
C ASP B 758 39.74 31.21 -2.06
N GLU B 759 38.99 32.01 -2.80
CA GLU B 759 39.31 33.42 -2.85
C GLU B 759 38.03 34.22 -2.78
N VAL B 760 38.06 35.31 -2.03
CA VAL B 760 36.95 36.21 -1.92
C VAL B 760 37.34 37.43 -2.72
N VAL B 761 36.99 37.45 -4.01
CA VAL B 761 37.38 38.59 -4.81
C VAL B 761 36.37 39.72 -4.59
N VAL B 762 36.83 40.94 -4.79
CA VAL B 762 36.03 42.13 -4.58
C VAL B 762 35.83 42.78 -5.93
N PHE B 763 34.66 43.34 -6.17
CA PHE B 763 34.36 43.93 -7.46
C PHE B 763 34.24 45.43 -7.38
N HIS B 764 35.18 46.12 -8.01
CA HIS B 764 35.12 47.56 -8.07
C HIS B 764 34.01 48.00 -9.02
N PRO B 765 33.50 49.21 -8.85
CA PRO B 765 32.53 49.74 -9.82
C PRO B 765 33.18 49.93 -11.18
N LEU B 766 32.32 49.97 -12.20
CA LEU B 766 32.79 50.03 -13.57
C LEU B 766 33.28 51.43 -13.92
N GLY B 767 34.18 51.49 -14.90
CA GLY B 767 34.57 52.76 -15.49
C GLY B 767 33.93 52.90 -16.85
N GLU B 768 33.92 54.14 -17.35
CA GLU B 768 33.13 54.49 -18.53
C GLU B 768 33.67 53.82 -19.77
N GLN B 769 34.98 53.60 -19.82
CA GLN B 769 35.60 52.83 -20.87
C GLN B 769 35.07 51.39 -20.90
N HIS B 770 34.91 50.78 -19.73
CA HIS B 770 34.36 49.45 -19.65
C HIS B 770 32.89 49.46 -20.03
N ILE B 771 32.21 50.55 -19.69
CA ILE B 771 30.80 50.69 -20.01
C ILE B 771 30.61 50.79 -21.51
N ALA B 772 31.49 51.51 -22.17
CA ALA B 772 31.49 51.57 -23.63
C ALA B 772 31.79 50.19 -24.22
N SER B 773 32.72 49.46 -23.59
CA SER B 773 33.04 48.11 -24.05
C SER B 773 31.85 47.17 -23.89
N ILE B 774 31.13 47.32 -22.78
CA ILE B 774 29.94 46.52 -22.54
C ILE B 774 28.88 46.83 -23.59
N ALA B 775 28.75 48.10 -23.94
CA ALA B 775 27.83 48.49 -25.00
C ALA B 775 28.23 47.87 -26.33
N GLN B 776 29.54 47.83 -26.60
CA GLN B 776 30.05 47.15 -27.78
C GLN B 776 29.68 45.68 -27.77
N ILE B 777 29.76 45.06 -26.61
CA ILE B 777 29.39 43.65 -26.46
C ILE B 777 27.91 43.46 -26.75
N GLN B 778 27.09 44.39 -26.28
CA GLN B 778 25.66 44.31 -26.54
C GLN B 778 25.36 44.50 -28.02
N LEU B 779 26.14 45.36 -28.67
CA LEU B 779 26.00 45.51 -30.12
C LEU B 779 26.46 44.26 -30.84
N LYS B 780 27.46 43.57 -30.31
CA LYS B 780 27.95 42.37 -30.96
C LYS B 780 26.95 41.23 -30.86
N ARG B 781 26.39 41.02 -29.68
CA ARG B 781 25.37 40.00 -29.55
C ARG B 781 24.09 40.41 -30.27
N LEU B 782 23.88 41.72 -30.44
CA LEU B 782 22.73 42.19 -31.19
C LEU B 782 22.90 41.92 -32.67
N TYR B 783 24.08 42.24 -33.21
CA TYR B 783 24.41 41.91 -34.58
C TYR B 783 24.37 40.41 -34.81
N LYS B 784 24.77 39.64 -33.79
CA LYS B 784 24.71 38.19 -33.86
C LYS B 784 23.28 37.70 -34.01
N ARG B 785 22.39 38.16 -33.12
CA ARG B 785 21.00 37.72 -33.17
C ARG B 785 20.28 38.21 -34.41
N LEU B 786 20.64 39.38 -34.92
CA LEU B 786 19.93 39.90 -36.08
C LEU B 786 20.53 39.42 -37.39
N GLU B 787 21.76 38.95 -37.37
CA GLU B 787 22.30 38.27 -38.52
C GLU B 787 21.81 36.82 -38.54
N GLU B 788 21.50 36.28 -37.36
CA GLU B 788 20.66 35.09 -37.31
C GLU B 788 19.30 35.38 -37.91
N ARG B 789 18.76 36.57 -37.62
CA ARG B 789 17.58 37.01 -38.33
C ARG B 789 17.91 37.34 -39.77
N GLY B 790 19.15 37.75 -40.03
CA GLY B 790 19.60 37.93 -41.39
C GLY B 790 19.72 39.37 -41.82
N TYR B 791 20.25 40.23 -40.96
CA TYR B 791 20.34 41.64 -41.27
C TYR B 791 21.78 42.15 -41.18
N GLU B 792 22.11 43.03 -42.11
CA GLU B 792 23.45 43.59 -42.27
C GLU B 792 23.43 45.00 -41.68
N ILE B 793 23.86 45.12 -40.43
CA ILE B 793 23.61 46.31 -39.65
C ILE B 793 24.94 46.94 -39.26
N HIS B 794 25.07 48.24 -39.54
CA HIS B 794 26.20 49.04 -39.09
C HIS B 794 25.68 50.08 -38.10
N ILE B 795 26.55 50.99 -37.68
CA ILE B 795 26.17 51.94 -36.65
C ILE B 795 26.98 53.22 -36.84
N SER B 796 26.31 54.35 -36.65
CA SER B 796 27.02 55.58 -36.35
C SER B 796 27.48 55.52 -34.90
N ASP B 797 28.78 55.65 -34.70
CA ASP B 797 29.35 55.48 -33.37
C ASP B 797 29.02 56.65 -32.45
N GLU B 798 28.52 57.75 -33.03
CA GLU B 798 27.94 58.82 -32.22
C GLU B 798 26.74 58.31 -31.42
N ALA B 799 25.96 57.40 -32.00
CA ALA B 799 24.86 56.79 -31.26
C ALA B 799 25.37 55.98 -30.08
N LEU B 800 26.48 55.27 -30.28
CA LEU B 800 27.16 54.57 -29.19
C LEU B 800 27.60 55.55 -28.11
N LYS B 801 28.15 56.68 -28.52
CA LYS B 801 28.64 57.67 -27.56
C LYS B 801 27.50 58.29 -26.76
N LEU B 802 26.39 58.58 -27.43
CA LEU B 802 25.24 59.17 -26.74
C LEU B 802 24.56 58.16 -25.83
N LEU B 803 24.52 56.89 -26.24
CA LEU B 803 23.99 55.86 -25.36
C LEU B 803 24.88 55.66 -24.15
N SER B 804 26.19 55.83 -24.34
CA SER B 804 27.10 55.78 -23.20
C SER B 804 26.87 56.97 -22.29
N GLU B 805 26.61 58.15 -22.86
CA GLU B 805 26.37 59.34 -22.07
C GLU B 805 25.04 59.32 -21.35
N ASN B 806 24.06 58.60 -21.89
CA ASN B 806 22.73 58.59 -21.30
C ASN B 806 22.54 57.53 -20.24
N GLY B 807 23.41 56.52 -20.21
CA GLY B 807 23.21 55.40 -19.31
C GLY B 807 24.31 55.20 -18.29
N TYR B 808 24.85 56.29 -17.73
CA TYR B 808 25.91 56.20 -16.74
C TYR B 808 25.36 56.44 -15.34
N ASP B 809 25.45 55.42 -14.49
CA ASP B 809 25.27 55.57 -13.06
C ASP B 809 26.05 54.50 -12.31
N PRO B 810 27.02 54.90 -11.51
CA PRO B 810 27.78 53.91 -10.73
C PRO B 810 26.96 53.27 -9.64
N VAL B 811 25.92 53.96 -9.16
CA VAL B 811 25.13 53.47 -8.04
C VAL B 811 24.27 52.29 -8.43
N TYR B 812 24.03 52.07 -9.72
CA TYR B 812 23.14 51.02 -10.18
C TYR B 812 23.81 50.02 -11.10
N GLY B 813 25.07 50.20 -11.41
CA GLY B 813 25.74 49.23 -12.23
C GLY B 813 25.39 49.37 -13.71
N ALA B 814 25.54 48.25 -14.41
CA ALA B 814 25.53 48.27 -15.87
C ALA B 814 24.14 48.22 -16.47
N ARG B 815 23.23 47.50 -15.84
CA ARG B 815 21.87 47.29 -16.31
C ARG B 815 21.02 48.51 -16.68
N PRO B 816 21.24 49.71 -16.13
CA PRO B 816 20.61 50.89 -16.74
C PRO B 816 21.02 51.12 -18.18
N LEU B 817 22.29 50.91 -18.51
CA LEU B 817 22.70 50.94 -19.90
C LEU B 817 22.01 49.85 -20.70
N LYS B 818 21.80 48.69 -20.08
CA LYS B 818 21.13 47.59 -20.75
C LYS B 818 19.70 47.93 -21.11
N ARG B 819 18.96 48.52 -20.17
CA ARG B 819 17.58 48.86 -20.50
C ARG B 819 17.50 50.05 -21.43
N ALA B 820 18.51 50.94 -21.39
CA ALA B 820 18.52 52.07 -22.31
C ALA B 820 18.73 51.60 -23.75
N ILE B 821 19.70 50.70 -23.93
CA ILE B 821 19.89 49.98 -25.18
C ILE B 821 18.61 49.29 -25.61
N GLN B 822 17.99 48.59 -24.66
CA GLN B 822 16.82 47.77 -24.90
C GLN B 822 15.67 48.59 -25.47
N GLN B 823 15.24 49.61 -24.73
CA GLN B 823 14.18 50.49 -25.16
C GLN B 823 14.57 51.27 -26.41
N GLN B 824 15.57 52.15 -26.29
CA GLN B 824 15.88 53.11 -27.33
C GLN B 824 16.53 52.51 -28.56
N ILE B 825 16.75 51.20 -28.60
CA ILE B 825 17.18 50.53 -29.80
C ILE B 825 16.09 49.62 -30.32
N GLU B 826 15.58 48.72 -29.48
CA GLU B 826 14.66 47.70 -29.96
C GLU B 826 13.31 48.28 -30.37
N ASN B 827 12.91 49.42 -29.79
CA ASN B 827 11.59 49.95 -30.14
C ASN B 827 11.51 50.47 -31.58
N PRO B 828 12.41 51.37 -32.07
CA PRO B 828 12.30 51.75 -33.48
C PRO B 828 12.69 50.63 -34.41
N LEU B 829 13.57 49.73 -33.95
CA LEU B 829 14.06 48.65 -34.79
C LEU B 829 12.94 47.72 -35.19
N ALA B 830 12.37 47.00 -34.22
CA ALA B 830 11.23 46.13 -34.49
C ALA B 830 9.99 46.91 -34.87
N GLN B 831 9.94 48.20 -34.54
CA GLN B 831 8.89 49.04 -35.09
C GLN B 831 8.96 49.08 -36.61
N GLN B 832 10.17 49.11 -37.15
CA GLN B 832 10.32 49.23 -38.59
C GLN B 832 10.71 47.94 -39.28
N ILE B 833 10.93 46.85 -38.55
CA ILE B 833 11.28 45.59 -39.19
C ILE B 833 10.05 44.99 -39.87
N LEU B 834 9.00 44.73 -39.10
CA LEU B 834 7.84 44.04 -39.63
C LEU B 834 6.96 44.94 -40.50
N SER B 835 7.30 46.22 -40.59
CA SER B 835 6.70 47.11 -41.57
C SER B 835 7.17 46.81 -42.99
N GLY B 836 8.17 45.95 -43.16
CA GLY B 836 8.79 45.76 -44.44
C GLY B 836 9.76 46.85 -44.83
N GLU B 837 9.95 47.85 -43.97
CA GLU B 837 10.94 48.88 -44.23
C GLU B 837 12.35 48.31 -44.17
N LEU B 838 12.65 47.57 -43.12
CA LEU B 838 13.97 46.96 -42.97
C LEU B 838 14.00 45.68 -43.78
N VAL B 839 14.69 45.74 -44.91
CA VAL B 839 14.83 44.59 -45.81
C VAL B 839 16.16 43.93 -45.51
N PRO B 840 16.22 42.60 -45.41
CA PRO B 840 17.49 41.92 -45.26
C PRO B 840 18.40 42.15 -46.46
N GLY B 841 19.71 42.13 -46.20
CA GLY B 841 20.69 42.39 -47.23
C GLY B 841 21.03 43.85 -47.42
N LYS B 842 20.23 44.76 -46.89
CA LYS B 842 20.53 46.17 -46.98
C LYS B 842 21.46 46.59 -45.86
N VAL B 843 22.28 47.59 -46.15
CA VAL B 843 23.20 48.15 -45.15
C VAL B 843 22.36 48.97 -44.19
N ILE B 844 22.36 48.58 -42.93
CA ILE B 844 21.52 49.20 -41.92
C ILE B 844 22.46 50.01 -41.02
N ARG B 845 22.60 51.28 -41.35
CA ARG B 845 23.47 52.17 -40.60
C ARG B 845 22.66 52.76 -39.45
N LEU B 846 23.00 52.37 -38.23
CA LEU B 846 22.32 52.90 -37.05
C LEU B 846 22.84 54.31 -36.81
N GLU B 847 22.20 55.26 -37.48
CA GLU B 847 22.55 56.66 -37.35
C GLU B 847 21.77 57.24 -36.19
N VAL B 848 21.76 58.56 -36.07
CA VAL B 848 21.09 59.19 -34.95
C VAL B 848 19.93 60.03 -35.46
N ASN B 849 18.95 60.20 -34.59
CA ASN B 849 18.02 61.30 -34.72
C ASN B 849 18.60 62.49 -33.99
N GLU B 850 17.78 63.51 -33.74
CA GLU B 850 18.25 64.67 -32.99
C GLU B 850 18.54 64.30 -31.55
N ASP B 851 17.67 63.52 -30.93
CA ASP B 851 17.93 62.95 -29.62
C ASP B 851 17.77 61.44 -29.62
N ARG B 852 17.48 60.84 -30.76
CA ARG B 852 17.21 59.41 -30.81
C ARG B 852 18.10 58.73 -31.85
N ILE B 853 17.76 57.51 -32.20
CA ILE B 853 18.55 56.69 -33.10
C ILE B 853 17.71 56.43 -34.35
N VAL B 854 18.35 56.48 -35.51
CA VAL B 854 17.66 56.15 -36.75
C VAL B 854 18.48 55.09 -37.48
N ALA B 855 17.78 54.27 -38.25
CA ALA B 855 18.40 53.25 -39.10
C ALA B 855 17.97 53.50 -40.53
N VAL B 856 18.92 53.42 -41.45
CA VAL B 856 18.63 53.64 -42.86
C VAL B 856 18.76 52.32 -43.61
N GLN B 857 18.20 52.29 -44.80
CA GLN B 857 18.17 51.09 -45.63
C GLN B 857 18.93 51.38 -46.91
N HIS B 858 20.23 51.12 -46.90
CA HIS B 858 21.07 51.37 -48.06
C HIS B 858 22.06 50.23 -48.29
N GLN C 159 0.97 -50.26 2.64
CA GLN C 159 0.77 -49.46 3.84
C GLN C 159 0.97 -47.99 3.54
N ALA C 160 0.89 -47.15 4.57
CA ALA C 160 1.01 -45.71 4.36
C ALA C 160 1.95 -45.03 5.34
N LEU C 161 2.10 -45.59 6.55
CA LEU C 161 2.91 -44.93 7.57
C LEU C 161 4.37 -44.89 7.19
N LYS C 162 4.90 -46.00 6.70
CA LYS C 162 6.30 -46.01 6.34
C LYS C 162 6.58 -45.21 5.08
N LYS C 163 5.54 -44.85 4.35
CA LYS C 163 5.73 -44.10 3.13
C LYS C 163 6.08 -42.66 3.40
N TYR C 164 5.62 -42.08 4.50
CA TYR C 164 5.79 -40.65 4.67
C TYR C 164 6.12 -40.25 6.11
N THR C 165 6.81 -41.11 6.84
CA THR C 165 7.19 -40.78 8.21
C THR C 165 8.65 -41.07 8.43
N ILE C 166 9.21 -40.43 9.44
CA ILE C 166 10.54 -40.73 9.91
C ILE C 166 10.40 -41.09 11.38
N ASP C 167 10.65 -42.34 11.71
CA ASP C 167 10.65 -42.78 13.10
C ASP C 167 11.86 -42.19 13.80
N LEU C 168 11.64 -41.21 14.66
CA LEU C 168 12.74 -40.63 15.39
C LEU C 168 13.26 -41.58 16.45
N THR C 169 12.37 -42.38 17.04
CA THR C 169 12.82 -43.33 18.04
C THR C 169 13.70 -44.40 17.43
N GLU C 170 13.52 -44.65 16.13
CA GLU C 170 14.43 -45.52 15.41
C GLU C 170 15.84 -44.94 15.37
N ARG C 171 15.97 -43.67 14.98
CA ARG C 171 17.28 -43.05 14.90
C ARG C 171 17.89 -42.83 16.28
N ALA C 172 17.06 -42.68 17.30
CA ALA C 172 17.57 -42.67 18.66
C ALA C 172 18.10 -44.04 19.03
N GLU C 173 17.37 -45.08 18.63
CA GLU C 173 17.79 -46.45 18.88
C GLU C 173 19.01 -46.77 18.03
N GLN C 174 19.09 -46.18 16.86
CA GLN C 174 20.23 -46.36 15.97
C GLN C 174 21.34 -45.37 16.25
N GLY C 175 21.26 -44.62 17.35
CA GLY C 175 22.34 -43.74 17.76
C GLY C 175 22.61 -42.57 16.86
N LYS C 176 21.77 -42.31 15.86
CA LYS C 176 22.01 -41.25 14.90
C LYS C 176 21.67 -39.87 15.44
N LEU C 177 21.27 -39.75 16.69
CA LEU C 177 20.80 -38.48 17.21
C LEU C 177 21.78 -37.95 18.22
N ASP C 178 21.41 -36.85 18.82
CA ASP C 178 22.39 -36.09 19.56
C ASP C 178 21.94 -35.90 20.99
N PRO C 179 22.87 -35.89 21.94
CA PRO C 179 22.48 -35.79 23.34
C PRO C 179 21.96 -34.41 23.64
N VAL C 180 20.93 -34.35 24.47
CA VAL C 180 20.33 -33.09 24.85
C VAL C 180 20.34 -33.01 26.36
N ILE C 181 20.94 -31.96 26.88
CA ILE C 181 21.18 -31.84 28.30
C ILE C 181 20.16 -30.87 28.86
N GLY C 182 19.69 -31.15 30.06
CA GLY C 182 18.93 -30.15 30.78
C GLY C 182 17.52 -30.02 30.26
N ARG C 183 16.97 -28.82 30.40
CA ARG C 183 15.57 -28.49 30.15
C ARG C 183 14.67 -29.45 30.92
N ASP C 184 14.86 -29.51 32.22
CA ASP C 184 14.06 -30.43 33.02
C ASP C 184 12.62 -29.97 33.04
N GLU C 185 12.42 -28.68 33.26
CA GLU C 185 11.07 -28.15 33.47
C GLU C 185 10.26 -28.27 32.19
N GLU C 186 10.90 -28.12 31.04
CA GLU C 186 10.19 -28.04 29.78
C GLU C 186 9.92 -29.40 29.16
N ILE C 187 10.87 -30.32 29.24
CA ILE C 187 10.57 -31.67 28.83
C ILE C 187 9.53 -32.27 29.75
N ARG C 188 9.65 -32.02 31.05
CA ARG C 188 8.66 -32.54 31.98
C ARG C 188 7.30 -31.91 31.74
N ARG C 189 7.26 -30.64 31.33
CA ARG C 189 5.98 -30.01 31.08
C ARG C 189 5.35 -30.48 29.77
N THR C 190 6.17 -30.79 28.77
CA THR C 190 5.63 -31.42 27.57
C THR C 190 5.07 -32.80 27.88
N ILE C 191 5.69 -33.50 28.81
CA ILE C 191 5.12 -34.76 29.25
C ILE C 191 3.82 -34.51 30.03
N GLN C 192 3.76 -33.41 30.80
CA GLN C 192 2.51 -33.05 31.47
C GLN C 192 1.40 -32.78 30.47
N VAL C 193 1.74 -32.20 29.34
CA VAL C 193 0.68 -31.84 28.41
C VAL C 193 0.23 -33.05 27.60
N LEU C 194 1.17 -33.90 27.17
CA LEU C 194 0.83 -34.93 26.17
C LEU C 194 -0.14 -35.98 26.68
N GLN C 195 -0.26 -36.15 27.98
CA GLN C 195 -1.18 -37.12 28.52
C GLN C 195 -2.41 -36.45 29.10
N ARG C 196 -3.22 -35.87 28.25
CA ARG C 196 -4.47 -35.30 28.73
C ARG C 196 -5.64 -35.98 28.05
N ARG C 197 -6.86 -35.54 28.34
CA ARG C 197 -7.98 -36.14 27.63
C ARG C 197 -8.28 -35.35 26.36
N THR C 198 -8.70 -34.10 26.52
CA THR C 198 -8.80 -33.23 25.37
C THR C 198 -7.52 -32.45 25.25
N LYS C 199 -7.23 -32.01 24.02
CA LYS C 199 -6.10 -31.15 23.67
C LYS C 199 -4.78 -31.80 24.06
N ASN C 200 -4.48 -32.87 23.35
CA ASN C 200 -3.24 -33.60 23.55
C ASN C 200 -2.13 -33.07 22.70
N ASN C 201 -2.10 -31.76 22.50
CA ASN C 201 -1.18 -31.17 21.52
C ASN C 201 -0.47 -29.96 22.07
N PRO C 202 0.77 -30.09 22.49
CA PRO C 202 1.60 -28.93 22.77
C PRO C 202 2.44 -28.58 21.56
N VAL C 203 2.63 -27.28 21.37
CA VAL C 203 3.47 -26.76 20.30
C VAL C 203 4.65 -26.08 20.95
N LEU C 204 5.82 -26.25 20.38
CA LEU C 204 7.00 -25.66 20.98
C LEU C 204 7.19 -24.27 20.44
N ILE C 205 7.10 -23.30 21.30
CA ILE C 205 7.43 -21.93 20.99
C ILE C 205 8.88 -21.72 21.35
N GLY C 206 9.66 -21.28 20.38
CA GLY C 206 11.01 -20.85 20.67
C GLY C 206 11.51 -20.03 19.51
N GLU C 207 12.47 -19.15 19.80
CA GLU C 207 13.17 -18.41 18.77
C GLU C 207 13.98 -19.37 17.92
N PRO C 208 14.46 -18.95 16.75
CA PRO C 208 15.25 -19.91 15.99
C PRO C 208 16.58 -20.13 16.66
N GLY C 209 16.75 -21.30 17.25
CA GLY C 209 18.02 -21.69 17.82
C GLY C 209 18.05 -21.85 19.31
N VAL C 210 16.93 -21.83 20.01
CA VAL C 210 17.02 -22.12 21.43
C VAL C 210 16.63 -23.55 21.68
N GLY C 211 16.78 -24.37 20.66
CA GLY C 211 16.67 -25.79 20.87
C GLY C 211 15.26 -26.27 21.03
N LYS C 212 14.38 -25.86 20.13
CA LYS C 212 13.05 -26.43 20.07
C LYS C 212 13.13 -27.89 19.70
N THR C 213 13.67 -28.17 18.51
CA THR C 213 13.79 -29.52 17.98
C THR C 213 14.62 -30.39 18.90
N ALA C 214 15.52 -29.78 19.65
CA ALA C 214 16.29 -30.53 20.62
C ALA C 214 15.43 -31.07 21.74
N ILE C 215 14.33 -30.40 22.07
CA ILE C 215 13.46 -30.93 23.10
C ILE C 215 12.75 -32.19 22.64
N VAL C 216 12.27 -32.22 21.40
CA VAL C 216 11.63 -33.41 20.87
C VAL C 216 12.62 -34.55 20.79
N GLU C 217 13.82 -34.26 20.31
CA GLU C 217 14.82 -35.30 20.17
C GLU C 217 15.28 -35.81 21.53
N GLY C 218 15.39 -34.92 22.52
CA GLY C 218 15.75 -35.35 23.84
C GLY C 218 14.64 -36.11 24.51
N LEU C 219 13.40 -35.82 24.13
CA LEU C 219 12.29 -36.62 24.63
C LEU C 219 12.35 -38.03 24.04
N ALA C 220 12.69 -38.12 22.76
CA ALA C 220 12.87 -39.42 22.13
C ALA C 220 13.98 -40.21 22.81
N GLN C 221 15.08 -39.53 23.15
CA GLN C 221 16.16 -40.21 23.84
C GLN C 221 15.79 -40.58 25.27
N ARG C 222 14.93 -39.77 25.90
CA ARG C 222 14.47 -40.14 27.23
C ARG C 222 13.51 -41.32 27.17
N ILE C 223 12.80 -41.48 26.05
CA ILE C 223 11.98 -42.68 25.87
C ILE C 223 12.84 -43.90 25.71
N ILE C 224 13.82 -43.84 24.80
CA ILE C 224 14.63 -45.03 24.51
C ILE C 224 15.49 -45.41 25.71
N ASN C 225 16.02 -44.42 26.42
CA ASN C 225 16.73 -44.73 27.66
C ASN C 225 15.78 -45.12 28.77
N GLY C 226 14.58 -44.55 28.78
CA GLY C 226 13.57 -45.00 29.70
C GLY C 226 13.39 -44.17 30.94
N GLU C 227 13.87 -42.94 30.97
CA GLU C 227 13.67 -42.09 32.14
C GLU C 227 12.30 -41.46 32.17
N VAL C 228 11.45 -41.73 31.19
CA VAL C 228 10.13 -41.13 31.03
C VAL C 228 9.19 -41.57 32.13
N PRO C 229 8.08 -40.88 32.36
CA PRO C 229 7.01 -41.44 33.18
C PRO C 229 6.34 -42.62 32.51
N GLU C 230 5.54 -43.33 33.32
CA GLU C 230 5.14 -44.68 32.96
C GLU C 230 4.18 -44.73 31.79
N GLY C 231 3.37 -43.68 31.63
CA GLY C 231 2.43 -43.65 30.52
C GLY C 231 3.11 -43.48 29.17
N LEU C 232 4.33 -42.97 29.16
CA LEU C 232 5.05 -42.85 27.90
C LEU C 232 5.98 -44.01 27.65
N LYS C 233 6.02 -45.00 28.53
CA LYS C 233 7.01 -46.05 28.34
C LYS C 233 6.60 -46.97 27.22
N GLY C 234 7.42 -47.04 26.19
CA GLY C 234 7.17 -47.88 25.05
C GLY C 234 6.43 -47.23 23.91
N ARG C 235 6.54 -45.91 23.75
CA ARG C 235 5.76 -45.22 22.72
C ARG C 235 6.53 -45.11 21.42
N ARG C 236 6.02 -44.25 20.53
CA ARG C 236 6.65 -43.94 19.26
C ARG C 236 6.66 -42.43 19.06
N VAL C 237 7.64 -41.96 18.30
CA VAL C 237 7.70 -40.58 17.86
C VAL C 237 7.92 -40.58 16.36
N LEU C 238 7.08 -39.84 15.65
CA LEU C 238 7.07 -39.85 14.18
C LEU C 238 7.28 -38.44 13.66
N ALA C 239 8.41 -38.23 13.00
CA ALA C 239 8.64 -36.98 12.30
C ALA C 239 7.78 -37.00 11.06
N LEU C 240 6.70 -36.25 11.07
CA LEU C 240 5.80 -36.23 9.94
C LEU C 240 6.41 -35.39 8.83
N ASP C 241 6.13 -35.78 7.59
CA ASP C 241 6.79 -35.25 6.41
C ASP C 241 5.77 -34.44 5.62
N MET C 242 5.62 -33.16 6.00
CA MET C 242 4.65 -32.27 5.36
C MET C 242 5.01 -32.05 3.90
N GLY C 243 6.31 -31.97 3.61
CA GLY C 243 6.75 -31.75 2.24
C GLY C 243 6.43 -32.91 1.31
N ALA C 244 6.65 -34.15 1.76
CA ALA C 244 6.37 -35.26 0.85
C ALA C 244 4.88 -35.52 0.72
N LEU C 245 4.12 -35.24 1.78
CA LEU C 245 2.67 -35.30 1.69
C LEU C 245 2.15 -34.38 0.61
N VAL C 246 2.59 -33.13 0.62
CA VAL C 246 2.16 -32.20 -0.40
C VAL C 246 2.72 -32.61 -1.75
N ALA C 247 3.96 -33.08 -1.78
CA ALA C 247 4.70 -33.19 -3.02
C ALA C 247 4.24 -34.38 -3.86
N GLY C 248 3.88 -35.49 -3.22
CA GLY C 248 3.53 -36.66 -4.01
C GLY C 248 2.10 -36.67 -4.49
N ALA C 249 1.46 -35.51 -4.57
CA ALA C 249 0.02 -35.40 -4.75
C ALA C 249 -0.33 -34.44 -5.87
N LYS C 250 -0.39 -34.95 -7.10
CA LYS C 250 -0.62 -34.05 -8.21
C LYS C 250 -2.10 -33.70 -8.35
N TYR C 251 -2.95 -34.71 -8.55
CA TYR C 251 -4.34 -34.47 -8.84
C TYR C 251 -5.10 -33.98 -7.62
N ARG C 252 -6.33 -33.57 -7.86
CA ARG C 252 -7.22 -33.27 -6.75
C ARG C 252 -7.57 -34.54 -6.01
N GLY C 253 -7.53 -34.46 -4.70
CA GLY C 253 -7.97 -35.56 -3.88
C GLY C 253 -6.90 -36.53 -3.48
N GLU C 254 -5.68 -36.36 -3.96
CA GLU C 254 -4.66 -37.29 -3.50
C GLU C 254 -4.15 -36.93 -2.12
N PHE C 255 -3.97 -35.64 -1.87
CA PHE C 255 -3.44 -35.16 -0.60
C PHE C 255 -4.38 -35.49 0.54
N GLU C 256 -5.67 -35.21 0.35
CA GLU C 256 -6.68 -35.48 1.35
C GLU C 256 -6.80 -36.97 1.60
N GLU C 257 -6.60 -37.78 0.56
CA GLU C 257 -6.65 -39.22 0.71
C GLU C 257 -5.49 -39.73 1.54
N ARG C 258 -4.29 -39.22 1.29
CA ARG C 258 -3.13 -39.63 2.08
C ARG C 258 -3.27 -39.17 3.51
N LEU C 259 -3.87 -38.01 3.71
CA LEU C 259 -4.06 -37.52 5.06
C LEU C 259 -5.10 -38.33 5.80
N LYS C 260 -6.16 -38.76 5.09
CA LYS C 260 -7.12 -39.69 5.68
C LYS C 260 -6.45 -41.00 6.03
N GLY C 261 -5.52 -41.44 5.18
CA GLY C 261 -4.81 -42.68 5.45
C GLY C 261 -3.96 -42.58 6.70
N VAL C 262 -3.27 -41.46 6.88
CA VAL C 262 -2.46 -41.26 8.07
C VAL C 262 -3.32 -41.18 9.32
N LEU C 263 -4.46 -40.50 9.22
CA LEU C 263 -5.41 -40.42 10.33
C LEU C 263 -5.89 -41.80 10.76
N ASN C 264 -6.31 -42.62 9.79
CA ASN C 264 -6.83 -43.95 10.12
C ASN C 264 -5.73 -44.87 10.61
N ASP C 265 -4.50 -44.71 10.11
CA ASP C 265 -3.42 -45.55 10.59
C ASP C 265 -3.04 -45.21 12.01
N LEU C 266 -3.01 -43.93 12.34
CA LEU C 266 -2.69 -43.57 13.71
C LEU C 266 -3.84 -43.80 14.66
N ALA C 267 -5.06 -43.86 14.16
CA ALA C 267 -6.13 -44.41 14.98
C ALA C 267 -5.93 -45.91 15.16
N LYS C 268 -5.32 -46.57 14.20
CA LYS C 268 -5.04 -47.99 14.33
C LYS C 268 -3.76 -48.27 15.09
N GLN C 269 -3.22 -47.34 15.85
CA GLN C 269 -2.07 -47.62 16.69
C GLN C 269 -2.28 -47.27 18.15
N GLU C 270 -3.41 -46.65 18.50
CA GLU C 270 -3.93 -46.58 19.86
C GLU C 270 -3.04 -45.77 20.80
N GLY C 271 -2.56 -44.63 20.36
CA GLY C 271 -1.80 -43.78 21.25
C GLY C 271 -0.39 -44.24 21.50
N ASN C 272 0.06 -45.28 20.80
CA ASN C 272 1.45 -45.69 20.85
C ASN C 272 2.34 -44.69 20.14
N VAL C 273 1.78 -43.84 19.29
CA VAL C 273 2.54 -42.95 18.44
C VAL C 273 2.25 -41.52 18.87
N ILE C 274 3.29 -40.83 19.33
CA ILE C 274 3.25 -39.40 19.50
C ILE C 274 3.66 -38.80 18.18
N LEU C 275 2.76 -38.10 17.52
CA LEU C 275 3.12 -37.51 16.26
C LEU C 275 3.94 -36.25 16.50
N PHE C 276 4.92 -36.02 15.64
CA PHE C 276 5.72 -34.82 15.70
C PHE C 276 5.73 -34.10 14.36
N ILE C 277 5.53 -32.79 14.41
CA ILE C 277 5.69 -31.89 13.27
C ILE C 277 6.74 -30.86 13.64
N ASP C 278 7.78 -30.75 12.85
CA ASP C 278 8.59 -29.54 12.92
C ASP C 278 8.00 -28.49 11.99
N ALA C 279 8.16 -27.22 12.37
CA ALA C 279 7.70 -26.07 11.59
C ALA C 279 6.20 -26.20 11.29
N LEU C 280 5.46 -26.09 12.39
CA LEU C 280 4.02 -26.28 12.38
C LEU C 280 3.32 -25.42 11.35
N HIS C 281 3.78 -24.19 11.15
CA HIS C 281 3.12 -23.30 10.21
C HIS C 281 3.37 -23.65 8.75
N THR C 282 3.89 -24.83 8.44
CA THR C 282 3.68 -25.33 7.10
C THR C 282 2.32 -25.94 6.95
N MET C 283 1.55 -26.06 8.03
CA MET C 283 0.33 -26.84 7.99
C MET C 283 -0.90 -25.98 7.73
N VAL C 284 -0.96 -24.80 8.31
CA VAL C 284 -1.98 -23.83 7.96
C VAL C 284 -1.77 -23.38 6.51
N GLY C 285 -2.72 -23.70 5.66
CA GLY C 285 -2.50 -23.42 4.26
C GLY C 285 -1.56 -24.42 3.61
N ALA C 286 -1.70 -25.70 3.95
CA ALA C 286 -0.97 -26.78 3.31
C ALA C 286 -1.88 -27.36 2.25
N GLY C 287 -1.65 -26.98 0.99
CA GLY C 287 -2.41 -27.57 -0.09
C GLY C 287 -3.80 -27.01 -0.30
N LYS C 288 -4.05 -25.77 0.10
CA LYS C 288 -5.30 -25.13 -0.26
C LYS C 288 -5.29 -24.84 -1.75
N ALA C 289 -6.36 -25.27 -2.42
CA ALA C 289 -6.37 -25.41 -3.88
C ALA C 289 -7.78 -25.12 -4.39
N ASP C 290 -8.12 -25.66 -5.56
CA ASP C 290 -9.51 -25.74 -5.98
C ASP C 290 -10.40 -26.39 -4.91
N GLY C 291 -9.87 -27.38 -4.20
CA GLY C 291 -10.48 -27.91 -2.99
C GLY C 291 -9.73 -27.32 -1.79
N ALA C 292 -10.37 -26.39 -1.09
CA ALA C 292 -9.73 -25.65 0.00
C ALA C 292 -9.74 -26.47 1.29
N MET C 293 -8.98 -27.55 1.28
CA MET C 293 -8.99 -28.48 2.39
C MET C 293 -7.86 -28.27 3.36
N ASP C 294 -6.77 -27.62 2.94
CA ASP C 294 -5.89 -26.83 3.78
C ASP C 294 -5.00 -27.62 4.74
N ALA C 295 -5.29 -28.90 4.96
CA ALA C 295 -4.74 -29.73 6.05
C ALA C 295 -4.88 -29.07 7.42
N GLY C 296 -5.81 -28.16 7.59
CA GLY C 296 -6.03 -27.59 8.88
C GLY C 296 -7.44 -27.95 9.24
N ASN C 297 -8.30 -27.99 8.23
CA ASN C 297 -9.65 -28.47 8.42
C ASN C 297 -9.65 -29.93 8.80
N MET C 298 -8.79 -30.70 8.19
CA MET C 298 -8.80 -32.14 8.40
C MET C 298 -8.20 -32.49 9.74
N LEU C 299 -7.20 -31.74 10.18
CA LEU C 299 -6.62 -32.05 11.47
C LEU C 299 -7.38 -31.46 12.63
N LYS C 300 -8.24 -30.50 12.37
CA LYS C 300 -8.94 -29.82 13.45
C LYS C 300 -9.83 -30.71 14.32
N PRO C 301 -10.58 -31.69 13.81
CA PRO C 301 -11.35 -32.50 14.75
C PRO C 301 -10.50 -33.46 15.55
N ALA C 302 -9.48 -34.04 14.92
CA ALA C 302 -8.64 -34.98 15.66
C ALA C 302 -7.85 -34.24 16.71
N LEU C 303 -7.47 -33.01 16.43
CA LEU C 303 -6.78 -32.20 17.42
C LEU C 303 -7.71 -31.73 18.50
N ALA C 304 -9.01 -31.62 18.22
CA ALA C 304 -9.91 -31.17 19.26
C ALA C 304 -10.09 -32.23 20.33
N ARG C 305 -10.58 -33.39 19.94
CA ARG C 305 -10.87 -34.45 20.89
C ARG C 305 -9.63 -35.22 21.34
N GLY C 306 -8.44 -34.71 21.08
CA GLY C 306 -7.21 -35.30 21.60
C GLY C 306 -6.92 -36.68 21.08
N GLU C 307 -7.48 -37.06 19.93
CA GLU C 307 -7.31 -38.42 19.46
C GLU C 307 -5.90 -38.68 18.99
N LEU C 308 -5.26 -37.70 18.39
CA LEU C 308 -3.86 -37.79 18.02
C LEU C 308 -3.07 -37.28 19.22
N HIS C 309 -1.75 -37.21 19.10
CA HIS C 309 -0.93 -36.65 20.17
C HIS C 309 0.14 -35.74 19.59
N CYS C 310 -0.29 -34.83 18.73
CA CYS C 310 0.62 -34.16 17.81
C CYS C 310 1.35 -33.03 18.49
N VAL C 311 2.67 -33.08 18.48
CA VAL C 311 3.52 -32.02 19.03
C VAL C 311 4.11 -31.22 17.88
N GLY C 312 3.79 -29.95 17.82
CA GLY C 312 4.39 -29.08 16.84
C GLY C 312 5.74 -28.58 17.30
N ALA C 313 6.34 -27.73 16.46
CA ALA C 313 7.56 -27.03 16.84
C ALA C 313 7.68 -25.82 15.91
N THR C 314 7.29 -24.66 16.39
CA THR C 314 7.32 -23.50 15.52
C THR C 314 8.08 -22.33 16.11
N THR C 315 8.53 -21.49 15.20
CA THR C 315 9.22 -20.26 15.55
C THR C 315 8.22 -19.35 16.24
N LEU C 316 8.72 -18.53 17.15
CA LEU C 316 7.84 -17.54 17.77
C LEU C 316 7.39 -16.50 16.78
N ASP C 317 8.13 -16.29 15.70
CA ASP C 317 7.71 -15.33 14.70
C ASP C 317 6.46 -15.83 13.99
N GLU C 318 6.60 -16.94 13.27
CA GLU C 318 5.51 -17.40 12.42
C GLU C 318 4.33 -17.95 13.19
N TYR C 319 4.45 -18.16 14.49
CA TYR C 319 3.28 -18.47 15.27
C TYR C 319 2.32 -17.31 15.23
N ARG C 320 2.85 -16.09 15.27
CA ARG C 320 1.98 -14.94 15.12
C ARG C 320 1.45 -14.85 13.71
N GLN C 321 2.35 -14.82 12.74
CA GLN C 321 1.95 -14.44 11.39
C GLN C 321 1.11 -15.52 10.73
N TYR C 322 1.50 -16.78 10.85
CA TYR C 322 0.86 -17.77 10.00
C TYR C 322 -0.11 -18.67 10.74
N ILE C 323 -0.15 -18.64 12.07
CA ILE C 323 -1.07 -19.49 12.81
C ILE C 323 -2.08 -18.70 13.64
N GLU C 324 -1.71 -17.56 14.21
CA GLU C 324 -2.77 -16.79 14.86
C GLU C 324 -3.74 -16.15 13.89
N LYS C 325 -3.54 -16.27 12.59
CA LYS C 325 -4.56 -15.88 11.63
C LYS C 325 -5.63 -16.95 11.48
N ASP C 326 -5.29 -18.21 11.77
CA ASP C 326 -6.25 -19.30 11.68
C ASP C 326 -6.64 -19.66 13.11
N ALA C 327 -7.60 -18.91 13.65
CA ALA C 327 -7.84 -18.88 15.08
C ALA C 327 -8.38 -20.19 15.63
N ALA C 328 -8.98 -21.03 14.81
CA ALA C 328 -9.48 -22.27 15.35
C ALA C 328 -8.38 -23.27 15.57
N LEU C 329 -7.26 -23.13 14.88
CA LEU C 329 -6.14 -24.00 15.11
C LEU C 329 -5.18 -23.37 16.08
N GLU C 330 -5.54 -22.22 16.60
CA GLU C 330 -4.79 -21.69 17.72
C GLU C 330 -4.99 -22.55 18.96
N ARG C 331 -6.22 -22.57 19.50
CA ARG C 331 -6.47 -23.28 20.75
C ARG C 331 -6.47 -24.77 20.61
N ARG C 332 -6.28 -25.34 19.43
CA ARG C 332 -6.06 -26.78 19.40
C ARG C 332 -4.70 -27.13 19.95
N PHE C 333 -3.77 -26.18 19.96
CA PHE C 333 -2.43 -26.39 20.48
C PHE C 333 -2.22 -25.60 21.77
N GLN C 334 -1.55 -26.22 22.74
CA GLN C 334 -1.13 -25.52 23.94
C GLN C 334 0.25 -24.93 23.72
N LYS C 335 0.48 -23.74 24.22
CA LYS C 335 1.77 -23.13 24.07
C LYS C 335 2.74 -23.75 25.06
N VAL C 336 3.96 -23.97 24.62
CA VAL C 336 5.05 -24.40 25.48
C VAL C 336 6.16 -23.40 25.26
N PHE C 337 6.34 -22.49 26.20
CA PHE C 337 7.38 -21.50 26.01
C PHE C 337 8.72 -22.18 26.24
N VAL C 338 9.67 -21.92 25.38
CA VAL C 338 11.02 -22.40 25.58
C VAL C 338 11.92 -21.20 25.68
N ALA C 339 12.48 -21.00 26.86
CA ALA C 339 13.09 -19.73 27.22
C ALA C 339 14.44 -19.54 26.56
N GLU C 340 15.11 -18.47 26.94
CA GLU C 340 16.43 -18.18 26.46
C GLU C 340 17.44 -18.66 27.49
N PRO C 341 18.31 -19.60 27.15
CA PRO C 341 19.24 -20.15 28.14
C PRO C 341 20.28 -19.13 28.54
N SER C 342 20.74 -19.25 29.78
CA SER C 342 21.65 -18.27 30.35
C SER C 342 23.06 -18.52 29.82
N VAL C 343 24.02 -17.91 30.47
CA VAL C 343 25.39 -18.28 30.19
C VAL C 343 25.72 -19.61 30.86
N GLU C 344 25.22 -19.84 32.07
CA GLU C 344 25.67 -20.99 32.86
C GLU C 344 25.11 -22.30 32.31
N ASP C 345 23.83 -22.31 31.93
CA ASP C 345 23.32 -23.51 31.27
C ASP C 345 23.95 -23.71 29.91
N THR C 346 24.42 -22.65 29.26
CA THR C 346 25.16 -22.87 28.04
C THR C 346 26.47 -23.57 28.32
N ILE C 347 27.13 -23.18 29.43
CA ILE C 347 28.37 -23.83 29.87
C ILE C 347 28.12 -25.30 30.15
N ALA C 348 26.97 -25.60 30.73
CA ALA C 348 26.63 -26.99 30.96
C ALA C 348 26.32 -27.72 29.65
N ILE C 349 25.66 -27.05 28.71
CA ILE C 349 25.23 -27.70 27.47
C ILE C 349 26.43 -28.08 26.63
N LEU C 350 27.44 -27.23 26.62
CA LEU C 350 28.60 -27.49 25.78
C LEU C 350 29.39 -28.71 26.23
N ARG C 351 29.41 -28.98 27.53
CA ARG C 351 30.29 -30.02 28.03
C ARG C 351 29.84 -31.42 27.67
N GLY C 352 28.64 -31.58 27.16
CA GLY C 352 28.25 -32.86 26.62
C GLY C 352 28.57 -32.94 25.15
N LEU C 353 28.10 -31.95 24.39
CA LEU C 353 28.31 -31.97 22.95
C LEU C 353 29.72 -31.58 22.54
N LYS C 354 30.59 -31.28 23.50
CA LYS C 354 32.01 -31.22 23.21
C LYS C 354 32.49 -32.51 22.55
N GLU C 355 32.10 -33.66 23.13
CA GLU C 355 32.70 -34.91 22.71
C GLU C 355 32.25 -35.31 21.32
N ARG C 356 31.03 -34.95 20.94
CA ARG C 356 30.53 -35.37 19.64
C ARG C 356 31.23 -34.64 18.49
N TYR C 357 31.46 -33.34 18.66
CA TYR C 357 32.27 -32.62 17.69
C TYR C 357 33.72 -33.10 17.69
N GLU C 358 34.24 -33.46 18.86
CA GLU C 358 35.57 -34.06 18.93
C GLU C 358 35.63 -35.38 18.18
N LEU C 359 34.56 -36.16 18.25
CA LEU C 359 34.45 -37.39 17.48
C LEU C 359 34.50 -37.11 15.99
N HIS C 360 33.82 -36.06 15.55
CA HIS C 360 33.82 -35.85 14.11
C HIS C 360 35.13 -35.22 13.61
N HIS C 361 35.46 -34.04 14.11
CA HIS C 361 36.51 -33.26 13.47
C HIS C 361 37.92 -33.65 13.89
N HIS C 362 38.07 -34.74 14.64
CA HIS C 362 39.36 -35.34 14.97
C HIS C 362 40.25 -34.44 15.80
N VAL C 363 39.68 -33.44 16.46
CA VAL C 363 40.47 -32.51 17.25
C VAL C 363 39.94 -32.45 18.67
N GLN C 364 40.73 -31.87 19.54
CA GLN C 364 40.43 -31.88 20.96
C GLN C 364 40.06 -30.48 21.40
N ILE C 365 39.32 -30.40 22.50
CA ILE C 365 38.77 -29.14 22.98
C ILE C 365 39.09 -28.99 24.46
N THR C 366 39.74 -27.89 24.80
CA THR C 366 40.11 -27.61 26.17
C THR C 366 39.12 -26.60 26.72
N ASP C 367 38.59 -26.89 27.89
CA ASP C 367 37.50 -26.20 28.58
C ASP C 367 37.56 -24.67 28.68
N PRO C 368 38.72 -24.01 28.73
CA PRO C 368 38.71 -22.55 28.57
C PRO C 368 38.15 -22.08 27.25
N ALA C 369 38.30 -22.88 26.19
CA ALA C 369 37.62 -22.55 24.94
C ALA C 369 36.12 -22.64 25.09
N ILE C 370 35.63 -23.55 25.94
CA ILE C 370 34.20 -23.64 26.17
C ILE C 370 33.68 -22.40 26.89
N VAL C 371 34.28 -22.06 28.02
CA VAL C 371 33.76 -20.93 28.78
C VAL C 371 33.99 -19.61 28.03
N ALA C 372 35.05 -19.54 27.24
CA ALA C 372 35.33 -18.35 26.46
C ALA C 372 34.36 -18.21 25.31
N ALA C 373 34.02 -19.33 24.63
CA ALA C 373 33.04 -19.26 23.56
C ALA C 373 31.69 -18.83 24.10
N ALA C 374 31.37 -19.27 25.32
CA ALA C 374 30.15 -18.85 25.97
C ALA C 374 30.11 -17.33 26.16
N THR C 375 31.12 -16.78 26.85
CA THR C 375 31.03 -15.36 27.21
C THR C 375 31.21 -14.46 25.99
N LEU C 376 32.14 -14.80 25.09
CA LEU C 376 32.32 -14.04 23.87
C LEU C 376 31.07 -14.04 23.01
N SER C 377 30.47 -15.21 22.78
CA SER C 377 29.28 -15.26 21.95
C SER C 377 28.11 -14.60 22.61
N HIS C 378 28.11 -14.47 23.92
CA HIS C 378 27.07 -13.66 24.53
C HIS C 378 27.35 -12.19 24.39
N ARG C 379 28.60 -11.80 24.30
CA ARG C 379 28.86 -10.38 24.31
C ARG C 379 28.92 -9.77 22.93
N TYR C 380 29.43 -10.49 21.94
CA TYR C 380 29.91 -9.90 20.69
C TYR C 380 29.08 -10.23 19.46
N ILE C 381 28.04 -11.03 19.58
CA ILE C 381 27.23 -11.39 18.42
C ILE C 381 25.80 -10.94 18.67
N ALA C 382 25.15 -10.40 17.63
CA ALA C 382 23.86 -9.76 17.82
C ALA C 382 22.67 -10.62 17.41
N ASP C 383 22.75 -11.44 16.37
CA ASP C 383 21.51 -11.98 15.83
C ASP C 383 21.16 -13.31 16.49
N ARG C 384 22.02 -14.28 16.32
CA ARG C 384 21.72 -15.66 16.67
C ARG C 384 21.61 -15.78 18.18
N GLN C 385 21.04 -16.87 18.65
CA GLN C 385 20.84 -16.91 20.09
C GLN C 385 21.65 -17.99 20.77
N LEU C 386 21.84 -17.79 22.06
CA LEU C 386 22.38 -18.83 22.91
C LEU C 386 21.42 -20.01 22.89
N PRO C 387 21.91 -21.24 22.71
CA PRO C 387 23.30 -21.58 22.68
C PRO C 387 23.87 -21.73 21.31
N ASP C 388 23.11 -21.43 20.25
CA ASP C 388 23.51 -21.94 18.95
C ASP C 388 24.75 -21.24 18.41
N LYS C 389 24.89 -19.95 18.68
CA LYS C 389 26.10 -19.27 18.27
C LYS C 389 27.33 -19.81 18.97
N ALA C 390 27.17 -20.28 20.20
CA ALA C 390 28.28 -20.90 20.91
C ALA C 390 28.72 -22.19 20.22
N ILE C 391 27.74 -22.99 19.81
CA ILE C 391 28.08 -24.26 19.20
C ILE C 391 28.70 -24.03 17.85
N ASP C 392 28.25 -23.02 17.12
CA ASP C 392 28.86 -22.74 15.83
C ASP C 392 30.28 -22.26 15.98
N LEU C 393 30.57 -21.47 17.01
CA LEU C 393 31.94 -21.07 17.25
C LEU C 393 32.83 -22.29 17.48
N ILE C 394 32.33 -23.24 18.28
CA ILE C 394 33.08 -24.45 18.57
C ILE C 394 33.36 -25.23 17.30
N ASP C 395 32.33 -25.45 16.49
CA ASP C 395 32.48 -26.26 15.28
C ASP C 395 33.37 -25.56 14.27
N GLU C 396 33.26 -24.24 14.14
CA GLU C 396 34.01 -23.61 13.07
C GLU C 396 35.48 -23.52 13.42
N ALA C 397 35.80 -23.28 14.68
CA ALA C 397 37.22 -23.32 15.05
C ALA C 397 37.77 -24.73 14.93
N ALA C 398 36.94 -25.75 15.18
CA ALA C 398 37.39 -27.12 14.99
C ALA C 398 37.71 -27.42 13.52
N SER C 399 36.86 -26.97 12.62
CA SER C 399 37.12 -27.20 11.20
C SER C 399 38.37 -26.46 10.75
N SER C 400 38.56 -25.24 11.26
CA SER C 400 39.75 -24.48 10.93
C SER C 400 41.00 -25.21 11.35
N ILE C 401 40.97 -25.79 12.55
CA ILE C 401 42.17 -26.46 13.01
C ILE C 401 42.41 -27.77 12.27
N ARG C 402 41.35 -28.48 11.90
CA ARG C 402 41.53 -29.70 11.13
C ARG C 402 42.11 -29.41 9.76
N MET C 403 41.67 -28.32 9.13
CA MET C 403 42.25 -27.94 7.86
C MET C 403 43.69 -27.46 8.01
N GLN C 404 44.00 -26.76 9.09
CA GLN C 404 45.37 -26.31 9.26
C GLN C 404 46.31 -27.46 9.58
N ILE C 405 45.79 -28.49 10.23
CA ILE C 405 46.56 -29.72 10.38
C ILE C 405 46.75 -30.38 9.03
N ASP C 406 45.76 -30.25 8.15
CA ASP C 406 45.93 -30.78 6.80
C ASP C 406 46.91 -29.93 5.98
N SER C 407 47.19 -28.70 6.41
CA SER C 407 47.97 -27.79 5.57
C SER C 407 49.28 -27.31 6.20
N PRO C 409 50.43 -27.77 5.71
CA PRO C 409 51.72 -27.28 6.24
C PRO C 409 52.11 -25.92 5.69
N GLU C 410 53.11 -25.27 6.29
CA GLU C 410 53.45 -23.90 5.90
C GLU C 410 54.93 -23.76 5.50
N GLU C 411 55.85 -24.21 6.37
CA GLU C 411 57.26 -24.27 6.00
C GLU C 411 57.48 -25.22 4.84
N LEU C 412 56.65 -26.25 4.75
CA LEU C 412 56.69 -27.15 3.60
C LEU C 412 56.31 -26.41 2.32
N ASP C 413 55.40 -25.44 2.39
CA ASP C 413 55.03 -24.69 1.19
C ASP C 413 56.11 -23.68 0.81
N ARG C 414 56.75 -23.05 1.80
CA ARG C 414 57.91 -22.21 1.54
C ARG C 414 59.05 -23.00 0.89
N LEU C 415 59.37 -24.15 1.47
CA LEU C 415 60.43 -25.01 0.94
C LEU C 415 60.06 -25.59 -0.42
N ASP C 416 58.78 -25.82 -0.67
CA ASP C 416 58.35 -26.39 -1.94
C ASP C 416 58.47 -25.38 -3.07
N ARG C 417 58.06 -24.12 -2.81
CA ARG C 417 58.29 -23.07 -3.79
C ARG C 417 59.78 -22.81 -3.98
N ARG C 418 60.57 -22.95 -2.92
CA ARG C 418 62.02 -22.82 -3.01
C ARG C 418 62.62 -23.89 -3.91
N ILE C 419 62.20 -25.15 -3.74
CA ILE C 419 62.83 -26.22 -4.51
C ILE C 419 62.35 -26.22 -5.95
N ILE C 420 61.11 -25.81 -6.22
CA ILE C 420 60.68 -25.76 -7.62
C ILE C 420 61.34 -24.58 -8.34
N GLN C 421 61.61 -23.49 -7.60
CA GLN C 421 62.30 -22.36 -8.21
C GLN C 421 63.77 -22.71 -8.50
N LEU C 422 64.42 -23.40 -7.55
CA LEU C 422 65.81 -23.80 -7.78
C LEU C 422 65.91 -24.91 -8.82
N LYS C 423 64.87 -25.73 -8.96
CA LYS C 423 64.86 -26.77 -9.99
C LYS C 423 64.76 -26.15 -11.38
N LEU C 424 63.87 -25.17 -11.54
CA LEU C 424 63.75 -24.48 -12.82
C LEU C 424 65.03 -23.68 -13.14
N GLU C 425 65.66 -23.12 -12.09
CA GLU C 425 66.90 -22.38 -12.29
C GLU C 425 68.05 -23.30 -12.71
N GLN C 426 68.16 -24.45 -12.07
CA GLN C 426 69.24 -25.39 -12.39
C GLN C 426 69.03 -26.00 -13.77
N GLN C 427 67.77 -26.23 -14.15
CA GLN C 427 67.49 -26.72 -15.51
C GLN C 427 67.74 -25.63 -16.54
N ALA C 428 67.57 -24.37 -16.16
CA ALA C 428 67.91 -23.27 -17.07
C ALA C 428 69.41 -23.10 -17.22
N LEU C 429 70.18 -23.41 -16.16
CA LEU C 429 71.62 -23.26 -16.23
C LEU C 429 72.30 -24.39 -17.00
N MET C 430 71.66 -25.55 -17.12
CA MET C 430 72.25 -26.66 -17.86
C MET C 430 72.12 -26.46 -19.37
N LEU C 441 80.76 -24.31 -11.48
CA LEU C 441 79.88 -23.18 -11.21
C LEU C 441 78.69 -23.59 -10.36
N ASP C 442 78.20 -24.81 -10.61
CA ASP C 442 76.82 -25.23 -10.34
C ASP C 442 76.28 -24.95 -8.94
N MET C 443 76.78 -25.69 -7.93
CA MET C 443 76.47 -25.54 -6.49
C MET C 443 75.01 -25.81 -6.12
N LEU C 444 74.15 -25.98 -7.12
CA LEU C 444 72.72 -25.89 -6.93
C LEU C 444 72.16 -27.29 -6.90
N ASN C 445 72.93 -28.24 -7.45
CA ASN C 445 72.67 -29.65 -7.16
C ASN C 445 72.82 -29.92 -5.66
N GLU C 446 73.88 -29.37 -5.05
CA GLU C 446 74.09 -29.52 -3.62
C GLU C 446 73.04 -28.77 -2.81
N GLU C 447 72.73 -27.53 -3.24
CA GLU C 447 71.69 -26.76 -2.56
C GLU C 447 70.31 -27.43 -2.67
N LEU C 448 70.01 -28.01 -3.83
CA LEU C 448 68.74 -28.68 -4.04
C LEU C 448 68.68 -29.98 -3.24
N SER C 449 69.81 -30.68 -3.14
CA SER C 449 69.86 -31.90 -2.33
C SER C 449 69.64 -31.61 -0.86
N ASP C 450 70.24 -30.51 -0.36
CA ASP C 450 70.04 -30.10 1.03
C ASP C 450 68.59 -29.70 1.28
N LYS C 451 68.00 -28.92 0.38
CA LYS C 451 66.63 -28.48 0.58
C LYS C 451 65.62 -29.61 0.40
N GLU C 452 65.89 -30.56 -0.50
CA GLU C 452 65.05 -31.74 -0.63
C GLU C 452 65.15 -32.66 0.58
N ARG C 453 66.34 -32.78 1.17
CA ARG C 453 66.47 -33.55 2.40
C ARG C 453 65.72 -32.90 3.56
N GLN C 454 65.82 -31.57 3.68
CA GLN C 454 65.08 -30.83 4.70
C GLN C 454 63.57 -30.96 4.50
N TYR C 455 63.12 -30.85 3.25
CA TYR C 455 61.71 -30.96 2.94
C TYR C 455 61.19 -32.37 3.18
N SER C 456 62.00 -33.40 2.90
CA SER C 456 61.61 -34.77 3.18
C SER C 456 61.52 -35.03 4.67
N GLU C 457 62.44 -34.43 5.45
CA GLU C 457 62.38 -34.54 6.90
C GLU C 457 61.13 -33.88 7.47
N LEU C 458 60.80 -32.68 6.99
CA LEU C 458 59.62 -31.99 7.51
C LEU C 458 58.34 -32.67 7.06
N GLU C 459 58.34 -33.23 5.84
CA GLU C 459 57.22 -34.03 5.37
C GLU C 459 57.03 -35.28 6.22
N GLU C 460 58.13 -35.93 6.59
CA GLU C 460 58.05 -37.16 7.37
C GLU C 460 57.61 -36.88 8.79
N GLU C 461 58.05 -35.75 9.35
CA GLU C 461 57.54 -35.33 10.66
C GLU C 461 56.05 -35.00 10.57
N TRP C 462 55.62 -34.41 9.46
CA TRP C 462 54.20 -34.12 9.25
C TRP C 462 53.38 -35.41 9.17
N LYS C 463 53.92 -36.42 8.48
CA LYS C 463 53.23 -37.70 8.36
C LYS C 463 53.16 -38.42 9.71
N ALA C 464 54.22 -38.31 10.52
CA ALA C 464 54.22 -38.92 11.84
C ALA C 464 53.21 -38.26 12.76
N GLU C 465 53.09 -36.94 12.67
CA GLU C 465 52.08 -36.21 13.43
C GLU C 465 50.68 -36.59 12.98
N LYS C 466 50.49 -36.79 11.67
CA LYS C 466 49.20 -37.21 11.15
C LYS C 466 48.83 -38.61 11.64
N ALA C 467 49.80 -39.51 11.66
CA ALA C 467 49.55 -40.87 12.14
C ALA C 467 49.24 -40.90 13.63
N SER C 468 49.95 -40.04 14.40
CA SER C 468 49.72 -39.95 15.84
C SER C 468 48.32 -39.43 16.16
N LEU C 469 47.91 -38.36 15.48
CA LEU C 469 46.57 -37.80 15.70
C LEU C 469 45.47 -38.75 15.22
N SER C 470 45.75 -39.49 14.14
CA SER C 470 44.77 -40.46 13.65
C SER C 470 44.55 -41.57 14.66
N GLY C 471 45.63 -42.13 15.20
CA GLY C 471 45.51 -43.18 16.20
C GLY C 471 44.86 -42.67 17.48
N THR C 472 45.20 -41.44 17.88
CA THR C 472 44.61 -40.83 19.06
C THR C 472 43.11 -40.64 18.91
N GLN C 473 42.67 -40.17 17.73
CA GLN C 473 41.25 -39.95 17.55
C GLN C 473 40.48 -41.27 17.41
N THR C 474 41.07 -42.28 16.77
CA THR C 474 40.40 -43.57 16.67
C THR C 474 40.28 -44.23 18.05
N ILE C 475 41.26 -44.02 18.92
CA ILE C 475 41.18 -44.68 20.22
C ILE C 475 40.25 -43.90 21.16
N LYS C 476 40.13 -42.58 20.97
CA LYS C 476 39.10 -41.85 21.70
C LYS C 476 37.71 -42.21 21.18
N ALA C 477 37.62 -42.52 19.89
CA ALA C 477 36.35 -42.95 19.31
C ALA C 477 35.95 -44.33 19.85
N GLU C 478 36.94 -45.20 20.06
CA GLU C 478 36.64 -46.49 20.67
C GLU C 478 36.29 -46.33 22.14
N LEU C 479 36.80 -45.29 22.80
CA LEU C 479 36.33 -44.94 24.14
C LEU C 479 34.86 -44.53 24.13
N GLU C 480 34.46 -43.76 23.12
CA GLU C 480 33.04 -43.44 22.91
C GLU C 480 32.20 -44.71 22.68
N GLN C 481 32.72 -45.62 21.86
CA GLN C 481 32.05 -46.90 21.61
C GLN C 481 31.88 -47.71 22.88
N ALA C 482 32.89 -47.74 23.74
CA ALA C 482 32.82 -48.49 24.99
C ALA C 482 31.83 -47.85 25.95
N LYS C 483 31.74 -46.51 25.96
CA LYS C 483 30.75 -45.84 26.78
C LYS C 483 29.33 -46.15 26.32
N ILE C 484 29.12 -46.18 24.99
CA ILE C 484 27.82 -46.55 24.43
C ILE C 484 27.47 -48.00 24.77
N ALA C 485 28.47 -48.89 24.71
CA ALA C 485 28.21 -50.30 25.00
C ALA C 485 27.93 -50.53 26.48
N ILE C 486 28.56 -49.75 27.37
CA ILE C 486 28.26 -49.96 28.78
C ILE C 486 26.93 -49.30 29.14
N GLU C 487 26.50 -48.28 28.38
CA GLU C 487 25.12 -47.84 28.52
C GLU C 487 24.13 -48.88 28.01
N GLN C 488 24.48 -49.62 26.95
CA GLN C 488 23.67 -50.75 26.50
C GLN C 488 23.57 -51.84 27.56
N ALA C 489 24.67 -52.09 28.27
CA ALA C 489 24.63 -53.05 29.36
C ALA C 489 23.90 -52.51 30.59
N ARG C 490 23.84 -51.18 30.75
CA ARG C 490 23.00 -50.62 31.80
C ARG C 490 21.51 -50.75 31.48
N ARG C 491 21.12 -50.56 30.22
CA ARG C 491 19.72 -50.75 29.85
C ARG C 491 19.32 -52.23 29.89
N VAL C 492 20.16 -53.10 29.33
CA VAL C 492 19.82 -54.52 29.23
C VAL C 492 20.04 -55.27 30.54
N GLY C 493 21.23 -55.18 31.13
CA GLY C 493 21.47 -55.84 32.40
C GLY C 493 22.33 -57.08 32.34
N ASP C 494 23.41 -57.05 31.57
CA ASP C 494 24.36 -58.15 31.58
C ASP C 494 25.28 -58.03 32.80
N LEU C 495 25.69 -59.17 33.33
CA LEU C 495 26.31 -59.21 34.65
C LEU C 495 27.81 -58.99 34.59
N ALA C 496 28.53 -59.87 33.90
CA ALA C 496 29.98 -59.73 33.81
C ALA C 496 30.39 -58.65 32.84
N ARG C 497 29.48 -58.24 31.94
CA ARG C 497 29.81 -57.26 30.92
C ARG C 497 30.04 -55.89 31.52
N MET C 498 29.25 -55.54 32.56
CA MET C 498 29.42 -54.26 33.25
C MET C 498 30.78 -54.12 33.90
N SER C 499 31.15 -55.07 34.77
CA SER C 499 32.44 -55.07 35.43
C SER C 499 33.58 -55.19 34.45
N GLU C 500 33.42 -56.02 33.41
CA GLU C 500 34.44 -56.19 32.38
C GLU C 500 34.71 -54.89 31.64
N LEU C 501 33.65 -54.29 31.07
CA LEU C 501 33.80 -53.07 30.29
C LEU C 501 34.35 -51.91 31.12
N GLN C 502 33.79 -51.70 32.32
CA GLN C 502 34.27 -50.64 33.20
C GLN C 502 35.73 -50.87 33.60
N TYR C 503 35.98 -51.91 34.40
CA TYR C 503 37.27 -52.10 35.06
C TYR C 503 38.39 -52.40 34.07
N GLY C 504 38.09 -53.06 32.95
CA GLY C 504 39.09 -53.19 31.93
C GLY C 504 39.23 -51.97 31.07
N LYS C 505 38.18 -51.61 30.33
CA LYS C 505 38.34 -50.71 29.19
C LYS C 505 38.58 -49.27 29.60
N ILE C 506 37.89 -48.77 30.65
CA ILE C 506 37.92 -47.33 30.91
C ILE C 506 39.27 -46.81 31.41
N PRO C 507 39.91 -47.39 32.44
CA PRO C 507 41.19 -46.78 32.87
C PRO C 507 42.34 -46.97 31.89
N GLU C 508 42.41 -48.10 31.17
CA GLU C 508 43.54 -48.30 30.26
C GLU C 508 43.41 -47.41 29.02
N LEU C 509 42.20 -47.23 28.50
CA LEU C 509 42.02 -46.36 27.34
C LEU C 509 42.17 -44.90 27.73
N GLU C 510 41.75 -44.54 28.95
CA GLU C 510 42.01 -43.19 29.44
C GLU C 510 43.51 -42.91 29.60
N LYS C 511 44.27 -43.87 30.13
CA LYS C 511 45.69 -43.58 30.35
C LYS C 511 46.49 -43.60 29.05
N GLN C 512 46.12 -44.45 28.08
CA GLN C 512 46.83 -44.35 26.81
C GLN C 512 46.34 -43.20 25.95
N LEU C 513 45.11 -42.70 26.20
CA LEU C 513 44.69 -41.45 25.59
C LEU C 513 45.50 -40.27 26.15
N GLU C 514 45.77 -40.29 27.44
CA GLU C 514 46.63 -39.27 28.04
C GLU C 514 48.08 -39.38 27.60
N ALA C 515 48.58 -40.60 27.37
CA ALA C 515 49.93 -40.77 26.85
C ALA C 515 50.04 -40.27 25.41
N ALA C 516 49.05 -40.56 24.58
CA ALA C 516 49.03 -39.98 23.23
C ALA C 516 48.84 -38.47 23.27
N THR C 517 48.13 -37.96 24.28
CA THR C 517 47.94 -36.51 24.44
C THR C 517 49.24 -35.80 24.77
N GLN C 518 50.02 -36.36 25.71
CA GLN C 518 51.31 -35.74 26.01
C GLN C 518 52.34 -35.97 24.89
N LEU C 519 52.20 -37.06 24.11
CA LEU C 519 52.99 -37.21 22.89
C LEU C 519 52.68 -36.12 21.88
N GLU C 520 51.39 -35.77 21.75
CA GLU C 520 51.00 -34.63 20.92
C GLU C 520 51.51 -33.32 21.50
N GLY C 521 51.61 -33.24 22.83
CA GLY C 521 52.24 -32.08 23.44
C GLY C 521 53.72 -31.98 23.10
N LYS C 522 54.37 -33.13 22.92
CA LYS C 522 55.80 -33.13 22.63
C LYS C 522 56.10 -32.81 21.16
N THR C 523 55.41 -33.46 20.22
CA THR C 523 55.95 -33.50 18.86
C THR C 523 55.34 -32.47 17.90
N MET C 524 54.26 -31.80 18.28
CA MET C 524 53.58 -30.91 17.33
C MET C 524 54.37 -29.61 17.17
N ARG C 525 55.11 -29.52 16.07
CA ARG C 525 55.95 -28.35 15.77
C ARG C 525 55.56 -27.63 14.49
N LEU C 526 55.55 -28.37 13.38
CA LEU C 526 55.51 -27.80 12.03
C LEU C 526 54.25 -27.06 11.64
N LEU C 527 52.54 -26.37 16.24
CA LEU C 527 51.14 -26.50 15.80
C LEU C 527 50.16 -26.53 16.94
N ARG C 528 48.91 -26.77 16.57
CA ARG C 528 47.87 -27.09 17.53
C ARG C 528 47.06 -28.26 17.02
N ASN C 529 46.54 -29.02 17.96
CA ASN C 529 45.47 -29.97 17.70
C ASN C 529 44.38 -29.93 18.75
N LYS C 530 44.70 -29.51 19.96
CA LYS C 530 43.70 -29.00 20.89
C LYS C 530 43.38 -27.57 20.48
N VAL C 531 42.25 -27.09 20.95
CA VAL C 531 41.75 -25.78 20.58
C VAL C 531 41.59 -24.97 21.85
N THR C 532 42.42 -23.94 22.02
CA THR C 532 42.31 -23.07 23.16
C THR C 532 41.26 -22.02 22.89
N ASP C 533 41.22 -21.00 23.74
CA ASP C 533 40.37 -19.86 23.45
C ASP C 533 40.93 -18.98 22.36
N ALA C 534 42.21 -19.14 22.01
CA ALA C 534 42.80 -18.27 21.00
C ALA C 534 42.20 -18.55 19.63
N GLU C 535 41.89 -19.79 19.33
CA GLU C 535 41.26 -20.08 18.05
C GLU C 535 39.83 -19.57 18.01
N ILE C 536 39.14 -19.68 19.14
CA ILE C 536 37.78 -19.14 19.24
C ILE C 536 37.79 -17.64 19.03
N ALA C 537 38.72 -16.96 19.67
CA ALA C 537 38.86 -15.53 19.50
C ALA C 537 39.21 -15.19 18.07
N GLU C 538 39.98 -16.04 17.40
CA GLU C 538 40.28 -15.78 15.99
C GLU C 538 39.07 -15.94 15.12
N VAL C 539 38.22 -16.91 15.41
CA VAL C 539 37.05 -17.11 14.56
C VAL C 539 36.07 -15.98 14.76
N LEU C 540 35.90 -15.53 16.01
CA LEU C 540 35.01 -14.41 16.27
C LEU C 540 35.56 -13.11 15.70
N ALA C 541 36.88 -12.95 15.70
CA ALA C 541 37.46 -11.77 15.08
C ALA C 541 37.34 -11.82 13.57
N ARG C 542 37.35 -12.99 12.98
CA ARG C 542 37.08 -13.05 11.55
C ARG C 542 35.60 -13.14 11.28
N TRP C 543 34.78 -13.06 12.30
CA TRP C 543 33.35 -13.18 12.14
C TRP C 543 32.68 -11.82 12.08
N THR C 544 32.75 -11.04 13.17
CA THR C 544 32.38 -9.64 13.11
C THR C 544 33.52 -8.81 12.54
N GLY C 545 34.60 -8.74 13.28
CA GLY C 545 35.67 -7.87 12.86
C GLY C 545 36.37 -7.22 14.02
N ILE C 546 35.83 -7.35 15.23
CA ILE C 546 36.53 -6.80 16.38
C ILE C 546 37.74 -7.67 16.70
N PRO C 547 38.91 -7.11 16.83
CA PRO C 547 40.10 -7.93 17.08
C PRO C 547 40.17 -8.46 18.50
N VAL C 548 39.47 -9.57 18.74
CA VAL C 548 39.51 -10.19 20.05
C VAL C 548 40.84 -10.91 20.27
N SER C 549 41.57 -11.20 19.18
CA SER C 549 42.73 -12.08 19.20
C SER C 549 43.85 -11.54 20.09
N ARG C 550 44.79 -12.42 20.41
CA ARG C 550 45.98 -12.00 21.12
C ARG C 550 46.80 -11.07 20.25
N MET C 551 47.57 -10.22 20.91
CA MET C 551 48.39 -9.28 20.17
C MET C 551 49.51 -10.04 19.51
N MET C 552 49.32 -10.36 18.24
CA MET C 552 50.47 -10.69 17.42
C MET C 552 51.42 -9.50 17.36
N GLU C 553 52.71 -9.82 17.25
CA GLU C 553 53.76 -8.88 17.60
C GLU C 553 53.81 -7.70 16.65
N SER C 554 53.50 -7.94 15.38
CA SER C 554 53.42 -6.84 14.42
C SER C 554 52.28 -5.91 14.78
N GLU C 555 51.12 -6.48 15.12
CA GLU C 555 50.02 -5.64 15.54
C GLU C 555 50.30 -5.02 16.89
N ARG C 556 51.08 -5.68 17.73
CA ARG C 556 51.35 -5.11 19.04
C ARG C 556 52.32 -3.95 18.94
N GLU C 557 53.27 -4.02 18.01
CA GLU C 557 54.09 -2.86 17.72
C GLU C 557 53.31 -1.80 16.97
N LYS C 558 52.35 -2.22 16.16
CA LYS C 558 51.47 -1.31 15.45
C LYS C 558 50.61 -0.53 16.44
N LEU C 559 50.35 -1.13 17.59
CA LEU C 559 49.45 -0.58 18.60
C LEU C 559 50.18 0.23 19.64
N LEU C 560 51.36 -0.23 20.07
CA LEU C 560 52.09 0.49 21.10
C LEU C 560 52.69 1.77 20.56
N ARG C 561 52.96 1.83 19.27
CA ARG C 561 53.55 3.02 18.67
C ARG C 561 52.48 3.91 18.07
N MET C 562 51.31 3.96 18.71
CA MET C 562 50.14 4.63 18.16
C MET C 562 50.35 6.12 18.01
N GLU C 563 50.87 6.75 19.05
CA GLU C 563 50.98 8.20 19.10
C GLU C 563 51.94 8.71 18.04
N GLN C 564 53.03 7.98 17.83
CA GLN C 564 53.90 8.20 16.69
C GLN C 564 53.16 8.06 15.37
N GLU C 565 52.31 7.03 15.27
CA GLU C 565 51.62 6.78 14.01
C GLU C 565 50.63 7.88 13.67
N LEU C 566 50.12 8.57 14.67
CA LEU C 566 49.25 9.69 14.35
C LEU C 566 50.02 10.96 14.10
N HIS C 567 51.14 11.18 14.78
CA HIS C 567 51.84 12.43 14.54
C HIS C 567 52.70 12.38 13.29
N HIS C 568 52.59 11.32 12.50
CA HIS C 568 52.94 11.42 11.10
C HIS C 568 51.84 12.09 10.30
N ARG C 569 50.67 12.30 10.88
CA ARG C 569 49.61 13.01 10.19
C ARG C 569 48.98 14.15 10.97
N VAL C 570 49.05 14.15 12.28
CA VAL C 570 48.49 15.23 13.05
C VAL C 570 49.64 15.85 13.82
N ILE C 571 50.03 16.99 13.43
CA ILE C 571 51.06 17.67 14.19
C ILE C 571 50.36 18.52 15.23
N GLY C 572 51.01 18.67 16.37
CA GLY C 572 50.37 19.30 17.51
C GLY C 572 49.27 18.43 18.09
N GLN C 573 48.64 19.00 19.12
CA GLN C 573 47.45 18.45 19.77
C GLN C 573 47.73 17.07 20.37
N ASN C 574 48.70 17.01 21.28
CA ASN C 574 49.04 15.73 21.89
C ASN C 574 47.99 15.26 22.86
N GLU C 575 47.18 16.19 23.38
CA GLU C 575 46.15 15.88 24.36
C GLU C 575 45.21 14.83 23.83
N ALA C 576 44.69 15.09 22.64
CA ALA C 576 43.74 14.19 22.05
C ALA C 576 44.38 12.89 21.62
N VAL C 577 45.64 12.93 21.17
CA VAL C 577 46.28 11.70 20.71
C VAL C 577 46.47 10.75 21.87
N ASP C 578 46.84 11.29 23.02
CA ASP C 578 46.90 10.49 24.23
C ASP C 578 45.54 9.92 24.59
N ALA C 579 44.48 10.74 24.52
CA ALA C 579 43.17 10.28 24.95
C ALA C 579 42.64 9.18 24.03
N VAL C 580 42.73 9.42 22.73
CA VAL C 580 42.27 8.48 21.72
C VAL C 580 43.05 7.17 21.77
N SER C 581 44.37 7.26 21.87
CA SER C 581 45.18 6.07 21.88
C SER C 581 44.95 5.28 23.14
N ASN C 582 44.73 5.96 24.27
CA ASN C 582 44.36 5.28 25.49
C ASN C 582 43.05 4.55 25.33
N ALA C 583 42.10 5.15 24.60
CA ALA C 583 40.80 4.51 24.44
C ALA C 583 40.92 3.21 23.68
N ILE C 584 41.65 3.26 22.57
CA ILE C 584 41.77 2.03 21.78
C ILE C 584 42.63 1.01 22.49
N ARG C 585 43.61 1.46 23.27
CA ARG C 585 44.43 0.54 24.03
C ARG C 585 43.61 -0.18 25.09
N ARG C 586 42.75 0.56 25.79
CA ARG C 586 41.89 -0.06 26.78
C ARG C 586 40.97 -1.07 26.14
N SER C 587 40.43 -0.74 24.98
CA SER C 587 39.52 -1.70 24.36
C SER C 587 40.25 -2.92 23.83
N ARG C 588 41.48 -2.76 23.38
CA ARG C 588 42.20 -3.94 22.94
C ARG C 588 42.64 -4.78 24.11
N ALA C 589 42.79 -4.17 25.27
CA ALA C 589 43.24 -4.93 26.42
C ALA C 589 42.14 -5.79 27.02
N GLY C 590 40.88 -5.50 26.75
CA GLY C 590 39.78 -6.21 27.34
C GLY C 590 39.12 -5.49 28.50
N LEU C 591 39.25 -4.17 28.56
CA LEU C 591 38.84 -3.39 29.71
C LEU C 591 37.75 -2.41 29.35
N ALA C 592 37.22 -2.52 28.13
CA ALA C 592 36.14 -1.66 27.67
C ALA C 592 34.85 -2.10 28.34
N ASP C 593 34.28 -1.19 29.13
CA ASP C 593 33.11 -1.39 29.98
C ASP C 593 31.94 -1.84 29.12
N PRO C 594 31.56 -3.10 29.20
CA PRO C 594 30.72 -3.68 28.16
C PRO C 594 29.27 -3.21 28.12
N ASN C 595 28.93 -2.17 28.84
CA ASN C 595 27.65 -1.54 28.66
C ASN C 595 27.74 -0.14 28.08
N ARG C 596 28.92 0.42 27.92
CA ARG C 596 29.06 1.68 27.24
C ARG C 596 29.85 1.45 25.98
N PRO C 597 29.69 2.27 24.97
CA PRO C 597 30.54 2.16 23.79
C PRO C 597 31.96 2.59 24.15
N ILE C 598 32.88 2.33 23.22
CA ILE C 598 34.31 2.26 23.54
C ILE C 598 34.82 3.57 24.08
N GLY C 599 34.46 4.63 23.43
CA GLY C 599 34.82 5.92 23.93
C GLY C 599 33.96 6.92 23.22
N SER C 600 33.61 7.99 23.91
CA SER C 600 32.64 8.95 23.42
C SER C 600 33.22 10.32 23.73
N PHE C 601 33.83 10.98 22.76
CA PHE C 601 34.59 12.17 23.06
C PHE C 601 33.97 13.40 22.46
N LEU C 602 34.03 14.48 23.20
CA LEU C 602 33.60 15.78 22.71
C LEU C 602 34.85 16.62 22.51
N PHE C 603 35.25 16.78 21.25
CA PHE C 603 36.39 17.62 20.94
C PHE C 603 35.93 19.05 20.85
N LEU C 604 36.85 19.98 21.02
CA LEU C 604 36.50 21.38 20.91
C LEU C 604 37.59 22.14 20.17
N GLY C 605 37.37 23.43 19.94
CA GLY C 605 38.37 24.30 19.38
C GLY C 605 37.81 25.37 18.48
N PRO C 606 38.67 26.14 17.83
CA PRO C 606 38.30 26.85 16.60
C PRO C 606 38.51 25.91 15.43
N THR C 607 38.06 26.32 14.25
CA THR C 607 38.09 25.38 13.15
C THR C 607 39.48 25.30 12.55
N GLY C 608 39.68 24.28 11.74
CA GLY C 608 40.91 24.13 10.99
C GLY C 608 42.14 23.87 11.80
N VAL C 609 42.01 23.15 12.91
CA VAL C 609 43.16 22.82 13.73
C VAL C 609 43.48 21.34 13.74
N GLY C 610 42.55 20.48 13.29
CA GLY C 610 42.87 19.08 13.02
C GLY C 610 41.90 18.04 13.55
N LYS C 611 40.72 18.51 13.99
CA LYS C 611 39.75 17.67 14.67
C LYS C 611 39.27 16.56 13.77
N THR C 612 38.71 16.96 12.63
CA THR C 612 38.32 16.05 11.57
C THR C 612 39.50 15.23 11.11
N GLU C 613 40.70 15.80 11.17
CA GLU C 613 41.86 15.01 10.80
C GLU C 613 42.25 14.01 11.86
N LEU C 614 42.01 14.29 13.13
CA LEU C 614 42.25 13.25 14.12
C LEU C 614 41.32 12.08 13.87
N CYS C 615 40.06 12.37 13.58
CA CYS C 615 39.11 11.29 13.35
C CYS C 615 39.45 10.53 12.08
N LYS C 616 39.78 11.24 11.01
CA LYS C 616 40.18 10.56 9.80
C LYS C 616 41.52 9.89 9.95
N ALA C 617 42.36 10.33 10.86
CA ALA C 617 43.61 9.64 11.12
C ALA C 617 43.34 8.34 11.81
N LEU C 618 42.35 8.32 12.70
CA LEU C 618 41.92 7.07 13.29
C LEU C 618 41.39 6.10 12.27
N ALA C 619 40.56 6.59 11.36
CA ALA C 619 39.97 5.68 10.41
C ALA C 619 41.02 5.16 9.44
N ASN C 620 41.90 6.04 8.98
CA ASN C 620 42.98 5.67 8.09
C ASN C 620 44.05 4.87 8.81
N PHE C 621 44.02 4.86 10.13
CA PHE C 621 44.80 3.87 10.87
C PHE C 621 44.07 2.54 10.90
N MET C 622 42.87 2.56 11.45
CA MET C 622 42.15 1.37 11.84
C MET C 622 41.73 0.53 10.65
N PHE C 623 41.61 1.12 9.47
CA PHE C 623 41.22 0.36 8.30
C PHE C 623 42.06 0.67 7.08
N ASP C 624 42.98 1.63 7.19
CA ASP C 624 43.64 2.27 6.05
C ASP C 624 42.62 2.81 5.05
N SER C 625 41.78 3.72 5.54
CA SER C 625 40.76 4.38 4.75
C SER C 625 40.18 5.58 5.47
N ASP C 626 40.07 6.73 4.80
CA ASP C 626 39.26 7.80 5.36
C ASP C 626 37.78 7.53 5.13
N GLU C 627 37.43 7.06 3.95
CA GLU C 627 36.04 6.78 3.63
C GLU C 627 35.65 5.34 3.95
N ALA C 628 35.99 4.93 5.17
CA ALA C 628 35.37 3.76 5.80
C ALA C 628 35.26 4.15 7.28
N MET C 629 34.13 4.73 7.61
CA MET C 629 33.79 5.22 8.94
C MET C 629 32.29 5.49 8.84
N VAL C 630 31.75 6.13 9.86
CA VAL C 630 30.38 6.62 9.77
C VAL C 630 30.43 8.10 10.05
N ARG C 631 30.05 8.90 9.08
CA ARG C 631 30.10 10.34 9.27
C ARG C 631 28.71 10.89 9.13
N ILE C 632 28.12 11.29 10.25
CA ILE C 632 26.79 11.88 10.25
C ILE C 632 26.97 13.38 10.35
N ASP C 633 26.71 14.08 9.26
CA ASP C 633 26.94 15.51 9.23
C ASP C 633 25.89 16.24 10.01
N MET C 634 26.15 16.43 11.31
CA MET C 634 25.13 16.86 12.23
C MET C 634 24.75 18.32 12.08
N SER C 635 25.42 19.08 11.25
CA SER C 635 24.99 20.46 11.06
C SER C 635 23.76 20.56 10.19
N GLU C 636 23.37 19.49 9.49
CA GLU C 636 22.14 19.51 8.71
C GLU C 636 20.91 19.56 9.57
N PHE C 637 21.02 19.22 10.85
CA PHE C 637 19.90 18.66 11.59
C PHE C 637 19.18 19.75 12.33
N MET C 638 19.06 20.88 11.67
CA MET C 638 18.58 22.12 12.22
C MET C 638 17.10 22.10 12.50
N GLU C 639 16.40 21.06 12.10
CA GLU C 639 15.04 20.80 12.52
C GLU C 639 14.99 19.42 13.14
N LYS C 640 13.81 19.03 13.59
CA LYS C 640 13.67 17.83 14.40
C LYS C 640 13.13 16.66 13.62
N HIS C 641 13.65 16.47 12.45
CA HIS C 641 13.18 15.44 11.56
C HIS C 641 14.25 14.44 11.21
N SER C 642 15.44 14.95 11.08
CA SER C 642 16.54 14.14 10.67
C SER C 642 16.95 13.14 11.74
N VAL C 643 16.46 13.33 12.96
CA VAL C 643 16.22 12.21 13.85
C VAL C 643 15.62 11.07 13.06
N SER C 644 14.49 11.32 12.44
CA SER C 644 13.93 10.30 11.59
C SER C 644 14.56 10.24 10.23
N ARG C 645 15.77 10.74 10.03
CA ARG C 645 16.54 10.09 8.97
C ARG C 645 17.65 9.20 9.48
N LEU C 646 18.11 9.39 10.72
CA LEU C 646 19.24 8.57 11.13
C LEU C 646 18.80 7.30 11.83
N VAL C 647 17.69 7.33 12.58
CA VAL C 647 17.23 6.12 13.25
C VAL C 647 16.12 5.42 12.51
N GLY C 648 15.63 5.98 11.43
CA GLY C 648 14.60 5.31 10.69
C GLY C 648 13.22 5.84 11.00
N ALA C 649 12.32 5.61 10.07
CA ALA C 649 10.96 6.07 10.12
C ALA C 649 10.04 4.94 10.52
N PRO C 650 9.11 5.21 11.44
CA PRO C 650 8.38 4.17 12.11
C PRO C 650 7.41 3.48 11.16
N PRO C 651 6.81 2.37 11.58
CA PRO C 651 5.77 1.74 10.76
C PRO C 651 4.62 2.68 10.40
N GLY C 652 4.04 2.40 9.25
CA GLY C 652 3.04 3.28 8.70
C GLY C 652 3.55 4.57 8.13
N TYR C 653 4.78 4.62 7.64
CA TYR C 653 5.29 5.83 7.01
C TYR C 653 6.10 5.45 5.78
N VAL C 654 6.84 6.42 5.24
CA VAL C 654 7.19 6.34 3.83
C VAL C 654 8.28 5.35 3.57
N GLY C 655 9.47 5.65 4.05
CA GLY C 655 10.63 4.85 3.69
C GLY C 655 10.90 3.85 4.78
N TYR C 656 9.93 3.00 4.99
CA TYR C 656 9.92 2.22 6.20
C TYR C 656 10.92 1.09 6.15
N GLU C 657 10.95 0.34 5.06
CA GLU C 657 11.76 -0.87 5.05
C GLU C 657 13.21 -0.65 4.71
N GLU C 658 13.73 0.56 4.85
CA GLU C 658 15.15 0.76 4.63
C GLU C 658 15.86 1.40 5.80
N GLY C 659 15.17 1.63 6.92
CA GLY C 659 15.78 2.07 8.16
C GLY C 659 16.44 3.44 8.07
N GLY C 660 17.14 3.77 9.13
CA GLY C 660 17.89 5.01 9.19
C GLY C 660 19.15 4.94 8.36
N TYR C 661 20.02 5.92 8.56
CA TYR C 661 21.35 5.73 8.02
C TYR C 661 22.28 5.13 9.01
N LEU C 662 22.05 5.39 10.30
CA LEU C 662 22.99 4.92 11.28
C LEU C 662 22.84 3.44 11.53
N THR C 663 21.61 2.99 11.75
CA THR C 663 21.45 1.61 12.19
C THR C 663 21.60 0.62 11.05
N GLU C 664 21.42 1.04 9.81
CA GLU C 664 21.86 0.23 8.70
C GLU C 664 23.33 -0.12 8.81
N ALA C 665 24.19 0.87 8.68
CA ALA C 665 25.59 0.53 8.51
C ALA C 665 26.28 0.24 9.82
N VAL C 666 25.61 0.29 10.96
CA VAL C 666 26.21 -0.29 12.15
C VAL C 666 25.56 -1.62 12.51
N ARG C 667 24.45 -1.99 11.88
CA ARG C 667 24.13 -3.40 11.85
C ARG C 667 25.13 -4.15 10.97
N ARG C 668 25.54 -3.54 9.87
CA ARG C 668 26.53 -4.15 8.97
C ARG C 668 27.88 -4.35 9.63
N ARG C 669 28.55 -3.26 9.94
CA ARG C 669 29.96 -3.35 10.29
C ARG C 669 30.15 -2.96 11.73
N PRO C 670 30.26 -3.91 12.65
CA PRO C 670 30.07 -3.63 14.07
C PRO C 670 31.21 -2.90 14.72
N TYR C 671 32.28 -2.64 14.01
CA TYR C 671 33.48 -2.02 14.57
C TYR C 671 33.80 -0.89 13.64
N SER C 672 33.10 0.21 13.80
CA SER C 672 33.36 1.40 13.02
C SER C 672 33.66 2.50 13.99
N VAL C 673 33.89 3.69 13.50
CA VAL C 673 34.18 4.82 14.35
C VAL C 673 33.33 5.95 13.84
N ILE C 674 32.34 6.35 14.60
CA ILE C 674 31.45 7.36 14.08
C ILE C 674 32.12 8.71 14.24
N LEU C 675 32.01 9.55 13.24
CA LEU C 675 32.24 10.97 13.40
C LEU C 675 30.92 11.71 13.35
N LEU C 676 30.63 12.49 14.35
CA LEU C 676 29.50 13.38 14.30
C LEU C 676 30.07 14.78 14.33
N ASP C 677 30.33 15.35 13.17
CA ASP C 677 30.99 16.64 13.16
C ASP C 677 30.00 17.76 13.36
N ALA C 678 30.49 18.86 13.93
CA ALA C 678 29.84 20.16 13.95
C ALA C 678 28.51 20.11 14.68
N VAL C 679 28.46 19.29 15.72
CA VAL C 679 27.19 18.92 16.32
C VAL C 679 26.54 20.04 17.11
N GLU C 680 27.26 21.13 17.35
CA GLU C 680 26.73 22.30 18.03
C GLU C 680 25.67 23.05 17.22
N LYS C 681 25.49 22.75 15.94
CA LYS C 681 24.52 23.46 15.15
C LYS C 681 23.32 22.59 14.82
N ALA C 682 23.18 21.48 15.53
CA ALA C 682 21.97 20.70 15.41
C ALA C 682 20.84 21.41 16.15
N HIS C 683 19.61 21.00 15.89
CA HIS C 683 18.52 21.51 16.69
C HIS C 683 18.68 20.92 18.08
N PRO C 684 18.77 21.74 19.12
CA PRO C 684 19.53 21.35 20.33
C PRO C 684 18.99 20.17 21.08
N ASP C 685 17.84 19.66 20.72
CA ASP C 685 17.41 18.33 21.14
C ASP C 685 17.37 17.34 19.98
N VAL C 686 18.51 17.08 19.34
CA VAL C 686 18.64 15.88 18.54
C VAL C 686 19.48 14.97 19.42
N PHE C 687 20.09 15.55 20.45
CA PHE C 687 21.03 14.81 21.29
C PHE C 687 20.38 13.75 22.17
N ASN C 688 19.06 13.70 22.23
CA ASN C 688 18.44 12.76 23.14
C ASN C 688 18.50 11.35 22.55
N ILE C 689 18.44 11.30 21.22
CA ILE C 689 18.90 10.15 20.47
C ILE C 689 20.30 9.77 20.91
N LEU C 690 21.16 10.76 21.02
CA LEU C 690 22.49 10.43 21.44
C LEU C 690 22.58 10.13 22.93
N LEU C 691 21.55 10.47 23.72
CA LEU C 691 21.53 10.00 25.11
C LEU C 691 21.40 8.50 25.18
N GLN C 692 20.55 7.91 24.34
CA GLN C 692 20.56 6.44 24.29
C GLN C 692 21.89 5.91 23.77
N VAL C 693 22.39 6.55 22.71
CA VAL C 693 23.59 6.09 22.01
C VAL C 693 24.79 6.03 22.94
N LEU C 694 24.90 6.98 23.85
CA LEU C 694 26.03 7.04 24.77
C LEU C 694 25.72 6.53 26.16
N ASP C 695 24.45 6.26 26.46
CA ASP C 695 24.18 5.54 27.70
C ASP C 695 24.52 4.08 27.53
N ASP C 696 23.90 3.42 26.56
CA ASP C 696 24.21 2.02 26.38
C ASP C 696 24.63 1.61 25.00
N GLY C 697 24.33 2.40 23.99
CA GLY C 697 24.77 1.97 22.68
C GLY C 697 23.97 0.81 22.15
N ARG C 698 22.76 0.61 22.63
CA ARG C 698 21.75 -0.04 21.84
C ARG C 698 20.91 1.08 21.24
N LEU C 699 20.10 0.76 20.26
CA LEU C 699 19.34 1.82 19.62
C LEU C 699 18.04 1.28 19.06
N THR C 700 16.94 1.78 19.56
CA THR C 700 15.61 1.35 19.15
C THR C 700 15.30 1.94 17.79
N ASP C 701 15.45 1.16 16.73
CA ASP C 701 15.32 1.71 15.39
C ASP C 701 13.86 1.67 14.91
N GLY C 702 13.67 1.78 13.60
CA GLY C 702 12.37 1.66 13.02
C GLY C 702 11.76 0.30 13.21
N GLN C 703 12.32 -0.73 12.56
CA GLN C 703 11.69 -2.04 12.62
C GLN C 703 11.80 -2.72 13.98
N GLY C 704 12.53 -2.14 14.93
CA GLY C 704 12.57 -2.61 16.29
C GLY C 704 13.88 -3.24 16.69
N ARG C 705 14.69 -3.67 15.72
CA ARG C 705 15.88 -4.46 16.04
C ARG C 705 16.94 -3.58 16.67
N THR C 706 17.34 -3.94 17.88
CA THR C 706 18.25 -3.11 18.65
C THR C 706 19.65 -3.32 18.12
N VAL C 707 20.02 -2.50 17.14
CA VAL C 707 21.41 -2.48 16.71
C VAL C 707 22.24 -2.01 17.88
N ASP C 708 23.41 -2.62 18.05
CA ASP C 708 24.24 -2.46 19.23
C ASP C 708 25.53 -1.76 18.87
N PHE C 709 25.85 -0.71 19.59
CA PHE C 709 26.97 0.13 19.24
C PHE C 709 28.26 -0.20 19.94
N ARG C 710 28.28 -1.12 20.88
CA ARG C 710 29.29 -1.03 21.93
C ARG C 710 30.72 -1.36 21.51
N ASN C 711 30.97 -1.53 20.22
CA ASN C 711 32.31 -1.67 19.67
C ASN C 711 32.59 -0.57 18.66
N THR C 712 31.89 0.55 18.77
CA THR C 712 31.98 1.64 17.82
C THR C 712 32.20 2.96 18.54
N VAL C 713 33.28 3.64 18.18
CA VAL C 713 33.70 4.85 18.86
C VAL C 713 32.81 5.98 18.40
N VAL C 714 31.98 6.50 19.28
CA VAL C 714 31.35 7.78 19.02
C VAL C 714 32.40 8.85 19.24
N ILE C 715 32.58 9.72 18.26
CA ILE C 715 33.35 10.92 18.44
C ILE C 715 32.46 12.09 18.09
N MET C 716 32.35 13.05 18.96
CA MET C 716 31.75 14.30 18.57
C MET C 716 32.83 15.34 18.43
N THR C 717 32.75 16.14 17.38
CA THR C 717 33.65 17.27 17.19
C THR C 717 32.83 18.51 16.98
N SER C 718 32.85 19.38 17.94
CA SER C 718 32.25 20.68 17.76
C SER C 718 33.32 21.70 17.48
N ASN C 719 32.91 22.94 17.36
CA ASN C 719 33.85 24.04 17.27
C ASN C 719 33.35 25.20 18.09
N LEU C 720 32.92 24.91 19.30
CA LEU C 720 32.49 25.96 20.20
C LEU C 720 33.63 26.81 20.73
N GLY C 721 34.85 26.29 20.74
CA GLY C 721 35.94 26.95 21.42
C GLY C 721 36.61 28.02 20.60
N SER C 722 35.84 29.03 20.16
CA SER C 722 36.43 30.18 19.50
C SER C 722 36.88 31.21 20.50
N ASP C 723 35.91 31.79 21.22
CA ASP C 723 36.17 32.93 22.08
C ASP C 723 37.04 32.54 23.26
N LEU C 724 36.71 31.43 23.90
CA LEU C 724 37.38 31.12 25.15
C LEU C 724 38.81 30.67 24.91
N ILE C 725 39.03 29.85 23.90
CA ILE C 725 40.39 29.36 23.66
C ILE C 725 41.23 30.45 23.03
N GLN C 726 40.68 31.24 22.11
CA GLN C 726 41.44 32.36 21.59
C GLN C 726 41.67 33.44 22.64
N GLU C 727 40.84 33.47 23.65
CA GLU C 727 41.02 34.46 24.70
C GLU C 727 42.10 34.03 25.68
N ARG C 728 42.00 32.82 26.21
CA ARG C 728 42.79 32.49 27.39
C ARG C 728 43.54 31.17 27.26
N PHE C 729 43.91 30.75 26.04
CA PHE C 729 44.80 29.59 26.00
C PHE C 729 46.19 29.99 26.47
N GLY C 730 46.61 31.20 26.15
CA GLY C 730 47.80 31.75 26.77
C GLY C 730 47.61 31.86 28.27
N GLU C 731 48.73 31.68 28.98
CA GLU C 731 48.91 31.70 30.45
C GLU C 731 47.89 30.85 31.20
N LEU C 732 47.31 29.82 30.59
CA LEU C 732 46.46 28.90 31.33
C LEU C 732 46.88 27.48 31.05
N ASP C 733 46.57 26.60 32.00
CA ASP C 733 46.89 25.19 31.89
C ASP C 733 45.84 24.48 31.06
N TYR C 734 45.94 23.17 30.99
CA TYR C 734 44.93 22.37 30.31
C TYR C 734 43.66 22.26 31.15
N ALA C 735 43.82 22.21 32.45
CA ALA C 735 42.73 21.81 33.34
C ALA C 735 41.71 22.92 33.51
N HIS C 736 42.15 24.14 33.79
CA HIS C 736 41.21 25.23 34.00
C HIS C 736 40.52 25.63 32.71
N MET C 737 41.23 25.49 31.59
CA MET C 737 40.61 25.64 30.29
C MET C 737 39.50 24.60 30.11
N LYS C 738 39.79 23.34 30.45
CA LYS C 738 38.79 22.29 30.35
C LYS C 738 37.58 22.60 31.21
N GLU C 739 37.82 23.08 32.42
CA GLU C 739 36.74 23.45 33.33
C GLU C 739 35.89 24.58 32.77
N LEU C 740 36.54 25.61 32.23
CA LEU C 740 35.77 26.79 31.86
C LEU C 740 35.00 26.57 30.58
N VAL C 741 35.61 25.93 29.58
CA VAL C 741 34.85 25.64 28.37
C VAL C 741 33.86 24.53 28.61
N LEU C 742 34.08 23.72 29.64
CA LEU C 742 33.09 22.74 30.03
C LEU C 742 31.85 23.44 30.56
N GLY C 743 32.04 24.49 31.36
CA GLY C 743 30.92 25.33 31.76
C GLY C 743 30.23 26.00 30.59
N VAL C 744 31.00 26.39 29.57
CA VAL C 744 30.42 26.98 28.36
C VAL C 744 29.51 25.99 27.63
N VAL C 745 29.96 24.75 27.50
CA VAL C 745 29.13 23.76 26.83
C VAL C 745 27.92 23.43 27.69
N SER C 746 28.08 23.51 29.01
CA SER C 746 26.93 23.39 29.90
C SER C 746 25.93 24.50 29.69
N HIS C 747 26.39 25.69 29.31
CA HIS C 747 25.44 26.69 28.84
C HIS C 747 24.73 26.22 27.60
N ASN C 748 25.48 25.63 26.68
CA ASN C 748 24.84 25.27 25.42
C ASN C 748 24.01 24.00 25.52
N PHE C 749 24.62 22.89 25.91
CA PHE C 749 23.93 21.61 25.85
C PHE C 749 23.12 21.38 27.11
N ARG C 750 22.73 20.26 27.29
CA ARG C 750 21.98 19.89 28.47
C ARG C 750 22.91 19.38 29.56
N PRO C 751 22.53 19.54 30.82
CA PRO C 751 23.32 18.93 31.91
C PRO C 751 23.20 17.43 31.91
N GLU C 752 22.15 16.91 31.29
CA GLU C 752 21.96 15.49 31.11
C GLU C 752 23.08 14.88 30.32
N PHE C 753 23.72 15.67 29.49
CA PHE C 753 24.43 15.16 28.34
C PHE C 753 25.90 14.95 28.62
N ILE C 754 26.56 15.96 29.20
CA ILE C 754 27.99 15.82 29.43
C ILE C 754 28.28 15.01 30.66
N ASN C 755 27.26 14.52 31.35
CA ASN C 755 27.46 13.36 32.18
C ASN C 755 27.97 12.18 31.37
N ARG C 756 27.55 12.06 30.12
CA ARG C 756 27.79 10.82 29.40
C ARG C 756 29.16 10.79 28.79
N ILE C 757 29.62 11.94 28.33
CA ILE C 757 30.76 12.01 27.42
C ILE C 757 32.04 11.61 28.14
N ASP C 758 32.77 10.68 27.53
CA ASP C 758 33.91 10.04 28.17
C ASP C 758 34.99 11.04 28.56
N GLU C 759 35.57 11.73 27.59
CA GLU C 759 36.48 12.80 27.96
C GLU C 759 36.36 13.93 26.96
N VAL C 760 36.25 15.14 27.48
CA VAL C 760 35.98 16.30 26.66
C VAL C 760 37.34 16.95 26.42
N VAL C 761 38.07 16.49 25.43
CA VAL C 761 39.40 17.04 25.25
C VAL C 761 39.32 18.23 24.31
N VAL C 762 40.10 19.24 24.64
CA VAL C 762 39.91 20.60 24.16
C VAL C 762 41.17 20.97 23.41
N PHE C 763 41.02 21.64 22.28
CA PHE C 763 42.19 21.88 21.47
C PHE C 763 42.77 23.27 21.71
N HIS C 764 43.90 23.52 21.06
CA HIS C 764 44.67 24.72 21.22
C HIS C 764 45.04 25.25 19.84
N PRO C 765 45.19 26.56 19.68
CA PRO C 765 45.62 27.09 18.39
C PRO C 765 47.06 26.75 18.14
N LEU C 766 47.46 26.88 16.88
CA LEU C 766 48.76 26.37 16.46
C LEU C 766 49.86 27.42 16.58
N GLY C 767 51.08 26.94 16.79
CA GLY C 767 52.25 27.79 16.71
C GLY C 767 52.89 27.61 15.34
N GLU C 768 53.95 28.37 15.11
CA GLU C 768 54.48 28.53 13.75
C GLU C 768 55.18 27.27 13.28
N GLN C 769 56.01 26.69 14.15
CA GLN C 769 56.73 25.48 13.83
C GLN C 769 55.80 24.30 13.55
N HIS C 770 54.66 24.27 14.23
CA HIS C 770 53.62 23.30 13.92
C HIS C 770 53.18 23.46 12.49
N ILE C 771 52.97 24.70 12.07
CA ILE C 771 52.47 24.98 10.75
C ILE C 771 53.55 24.70 9.71
N ALA C 772 54.81 24.84 10.10
CA ALA C 772 55.89 24.43 9.21
C ALA C 772 55.86 22.94 8.99
N SER C 773 55.60 22.18 10.05
CA SER C 773 55.45 20.74 9.88
C SER C 773 54.22 20.39 9.07
N ILE C 774 53.14 21.17 9.22
CA ILE C 774 51.96 21.00 8.39
C ILE C 774 52.32 21.19 6.94
N ALA C 775 53.11 22.22 6.67
CA ALA C 775 53.55 22.52 5.31
C ALA C 775 54.40 21.40 4.76
N GLN C 776 55.20 20.76 5.62
CA GLN C 776 55.94 19.59 5.22
C GLN C 776 55.01 18.47 4.79
N ILE C 777 53.93 18.26 5.52
CA ILE C 777 52.97 17.22 5.17
C ILE C 777 52.26 17.55 3.87
N GLN C 778 51.95 18.83 3.66
CA GLN C 778 51.25 19.24 2.47
C GLN C 778 52.15 19.10 1.25
N LEU C 779 53.43 19.37 1.43
CA LEU C 779 54.33 19.18 0.31
C LEU C 779 54.56 17.70 0.05
N LYS C 780 54.45 16.86 1.08
CA LYS C 780 54.50 15.42 0.85
C LYS C 780 53.31 14.95 0.03
N ARG C 781 52.11 15.43 0.36
CA ARG C 781 50.96 15.02 -0.42
C ARG C 781 50.97 15.65 -1.81
N LEU C 782 51.65 16.79 -1.98
CA LEU C 782 51.80 17.33 -3.32
C LEU C 782 52.75 16.48 -4.14
N TYR C 783 53.84 16.04 -3.52
CA TYR C 783 54.76 15.13 -4.19
C TYR C 783 54.08 13.82 -4.53
N LYS C 784 53.14 13.41 -3.68
CA LYS C 784 52.30 12.26 -3.95
C LYS C 784 51.46 12.48 -5.20
N ARG C 785 50.76 13.61 -5.28
CA ARG C 785 49.84 13.82 -6.39
C ARG C 785 50.56 14.06 -7.70
N LEU C 786 51.77 14.58 -7.65
CA LEU C 786 52.46 14.88 -8.90
C LEU C 786 53.38 13.76 -9.33
N GLU C 787 53.79 12.90 -8.41
CA GLU C 787 54.58 11.76 -8.83
C GLU C 787 53.71 10.76 -9.56
N GLU C 788 52.42 10.70 -9.20
CA GLU C 788 51.48 9.88 -9.96
C GLU C 788 51.33 10.40 -11.38
N ARG C 789 51.48 11.72 -11.55
CA ARG C 789 51.54 12.28 -12.87
C ARG C 789 52.94 12.19 -13.47
N GLY C 790 53.97 12.21 -12.64
CA GLY C 790 55.28 11.80 -13.14
C GLY C 790 56.36 12.84 -13.17
N TYR C 791 56.38 13.74 -12.19
CA TYR C 791 57.34 14.84 -12.18
C TYR C 791 58.13 14.84 -10.88
N GLU C 792 59.45 14.71 -10.98
CA GLU C 792 60.32 14.75 -9.82
C GLU C 792 60.49 16.20 -9.40
N ILE C 793 60.01 16.53 -8.21
CA ILE C 793 59.93 17.90 -7.75
C ILE C 793 60.60 18.01 -6.39
N HIS C 794 61.53 18.95 -6.27
CA HIS C 794 62.09 19.32 -4.99
C HIS C 794 61.67 20.75 -4.69
N ILE C 795 62.20 21.28 -3.60
CA ILE C 795 61.83 22.62 -3.16
C ILE C 795 63.04 23.25 -2.49
N SER C 796 63.15 24.57 -2.64
CA SER C 796 64.00 25.35 -1.75
C SER C 796 63.53 25.17 -0.31
N ASP C 797 64.48 24.91 0.57
CA ASP C 797 64.15 24.88 1.99
C ASP C 797 63.87 26.26 2.53
N GLU C 798 64.39 27.29 1.86
CA GLU C 798 64.04 28.65 2.20
C GLU C 798 62.56 28.91 1.89
N ALA C 799 62.04 28.26 0.84
CA ALA C 799 60.65 28.46 0.45
C ALA C 799 59.69 27.97 1.51
N LEU C 800 60.14 27.02 2.34
CA LEU C 800 59.40 26.66 3.54
C LEU C 800 59.25 27.87 4.45
N LYS C 801 60.34 28.62 4.65
CA LYS C 801 60.27 29.78 5.52
C LYS C 801 59.41 30.88 4.93
N LEU C 802 59.46 31.02 3.61
CA LEU C 802 58.60 31.99 2.96
C LEU C 802 57.14 31.62 3.10
N LEU C 803 56.82 30.32 3.05
CA LEU C 803 55.45 29.87 3.30
C LEU C 803 55.05 30.11 4.74
N SER C 804 56.00 29.97 5.66
CA SER C 804 55.73 30.30 7.06
C SER C 804 55.46 31.78 7.22
N GLU C 805 56.15 32.61 6.43
CA GLU C 805 55.81 34.03 6.38
C GLU C 805 54.46 34.24 5.71
N ASN C 806 54.05 33.32 4.84
CA ASN C 806 52.84 33.48 4.05
C ASN C 806 51.59 33.03 4.80
N GLY C 807 51.52 31.75 5.12
CA GLY C 807 50.27 31.19 5.56
C GLY C 807 49.94 31.39 7.02
N TYR C 808 50.77 32.10 7.76
CA TYR C 808 50.59 32.16 9.20
C TYR C 808 49.55 33.19 9.56
N ASP C 809 48.55 32.75 10.31
CA ASP C 809 47.80 33.61 11.18
C ASP C 809 47.33 32.70 12.31
N PRO C 810 47.33 33.18 13.55
CA PRO C 810 46.88 32.34 14.66
C PRO C 810 45.38 32.20 14.77
N VAL C 811 44.62 32.94 13.97
CA VAL C 811 43.20 33.09 14.21
C VAL C 811 42.33 32.16 13.38
N TYR C 812 42.87 31.57 12.32
CA TYR C 812 42.06 30.79 11.40
C TYR C 812 42.50 29.35 11.29
N GLY C 813 43.46 28.92 12.09
CA GLY C 813 43.87 27.54 11.95
C GLY C 813 44.72 27.30 10.71
N ALA C 814 44.70 26.07 10.24
CA ALA C 814 45.68 25.62 9.26
C ALA C 814 45.25 25.78 7.81
N ARG C 815 43.97 25.98 7.55
CA ARG C 815 43.54 26.18 6.17
C ARG C 815 44.10 27.40 5.44
N PRO C 816 44.41 28.55 6.09
CA PRO C 816 45.12 29.61 5.35
C PRO C 816 46.44 29.20 4.79
N LEU C 817 47.17 28.35 5.52
CA LEU C 817 48.36 27.74 4.95
C LEU C 817 48.02 26.95 3.71
N LYS C 818 46.89 26.27 3.73
CA LYS C 818 46.54 25.38 2.63
C LYS C 818 46.22 26.16 1.37
N ARG C 819 45.41 27.21 1.49
CA ARG C 819 45.14 27.94 0.26
C ARG C 819 46.27 28.87 -0.13
N ALA C 820 47.15 29.21 0.80
CA ALA C 820 48.38 29.90 0.40
C ALA C 820 49.26 28.98 -0.42
N ILE C 821 49.34 27.71 -0.02
CA ILE C 821 50.05 26.69 -0.81
C ILE C 821 49.42 26.56 -2.17
N GLN C 822 48.08 26.47 -2.19
CA GLN C 822 47.29 26.39 -3.40
C GLN C 822 47.66 27.46 -4.40
N GLN C 823 47.45 28.71 -4.02
CA GLN C 823 47.78 29.81 -4.91
C GLN C 823 49.28 29.89 -5.21
N GLN C 824 50.07 30.21 -4.20
CA GLN C 824 51.44 30.61 -4.42
C GLN C 824 52.38 29.45 -4.68
N ILE C 825 51.89 28.23 -4.87
CA ILE C 825 52.70 27.17 -5.43
C ILE C 825 52.06 26.59 -6.67
N GLU C 826 50.79 26.18 -6.57
CA GLU C 826 50.16 25.44 -7.65
C GLU C 826 49.95 26.30 -8.89
N ASN C 827 49.62 27.60 -8.70
CA ASN C 827 49.32 28.40 -9.88
C ASN C 827 50.50 28.65 -10.80
N PRO C 828 51.70 29.01 -10.32
CA PRO C 828 52.83 28.98 -11.25
C PRO C 828 53.18 27.57 -11.69
N LEU C 829 52.93 26.58 -10.82
CA LEU C 829 53.25 25.21 -11.18
C LEU C 829 52.36 24.70 -12.30
N ALA C 830 51.04 24.70 -12.07
CA ALA C 830 50.12 24.25 -13.10
C ALA C 830 50.11 25.18 -14.30
N GLN C 831 50.47 26.44 -14.10
CA GLN C 831 50.73 27.36 -15.20
C GLN C 831 51.80 26.81 -16.13
N GLN C 832 52.98 26.57 -15.58
CA GLN C 832 54.11 26.16 -16.39
C GLN C 832 54.00 24.72 -16.86
N ILE C 833 53.21 23.89 -16.18
CA ILE C 833 52.96 22.54 -16.65
C ILE C 833 52.18 22.58 -17.94
N LEU C 834 51.13 23.39 -17.99
CA LEU C 834 50.24 23.42 -19.14
C LEU C 834 50.86 24.03 -20.39
N SER C 835 52.06 24.61 -20.27
CA SER C 835 52.79 25.03 -21.43
C SER C 835 53.30 23.87 -22.27
N GLY C 836 53.35 22.66 -21.70
CA GLY C 836 54.19 21.63 -22.25
C GLY C 836 55.65 21.84 -21.94
N GLU C 837 55.94 22.72 -20.99
CA GLU C 837 57.31 23.16 -20.72
C GLU C 837 58.07 22.16 -19.88
N LEU C 838 57.43 21.60 -18.87
CA LEU C 838 58.11 20.79 -17.88
C LEU C 838 58.33 19.40 -18.46
N VAL C 839 59.57 19.11 -18.81
CA VAL C 839 59.93 17.76 -19.25
C VAL C 839 59.85 16.82 -18.05
N PRO C 840 59.18 15.68 -18.18
CA PRO C 840 59.22 14.68 -17.10
C PRO C 840 60.62 14.12 -16.96
N GLY C 841 61.00 13.85 -15.71
CA GLY C 841 62.30 13.33 -15.39
C GLY C 841 63.27 14.36 -14.87
N LYS C 842 63.06 15.63 -15.21
CA LYS C 842 63.96 16.67 -14.71
C LYS C 842 63.64 16.96 -13.24
N VAL C 843 64.68 17.35 -12.51
CA VAL C 843 64.54 17.64 -11.09
C VAL C 843 63.96 19.04 -10.95
N ILE C 844 62.67 19.11 -10.59
CA ILE C 844 61.93 20.37 -10.66
C ILE C 844 62.02 20.98 -9.28
N ARG C 845 63.12 21.68 -9.03
CA ARG C 845 63.35 22.25 -7.72
C ARG C 845 62.58 23.56 -7.60
N LEU C 846 61.65 23.60 -6.65
CA LEU C 846 60.87 24.80 -6.38
C LEU C 846 61.75 25.77 -5.62
N GLU C 847 62.36 26.68 -6.34
CA GLU C 847 63.29 27.63 -5.75
C GLU C 847 62.63 29.00 -5.71
N VAL C 848 63.06 29.82 -4.74
CA VAL C 848 62.36 31.06 -4.50
C VAL C 848 62.63 32.05 -5.63
N ASN C 849 61.67 32.91 -5.87
CA ASN C 849 61.93 34.12 -6.62
C ASN C 849 62.33 35.20 -5.64
N GLU C 850 62.35 36.43 -6.12
CA GLU C 850 62.52 37.56 -5.22
C GLU C 850 61.33 37.67 -4.29
N ASP C 851 60.13 37.49 -4.83
CA ASP C 851 58.90 37.59 -4.06
C ASP C 851 57.98 36.40 -4.28
N ARG C 852 58.41 35.42 -5.06
CA ARG C 852 57.58 34.26 -5.38
C ARG C 852 58.42 32.99 -5.30
N ILE C 853 57.92 31.91 -5.88
CA ILE C 853 58.65 30.65 -5.97
C ILE C 853 58.61 30.17 -7.41
N VAL C 854 59.76 29.75 -7.94
CA VAL C 854 59.86 29.33 -9.32
C VAL C 854 60.40 27.91 -9.37
N ALA C 855 60.18 27.26 -10.50
CA ALA C 855 60.63 25.90 -10.73
C ALA C 855 61.79 25.89 -11.71
N VAL C 856 62.60 24.84 -11.65
CA VAL C 856 63.71 24.69 -12.58
C VAL C 856 63.53 23.41 -13.39
N GLN C 857 64.21 23.34 -14.52
CA GLN C 857 64.22 22.17 -15.39
C GLN C 857 65.67 21.79 -15.67
N HIS C 858 66.25 21.01 -14.76
CA HIS C 858 67.66 20.63 -14.91
C HIS C 858 67.87 19.16 -14.58
N GLN D 159 -25.13 -47.01 -0.03
CA GLN D 159 -25.57 -45.95 0.87
C GLN D 159 -24.41 -45.14 1.38
N ALA D 160 -24.32 -43.88 0.95
CA ALA D 160 -23.20 -43.01 1.30
C ALA D 160 -23.14 -42.70 2.79
N LEU D 161 -24.28 -42.80 3.47
CA LEU D 161 -24.35 -42.49 4.89
C LEU D 161 -23.54 -43.45 5.72
N LYS D 162 -23.41 -44.68 5.25
CA LYS D 162 -22.47 -45.59 5.91
C LYS D 162 -21.04 -45.17 5.64
N LYS D 163 -20.80 -44.50 4.52
CA LYS D 163 -19.45 -44.37 4.03
C LYS D 163 -18.90 -42.97 4.19
N TYR D 164 -19.72 -41.98 4.49
CA TYR D 164 -19.19 -40.63 4.40
C TYR D 164 -19.64 -39.68 5.51
N THR D 165 -20.16 -40.17 6.62
CA THR D 165 -20.45 -39.31 7.76
C THR D 165 -19.93 -39.95 9.04
N ILE D 166 -20.35 -39.39 10.16
CA ILE D 166 -20.15 -39.98 11.47
C ILE D 166 -21.52 -40.13 12.11
N ASP D 167 -21.85 -41.32 12.58
CA ASP D 167 -23.06 -41.47 13.38
C ASP D 167 -22.75 -40.95 14.77
N LEU D 168 -23.12 -39.69 15.04
CA LEU D 168 -22.95 -39.17 16.39
C LEU D 168 -23.94 -39.76 17.37
N THR D 169 -25.11 -40.15 16.87
CA THR D 169 -26.09 -40.77 17.75
C THR D 169 -25.60 -42.11 18.27
N GLU D 170 -24.73 -42.79 17.52
CA GLU D 170 -24.12 -44.02 18.02
C GLU D 170 -23.08 -43.72 19.10
N ARG D 171 -22.30 -42.66 18.92
CA ARG D 171 -21.31 -42.29 19.94
C ARG D 171 -21.99 -41.86 21.23
N ALA D 172 -23.04 -41.06 21.13
CA ALA D 172 -23.85 -40.71 22.29
C ALA D 172 -24.54 -41.94 22.85
N GLU D 173 -24.93 -42.86 21.97
CA GLU D 173 -25.50 -44.13 22.39
C GLU D 173 -24.46 -44.99 23.09
N GLN D 174 -23.28 -45.10 22.49
CA GLN D 174 -22.24 -45.85 23.16
C GLN D 174 -21.50 -45.03 24.19
N GLY D 175 -21.92 -43.80 24.44
CA GLY D 175 -21.42 -43.07 25.59
C GLY D 175 -20.02 -42.54 25.41
N LYS D 176 -19.70 -42.06 24.22
CA LYS D 176 -18.38 -41.51 23.96
C LYS D 176 -18.34 -39.99 24.13
N LEU D 177 -19.28 -39.42 24.86
CA LEU D 177 -19.41 -37.97 24.85
C LEU D 177 -19.47 -37.39 26.24
N ASP D 178 -19.34 -36.13 26.27
CA ASP D 178 -19.43 -35.25 27.41
C ASP D 178 -20.85 -34.77 27.58
N PRO D 179 -21.51 -35.08 28.68
CA PRO D 179 -22.82 -34.49 28.95
C PRO D 179 -22.70 -32.99 29.20
N VAL D 180 -23.29 -32.22 28.31
CA VAL D 180 -23.21 -30.78 28.38
C VAL D 180 -24.22 -30.26 29.37
N ILE D 181 -23.75 -29.63 30.37
CA ILE D 181 -24.57 -28.85 31.26
C ILE D 181 -24.79 -27.51 30.60
N GLY D 182 -26.01 -27.01 30.68
CA GLY D 182 -26.26 -25.68 30.19
C GLY D 182 -26.46 -25.68 28.69
N ARG D 183 -26.26 -24.51 28.10
CA ARG D 183 -26.71 -24.16 26.75
C ARG D 183 -28.19 -24.46 26.62
N ASP D 184 -28.96 -23.92 27.55
CA ASP D 184 -30.39 -24.18 27.50
C ASP D 184 -31.04 -23.41 26.37
N GLU D 185 -30.81 -22.09 26.34
CA GLU D 185 -31.46 -21.27 25.35
C GLU D 185 -30.97 -21.63 23.96
N GLU D 186 -29.71 -22.00 23.82
CA GLU D 186 -29.20 -22.22 22.48
C GLU D 186 -29.61 -23.57 21.93
N ILE D 187 -29.72 -24.60 22.78
CA ILE D 187 -30.28 -25.85 22.30
C ILE D 187 -31.74 -25.66 21.94
N ARG D 188 -32.48 -24.91 22.76
CA ARG D 188 -33.87 -24.66 22.43
C ARG D 188 -34.00 -23.79 21.20
N ARG D 189 -33.00 -22.96 20.96
CA ARG D 189 -32.96 -22.15 19.77
C ARG D 189 -32.70 -23.00 18.54
N THR D 190 -31.83 -24.00 18.69
CA THR D 190 -31.56 -24.95 17.62
C THR D 190 -32.80 -25.72 17.25
N ILE D 191 -33.57 -26.10 18.26
CA ILE D 191 -34.77 -26.85 17.99
C ILE D 191 -35.82 -25.96 17.36
N GLN D 192 -35.88 -24.69 17.77
CA GLN D 192 -36.78 -23.74 17.14
C GLN D 192 -36.47 -23.59 15.66
N VAL D 193 -35.21 -23.38 15.33
CA VAL D 193 -34.88 -23.09 13.96
C VAL D 193 -34.96 -24.36 13.11
N LEU D 194 -34.74 -25.53 13.70
CA LEU D 194 -34.86 -26.74 12.89
C LEU D 194 -36.29 -27.13 12.57
N GLN D 195 -37.27 -26.70 13.35
CA GLN D 195 -38.65 -27.11 13.13
C GLN D 195 -39.41 -26.07 12.33
N ARG D 196 -38.88 -25.72 11.17
CA ARG D 196 -39.46 -24.73 10.27
C ARG D 196 -39.80 -25.41 8.97
N ARG D 197 -40.16 -24.61 7.96
CA ARG D 197 -40.47 -25.16 6.65
C ARG D 197 -39.50 -24.69 5.57
N THR D 198 -39.22 -23.39 5.52
CA THR D 198 -38.14 -22.89 4.67
C THR D 198 -37.10 -22.26 5.55
N LYS D 199 -35.85 -22.26 5.06
CA LYS D 199 -34.65 -21.99 5.85
C LYS D 199 -34.60 -22.85 7.09
N ASN D 200 -34.46 -24.15 6.87
CA ASN D 200 -34.34 -25.08 7.97
C ASN D 200 -32.91 -25.27 8.41
N ASN D 201 -32.10 -24.22 8.31
CA ASN D 201 -30.68 -24.36 8.54
C ASN D 201 -30.15 -23.31 9.50
N PRO D 202 -29.94 -23.66 10.75
CA PRO D 202 -29.12 -22.83 11.62
C PRO D 202 -27.67 -23.23 11.48
N VAL D 203 -26.80 -22.32 11.83
CA VAL D 203 -25.39 -22.64 11.89
C VAL D 203 -24.76 -21.87 13.02
N LEU D 204 -24.17 -22.60 13.95
CA LEU D 204 -23.81 -22.05 15.23
C LEU D 204 -22.64 -21.10 15.09
N ILE D 205 -22.80 -19.90 15.60
CA ILE D 205 -21.78 -18.88 15.52
C ILE D 205 -21.46 -18.40 16.92
N GLY D 206 -20.18 -18.42 17.26
CA GLY D 206 -19.62 -17.85 18.47
C GLY D 206 -18.15 -17.68 18.25
N GLU D 207 -17.45 -17.26 19.29
CA GLU D 207 -15.99 -17.28 19.26
C GLU D 207 -15.51 -18.74 19.35
N PRO D 208 -14.30 -19.06 18.89
CA PRO D 208 -13.90 -20.47 18.92
C PRO D 208 -13.58 -20.93 20.32
N GLY D 209 -14.36 -21.87 20.83
CA GLY D 209 -14.06 -22.35 22.15
C GLY D 209 -15.30 -22.49 22.98
N VAL D 210 -16.28 -21.63 22.77
CA VAL D 210 -17.39 -21.50 23.69
C VAL D 210 -18.43 -22.60 23.57
N GLY D 211 -18.18 -23.59 22.72
CA GLY D 211 -19.08 -24.73 22.73
C GLY D 211 -19.86 -25.00 21.47
N LYS D 212 -19.31 -24.59 20.33
CA LYS D 212 -19.95 -24.87 19.09
C LYS D 212 -19.92 -26.34 18.72
N THR D 213 -19.11 -27.16 19.37
CA THR D 213 -19.33 -28.59 19.24
C THR D 213 -20.21 -29.07 20.37
N ALA D 214 -20.20 -28.35 21.48
CA ALA D 214 -20.85 -28.83 22.68
C ALA D 214 -22.36 -28.80 22.53
N ILE D 215 -22.87 -27.80 21.83
CA ILE D 215 -24.31 -27.69 21.64
C ILE D 215 -24.84 -28.83 20.80
N VAL D 216 -24.12 -29.20 19.76
CA VAL D 216 -24.57 -30.28 18.90
C VAL D 216 -24.46 -31.62 19.61
N GLU D 217 -23.41 -31.82 20.39
CA GLU D 217 -23.35 -33.07 21.14
C GLU D 217 -24.38 -33.13 22.27
N GLY D 218 -24.71 -31.98 22.89
CA GLY D 218 -25.71 -31.98 23.94
C GLY D 218 -27.12 -32.16 23.38
N LEU D 219 -27.36 -31.60 22.21
CA LEU D 219 -28.56 -31.90 21.45
C LEU D 219 -28.67 -33.38 21.14
N ALA D 220 -27.56 -33.98 20.70
CA ALA D 220 -27.57 -35.38 20.33
C ALA D 220 -27.85 -36.27 21.52
N GLN D 221 -27.28 -35.94 22.67
CA GLN D 221 -27.61 -36.70 23.87
C GLN D 221 -29.06 -36.49 24.28
N ARG D 222 -29.61 -35.29 24.07
CA ARG D 222 -31.01 -35.11 24.42
C ARG D 222 -31.92 -35.88 23.48
N ILE D 223 -31.49 -36.12 22.26
CA ILE D 223 -32.19 -37.09 21.44
C ILE D 223 -32.09 -38.47 22.06
N ILE D 224 -30.90 -38.85 22.51
CA ILE D 224 -30.72 -40.15 23.16
C ILE D 224 -31.46 -40.17 24.50
N ASN D 225 -31.47 -39.05 25.21
CA ASN D 225 -32.29 -38.97 26.40
C ASN D 225 -33.76 -38.83 26.07
N GLY D 226 -34.10 -38.52 24.82
CA GLY D 226 -35.49 -38.48 24.41
C GLY D 226 -36.29 -37.34 24.97
N GLU D 227 -35.63 -36.37 25.60
CA GLU D 227 -36.30 -35.25 26.24
C GLU D 227 -36.55 -34.10 25.27
N VAL D 228 -36.48 -34.38 23.98
CA VAL D 228 -36.65 -33.39 22.93
C VAL D 228 -38.13 -33.06 22.84
N PRO D 229 -38.50 -31.93 22.25
CA PRO D 229 -39.86 -31.77 21.76
C PRO D 229 -40.17 -32.79 20.68
N GLU D 230 -41.45 -33.15 20.59
CA GLU D 230 -41.87 -34.38 19.93
C GLU D 230 -41.57 -34.38 18.44
N GLY D 231 -41.45 -33.21 17.83
CA GLY D 231 -41.11 -33.13 16.43
C GLY D 231 -39.70 -33.55 16.12
N LEU D 232 -38.85 -33.76 17.12
CA LEU D 232 -37.52 -34.26 16.86
C LEU D 232 -37.28 -35.64 17.44
N LYS D 233 -38.32 -36.37 17.79
CA LYS D 233 -38.10 -37.75 18.19
C LYS D 233 -37.78 -38.61 16.97
N GLY D 234 -36.88 -39.56 17.17
CA GLY D 234 -36.53 -40.49 16.14
C GLY D 234 -35.61 -39.96 15.07
N ARG D 235 -34.99 -38.81 15.28
CA ARG D 235 -34.15 -38.27 14.24
C ARG D 235 -32.76 -38.90 14.27
N ARG D 236 -31.94 -38.49 13.31
CA ARG D 236 -30.55 -38.93 13.23
C ARG D 236 -29.65 -37.72 13.05
N VAL D 237 -28.48 -37.78 13.66
CA VAL D 237 -27.51 -36.69 13.59
C VAL D 237 -26.23 -37.23 12.98
N LEU D 238 -25.95 -36.82 11.75
CA LEU D 238 -24.84 -37.36 10.98
C LEU D 238 -23.82 -36.27 10.72
N ALA D 239 -22.59 -36.48 11.17
CA ALA D 239 -21.55 -35.49 11.02
C ALA D 239 -20.96 -35.62 9.63
N LEU D 240 -21.23 -34.64 8.78
CA LEU D 240 -20.85 -34.71 7.37
C LEU D 240 -19.35 -34.59 7.21
N ASP D 241 -18.74 -35.62 6.64
CA ASP D 241 -17.28 -35.66 6.45
C ASP D 241 -16.92 -34.98 5.14
N MET D 242 -16.44 -33.74 5.23
CA MET D 242 -15.83 -33.12 4.07
C MET D 242 -14.54 -33.81 3.68
N GLY D 243 -13.90 -34.47 4.64
CA GLY D 243 -12.61 -35.08 4.37
C GLY D 243 -12.67 -36.23 3.37
N ALA D 244 -13.50 -37.24 3.62
CA ALA D 244 -13.54 -38.35 2.69
C ALA D 244 -14.28 -37.97 1.41
N LEU D 245 -15.29 -37.10 1.52
CA LEU D 245 -16.04 -36.68 0.36
C LEU D 245 -15.24 -35.81 -0.58
N VAL D 246 -14.16 -35.20 -0.11
CA VAL D 246 -13.22 -34.61 -1.04
C VAL D 246 -12.12 -35.62 -1.39
N ALA D 247 -11.74 -36.47 -0.42
CA ALA D 247 -10.58 -37.32 -0.56
C ALA D 247 -10.76 -38.42 -1.61
N GLY D 248 -11.99 -38.84 -1.87
CA GLY D 248 -12.16 -39.73 -3.00
C GLY D 248 -12.09 -39.05 -4.34
N ALA D 249 -12.40 -37.75 -4.39
CA ALA D 249 -12.69 -37.04 -5.63
C ALA D 249 -11.41 -36.84 -6.44
N LYS D 250 -11.03 -37.88 -7.16
CA LYS D 250 -9.88 -37.82 -8.04
C LYS D 250 -10.31 -37.43 -9.44
N TYR D 251 -11.21 -38.20 -10.02
CA TYR D 251 -11.65 -37.99 -11.39
C TYR D 251 -12.59 -36.79 -11.47
N ARG D 252 -12.99 -36.44 -12.68
CA ARG D 252 -13.90 -35.33 -12.87
C ARG D 252 -15.30 -35.67 -12.36
N GLY D 253 -15.92 -34.70 -11.71
CA GLY D 253 -17.31 -34.82 -11.31
C GLY D 253 -17.58 -35.66 -10.09
N GLU D 254 -16.55 -36.23 -9.47
CA GLU D 254 -16.77 -37.22 -8.42
C GLU D 254 -17.27 -36.59 -7.14
N PHE D 255 -16.69 -35.44 -6.77
CA PHE D 255 -17.17 -34.70 -5.60
C PHE D 255 -18.63 -34.33 -5.74
N GLU D 256 -18.99 -33.86 -6.93
CA GLU D 256 -20.36 -33.48 -7.19
C GLU D 256 -21.27 -34.68 -7.24
N GLU D 257 -20.78 -35.81 -7.77
CA GLU D 257 -21.60 -37.02 -7.82
C GLU D 257 -21.88 -37.57 -6.43
N ARG D 258 -20.84 -37.64 -5.60
CA ARG D 258 -21.03 -38.11 -4.25
C ARG D 258 -21.88 -37.15 -3.45
N LEU D 259 -21.75 -35.86 -3.71
CA LEU D 259 -22.57 -34.88 -3.03
C LEU D 259 -24.03 -35.01 -3.42
N LYS D 260 -24.29 -35.17 -4.72
CA LYS D 260 -25.63 -35.42 -5.21
C LYS D 260 -26.22 -36.69 -4.62
N GLY D 261 -25.42 -37.77 -4.56
CA GLY D 261 -25.93 -39.02 -4.04
C GLY D 261 -26.23 -38.94 -2.56
N VAL D 262 -25.41 -38.19 -1.82
CA VAL D 262 -25.70 -37.89 -0.42
C VAL D 262 -27.03 -37.19 -0.29
N LEU D 263 -27.26 -36.19 -1.14
CA LEU D 263 -28.51 -35.44 -1.04
C LEU D 263 -29.71 -36.27 -1.45
N ASN D 264 -29.52 -37.20 -2.39
CA ASN D 264 -30.64 -38.05 -2.76
C ASN D 264 -30.93 -39.09 -1.69
N ASP D 265 -29.89 -39.57 -1.00
CA ASP D 265 -30.13 -40.53 0.06
C ASP D 265 -30.77 -39.87 1.26
N LEU D 266 -30.39 -38.63 1.54
CA LEU D 266 -31.03 -37.91 2.63
C LEU D 266 -32.42 -37.46 2.25
N ALA D 267 -32.66 -37.23 0.96
CA ALA D 267 -34.01 -36.98 0.49
C ALA D 267 -34.88 -38.21 0.63
N LYS D 268 -34.28 -39.40 0.49
CA LYS D 268 -35.07 -40.62 0.60
C LYS D 268 -35.47 -40.91 2.05
N GLN D 269 -34.78 -40.32 3.01
CA GLN D 269 -35.14 -40.54 4.41
C GLN D 269 -36.23 -39.58 4.89
N GLU D 270 -36.41 -38.45 4.21
CA GLU D 270 -37.53 -37.52 4.40
C GLU D 270 -37.58 -36.96 5.82
N GLY D 271 -36.57 -36.17 6.15
CA GLY D 271 -36.54 -35.53 7.45
C GLY D 271 -36.18 -36.44 8.60
N ASN D 272 -35.79 -37.67 8.31
CA ASN D 272 -35.40 -38.58 9.37
C ASN D 272 -34.02 -38.24 9.90
N VAL D 273 -33.21 -37.57 9.10
CA VAL D 273 -31.81 -37.35 9.43
C VAL D 273 -31.54 -35.87 9.47
N ILE D 274 -31.18 -35.36 10.65
CA ILE D 274 -30.72 -33.98 10.75
C ILE D 274 -29.26 -33.94 10.31
N LEU D 275 -29.01 -33.21 9.24
CA LEU D 275 -27.65 -33.06 8.75
C LEU D 275 -26.85 -32.20 9.71
N PHE D 276 -25.64 -32.62 9.99
CA PHE D 276 -24.74 -31.82 10.80
C PHE D 276 -23.44 -31.65 10.02
N ILE D 277 -23.28 -30.50 9.40
CA ILE D 277 -21.98 -30.10 8.88
C ILE D 277 -21.18 -29.60 10.07
N ASP D 278 -20.13 -30.29 10.40
CA ASP D 278 -19.09 -29.66 11.18
C ASP D 278 -18.18 -28.89 10.24
N ALA D 279 -17.67 -27.75 10.72
CA ALA D 279 -16.64 -26.95 10.03
C ALA D 279 -17.12 -26.50 8.65
N LEU D 280 -18.08 -25.58 8.69
CA LEU D 280 -18.87 -25.21 7.51
C LEU D 280 -18.04 -24.62 6.38
N HIS D 281 -16.98 -23.89 6.72
CA HIS D 281 -16.18 -23.27 5.69
C HIS D 281 -15.29 -24.24 4.95
N THR D 282 -15.20 -25.48 5.39
CA THR D 282 -14.50 -26.50 4.61
C THR D 282 -15.29 -26.85 3.35
N MET D 283 -16.61 -26.66 3.39
CA MET D 283 -17.47 -27.06 2.29
C MET D 283 -17.25 -26.22 1.03
N VAL D 284 -17.07 -24.92 1.19
CA VAL D 284 -17.40 -23.96 0.13
C VAL D 284 -16.45 -24.09 -1.06
N GLY D 285 -15.15 -24.01 -0.84
CA GLY D 285 -14.27 -24.12 -1.98
C GLY D 285 -13.88 -25.54 -2.31
N ALA D 286 -14.55 -26.17 -3.27
CA ALA D 286 -14.26 -27.55 -3.65
C ALA D 286 -14.34 -27.72 -5.17
N GLY D 287 -13.67 -26.83 -5.89
CA GLY D 287 -13.56 -26.97 -7.33
C GLY D 287 -13.21 -25.66 -8.02
N MET D 293 -21.85 -24.65 -9.60
CA MET D 293 -20.47 -24.84 -9.98
C MET D 293 -19.92 -26.09 -9.31
N ASP D 294 -19.40 -25.93 -8.10
CA ASP D 294 -18.72 -27.00 -7.42
C ASP D 294 -19.33 -27.39 -6.09
N ALA D 295 -19.51 -26.47 -5.16
CA ALA D 295 -19.99 -26.88 -3.85
C ALA D 295 -21.08 -26.02 -3.26
N GLY D 296 -21.18 -24.75 -3.61
CA GLY D 296 -22.19 -23.95 -2.99
C GLY D 296 -23.45 -24.01 -3.82
N ASN D 297 -23.28 -23.81 -5.11
CA ASN D 297 -24.38 -23.68 -6.04
C ASN D 297 -25.00 -25.02 -6.43
N MET D 298 -24.54 -26.12 -5.85
CA MET D 298 -25.31 -27.34 -5.89
C MET D 298 -26.34 -27.36 -4.78
N LEU D 299 -26.00 -26.80 -3.62
CA LEU D 299 -26.83 -27.01 -2.46
C LEU D 299 -27.66 -25.79 -2.08
N LYS D 300 -27.13 -24.59 -2.36
CA LYS D 300 -27.85 -23.32 -2.27
C LYS D 300 -29.25 -23.37 -2.90
N PRO D 301 -29.50 -24.14 -3.99
CA PRO D 301 -30.89 -24.47 -4.29
C PRO D 301 -31.54 -25.33 -3.22
N ALA D 302 -30.91 -26.45 -2.86
CA ALA D 302 -31.61 -27.45 -2.05
C ALA D 302 -31.74 -27.03 -0.60
N LEU D 303 -31.03 -25.98 -0.17
CA LEU D 303 -31.09 -25.57 1.22
C LEU D 303 -32.44 -24.94 1.57
N ALA D 304 -32.87 -23.94 0.82
CA ALA D 304 -34.13 -23.31 1.21
C ALA D 304 -35.31 -23.96 0.51
N ARG D 305 -35.36 -25.29 0.57
CA ARG D 305 -36.55 -26.03 0.17
C ARG D 305 -37.02 -26.94 1.28
N GLY D 306 -36.43 -26.84 2.47
CA GLY D 306 -36.81 -27.62 3.62
C GLY D 306 -36.34 -29.05 3.62
N GLU D 307 -35.89 -29.59 2.48
CA GLU D 307 -35.56 -31.00 2.37
C GLU D 307 -34.25 -31.38 3.04
N LEU D 308 -33.53 -30.42 3.58
CA LEU D 308 -32.29 -30.70 4.28
C LEU D 308 -32.22 -29.83 5.52
N HIS D 309 -31.92 -30.44 6.66
CA HIS D 309 -32.03 -29.80 7.96
C HIS D 309 -30.68 -29.41 8.53
N CYS D 310 -29.78 -28.88 7.71
CA CYS D 310 -28.38 -28.81 8.09
C CYS D 310 -28.14 -27.90 9.27
N VAL D 311 -27.28 -28.35 10.17
CA VAL D 311 -26.77 -27.53 11.26
C VAL D 311 -25.28 -27.43 11.04
N GLY D 312 -24.85 -26.28 10.54
CA GLY D 312 -23.45 -26.01 10.50
C GLY D 312 -22.93 -25.66 11.87
N ALA D 313 -21.63 -25.70 12.00
CA ALA D 313 -20.98 -25.27 13.24
C ALA D 313 -19.62 -24.75 12.84
N THR D 314 -19.46 -23.43 12.87
CA THR D 314 -18.18 -22.85 12.49
C THR D 314 -18.00 -21.52 13.19
N THR D 315 -16.81 -20.97 13.01
CA THR D 315 -16.28 -19.92 13.84
C THR D 315 -16.94 -18.58 13.49
N LEU D 316 -16.68 -17.59 14.33
CA LEU D 316 -17.08 -16.22 14.04
C LEU D 316 -16.37 -15.67 12.82
N ASP D 317 -15.05 -15.86 12.74
CA ASP D 317 -14.28 -15.21 11.67
C ASP D 317 -14.61 -15.79 10.31
N GLU D 318 -14.61 -17.11 10.19
CA GLU D 318 -14.91 -17.75 8.93
C GLU D 318 -16.31 -17.49 8.45
N TYR D 319 -17.20 -17.01 9.32
CA TYR D 319 -18.47 -16.51 8.85
C TYR D 319 -18.25 -15.30 7.97
N ARG D 320 -17.49 -14.33 8.46
CA ARG D 320 -17.30 -13.10 7.73
C ARG D 320 -16.42 -13.31 6.52
N GLN D 321 -15.40 -14.11 6.66
CA GLN D 321 -14.42 -14.17 5.61
C GLN D 321 -14.68 -15.26 4.60
N TYR D 322 -15.41 -16.30 4.96
CA TYR D 322 -15.64 -17.36 4.01
C TYR D 322 -17.11 -17.57 3.67
N ILE D 323 -18.04 -16.79 4.23
CA ILE D 323 -19.46 -16.96 3.95
C ILE D 323 -20.10 -15.67 3.46
N GLU D 324 -19.98 -14.59 4.23
CA GLU D 324 -20.59 -13.32 3.84
C GLU D 324 -19.92 -12.67 2.63
N LYS D 325 -18.85 -13.25 2.09
CA LYS D 325 -18.50 -12.97 0.71
C LYS D 325 -19.68 -13.30 -0.20
N ASP D 326 -20.03 -14.59 -0.28
CA ASP D 326 -21.09 -15.05 -1.17
C ASP D 326 -22.44 -14.88 -0.48
N ALA D 327 -23.11 -13.76 -0.76
CA ALA D 327 -24.19 -13.29 0.10
C ALA D 327 -25.43 -14.18 0.04
N ALA D 328 -25.64 -14.87 -1.09
CA ALA D 328 -26.80 -15.74 -1.18
C ALA D 328 -26.63 -16.96 -0.29
N LEU D 329 -25.40 -17.46 -0.20
CA LEU D 329 -25.12 -18.52 0.75
C LEU D 329 -25.31 -18.03 2.17
N GLU D 330 -25.09 -16.74 2.41
CA GLU D 330 -25.35 -16.19 3.73
C GLU D 330 -26.83 -16.14 4.03
N ARG D 331 -27.65 -15.76 3.07
CA ARG D 331 -29.06 -15.76 3.41
C ARG D 331 -29.67 -17.14 3.41
N ARG D 332 -28.95 -18.17 2.97
CA ARG D 332 -29.46 -19.52 3.15
C ARG D 332 -29.33 -20.04 4.57
N PHE D 333 -29.14 -19.21 5.60
CA PHE D 333 -28.99 -19.76 6.93
C PHE D 333 -29.66 -18.89 7.98
N GLN D 334 -29.45 -19.31 9.22
CA GLN D 334 -29.78 -18.55 10.40
C GLN D 334 -28.55 -18.50 11.29
N LYS D 335 -28.14 -17.30 11.65
CA LYS D 335 -27.14 -17.17 12.71
C LYS D 335 -27.75 -17.63 14.01
N VAL D 336 -27.00 -18.42 14.75
CA VAL D 336 -27.34 -18.69 16.13
C VAL D 336 -26.15 -18.23 16.95
N PHE D 337 -26.29 -17.09 17.60
CA PHE D 337 -25.15 -16.47 18.27
C PHE D 337 -24.89 -17.22 19.56
N VAL D 338 -23.91 -18.12 19.53
CA VAL D 338 -23.50 -18.82 20.73
C VAL D 338 -22.75 -17.85 21.61
N ALA D 339 -23.15 -17.72 22.86
CA ALA D 339 -22.49 -16.68 23.61
C ALA D 339 -21.20 -17.20 24.22
N GLU D 340 -20.36 -16.26 24.60
CA GLU D 340 -19.32 -16.56 25.56
C GLU D 340 -19.98 -16.93 26.88
N PRO D 341 -19.61 -18.03 27.49
CA PRO D 341 -20.24 -18.40 28.76
C PRO D 341 -19.69 -17.55 29.88
N SER D 342 -20.48 -17.44 30.93
CA SER D 342 -20.21 -16.52 32.02
C SER D 342 -19.31 -17.20 33.04
N VAL D 343 -19.26 -16.64 34.26
CA VAL D 343 -18.42 -17.19 35.32
C VAL D 343 -19.04 -18.44 35.94
N GLU D 344 -20.22 -18.29 36.54
CA GLU D 344 -20.75 -19.40 37.33
C GLU D 344 -21.31 -20.51 36.46
N ASP D 345 -21.69 -20.17 35.24
CA ASP D 345 -22.10 -21.19 34.31
C ASP D 345 -20.91 -22.06 33.91
N THR D 346 -19.75 -21.43 33.78
CA THR D 346 -18.53 -22.17 33.56
C THR D 346 -18.23 -23.08 34.74
N ILE D 347 -18.55 -22.61 35.95
CA ILE D 347 -18.34 -23.43 37.15
C ILE D 347 -19.18 -24.69 37.11
N ALA D 348 -20.44 -24.57 36.72
CA ALA D 348 -21.30 -25.74 36.68
C ALA D 348 -20.86 -26.73 35.59
N ILE D 349 -20.49 -26.19 34.41
CA ILE D 349 -19.94 -27.00 33.34
C ILE D 349 -18.73 -27.77 33.81
N LEU D 350 -17.85 -27.10 34.56
CA LEU D 350 -16.70 -27.78 35.09
C LEU D 350 -17.06 -28.82 36.12
N ARG D 351 -18.18 -28.70 36.81
CA ARG D 351 -18.50 -29.72 37.79
C ARG D 351 -18.88 -31.03 37.12
N GLY D 352 -19.70 -30.94 36.08
CA GLY D 352 -20.00 -32.15 35.32
C GLY D 352 -18.76 -32.75 34.68
N LEU D 353 -17.92 -31.89 34.14
CA LEU D 353 -16.72 -32.44 33.55
C LEU D 353 -15.69 -32.87 34.59
N LYS D 354 -15.77 -32.34 35.81
CA LYS D 354 -14.97 -32.83 36.92
C LYS D 354 -15.24 -34.29 37.16
N GLU D 355 -16.51 -34.64 37.12
CA GLU D 355 -16.87 -36.05 37.23
C GLU D 355 -16.26 -36.85 36.07
N ARG D 356 -16.23 -36.27 34.88
CA ARG D 356 -15.63 -36.99 33.74
C ARG D 356 -14.11 -37.15 33.84
N TYR D 357 -13.40 -36.12 34.26
CA TYR D 357 -11.96 -36.29 34.36
C TYR D 357 -11.56 -37.10 35.58
N GLU D 358 -12.45 -37.20 36.56
CA GLU D 358 -12.18 -38.15 37.63
C GLU D 358 -12.51 -39.57 37.21
N LEU D 359 -13.32 -39.75 36.16
CA LEU D 359 -13.25 -41.05 35.48
C LEU D 359 -11.86 -41.28 34.91
N HIS D 360 -11.35 -40.33 34.13
CA HIS D 360 -10.16 -40.66 33.35
C HIS D 360 -8.88 -40.68 34.17
N HIS D 361 -8.46 -39.52 34.68
CA HIS D 361 -7.08 -39.32 35.11
C HIS D 361 -6.75 -39.83 36.50
N HIS D 362 -7.60 -40.68 37.08
CA HIS D 362 -7.26 -41.48 38.25
C HIS D 362 -7.00 -40.65 39.50
N VAL D 363 -7.61 -39.48 39.60
CA VAL D 363 -7.33 -38.57 40.68
C VAL D 363 -8.63 -38.07 41.29
N GLN D 364 -8.48 -37.17 42.25
CA GLN D 364 -9.59 -36.49 42.89
C GLN D 364 -9.50 -35.01 42.57
N ILE D 365 -10.64 -34.33 42.56
CA ILE D 365 -10.68 -32.91 42.25
C ILE D 365 -11.46 -32.21 43.35
N THR D 366 -10.92 -31.12 43.86
CA THR D 366 -11.54 -30.40 44.95
C THR D 366 -12.44 -29.31 44.36
N ASP D 367 -13.35 -28.81 45.16
CA ASP D 367 -14.20 -27.72 44.73
C ASP D 367 -13.52 -26.35 44.76
N PRO D 368 -12.63 -26.04 45.72
CA PRO D 368 -11.76 -24.87 45.50
C PRO D 368 -10.92 -24.94 44.25
N ALA D 369 -10.59 -26.13 43.75
CA ALA D 369 -9.99 -26.22 42.44
C ALA D 369 -10.93 -25.71 41.35
N ILE D 370 -12.23 -25.95 41.51
CA ILE D 370 -13.19 -25.47 40.52
C ILE D 370 -13.29 -23.96 40.55
N VAL D 371 -13.47 -23.40 41.75
CA VAL D 371 -13.62 -21.94 41.81
C VAL D 371 -12.31 -21.24 41.49
N ALA D 372 -11.18 -21.93 41.68
CA ALA D 372 -9.90 -21.36 41.31
C ALA D 372 -9.72 -21.37 39.81
N ALA D 373 -10.11 -22.46 39.14
CA ALA D 373 -9.96 -22.51 37.69
C ALA D 373 -10.84 -21.48 37.01
N ALA D 374 -12.07 -21.30 37.53
CA ALA D 374 -12.93 -20.25 36.99
C ALA D 374 -12.35 -18.88 37.21
N THR D 375 -11.96 -18.58 38.47
CA THR D 375 -11.46 -17.25 38.80
C THR D 375 -10.17 -16.95 38.05
N LEU D 376 -9.28 -17.92 37.93
CA LEU D 376 -8.00 -17.63 37.31
C LEU D 376 -8.12 -17.52 35.81
N SER D 377 -8.88 -18.41 35.17
CA SER D 377 -8.98 -18.32 33.72
C SER D 377 -9.70 -17.05 33.31
N HIS D 378 -10.68 -16.62 34.09
CA HIS D 378 -11.31 -15.35 33.78
C HIS D 378 -10.40 -14.17 34.07
N ARG D 379 -9.50 -14.31 35.05
CA ARG D 379 -8.73 -13.16 35.47
C ARG D 379 -7.44 -12.97 34.68
N TYR D 380 -6.52 -13.93 34.73
CA TYR D 380 -5.19 -13.62 34.22
C TYR D 380 -5.07 -13.73 32.72
N ILE D 381 -5.34 -14.92 32.19
CA ILE D 381 -5.17 -15.17 30.75
C ILE D 381 -6.19 -14.35 29.98
N ALA D 382 -5.84 -13.98 28.77
CA ALA D 382 -6.77 -13.24 27.92
C ALA D 382 -7.10 -13.97 26.65
N ASP D 383 -6.22 -14.86 26.21
CA ASP D 383 -6.18 -15.27 24.82
C ASP D 383 -7.31 -16.22 24.49
N ARG D 384 -7.41 -17.33 25.21
CA ARG D 384 -8.50 -18.27 25.02
C ARG D 384 -9.65 -17.90 25.93
N GLN D 385 -10.73 -18.66 25.88
CA GLN D 385 -11.98 -18.25 26.50
C GLN D 385 -12.54 -19.35 27.38
N LEU D 386 -13.47 -18.96 28.24
CA LEU D 386 -14.25 -19.90 29.00
C LEU D 386 -15.06 -20.76 28.03
N PRO D 387 -15.30 -22.04 28.30
CA PRO D 387 -14.85 -22.89 29.39
C PRO D 387 -13.80 -23.76 28.82
N ASP D 388 -13.16 -23.29 27.77
CA ASP D 388 -12.11 -24.09 27.18
C ASP D 388 -10.85 -24.05 28.01
N LYS D 389 -10.53 -22.89 28.55
CA LYS D 389 -9.26 -22.75 29.22
C LYS D 389 -9.35 -23.15 30.67
N ALA D 390 -10.53 -23.11 31.27
CA ALA D 390 -10.65 -23.69 32.59
C ALA D 390 -10.47 -25.19 32.52
N ILE D 391 -10.96 -25.80 31.45
CA ILE D 391 -10.66 -27.19 31.17
C ILE D 391 -9.18 -27.39 30.87
N ASP D 392 -8.52 -26.40 30.23
CA ASP D 392 -7.07 -26.50 30.04
C ASP D 392 -6.36 -26.65 31.37
N LEU D 393 -6.77 -25.82 32.34
CA LEU D 393 -6.18 -25.88 33.67
C LEU D 393 -6.46 -27.21 34.35
N ILE D 394 -7.72 -27.64 34.34
CA ILE D 394 -8.10 -28.82 35.12
C ILE D 394 -7.50 -30.08 34.54
N ASP D 395 -7.59 -30.24 33.22
CA ASP D 395 -7.02 -31.39 32.56
C ASP D 395 -5.51 -31.42 32.70
N GLU D 396 -4.86 -30.26 32.62
CA GLU D 396 -3.41 -30.26 32.77
C GLU D 396 -3.00 -30.62 34.18
N ALA D 397 -3.69 -30.07 35.17
CA ALA D 397 -3.34 -30.36 36.55
C ALA D 397 -3.63 -31.80 36.89
N ALA D 398 -4.63 -32.38 36.25
CA ALA D 398 -4.87 -33.81 36.40
C ALA D 398 -3.69 -34.61 35.89
N SER D 399 -3.14 -34.23 34.74
CA SER D 399 -2.01 -34.99 34.23
C SER D 399 -0.77 -34.76 35.06
N SER D 400 -0.61 -33.56 35.58
CA SER D 400 0.58 -33.25 36.37
C SER D 400 0.57 -33.98 37.70
N ILE D 401 -0.59 -34.02 38.36
CA ILE D 401 -0.68 -34.74 39.62
C ILE D 401 -0.61 -36.24 39.39
N ARG D 402 -1.10 -36.70 38.24
CA ARG D 402 -0.84 -38.06 37.81
C ARG D 402 0.64 -38.34 37.71
N MET D 403 1.41 -37.36 37.23
CA MET D 403 2.85 -37.57 37.14
C MET D 403 3.52 -37.51 38.49
N GLN D 404 3.05 -36.65 39.40
CA GLN D 404 3.65 -36.61 40.72
C GLN D 404 3.38 -37.88 41.50
N ILE D 405 2.20 -38.47 41.34
CA ILE D 405 1.99 -39.78 41.91
C ILE D 405 2.82 -40.81 41.16
N ASP D 406 3.04 -40.61 39.87
CA ASP D 406 3.65 -41.63 39.07
C ASP D 406 5.16 -41.70 39.28
N SER D 407 5.76 -40.57 39.65
CA SER D 407 7.23 -40.44 39.68
C SER D 407 7.93 -41.34 40.69
N PRO D 409 9.93 -39.82 43.29
CA PRO D 409 9.73 -38.72 44.24
C PRO D 409 11.06 -38.04 44.57
N GLU D 410 11.00 -36.85 45.19
CA GLU D 410 12.23 -36.08 45.41
C GLU D 410 13.08 -36.69 46.51
N GLU D 411 12.48 -37.07 47.64
CA GLU D 411 13.25 -37.68 48.74
C GLU D 411 13.84 -39.01 48.33
N LEU D 412 13.11 -39.79 47.52
CA LEU D 412 13.62 -41.05 47.01
C LEU D 412 14.85 -40.83 46.11
N ASP D 413 14.85 -39.78 45.31
CA ASP D 413 15.99 -39.54 44.43
C ASP D 413 17.16 -38.91 45.18
N ARG D 414 16.87 -38.14 46.23
CA ARG D 414 17.91 -37.69 47.16
C ARG D 414 18.62 -38.88 47.81
N LEU D 415 17.83 -39.80 48.37
CA LEU D 415 18.41 -40.98 49.01
C LEU D 415 19.04 -41.91 47.99
N ASP D 416 18.55 -41.90 46.74
CA ASP D 416 19.12 -42.74 45.70
C ASP D 416 20.49 -42.22 45.27
N ARG D 417 20.61 -40.90 45.10
CA ARG D 417 21.91 -40.31 44.82
C ARG D 417 22.88 -40.53 45.97
N ARG D 418 22.39 -40.47 47.21
CA ARG D 418 23.24 -40.71 48.37
C ARG D 418 23.73 -42.15 48.44
N ILE D 419 22.85 -43.12 48.17
CA ILE D 419 23.28 -44.52 48.27
C ILE D 419 24.18 -44.91 47.11
N ILE D 420 23.97 -44.34 45.91
CA ILE D 420 24.86 -44.70 44.81
C ILE D 420 26.21 -44.00 44.99
N GLN D 421 26.23 -42.84 45.63
CA GLN D 421 27.49 -42.15 45.89
C GLN D 421 28.30 -42.87 46.96
N LEU D 422 27.62 -43.34 48.02
CA LEU D 422 28.33 -44.08 49.06
C LEU D 422 28.74 -45.47 48.58
N LYS D 423 27.98 -46.05 47.63
CA LYS D 423 28.37 -47.32 47.03
C LYS D 423 29.62 -47.16 46.19
N LEU D 424 29.70 -46.08 45.41
CA LEU D 424 30.92 -45.79 44.64
C LEU D 424 32.11 -45.50 45.57
N GLU D 425 31.85 -44.84 46.70
CA GLU D 425 32.92 -44.56 47.67
C GLU D 425 33.45 -45.84 48.30
N GLN D 426 32.55 -46.74 48.70
CA GLN D 426 32.98 -47.99 49.32
C GLN D 426 33.65 -48.91 48.31
N GLN D 427 33.21 -48.85 47.05
CA GLN D 427 33.89 -49.61 46.00
C GLN D 427 35.28 -49.04 45.71
N ALA D 428 35.45 -47.72 45.86
CA ALA D 428 36.77 -47.14 45.71
C ALA D 428 37.68 -47.47 46.89
N LEU D 429 37.11 -47.61 48.09
CA LEU D 429 37.92 -47.91 49.26
C LEU D 429 38.33 -49.38 49.34
N MET D 430 37.57 -50.28 48.72
CA MET D 430 37.94 -51.69 48.70
C MET D 430 39.06 -51.96 47.70
N LEU D 441 38.03 -49.49 59.65
CA LEU D 441 37.93 -48.16 59.06
C LEU D 441 36.58 -47.96 58.38
N ASP D 442 35.98 -49.06 57.93
CA ASP D 442 34.97 -49.03 56.87
C ASP D 442 33.73 -48.19 57.16
N MET D 443 32.84 -48.68 58.05
CA MET D 443 31.63 -48.02 58.57
C MET D 443 30.56 -47.73 57.52
N LEU D 444 30.90 -47.94 56.25
CA LEU D 444 30.10 -47.44 55.14
C LEU D 444 29.26 -48.59 54.61
N ASN D 445 29.68 -49.81 54.91
CA ASN D 445 28.79 -50.96 54.75
C ASN D 445 27.58 -50.82 55.67
N GLU D 446 27.83 -50.38 56.91
CA GLU D 446 26.75 -50.17 57.87
C GLU D 446 25.88 -48.97 57.46
N GLU D 447 26.53 -47.86 57.06
CA GLU D 447 25.81 -46.68 56.60
C GLU D 447 24.96 -46.98 55.35
N LEU D 448 25.52 -47.76 54.43
CA LEU D 448 24.82 -48.08 53.19
C LEU D 448 23.69 -49.07 53.44
N SER D 449 23.88 -49.99 54.41
CA SER D 449 22.81 -50.92 54.77
C SER D 449 21.64 -50.18 55.41
N ASP D 450 21.95 -49.23 56.29
CA ASP D 450 20.88 -48.42 56.92
C ASP D 450 20.15 -47.57 55.89
N LYS D 451 20.89 -46.97 54.96
CA LYS D 451 20.24 -46.13 53.97
C LYS D 451 19.48 -46.94 52.92
N GLU D 452 19.96 -48.14 52.56
CA GLU D 452 19.19 -49.01 51.68
C GLU D 452 17.93 -49.54 52.35
N ARG D 453 18.00 -49.81 53.66
CA ARG D 453 16.81 -50.20 54.40
C ARG D 453 15.78 -49.07 54.43
N GLN D 454 16.24 -47.83 54.66
CA GLN D 454 15.35 -46.67 54.67
C GLN D 454 14.76 -46.42 53.28
N TYR D 455 15.58 -46.60 52.24
CA TYR D 455 15.12 -46.40 50.87
C TYR D 455 14.09 -47.46 50.48
N SER D 456 14.29 -48.70 50.91
CA SER D 456 13.31 -49.75 50.65
C SER D 456 12.03 -49.53 51.44
N GLU D 457 12.15 -48.96 52.65
CA GLU D 457 10.96 -48.66 53.44
C GLU D 457 10.12 -47.55 52.82
N LEU D 458 10.78 -46.47 52.37
CA LEU D 458 10.07 -45.41 51.69
C LEU D 458 9.52 -45.88 50.35
N GLU D 459 10.24 -46.81 49.71
CA GLU D 459 9.77 -47.45 48.49
C GLU D 459 8.49 -48.24 48.73
N GLU D 460 8.45 -49.02 49.82
CA GLU D 460 7.30 -49.85 50.09
C GLU D 460 6.10 -49.01 50.53
N GLU D 461 6.37 -47.93 51.26
CA GLU D 461 5.30 -46.96 51.56
C GLU D 461 4.77 -46.34 50.28
N TRP D 462 5.67 -46.01 49.34
CA TRP D 462 5.29 -45.43 48.05
C TRP D 462 4.40 -46.39 47.28
N LYS D 463 4.76 -47.68 47.26
CA LYS D 463 3.97 -48.68 46.54
C LYS D 463 2.62 -48.91 47.20
N ALA D 464 2.59 -48.91 48.55
CA ALA D 464 1.34 -49.12 49.27
C ALA D 464 0.39 -47.96 49.06
N GLU D 465 0.92 -46.74 49.06
CA GLU D 465 0.11 -45.55 48.80
C GLU D 465 -0.44 -45.57 47.38
N LYS D 466 0.41 -45.93 46.41
CA LYS D 466 -0.04 -46.03 45.02
C LYS D 466 -1.12 -47.10 44.86
N ALA D 467 -0.97 -48.22 45.58
CA ALA D 467 -1.95 -49.30 45.48
C ALA D 467 -3.28 -48.91 46.10
N SER D 468 -3.23 -48.16 47.21
CA SER D 468 -4.45 -47.66 47.85
C SER D 468 -5.21 -46.71 46.93
N LEU D 469 -4.48 -45.79 46.29
CA LEU D 469 -5.13 -44.89 45.35
C LEU D 469 -5.63 -45.62 44.12
N SER D 470 -4.93 -46.69 43.71
CA SER D 470 -5.36 -47.49 42.58
C SER D 470 -6.69 -48.19 42.86
N GLY D 471 -6.80 -48.82 44.03
CA GLY D 471 -8.05 -49.47 44.40
C GLY D 471 -9.19 -48.48 44.58
N THR D 472 -8.86 -47.30 45.13
CA THR D 472 -9.82 -46.21 45.25
C THR D 472 -10.37 -45.81 43.89
N GLN D 473 -9.50 -45.71 42.88
CA GLN D 473 -9.96 -45.30 41.56
C GLN D 473 -10.74 -46.41 40.86
N THR D 474 -10.35 -47.67 41.07
CA THR D 474 -11.10 -48.78 40.48
C THR D 474 -12.53 -48.83 41.02
N ILE D 475 -12.69 -48.60 42.32
CA ILE D 475 -14.02 -48.67 42.89
C ILE D 475 -14.80 -47.39 42.57
N LYS D 476 -14.08 -46.29 42.33
CA LYS D 476 -14.69 -45.05 41.86
C LYS D 476 -15.27 -45.22 40.45
N ALA D 477 -14.50 -45.88 39.58
CA ALA D 477 -14.94 -46.11 38.21
C ALA D 477 -16.06 -47.14 38.14
N GLU D 478 -16.01 -48.16 39.00
CA GLU D 478 -17.09 -49.14 39.01
C GLU D 478 -18.38 -48.54 39.57
N LEU D 479 -18.25 -47.59 40.51
CA LEU D 479 -19.40 -46.79 40.94
C LEU D 479 -19.99 -46.00 39.78
N GLU D 480 -19.11 -45.39 38.97
CA GLU D 480 -19.58 -44.61 37.82
C GLU D 480 -20.26 -45.50 36.78
N GLN D 481 -19.72 -46.69 36.54
CA GLN D 481 -20.36 -47.60 35.59
C GLN D 481 -21.67 -48.15 36.14
N ALA D 482 -21.79 -48.25 37.47
CA ALA D 482 -23.08 -48.57 38.07
C ALA D 482 -24.10 -47.45 37.82
N LYS D 483 -23.65 -46.20 37.89
CA LYS D 483 -24.52 -45.06 37.58
C LYS D 483 -24.93 -45.07 36.12
N ILE D 484 -24.00 -45.44 35.23
CA ILE D 484 -24.29 -45.56 33.80
C ILE D 484 -25.29 -46.67 33.54
N ALA D 485 -25.13 -47.80 34.22
CA ALA D 485 -26.03 -48.94 33.99
C ALA D 485 -27.42 -48.66 34.56
N ILE D 486 -27.51 -47.93 35.67
CA ILE D 486 -28.83 -47.63 36.20
C ILE D 486 -29.50 -46.54 35.34
N GLU D 487 -28.72 -45.69 34.66
CA GLU D 487 -29.37 -44.81 33.69
C GLU D 487 -29.77 -45.54 32.42
N GLN D 488 -29.04 -46.59 32.05
CA GLN D 488 -29.49 -47.50 30.99
C GLN D 488 -30.79 -48.18 31.40
N ALA D 489 -30.93 -48.49 32.70
CA ALA D 489 -32.20 -49.02 33.20
C ALA D 489 -33.31 -47.98 33.14
N ARG D 490 -33.00 -46.71 33.44
CA ARG D 490 -34.00 -45.66 33.33
C ARG D 490 -34.42 -45.43 31.88
N ARG D 491 -33.52 -45.68 30.92
CA ARG D 491 -33.91 -45.71 29.52
C ARG D 491 -34.80 -46.91 29.20
N VAL D 492 -34.35 -48.12 29.53
CA VAL D 492 -35.08 -49.32 29.13
C VAL D 492 -36.29 -49.60 30.01
N GLY D 493 -36.14 -49.54 31.34
CA GLY D 493 -37.26 -49.83 32.21
C GLY D 493 -37.24 -51.21 32.85
N ASP D 494 -36.09 -51.64 33.35
CA ASP D 494 -36.02 -52.87 34.12
C ASP D 494 -36.43 -52.57 35.57
N LEU D 495 -37.22 -53.48 36.14
CA LEU D 495 -37.98 -53.16 37.34
C LEU D 495 -37.18 -53.37 38.62
N ALA D 496 -36.72 -54.60 38.86
CA ALA D 496 -35.92 -54.88 40.04
C ALA D 496 -34.52 -54.31 39.94
N ARG D 497 -34.07 -54.01 38.72
CA ARG D 497 -32.74 -53.47 38.49
C ARG D 497 -32.59 -52.09 39.10
N MET D 498 -33.67 -51.29 39.06
CA MET D 498 -33.67 -49.93 39.60
C MET D 498 -33.37 -49.91 41.10
N SER D 499 -34.29 -50.48 41.90
CA SER D 499 -34.13 -50.52 43.34
C SER D 499 -32.94 -51.37 43.77
N GLU D 500 -32.65 -52.44 43.02
CA GLU D 500 -31.49 -53.29 43.29
C GLU D 500 -30.20 -52.50 43.20
N LEU D 501 -29.90 -51.92 42.02
CA LEU D 501 -28.68 -51.17 41.82
C LEU D 501 -28.60 -49.97 42.74
N GLN D 502 -29.72 -49.25 42.93
CA GLN D 502 -29.72 -48.08 43.80
C GLN D 502 -29.39 -48.45 45.23
N TYR D 503 -30.30 -49.18 45.89
CA TYR D 503 -30.21 -49.38 47.33
C TYR D 503 -29.11 -50.37 47.71
N GLY D 504 -28.65 -51.19 46.76
CA GLY D 504 -27.43 -51.94 47.02
C GLY D 504 -26.17 -51.15 46.72
N LYS D 505 -25.97 -50.78 45.46
CA LYS D 505 -24.64 -50.43 44.98
C LYS D 505 -24.26 -49.00 45.35
N ILE D 506 -25.22 -48.06 45.44
CA ILE D 506 -24.85 -46.67 45.71
C ILE D 506 -24.35 -46.45 47.14
N PRO D 507 -25.07 -46.83 48.22
CA PRO D 507 -24.57 -46.47 49.55
C PRO D 507 -23.32 -47.24 49.99
N GLU D 508 -23.21 -48.54 49.68
CA GLU D 508 -22.03 -49.29 50.13
C GLU D 508 -20.78 -48.87 49.38
N LEU D 509 -20.88 -48.60 48.07
CA LEU D 509 -19.70 -48.21 47.33
C LEU D 509 -19.32 -46.76 47.62
N GLU D 510 -20.30 -45.89 47.89
CA GLU D 510 -19.95 -44.54 48.32
C GLU D 510 -19.30 -44.52 49.71
N LYS D 511 -19.77 -45.35 50.63
CA LYS D 511 -19.17 -45.33 51.96
C LYS D 511 -17.79 -45.99 51.96
N GLN D 512 -17.55 -46.99 51.10
CA GLN D 512 -16.19 -47.52 51.04
C GLN D 512 -15.28 -46.70 50.13
N LEU D 513 -15.84 -45.90 49.23
CA LEU D 513 -15.07 -44.85 48.56
C LEU D 513 -14.59 -43.82 49.58
N GLU D 514 -15.47 -43.38 50.47
CA GLU D 514 -15.05 -42.48 51.54
C GLU D 514 -14.13 -43.15 52.55
N ALA D 515 -14.27 -44.47 52.75
CA ALA D 515 -13.33 -45.20 53.60
C ALA D 515 -11.95 -45.25 52.99
N ALA D 516 -11.86 -45.48 51.67
CA ALA D 516 -10.59 -45.37 50.98
C ALA D 516 -10.07 -43.94 50.97
N THR D 517 -10.96 -42.95 50.96
CA THR D 517 -10.55 -41.54 51.01
C THR D 517 -9.92 -41.19 52.35
N GLN D 518 -10.57 -41.56 53.45
CA GLN D 518 -9.96 -41.31 54.75
C GLN D 518 -8.77 -42.22 55.01
N LEU D 519 -8.70 -43.38 54.34
CA LEU D 519 -7.48 -44.18 54.34
C LEU D 519 -6.34 -43.46 53.66
N GLU D 520 -6.63 -42.75 52.55
CA GLU D 520 -5.64 -41.86 51.94
C GLU D 520 -5.26 -40.74 52.90
N GLY D 521 -6.24 -40.18 53.61
CA GLY D 521 -5.95 -39.10 54.55
C GLY D 521 -5.10 -39.56 55.72
N LYS D 522 -5.14 -40.86 56.03
CA LYS D 522 -4.25 -41.42 57.03
C LYS D 522 -2.87 -41.73 56.46
N THR D 523 -2.79 -42.43 55.33
CA THR D 523 -1.52 -43.08 54.97
C THR D 523 -0.69 -42.28 53.97
N MET D 524 -1.26 -41.27 53.32
CA MET D 524 -0.46 -40.47 52.38
C MET D 524 0.46 -39.54 53.16
N ARG D 525 1.75 -39.84 53.13
CA ARG D 525 2.72 -39.05 53.86
C ARG D 525 3.78 -38.49 52.95
N LEU D 526 4.33 -39.33 52.08
CA LEU D 526 5.52 -39.00 51.31
C LEU D 526 5.26 -38.01 50.21
N LEU D 527 2.05 -38.19 49.57
CA LEU D 527 1.96 -37.30 48.43
C LEU D 527 0.59 -36.68 48.28
N ARG D 528 0.37 -36.01 47.17
CA ARG D 528 -0.92 -35.39 46.92
C ARG D 528 -1.80 -36.34 46.13
N ASN D 529 -3.00 -36.58 46.63
CA ASN D 529 -3.98 -37.36 45.91
C ASN D 529 -5.01 -36.49 45.23
N LYS D 530 -5.03 -35.21 45.48
CA LYS D 530 -6.09 -34.35 44.99
C LYS D 530 -5.51 -33.31 44.05
N VAL D 531 -6.39 -32.44 43.60
CA VAL D 531 -6.04 -31.26 42.85
C VAL D 531 -6.66 -30.10 43.60
N THR D 532 -5.85 -29.20 44.10
CA THR D 532 -6.37 -28.01 44.77
C THR D 532 -5.84 -26.76 44.10
N ASP D 533 -6.23 -25.63 44.68
CA ASP D 533 -5.89 -24.32 44.16
C ASP D 533 -4.39 -24.08 44.12
N ALA D 534 -3.65 -24.76 45.00
CA ALA D 534 -2.20 -24.79 44.87
C ALA D 534 -1.79 -25.40 43.55
N GLU D 535 -2.44 -26.48 43.14
CA GLU D 535 -2.01 -27.12 41.91
C GLU D 535 -2.44 -26.36 40.68
N ILE D 536 -3.61 -25.73 40.73
CA ILE D 536 -4.03 -24.90 39.63
C ILE D 536 -3.13 -23.68 39.50
N ALA D 537 -2.71 -23.12 40.63
CA ALA D 537 -1.79 -22.01 40.60
C ALA D 537 -0.44 -22.41 40.04
N GLU D 538 0.03 -23.61 40.38
CA GLU D 538 1.30 -24.08 39.87
C GLU D 538 1.23 -24.37 38.37
N VAL D 539 0.09 -24.88 37.93
CA VAL D 539 -0.14 -25.08 36.50
C VAL D 539 -0.17 -23.75 35.78
N LEU D 540 -0.82 -22.76 36.36
CA LEU D 540 -0.99 -21.50 35.66
C LEU D 540 0.31 -20.74 35.53
N ALA D 541 1.11 -20.71 36.59
CA ALA D 541 2.38 -20.04 36.49
C ALA D 541 3.34 -20.79 35.58
N ARG D 542 3.37 -22.12 35.63
CA ARG D 542 4.23 -22.80 34.67
C ARG D 542 3.62 -22.90 33.29
N TRP D 543 2.40 -22.43 33.08
CA TRP D 543 1.78 -22.45 31.78
C TRP D 543 1.90 -21.13 31.05
N THR D 544 1.63 -20.01 31.73
CA THR D 544 1.88 -18.71 31.15
C THR D 544 3.21 -18.15 31.57
N GLY D 545 3.36 -17.89 32.86
CA GLY D 545 4.50 -17.10 33.26
C GLY D 545 4.13 -15.96 34.17
N ILE D 546 2.86 -15.76 34.45
CA ILE D 546 2.54 -14.87 35.56
C ILE D 546 2.80 -15.62 36.86
N PRO D 547 3.53 -15.08 37.78
CA PRO D 547 3.78 -15.80 39.03
C PRO D 547 2.67 -15.62 40.05
N VAL D 548 1.62 -16.45 39.99
CA VAL D 548 0.54 -16.40 40.98
C VAL D 548 0.55 -17.63 41.87
N SER D 549 1.55 -18.49 41.76
CA SER D 549 1.61 -19.66 42.61
C SER D 549 1.89 -19.26 44.05
N ARG D 550 1.64 -20.20 44.94
CA ARG D 550 1.65 -19.92 46.36
C ARG D 550 3.07 -19.62 46.82
N MET D 551 3.16 -18.94 47.95
CA MET D 551 4.43 -18.41 48.40
C MET D 551 5.25 -19.55 48.96
N MET D 552 5.97 -20.21 48.06
CA MET D 552 6.94 -21.20 48.45
C MET D 552 8.08 -20.54 49.23
N GLU D 553 8.80 -21.35 49.98
CA GLU D 553 9.58 -20.83 51.09
C GLU D 553 10.84 -20.12 50.62
N SER D 554 11.53 -20.66 49.62
CA SER D 554 12.79 -20.08 49.20
C SER D 554 12.58 -18.72 48.54
N GLU D 555 11.58 -18.62 47.66
CA GLU D 555 11.27 -17.34 47.07
C GLU D 555 10.69 -16.40 48.11
N ARG D 556 10.04 -16.92 49.16
CA ARG D 556 9.57 -16.04 50.22
C ARG D 556 10.72 -15.46 51.01
N GLU D 557 11.74 -16.27 51.27
CA GLU D 557 12.92 -15.79 51.97
C GLU D 557 13.69 -14.79 51.13
N LYS D 558 13.78 -15.05 49.83
CA LYS D 558 14.39 -14.10 48.91
C LYS D 558 13.59 -12.81 48.87
N LEU D 559 12.28 -12.93 48.95
CA LEU D 559 11.44 -11.77 48.76
C LEU D 559 11.39 -10.95 50.03
N LEU D 560 11.55 -11.59 51.19
CA LEU D 560 11.74 -10.86 52.42
C LEU D 560 13.08 -10.17 52.49
N ARG D 561 14.05 -10.66 51.71
CA ARG D 561 15.37 -10.06 51.64
C ARG D 561 15.48 -9.13 50.45
N MET D 562 14.40 -8.40 50.15
CA MET D 562 14.37 -7.50 49.01
C MET D 562 15.44 -6.43 49.14
N GLU D 563 15.41 -5.69 50.23
CA GLU D 563 16.27 -4.55 50.39
C GLU D 563 17.66 -4.95 50.83
N GLN D 564 17.85 -6.19 51.26
CA GLN D 564 19.20 -6.70 51.38
C GLN D 564 19.83 -6.86 50.01
N GLU D 565 19.04 -7.27 49.02
CA GLU D 565 19.60 -7.51 47.70
C GLU D 565 19.74 -6.23 46.91
N LEU D 566 18.76 -5.33 47.01
CA LEU D 566 18.78 -4.13 46.20
C LEU D 566 19.91 -3.19 46.54
N HIS D 567 20.47 -3.26 47.73
CA HIS D 567 21.64 -2.45 47.99
C HIS D 567 22.91 -3.12 47.57
N HIS D 568 22.83 -4.06 46.66
CA HIS D 568 23.99 -4.65 46.05
C HIS D 568 24.08 -4.31 44.58
N ARG D 569 23.14 -3.52 44.07
CA ARG D 569 23.37 -2.77 42.84
C ARG D 569 23.00 -1.31 42.94
N VAL D 570 22.32 -0.88 43.99
CA VAL D 570 22.03 0.55 44.18
C VAL D 570 22.35 0.90 45.61
N ILE D 571 23.27 1.73 45.81
CA ILE D 571 23.52 2.16 47.17
C ILE D 571 22.69 3.41 47.41
N GLY D 572 22.30 3.61 48.67
CA GLY D 572 21.48 4.72 49.09
C GLY D 572 20.10 4.67 48.49
N GLN D 573 19.46 5.85 48.48
CA GLN D 573 18.20 6.10 47.77
C GLN D 573 17.09 5.18 48.26
N ASN D 574 16.97 5.08 49.58
CA ASN D 574 16.14 4.06 50.22
C ASN D 574 14.67 4.16 49.87
N GLU D 575 14.21 5.33 49.45
CA GLU D 575 12.79 5.60 49.23
C GLU D 575 12.21 4.67 48.18
N ALA D 576 12.78 4.71 46.98
CA ALA D 576 12.21 3.92 45.92
C ALA D 576 12.59 2.46 46.06
N VAL D 577 13.68 2.18 46.77
CA VAL D 577 13.99 0.81 47.14
C VAL D 577 12.84 0.19 47.92
N ASP D 578 12.36 0.93 48.93
CA ASP D 578 11.18 0.51 49.68
C ASP D 578 9.96 0.43 48.79
N ALA D 579 9.83 1.35 47.85
CA ALA D 579 8.64 1.42 47.03
C ALA D 579 8.52 0.19 46.15
N VAL D 580 9.61 -0.19 45.52
CA VAL D 580 9.52 -1.32 44.62
C VAL D 580 9.49 -2.62 45.41
N SER D 581 10.04 -2.60 46.62
CA SER D 581 9.83 -3.69 47.56
C SER D 581 8.34 -3.90 47.81
N ASN D 582 7.63 -2.81 48.08
CA ASN D 582 6.19 -2.86 48.28
C ASN D 582 5.49 -3.36 47.03
N ALA D 583 5.98 -2.98 45.86
CA ALA D 583 5.32 -3.32 44.63
C ALA D 583 5.37 -4.81 44.37
N ILE D 584 6.56 -5.39 44.50
CA ILE D 584 6.71 -6.82 44.27
C ILE D 584 5.96 -7.61 45.33
N ARG D 585 5.92 -7.11 46.56
CA ARG D 585 5.16 -7.79 47.60
C ARG D 585 3.67 -7.81 47.28
N ARG D 586 3.09 -6.64 47.05
CA ARG D 586 1.66 -6.54 46.79
C ARG D 586 1.27 -7.15 45.47
N SER D 587 2.22 -7.46 44.61
CA SER D 587 1.93 -8.40 43.55
C SER D 587 1.83 -9.81 44.09
N ARG D 588 2.90 -10.29 44.71
CA ARG D 588 2.99 -11.72 45.01
C ARG D 588 2.04 -12.11 46.10
N ALA D 589 1.74 -11.19 47.02
CA ALA D 589 0.72 -11.50 48.00
C ALA D 589 -0.68 -11.47 47.42
N GLY D 590 -0.83 -11.00 46.18
CA GLY D 590 -2.12 -11.06 45.52
C GLY D 590 -3.06 -9.93 45.88
N LEU D 591 -2.63 -9.03 46.74
CA LEU D 591 -3.51 -8.01 47.26
C LEU D 591 -3.80 -6.88 46.30
N ALA D 592 -3.08 -6.79 45.19
CA ALA D 592 -3.17 -5.58 44.38
C ALA D 592 -4.49 -5.52 43.63
N ASP D 593 -4.76 -4.35 43.09
CA ASP D 593 -6.02 -4.11 42.42
C ASP D 593 -5.94 -4.70 41.03
N PRO D 594 -6.76 -5.67 40.69
CA PRO D 594 -6.59 -6.33 39.40
C PRO D 594 -7.23 -5.60 38.24
N ASN D 595 -7.46 -4.30 38.38
CA ASN D 595 -7.80 -3.48 37.23
C ASN D 595 -6.59 -2.89 36.56
N ARG D 596 -5.49 -2.78 37.29
CA ARG D 596 -4.41 -1.86 37.01
C ARG D 596 -3.10 -2.61 37.11
N PRO D 597 -2.01 -2.09 36.55
CA PRO D 597 -0.73 -2.78 36.66
C PRO D 597 -0.23 -2.71 38.09
N ILE D 598 0.85 -3.46 38.34
CA ILE D 598 1.38 -3.56 39.68
C ILE D 598 1.94 -2.22 40.12
N GLY D 599 2.98 -1.76 39.44
CA GLY D 599 3.53 -0.47 39.75
C GLY D 599 3.75 0.40 38.55
N SER D 600 2.98 1.47 38.47
CA SER D 600 3.15 2.48 37.44
C SER D 600 4.03 3.59 37.98
N PHE D 601 5.27 3.23 38.28
CA PHE D 601 6.17 4.14 38.97
C PHE D 601 6.66 5.24 38.07
N LEU D 602 7.31 6.20 38.69
CA LEU D 602 7.86 7.35 37.98
C LEU D 602 8.98 7.93 38.81
N PHE D 603 10.17 7.98 38.26
CA PHE D 603 11.31 8.40 39.02
C PHE D 603 11.68 9.81 38.61
N LEU D 604 12.15 10.60 39.54
CA LEU D 604 12.66 11.92 39.27
C LEU D 604 14.06 12.02 39.83
N GLY D 605 14.57 13.24 39.87
CA GLY D 605 15.86 13.47 40.47
C GLY D 605 16.91 13.67 39.41
N PRO D 606 17.84 14.58 39.66
CA PRO D 606 18.91 14.82 38.69
C PRO D 606 19.85 13.62 38.62
N THR D 607 20.36 13.38 37.42
CA THR D 607 20.96 12.10 37.05
C THR D 607 22.25 11.82 37.78
N GLY D 608 22.85 10.69 37.44
CA GLY D 608 24.02 10.24 38.17
C GLY D 608 23.68 9.63 39.49
N VAL D 609 22.43 9.22 39.70
CA VAL D 609 21.97 8.75 40.99
C VAL D 609 21.38 7.36 40.95
N GLY D 610 21.01 6.83 39.79
CA GLY D 610 20.66 5.43 39.76
C GLY D 610 19.26 5.05 39.35
N LYS D 611 18.66 5.82 38.46
CA LYS D 611 17.35 5.49 37.94
C LYS D 611 17.41 4.25 37.07
N THR D 612 18.22 4.33 36.01
CA THR D 612 18.44 3.20 35.10
C THR D 612 18.98 1.99 35.83
N GLU D 613 19.78 2.22 36.86
CA GLU D 613 20.35 1.12 37.61
C GLU D 613 19.36 0.47 38.53
N LEU D 614 18.45 1.23 39.10
CA LEU D 614 17.39 0.60 39.89
C LEU D 614 16.55 -0.30 39.02
N CYS D 615 16.28 0.13 37.79
CA CYS D 615 15.49 -0.73 36.93
C CYS D 615 16.29 -1.96 36.47
N LYS D 616 17.58 -1.80 36.22
CA LYS D 616 18.38 -2.97 35.87
C LYS D 616 18.48 -3.95 37.01
N ALA D 617 18.56 -3.43 38.24
CA ALA D 617 18.60 -4.29 39.40
C ALA D 617 17.29 -5.02 39.58
N LEU D 618 16.19 -4.37 39.23
CA LEU D 618 14.90 -5.06 39.21
C LEU D 618 14.89 -6.23 38.25
N ALA D 619 15.38 -6.02 37.04
CA ALA D 619 15.31 -7.08 36.06
C ALA D 619 16.16 -8.27 36.47
N ASN D 620 17.36 -8.00 36.99
CA ASN D 620 18.19 -9.08 37.48
C ASN D 620 17.57 -9.76 38.67
N PHE D 621 16.86 -8.99 39.50
CA PHE D 621 16.18 -9.59 40.63
C PHE D 621 15.11 -10.57 40.18
N MET D 622 14.35 -10.18 39.18
CA MET D 622 13.10 -10.87 38.88
C MET D 622 13.28 -11.99 37.89
N PHE D 623 14.34 -11.95 37.10
CA PHE D 623 14.53 -12.92 36.04
C PHE D 623 15.86 -13.64 36.06
N ASP D 624 16.82 -13.19 36.87
CA ASP D 624 18.25 -13.47 36.72
C ASP D 624 18.73 -13.17 35.31
N SER D 625 18.47 -11.92 34.90
CA SER D 625 18.91 -11.40 33.61
C SER D 625 18.81 -9.88 33.69
N ASP D 626 19.80 -9.17 33.17
CA ASP D 626 19.92 -7.72 33.34
C ASP D 626 19.14 -6.94 32.30
N GLU D 627 19.44 -7.18 31.03
CA GLU D 627 18.64 -6.64 29.93
C GLU D 627 17.63 -7.65 29.42
N ALA D 628 16.79 -8.20 30.29
CA ALA D 628 15.61 -8.93 29.86
C ALA D 628 14.44 -8.16 30.39
N MET D 629 14.11 -7.09 29.69
CA MET D 629 13.09 -6.16 30.10
C MET D 629 12.70 -5.42 28.86
N VAL D 630 11.44 -5.04 28.77
CA VAL D 630 10.98 -4.40 27.56
C VAL D 630 11.44 -2.96 27.67
N ARG D 631 12.60 -2.67 27.12
CA ARG D 631 13.31 -1.43 27.40
C ARG D 631 13.01 -0.44 26.28
N ILE D 632 11.85 0.17 26.33
CA ILE D 632 11.53 1.33 25.55
C ILE D 632 12.45 2.45 25.98
N ASP D 633 12.96 3.21 25.03
CA ASP D 633 13.74 4.37 25.36
C ASP D 633 13.00 5.57 24.81
N MET D 634 12.49 6.41 25.70
CA MET D 634 11.58 7.48 25.32
C MET D 634 12.22 8.61 24.59
N SER D 635 13.51 8.63 24.35
CA SER D 635 14.06 9.83 23.76
C SER D 635 13.96 9.84 22.26
N GLU D 636 13.23 8.90 21.67
CA GLU D 636 13.01 8.94 20.25
C GLU D 636 11.67 9.51 19.90
N PHE D 637 10.84 9.77 20.88
CA PHE D 637 9.44 9.98 20.60
C PHE D 637 9.11 11.45 20.62
N MET D 638 10.08 12.30 20.29
CA MET D 638 9.88 13.74 20.15
C MET D 638 8.92 14.07 19.03
N GLU D 639 8.70 13.15 18.12
CA GLU D 639 7.83 13.42 17.01
C GLU D 639 6.48 12.79 17.24
N LYS D 640 5.55 13.17 16.40
CA LYS D 640 4.15 12.95 16.68
C LYS D 640 3.70 11.57 16.25
N HIS D 641 4.60 10.74 15.75
CA HIS D 641 4.22 9.49 15.12
C HIS D 641 4.93 8.25 15.63
N SER D 642 5.82 8.38 16.57
CA SER D 642 6.29 7.13 17.10
C SER D 642 5.35 6.54 18.15
N VAL D 643 4.20 7.18 18.38
CA VAL D 643 3.01 6.47 18.82
C VAL D 643 2.85 5.19 18.05
N SER D 644 2.75 5.33 16.74
CA SER D 644 2.66 4.16 15.89
C SER D 644 4.00 3.56 15.60
N ARG D 645 5.09 4.05 16.19
CA ARG D 645 6.15 3.06 16.41
C ARG D 645 5.70 2.00 17.39
N LEU D 646 5.33 2.41 18.61
CA LEU D 646 5.26 1.41 19.67
C LEU D 646 4.01 0.54 19.55
N VAL D 647 2.88 1.15 19.19
CA VAL D 647 1.59 0.46 19.18
C VAL D 647 1.56 -0.62 18.11
N GLY D 648 1.68 -0.23 16.86
CA GLY D 648 1.42 -1.10 15.74
C GLY D 648 0.99 -0.27 14.55
N ALA D 649 1.00 -0.88 13.39
CA ALA D 649 0.68 -0.09 12.22
C ALA D 649 -0.70 -0.43 11.70
N PRO D 650 -1.59 0.55 11.56
CA PRO D 650 -3.00 0.27 11.30
C PRO D 650 -3.19 -0.29 9.91
N PRO D 651 -4.29 -1.01 9.64
CA PRO D 651 -4.34 -1.84 8.44
C PRO D 651 -4.38 -1.02 7.16
N GLY D 652 -3.87 -1.61 6.10
CA GLY D 652 -3.67 -0.92 4.85
C GLY D 652 -2.29 -0.35 4.68
N TYR D 653 -1.55 -0.21 5.74
CA TYR D 653 -0.29 0.48 5.67
C TYR D 653 0.80 -0.57 5.67
N VAL D 654 2.05 -0.14 5.79
CA VAL D 654 3.15 -1.00 5.38
C VAL D 654 3.41 -2.09 6.40
N GLY D 655 3.74 -1.70 7.61
CA GLY D 655 4.07 -2.70 8.58
C GLY D 655 2.90 -3.16 9.40
N TYR D 656 1.76 -3.40 8.77
CA TYR D 656 0.64 -3.99 9.49
C TYR D 656 1.00 -5.38 9.98
N GLU D 657 1.58 -6.19 9.09
CA GLU D 657 1.85 -7.59 9.37
C GLU D 657 2.91 -7.80 10.45
N GLU D 658 3.61 -6.76 10.89
CA GLU D 658 4.50 -6.90 12.04
C GLU D 658 3.75 -6.67 13.34
N GLY D 659 3.19 -5.50 13.51
CA GLY D 659 2.77 -5.06 14.82
C GLY D 659 3.92 -4.41 15.56
N GLY D 660 3.58 -3.81 16.69
CA GLY D 660 4.48 -2.92 17.37
C GLY D 660 5.62 -3.64 18.07
N TYR D 661 6.35 -2.85 18.84
CA TYR D 661 7.45 -3.36 19.64
C TYR D 661 7.10 -3.45 21.11
N LEU D 662 6.27 -2.56 21.61
CA LEU D 662 5.81 -2.71 22.97
C LEU D 662 4.89 -3.89 23.11
N THR D 663 3.73 -3.85 22.45
CA THR D 663 2.67 -4.79 22.78
C THR D 663 3.01 -6.18 22.37
N GLU D 664 3.78 -6.33 21.30
CA GLU D 664 4.17 -7.67 20.94
C GLU D 664 5.12 -8.23 21.97
N ALA D 665 6.11 -7.45 22.39
CA ALA D 665 7.02 -7.98 23.38
C ALA D 665 6.42 -8.07 24.78
N VAL D 666 5.24 -7.54 25.02
CA VAL D 666 4.59 -7.86 26.28
C VAL D 666 3.75 -9.11 26.15
N ARG D 667 3.00 -9.25 25.08
CA ARG D 667 2.17 -10.44 24.95
C ARG D 667 2.99 -11.69 24.65
N ARG D 668 4.28 -11.59 24.36
CA ARG D 668 5.10 -12.80 24.42
C ARG D 668 5.29 -13.26 25.86
N ARG D 669 5.59 -12.33 26.76
CA ARG D 669 5.93 -12.65 28.14
C ARG D 669 5.21 -11.70 29.09
N PRO D 670 4.04 -12.11 29.60
CA PRO D 670 3.15 -11.16 30.28
C PRO D 670 3.63 -10.67 31.61
N TYR D 671 4.85 -10.94 32.02
CA TYR D 671 5.32 -10.42 33.29
C TYR D 671 6.71 -9.85 33.06
N SER D 672 6.80 -8.56 32.77
CA SER D 672 8.11 -7.96 32.56
C SER D 672 8.02 -6.48 32.88
N VAL D 673 9.16 -5.81 32.84
CA VAL D 673 9.30 -4.48 33.40
C VAL D 673 9.63 -3.53 32.27
N ILE D 674 8.70 -2.65 31.97
CA ILE D 674 8.86 -1.72 30.88
C ILE D 674 9.63 -0.52 31.42
N LEU D 675 10.90 -0.45 31.15
CA LEU D 675 11.61 0.78 31.43
C LEU D 675 11.18 1.83 30.44
N LEU D 676 10.98 3.06 30.90
CA LEU D 676 10.79 4.18 30.01
C LEU D 676 11.85 5.18 30.41
N ASP D 677 13.02 5.02 29.84
CA ASP D 677 14.14 5.87 30.17
C ASP D 677 13.87 7.24 29.57
N ALA D 678 14.14 8.29 30.34
CA ALA D 678 14.21 9.68 29.87
C ALA D 678 12.89 10.15 29.23
N VAL D 679 11.86 10.24 30.08
CA VAL D 679 10.51 10.28 29.55
C VAL D 679 10.07 11.66 29.10
N GLU D 680 10.77 12.71 29.49
CA GLU D 680 10.29 14.06 29.21
C GLU D 680 10.53 14.50 27.77
N LYS D 681 11.21 13.68 26.97
CA LYS D 681 11.62 14.13 25.65
C LYS D 681 10.44 14.25 24.71
N ALA D 682 9.36 13.57 24.99
CA ALA D 682 8.39 13.37 23.93
C ALA D 682 7.34 14.47 23.89
N HIS D 683 7.01 14.85 22.67
CA HIS D 683 5.69 15.36 22.30
C HIS D 683 4.63 14.52 23.02
N PRO D 684 3.67 15.14 23.70
CA PRO D 684 2.94 14.41 24.76
C PRO D 684 1.87 13.41 24.27
N ASP D 685 1.90 13.05 23.00
CA ASP D 685 0.95 12.09 22.47
C ASP D 685 1.22 10.67 23.00
N VAL D 686 2.50 10.38 23.19
CA VAL D 686 2.88 9.13 23.81
C VAL D 686 2.32 9.07 25.20
N PHE D 687 2.18 10.21 25.85
CA PHE D 687 1.52 10.18 27.12
C PHE D 687 0.01 9.98 27.02
N ASN D 688 -0.63 10.28 25.89
CA ASN D 688 -1.99 9.75 25.78
C ASN D 688 -2.02 8.22 25.73
N ILE D 689 -1.08 7.63 25.00
CA ILE D 689 -0.99 6.17 24.96
C ILE D 689 -0.73 5.60 26.37
N LEU D 690 0.12 6.26 27.12
CA LEU D 690 0.32 5.81 28.48
C LEU D 690 -0.83 6.15 29.40
N LEU D 691 -1.72 7.08 29.03
CA LEU D 691 -2.94 7.26 29.82
C LEU D 691 -3.76 6.00 29.83
N GLN D 692 -3.92 5.37 28.66
CA GLN D 692 -4.57 4.05 28.66
C GLN D 692 -3.79 3.04 29.48
N VAL D 693 -2.47 2.99 29.26
CA VAL D 693 -1.60 1.98 29.86
C VAL D 693 -1.70 2.01 31.38
N LEU D 694 -1.41 3.15 31.96
CA LEU D 694 -1.37 3.23 33.41
C LEU D 694 -2.75 3.25 34.00
N ASP D 695 -3.77 3.58 33.21
CA ASP D 695 -5.09 3.64 33.81
C ASP D 695 -5.65 2.25 33.99
N ASP D 696 -5.76 1.48 32.92
CA ASP D 696 -6.48 0.22 33.05
C ASP D 696 -5.77 -0.98 32.46
N GLY D 697 -4.56 -0.81 31.97
CA GLY D 697 -3.76 -1.97 31.66
C GLY D 697 -4.18 -2.73 30.43
N ARG D 698 -5.08 -2.21 29.62
CA ARG D 698 -5.26 -2.80 28.31
C ARG D 698 -4.78 -1.81 27.27
N LEU D 699 -4.19 -2.33 26.22
CA LEU D 699 -3.69 -1.52 25.13
C LEU D 699 -4.05 -2.26 23.85
N THR D 700 -4.40 -1.53 22.82
CA THR D 700 -4.84 -2.15 21.59
C THR D 700 -3.74 -2.08 20.57
N ASP D 701 -3.39 -3.23 20.01
CA ASP D 701 -2.33 -3.28 19.01
C ASP D 701 -2.90 -2.87 17.66
N GLY D 702 -2.09 -3.00 16.61
CA GLY D 702 -2.47 -2.45 15.34
C GLY D 702 -3.63 -3.21 14.75
N GLN D 703 -3.55 -4.54 14.83
CA GLN D 703 -4.57 -5.39 14.25
C GLN D 703 -5.88 -5.30 15.01
N GLY D 704 -5.84 -4.84 16.26
CA GLY D 704 -7.02 -4.65 17.06
C GLY D 704 -7.19 -5.62 18.22
N ARG D 705 -6.19 -6.47 18.50
CA ARG D 705 -6.35 -7.48 19.55
C ARG D 705 -5.59 -7.08 20.81
N THR D 706 -6.33 -6.82 21.88
CA THR D 706 -5.81 -6.12 23.05
C THR D 706 -4.81 -6.95 23.84
N VAL D 707 -3.97 -6.25 24.59
CA VAL D 707 -2.95 -6.85 25.42
C VAL D 707 -3.17 -6.38 26.85
N ASP D 708 -3.18 -7.31 27.79
CA ASP D 708 -3.45 -7.03 29.18
C ASP D 708 -2.11 -6.73 29.87
N PHE D 709 -1.99 -5.54 30.47
CA PHE D 709 -0.80 -5.12 31.18
C PHE D 709 -0.87 -5.36 32.66
N ARG D 710 -1.81 -6.12 33.14
CA ARG D 710 -2.02 -6.18 34.57
C ARG D 710 -1.12 -7.14 35.26
N ASN D 711 0.01 -7.47 34.69
CA ASN D 711 1.03 -8.21 35.38
C ASN D 711 2.37 -7.63 35.06
N THR D 712 2.45 -6.32 34.97
CA THR D 712 3.68 -5.67 34.53
C THR D 712 3.92 -4.44 35.39
N VAL D 713 5.17 -4.01 35.43
CA VAL D 713 5.59 -2.95 36.33
C VAL D 713 6.08 -1.81 35.47
N VAL D 714 5.20 -0.90 35.10
CA VAL D 714 5.59 0.13 34.13
C VAL D 714 6.37 1.20 34.85
N ILE D 715 7.63 1.40 34.47
CA ILE D 715 8.50 2.31 35.18
C ILE D 715 9.03 3.36 34.21
N MET D 716 9.02 4.61 34.63
CA MET D 716 9.48 5.72 33.81
C MET D 716 10.49 6.54 34.61
N THR D 717 11.62 6.86 34.01
CA THR D 717 12.62 7.72 34.64
C THR D 717 12.65 9.07 33.96
N SER D 718 12.99 10.09 34.71
CA SER D 718 13.10 11.44 34.17
C SER D 718 13.89 12.28 35.15
N ASN D 719 14.33 13.44 34.71
CA ASN D 719 15.02 14.35 35.59
C ASN D 719 14.48 15.75 35.42
N LEU D 720 13.17 15.89 35.51
CA LEU D 720 12.61 17.21 35.42
C LEU D 720 12.66 17.98 36.72
N GLY D 721 13.55 17.64 37.64
CA GLY D 721 13.64 18.38 38.88
C GLY D 721 15.06 18.67 39.29
N SER D 722 15.94 18.92 38.32
CA SER D 722 17.37 19.00 38.60
C SER D 722 17.72 20.16 39.51
N ASP D 723 17.28 21.35 39.12
CA ASP D 723 17.48 22.56 39.91
C ASP D 723 16.88 22.42 41.29
N LEU D 724 15.69 21.81 41.37
CA LEU D 724 14.96 21.79 42.62
C LEU D 724 15.64 20.91 43.66
N ILE D 725 15.96 19.69 43.28
CA ILE D 725 16.51 18.77 44.26
C ILE D 725 17.96 19.06 44.50
N GLN D 726 18.69 19.52 43.49
CA GLN D 726 20.05 19.97 43.76
C GLN D 726 20.08 21.23 44.59
N GLU D 727 18.99 21.98 44.61
CA GLU D 727 18.91 23.17 45.41
C GLU D 727 18.56 22.85 46.86
N ARG D 728 17.64 21.93 47.07
CA ARG D 728 16.96 21.84 48.37
C ARG D 728 16.83 20.42 48.89
N PHE D 729 17.71 19.49 48.51
CA PHE D 729 17.61 18.18 49.15
C PHE D 729 18.10 18.23 50.58
N GLY D 730 19.14 19.01 50.83
CA GLY D 730 19.43 19.42 52.18
C GLY D 730 18.33 20.28 52.75
N GLU D 731 18.31 20.35 54.07
CA GLU D 731 17.44 21.20 54.91
C GLU D 731 15.94 21.03 54.63
N LEU D 732 15.54 19.95 53.97
CA LEU D 732 14.14 19.70 53.69
C LEU D 732 13.82 18.24 53.98
N ASP D 733 12.53 17.95 54.04
CA ASP D 733 12.04 16.62 54.29
C ASP D 733 11.98 15.84 52.98
N TYR D 734 11.30 14.71 53.02
CA TYR D 734 10.94 14.00 51.80
C TYR D 734 9.56 14.42 51.31
N ALA D 735 8.72 14.90 52.23
CA ALA D 735 7.34 15.20 51.90
C ALA D 735 7.20 16.45 51.05
N HIS D 736 7.70 17.58 51.56
CA HIS D 736 7.58 18.82 50.80
C HIS D 736 8.48 18.80 49.58
N MET D 737 9.55 18.00 49.64
CA MET D 737 10.33 17.64 48.47
C MET D 737 9.44 17.11 47.36
N LYS D 738 8.70 16.04 47.71
CA LYS D 738 7.78 15.41 46.77
C LYS D 738 6.73 16.37 46.29
N GLU D 739 6.23 17.23 47.19
CA GLU D 739 5.16 18.13 46.82
C GLU D 739 5.64 19.19 45.84
N LEU D 740 6.82 19.73 46.06
CA LEU D 740 7.29 20.82 45.23
C LEU D 740 7.73 20.30 43.86
N VAL D 741 8.36 19.13 43.82
CA VAL D 741 8.70 18.56 42.52
C VAL D 741 7.45 18.05 41.82
N LEU D 742 6.39 17.74 42.57
CA LEU D 742 5.15 17.35 41.94
C LEU D 742 4.53 18.55 41.25
N GLY D 743 4.67 19.72 41.88
CA GLY D 743 4.30 20.95 41.21
C GLY D 743 5.09 21.19 39.94
N VAL D 744 6.38 20.83 39.97
CA VAL D 744 7.21 21.04 38.77
C VAL D 744 6.83 20.07 37.65
N VAL D 745 6.48 18.83 37.99
CA VAL D 745 5.99 17.91 36.98
C VAL D 745 4.63 18.36 36.46
N SER D 746 3.80 18.95 37.31
CA SER D 746 2.56 19.56 36.86
C SER D 746 2.78 20.74 35.95
N HIS D 747 3.92 21.43 36.10
CA HIS D 747 4.31 22.38 35.06
C HIS D 747 4.58 21.65 33.76
N ASN D 748 5.37 20.58 33.81
CA ASN D 748 5.63 19.92 32.54
C ASN D 748 4.50 18.98 32.13
N PHE D 749 4.24 17.93 32.89
CA PHE D 749 3.30 16.93 32.40
C PHE D 749 1.87 17.39 32.57
N ARG D 750 1.08 16.63 32.22
CA ARG D 750 -0.33 16.88 32.08
C ARG D 750 -1.08 16.49 33.34
N PRO D 751 -2.14 17.22 33.67
CA PRO D 751 -2.94 16.85 34.85
C PRO D 751 -3.74 15.61 34.65
N GLU D 752 -3.94 15.20 33.40
CA GLU D 752 -4.61 13.94 33.09
C GLU D 752 -3.80 12.75 33.53
N PHE D 753 -2.50 12.94 33.68
CA PHE D 753 -1.54 11.86 33.66
C PHE D 753 -0.93 11.57 35.01
N ILE D 754 -0.51 12.60 35.74
CA ILE D 754 0.15 12.39 37.02
C ILE D 754 -0.80 11.93 38.10
N ASN D 755 -2.09 11.95 37.84
CA ASN D 755 -2.99 11.25 38.72
C ASN D 755 -2.86 9.75 38.54
N ARG D 756 -2.48 9.30 37.36
CA ARG D 756 -2.41 7.86 37.13
C ARG D 756 -1.19 7.21 37.70
N ILE D 757 -0.22 7.96 38.21
CA ILE D 757 1.03 7.40 38.67
C ILE D 757 0.80 6.55 39.90
N ASP D 758 1.46 5.40 39.97
CA ASP D 758 1.39 4.64 41.21
C ASP D 758 2.08 5.39 42.33
N GLU D 759 3.29 5.89 42.08
CA GLU D 759 3.98 6.66 43.11
C GLU D 759 5.08 7.50 42.50
N VAL D 760 4.93 8.83 42.61
CA VAL D 760 5.94 9.80 42.19
C VAL D 760 7.05 9.76 43.23
N VAL D 761 8.19 9.19 42.89
CA VAL D 761 9.25 9.13 43.88
C VAL D 761 10.40 10.01 43.42
N VAL D 762 11.19 10.44 44.38
CA VAL D 762 12.10 11.55 44.19
C VAL D 762 13.48 11.05 44.58
N PHE D 763 14.37 10.93 43.62
CA PHE D 763 15.72 10.60 44.02
C PHE D 763 16.43 11.82 44.60
N HIS D 764 17.71 11.65 44.94
CA HIS D 764 18.45 12.72 45.59
C HIS D 764 19.93 12.49 45.34
N PRO D 765 20.75 13.54 45.38
CA PRO D 765 22.17 13.36 45.04
C PRO D 765 22.92 12.57 46.09
N LEU D 766 23.92 11.85 45.64
CA LEU D 766 24.56 10.87 46.50
C LEU D 766 25.56 11.53 47.45
N GLY D 767 26.14 10.72 48.34
CA GLY D 767 27.10 11.22 49.31
C GLY D 767 28.34 10.34 49.40
N GLU D 768 29.16 10.60 50.40
CA GLU D 768 30.54 10.13 50.37
C GLU D 768 30.64 8.66 50.70
N GLN D 769 29.85 8.18 51.67
CA GLN D 769 29.77 6.75 51.90
C GLN D 769 29.19 6.03 50.69
N HIS D 770 28.26 6.68 50.00
CA HIS D 770 27.66 6.10 48.81
C HIS D 770 28.67 6.02 47.70
N ILE D 771 29.45 7.08 47.56
CA ILE D 771 30.48 7.12 46.54
C ILE D 771 31.56 6.10 46.83
N ALA D 772 31.89 5.92 48.10
CA ALA D 772 32.85 4.87 48.46
C ALA D 772 32.30 3.49 48.15
N SER D 773 31.00 3.32 48.34
CA SER D 773 30.36 2.06 47.98
C SER D 773 30.45 1.79 46.49
N ILE D 774 30.09 2.80 45.68
CA ILE D 774 30.08 2.62 44.24
C ILE D 774 31.50 2.45 43.73
N ALA D 775 32.45 3.08 44.41
CA ALA D 775 33.86 2.85 44.14
C ALA D 775 34.19 1.38 44.30
N GLN D 776 33.77 0.79 45.41
CA GLN D 776 34.06 -0.61 45.63
C GLN D 776 33.34 -1.52 44.65
N ILE D 777 32.15 -1.13 44.22
CA ILE D 777 31.39 -1.96 43.29
C ILE D 777 32.06 -1.98 41.93
N GLN D 778 32.46 -0.80 41.45
CA GLN D 778 33.18 -0.73 40.18
C GLN D 778 34.51 -1.45 40.27
N LEU D 779 35.14 -1.40 41.43
CA LEU D 779 36.36 -2.15 41.62
C LEU D 779 36.10 -3.65 41.55
N LYS D 780 34.98 -4.10 42.11
CA LYS D 780 34.71 -5.53 42.13
C LYS D 780 34.40 -6.05 40.74
N ARG D 781 33.64 -5.30 39.96
CA ARG D 781 33.39 -5.73 38.61
C ARG D 781 34.65 -5.62 37.77
N LEU D 782 35.56 -4.72 38.12
CA LEU D 782 36.82 -4.64 37.41
C LEU D 782 37.72 -5.81 37.76
N TYR D 783 37.64 -6.24 39.02
CA TYR D 783 38.33 -7.45 39.46
C TYR D 783 37.83 -8.63 38.68
N LYS D 784 36.52 -8.69 38.46
CA LYS D 784 35.93 -9.76 37.67
C LYS D 784 36.44 -9.71 36.24
N ARG D 785 36.54 -8.51 35.68
CA ARG D 785 36.98 -8.39 34.29
C ARG D 785 38.43 -8.81 34.13
N LEU D 786 39.27 -8.43 35.07
CA LEU D 786 40.67 -8.77 34.96
C LEU D 786 40.97 -10.15 35.51
N GLU D 787 40.01 -10.72 36.21
CA GLU D 787 40.04 -12.12 36.53
C GLU D 787 39.63 -12.96 35.33
N GLU D 788 38.77 -12.41 34.47
CA GLU D 788 38.64 -13.00 33.15
C GLU D 788 39.91 -12.80 32.34
N ARG D 789 40.64 -11.72 32.60
CA ARG D 789 42.00 -11.68 32.09
C ARG D 789 42.90 -12.60 32.89
N GLY D 790 42.59 -12.79 34.17
CA GLY D 790 43.31 -13.71 34.99
C GLY D 790 44.24 -13.09 35.99
N TYR D 791 44.04 -11.84 36.33
CA TYR D 791 45.03 -11.10 37.10
C TYR D 791 44.43 -10.68 38.42
N GLU D 792 45.27 -10.61 39.45
CA GLU D 792 44.81 -10.27 40.79
C GLU D 792 45.23 -8.86 41.14
N ILE D 793 44.37 -8.15 41.86
CA ILE D 793 44.54 -6.74 42.13
C ILE D 793 44.18 -6.45 43.57
N HIS D 794 45.08 -5.82 44.30
CA HIS D 794 44.74 -5.12 45.52
C HIS D 794 44.77 -3.63 45.28
N ILE D 795 44.14 -2.88 46.18
CA ILE D 795 44.11 -1.44 46.08
C ILE D 795 44.51 -0.83 47.42
N SER D 796 45.35 0.20 47.36
CA SER D 796 45.63 1.01 48.53
C SER D 796 44.41 1.80 48.95
N ASP D 797 44.29 2.02 50.25
CA ASP D 797 43.19 2.85 50.74
C ASP D 797 43.41 4.31 50.40
N GLU D 798 44.66 4.72 50.30
CA GLU D 798 44.96 6.06 49.81
C GLU D 798 44.60 6.18 48.33
N ALA D 799 44.77 5.10 47.57
CA ALA D 799 44.29 5.09 46.19
C ALA D 799 42.78 5.22 46.15
N LEU D 800 42.09 4.62 47.12
CA LEU D 800 40.66 4.82 47.23
C LEU D 800 40.34 6.26 47.59
N LYS D 801 41.22 6.92 48.34
CA LYS D 801 41.00 8.33 48.63
C LYS D 801 41.17 9.18 47.37
N LEU D 802 42.14 8.82 46.53
CA LEU D 802 42.29 9.44 45.22
C LEU D 802 41.03 9.26 44.39
N LEU D 803 40.51 8.04 44.35
CA LEU D 803 39.31 7.79 43.55
C LEU D 803 38.09 8.48 44.14
N SER D 804 38.06 8.65 45.45
CA SER D 804 36.92 9.29 46.08
C SER D 804 36.94 10.79 45.84
N GLU D 805 38.09 11.43 46.03
CA GLU D 805 38.12 12.86 45.82
C GLU D 805 38.24 13.22 44.34
N ASN D 806 38.57 12.26 43.49
CA ASN D 806 38.54 12.43 42.06
C ASN D 806 37.21 12.05 41.45
N GLY D 807 36.30 11.49 42.24
CA GLY D 807 35.00 11.09 41.72
C GLY D 807 33.88 11.78 42.44
N TYR D 808 34.17 12.90 43.09
CA TYR D 808 33.18 13.65 43.83
C TYR D 808 32.81 14.93 43.08
N ASP D 809 31.50 15.19 43.02
CA ASP D 809 30.89 16.47 42.66
C ASP D 809 29.41 16.45 43.00
N PRO D 810 28.77 17.60 43.18
CA PRO D 810 27.32 17.57 43.38
C PRO D 810 26.53 17.32 42.10
N VAL D 811 26.87 18.00 41.01
CA VAL D 811 25.91 18.13 39.93
C VAL D 811 25.85 16.91 39.03
N TYR D 812 26.93 16.17 38.88
CA TYR D 812 26.90 15.14 37.85
C TYR D 812 26.66 13.76 38.40
N GLY D 813 26.62 13.59 39.72
CA GLY D 813 26.30 12.29 40.27
C GLY D 813 27.40 11.28 40.11
N ALA D 814 27.06 10.07 39.68
CA ALA D 814 27.96 8.94 39.87
C ALA D 814 29.12 8.99 38.88
N ARG D 815 28.82 9.06 37.61
CA ARG D 815 29.76 8.89 36.51
C ARG D 815 31.05 9.71 36.50
N PRO D 816 31.17 10.85 37.21
CA PRO D 816 32.50 11.33 37.56
C PRO D 816 33.39 10.28 38.19
N LEU D 817 32.83 9.47 39.08
CA LEU D 817 33.60 8.37 39.63
C LEU D 817 33.99 7.38 38.56
N LYS D 818 33.10 7.13 37.60
CA LYS D 818 33.45 6.13 36.60
C LYS D 818 34.48 6.65 35.62
N ARG D 819 34.45 7.93 35.31
CA ARG D 819 35.46 8.46 34.42
C ARG D 819 36.81 8.54 35.12
N ALA D 820 36.79 8.87 36.42
CA ALA D 820 38.03 8.92 37.17
C ALA D 820 38.65 7.55 37.32
N ILE D 821 37.81 6.54 37.61
CA ILE D 821 38.28 5.16 37.67
C ILE D 821 38.84 4.73 36.33
N GLN D 822 38.09 5.00 35.27
CA GLN D 822 38.45 4.63 33.91
C GLN D 822 39.81 5.17 33.53
N GLN D 823 39.99 6.49 33.61
CA GLN D 823 41.27 7.10 33.29
C GLN D 823 42.36 6.65 34.25
N GLN D 824 42.25 7.08 35.52
CA GLN D 824 43.31 6.96 36.50
C GLN D 824 43.48 5.55 37.02
N ILE D 825 42.87 4.55 36.40
CA ILE D 825 43.33 3.19 36.59
C ILE D 825 43.68 2.61 35.24
N GLU D 826 42.70 2.53 34.35
CA GLU D 826 42.84 1.67 33.19
C GLU D 826 43.82 2.21 32.17
N ASN D 827 44.12 3.50 32.19
CA ASN D 827 45.08 3.92 31.18
C ASN D 827 46.51 3.51 31.54
N PRO D 828 47.06 3.81 32.74
CA PRO D 828 48.41 3.30 33.00
C PRO D 828 48.45 1.81 33.17
N LEU D 829 47.37 1.20 33.64
CA LEU D 829 47.37 -0.24 33.85
C LEU D 829 47.49 -0.99 32.53
N ALA D 830 46.51 -0.82 31.65
CA ALA D 830 46.55 -1.49 30.36
C ALA D 830 47.66 -0.96 29.48
N GLN D 831 48.10 0.28 29.73
CA GLN D 831 49.33 0.77 29.14
C GLN D 831 50.50 -0.11 29.51
N GLN D 832 50.55 -0.54 30.76
CA GLN D 832 51.57 -1.49 31.16
C GLN D 832 51.27 -2.91 30.71
N ILE D 833 50.02 -3.24 30.42
CA ILE D 833 49.69 -4.63 30.13
C ILE D 833 50.18 -5.00 28.75
N LEU D 834 49.76 -4.27 27.72
CA LEU D 834 50.25 -4.57 26.39
C LEU D 834 51.68 -4.14 26.18
N SER D 835 52.25 -3.42 27.14
CA SER D 835 53.70 -3.29 27.20
C SER D 835 54.39 -4.62 27.39
N GLY D 836 53.72 -5.62 27.94
CA GLY D 836 54.39 -6.84 28.31
C GLY D 836 55.23 -6.71 29.55
N GLU D 837 55.09 -5.59 30.25
CA GLU D 837 55.78 -5.37 31.51
C GLU D 837 55.27 -6.30 32.58
N LEU D 838 53.99 -6.67 32.51
CA LEU D 838 53.32 -7.39 33.58
C LEU D 838 53.21 -8.86 33.25
N VAL D 839 53.18 -9.68 34.29
CA VAL D 839 53.32 -11.13 34.19
C VAL D 839 52.04 -11.75 34.74
N PRO D 840 51.45 -12.73 34.07
CA PRO D 840 50.41 -13.55 34.70
C PRO D 840 50.98 -14.34 35.86
N GLY D 841 50.50 -14.03 37.06
CA GLY D 841 50.93 -14.70 38.27
C GLY D 841 51.25 -13.78 39.43
N LYS D 842 51.41 -12.47 39.22
CA LYS D 842 51.69 -11.55 40.29
C LYS D 842 50.45 -10.74 40.61
N VAL D 843 50.28 -10.42 41.89
CA VAL D 843 49.16 -9.59 42.30
C VAL D 843 49.46 -8.15 41.89
N ILE D 844 48.61 -7.59 41.04
CA ILE D 844 48.85 -6.25 40.55
C ILE D 844 48.40 -5.30 41.62
N ARG D 845 49.30 -4.94 42.52
CA ARG D 845 48.93 -4.15 43.66
C ARG D 845 48.93 -2.67 43.28
N LEU D 846 47.86 -1.98 43.63
CA LEU D 846 47.69 -0.58 43.25
C LEU D 846 48.14 0.29 44.41
N GLU D 847 49.38 0.74 44.34
CA GLU D 847 49.92 1.64 45.32
C GLU D 847 49.87 3.06 44.76
N VAL D 848 50.32 4.02 45.55
CA VAL D 848 50.19 5.41 45.15
C VAL D 848 51.58 6.00 44.93
N ASN D 849 51.61 7.01 44.07
CA ASN D 849 52.66 8.02 44.06
C ASN D 849 52.16 9.17 44.94
N GLU D 850 52.73 10.35 44.75
CA GLU D 850 52.22 11.56 45.39
C GLU D 850 50.73 11.75 45.10
N ASP D 851 50.37 11.85 43.83
CA ASP D 851 48.97 12.01 43.48
C ASP D 851 48.53 11.09 42.35
N ARG D 852 49.27 10.04 42.03
CA ARG D 852 48.90 9.11 40.97
C ARG D 852 49.07 7.69 41.46
N ILE D 853 48.26 6.80 40.93
CA ILE D 853 48.36 5.40 41.31
C ILE D 853 49.57 4.81 40.62
N VAL D 854 50.43 4.15 41.39
CA VAL D 854 51.57 3.44 40.84
C VAL D 854 51.25 1.95 40.88
N ALA D 855 51.73 1.23 39.87
CA ALA D 855 51.42 -0.18 39.68
C ALA D 855 52.68 -1.00 39.93
N VAL D 856 52.63 -1.90 40.88
CA VAL D 856 53.82 -2.66 41.27
C VAL D 856 53.60 -4.13 40.95
N GLN D 857 54.70 -4.82 40.70
CA GLN D 857 54.72 -6.24 40.33
C GLN D 857 55.79 -6.94 41.14
N HIS D 858 55.37 -7.81 42.06
CA HIS D 858 56.33 -8.52 42.89
C HIS D 858 55.88 -9.96 43.12
N GLN E 159 -36.44 -37.44 -22.54
CA GLN E 159 -35.01 -37.48 -22.81
C GLN E 159 -34.24 -36.71 -21.75
N ALA E 160 -33.17 -36.05 -22.16
CA ALA E 160 -32.28 -35.37 -21.21
C ALA E 160 -32.98 -34.20 -20.53
N LEU E 161 -33.98 -33.62 -21.18
CA LEU E 161 -34.85 -32.67 -20.51
C LEU E 161 -35.53 -33.33 -19.33
N LYS E 162 -36.07 -34.52 -19.55
CA LYS E 162 -36.60 -35.28 -18.44
C LYS E 162 -35.51 -35.91 -17.59
N LYS E 163 -34.24 -35.86 -18.02
CA LYS E 163 -33.16 -36.35 -17.19
C LYS E 163 -32.37 -35.26 -16.47
N TYR E 164 -32.51 -34.00 -16.85
CA TYR E 164 -31.69 -33.00 -16.19
C TYR E 164 -32.43 -31.73 -15.84
N THR E 165 -33.60 -31.48 -16.37
CA THR E 165 -34.32 -30.25 -16.08
C THR E 165 -35.30 -30.47 -14.94
N ILE E 166 -35.89 -29.38 -14.48
CA ILE E 166 -36.97 -29.42 -13.51
C ILE E 166 -38.12 -28.58 -14.06
N ASP E 167 -39.26 -29.22 -14.26
CA ASP E 167 -40.45 -28.50 -14.67
C ASP E 167 -40.97 -27.71 -13.47
N LEU E 168 -40.93 -26.39 -13.58
CA LEU E 168 -41.60 -25.57 -12.58
C LEU E 168 -43.11 -25.64 -12.74
N THR E 169 -43.61 -25.70 -13.97
CA THR E 169 -45.04 -25.73 -14.21
C THR E 169 -45.67 -27.05 -13.79
N GLU E 170 -44.88 -28.10 -13.60
CA GLU E 170 -45.44 -29.33 -13.06
C GLU E 170 -45.72 -29.21 -11.58
N ARG E 171 -44.77 -28.64 -10.83
CA ARG E 171 -45.02 -28.39 -9.43
C ARG E 171 -46.08 -27.31 -9.25
N ALA E 172 -46.21 -26.42 -10.24
CA ALA E 172 -47.37 -25.55 -10.31
C ALA E 172 -48.64 -26.35 -10.55
N GLU E 173 -48.58 -27.36 -11.42
CA GLU E 173 -49.70 -28.26 -11.63
C GLU E 173 -49.93 -29.12 -10.40
N GLN E 174 -48.86 -29.58 -9.78
CA GLN E 174 -48.98 -30.32 -8.54
C GLN E 174 -49.28 -29.42 -7.35
N GLY E 175 -49.29 -28.11 -7.53
CA GLY E 175 -49.70 -27.21 -6.48
C GLY E 175 -48.72 -27.05 -5.35
N LYS E 176 -47.52 -27.61 -5.50
CA LYS E 176 -46.53 -27.57 -4.42
C LYS E 176 -45.95 -26.19 -4.23
N LEU E 177 -46.07 -25.32 -5.21
CA LEU E 177 -45.35 -24.07 -5.13
C LEU E 177 -46.14 -23.05 -4.35
N ASP E 178 -45.50 -21.93 -4.06
CA ASP E 178 -45.97 -20.84 -3.22
C ASP E 178 -46.93 -19.96 -3.98
N PRO E 179 -48.00 -19.54 -3.35
CA PRO E 179 -48.85 -18.53 -3.98
C PRO E 179 -48.13 -17.20 -4.01
N VAL E 180 -47.63 -16.84 -5.18
CA VAL E 180 -46.82 -15.64 -5.33
C VAL E 180 -47.76 -14.46 -5.41
N ILE E 181 -47.76 -13.63 -4.38
CA ILE E 181 -48.72 -12.55 -4.28
C ILE E 181 -47.98 -11.23 -4.41
N GLY E 182 -48.59 -10.28 -5.11
CA GLY E 182 -47.91 -9.05 -5.42
C GLY E 182 -47.01 -9.27 -6.62
N ARG E 183 -46.19 -8.25 -6.90
CA ARG E 183 -45.16 -8.27 -7.94
C ARG E 183 -45.72 -8.53 -9.33
N ASP E 184 -46.96 -8.12 -9.54
CA ASP E 184 -47.62 -8.33 -10.84
C ASP E 184 -46.93 -7.52 -11.92
N GLU E 185 -46.49 -6.32 -11.56
CA GLU E 185 -45.93 -5.38 -12.51
C GLU E 185 -44.66 -5.93 -13.14
N GLU E 186 -43.83 -6.58 -12.33
CA GLU E 186 -42.58 -7.11 -12.83
C GLU E 186 -42.81 -8.35 -13.68
N ILE E 187 -43.84 -9.12 -13.36
CA ILE E 187 -44.22 -10.23 -14.22
C ILE E 187 -44.66 -9.71 -15.57
N ARG E 188 -45.41 -8.61 -15.57
CA ARG E 188 -45.83 -7.99 -16.81
C ARG E 188 -44.63 -7.50 -17.61
N ARG E 189 -43.68 -6.86 -16.94
CA ARG E 189 -42.50 -6.37 -17.64
C ARG E 189 -41.64 -7.53 -18.13
N THR E 190 -41.70 -8.65 -17.44
CA THR E 190 -40.98 -9.84 -17.85
C THR E 190 -41.58 -10.42 -19.12
N ILE E 191 -42.91 -10.44 -19.19
CA ILE E 191 -43.58 -10.88 -20.40
C ILE E 191 -43.24 -9.96 -21.54
N GLN E 192 -43.17 -8.65 -21.26
CA GLN E 192 -42.79 -7.67 -22.26
C GLN E 192 -41.41 -7.94 -22.83
N VAL E 193 -40.46 -8.22 -21.95
CA VAL E 193 -39.10 -8.47 -22.41
C VAL E 193 -39.03 -9.80 -23.15
N LEU E 194 -39.85 -10.76 -22.73
CA LEU E 194 -39.80 -12.09 -23.35
C LEU E 194 -40.26 -12.04 -24.80
N GLN E 195 -41.26 -11.25 -25.12
CA GLN E 195 -41.62 -11.07 -26.52
C GLN E 195 -40.92 -9.86 -27.14
N ARG E 196 -39.61 -9.74 -26.93
CA ARG E 196 -38.82 -8.73 -27.60
C ARG E 196 -37.75 -9.41 -28.43
N ARG E 197 -37.60 -8.97 -29.68
CA ARG E 197 -36.70 -9.61 -30.64
C ARG E 197 -35.25 -9.56 -30.20
N THR E 198 -34.68 -8.36 -30.18
CA THR E 198 -33.33 -8.21 -29.68
C THR E 198 -33.36 -7.96 -28.18
N LYS E 199 -32.24 -8.29 -27.53
CA LYS E 199 -32.13 -8.37 -26.08
C LYS E 199 -33.25 -9.23 -25.51
N ASN E 200 -33.38 -10.43 -26.07
CA ASN E 200 -34.56 -11.24 -25.85
C ASN E 200 -34.61 -11.79 -24.44
N ASN E 201 -33.50 -12.30 -23.94
CA ASN E 201 -33.49 -12.96 -22.65
C ASN E 201 -33.49 -11.93 -21.54
N PRO E 202 -34.47 -11.90 -20.67
CA PRO E 202 -34.41 -11.03 -19.51
C PRO E 202 -33.46 -11.60 -18.49
N VAL E 203 -33.06 -10.75 -17.55
CA VAL E 203 -32.29 -11.21 -16.42
C VAL E 203 -32.70 -10.39 -15.20
N LEU E 204 -32.96 -11.09 -14.10
CA LEU E 204 -33.50 -10.45 -12.92
C LEU E 204 -32.37 -9.92 -12.05
N ILE E 205 -32.54 -8.71 -11.57
CA ILE E 205 -31.53 -8.02 -10.80
C ILE E 205 -32.14 -7.55 -9.50
N GLY E 206 -31.54 -7.95 -8.39
CA GLY E 206 -31.96 -7.43 -7.11
C GLY E 206 -30.96 -7.83 -6.05
N GLU E 207 -31.20 -7.29 -4.86
CA GLU E 207 -30.59 -7.82 -3.67
C GLU E 207 -31.14 -9.22 -3.44
N PRO E 208 -30.37 -10.12 -2.84
CA PRO E 208 -30.86 -11.50 -2.69
C PRO E 208 -31.98 -11.57 -1.66
N GLY E 209 -32.76 -12.64 -1.77
CA GLY E 209 -33.87 -12.82 -0.87
C GLY E 209 -35.15 -12.16 -1.29
N VAL E 210 -35.45 -12.05 -2.58
CA VAL E 210 -36.64 -11.26 -2.91
C VAL E 210 -37.59 -11.98 -3.86
N GLY E 211 -37.53 -13.30 -3.86
CA GLY E 211 -38.47 -14.05 -4.65
C GLY E 211 -38.30 -13.94 -6.14
N LYS E 212 -37.06 -13.83 -6.61
CA LYS E 212 -36.82 -13.87 -8.05
C LYS E 212 -37.23 -15.22 -8.60
N THR E 213 -36.75 -16.29 -7.97
CA THR E 213 -37.22 -17.64 -8.25
C THR E 213 -38.73 -17.75 -8.08
N ALA E 214 -39.25 -17.09 -7.05
CA ALA E 214 -40.69 -17.06 -6.87
C ALA E 214 -41.37 -16.26 -7.95
N ILE E 215 -40.74 -15.23 -8.50
CA ILE E 215 -41.39 -14.48 -9.58
C ILE E 215 -41.44 -15.31 -10.85
N VAL E 216 -40.43 -16.13 -11.06
CA VAL E 216 -40.48 -17.05 -12.18
C VAL E 216 -41.54 -18.12 -11.95
N GLU E 217 -41.70 -18.56 -10.71
CA GLU E 217 -42.79 -19.49 -10.45
C GLU E 217 -44.15 -18.81 -10.52
N GLY E 218 -44.23 -17.50 -10.31
CA GLY E 218 -45.49 -16.82 -10.44
C GLY E 218 -45.87 -16.63 -11.89
N LEU E 219 -44.86 -16.44 -12.74
CA LEU E 219 -45.05 -16.63 -14.17
C LEU E 219 -45.64 -18.00 -14.46
N ALA E 220 -45.10 -19.03 -13.83
CA ALA E 220 -45.62 -20.38 -14.04
C ALA E 220 -47.05 -20.52 -13.52
N GLN E 221 -47.36 -19.83 -12.42
CA GLN E 221 -48.71 -19.81 -11.89
C GLN E 221 -49.68 -19.21 -12.88
N ARG E 222 -49.29 -18.10 -13.50
CA ARG E 222 -50.19 -17.48 -14.45
C ARG E 222 -50.24 -18.25 -15.75
N ILE E 223 -49.22 -19.06 -16.04
CA ILE E 223 -49.29 -19.96 -17.19
C ILE E 223 -50.33 -21.04 -16.95
N ILE E 224 -50.26 -21.70 -15.80
CA ILE E 224 -51.15 -22.82 -15.54
C ILE E 224 -52.58 -22.31 -15.31
N ASN E 225 -52.72 -21.20 -14.61
CA ASN E 225 -54.03 -20.57 -14.46
C ASN E 225 -54.48 -19.85 -15.72
N GLY E 226 -53.60 -19.64 -16.69
CA GLY E 226 -54.01 -19.01 -17.91
C GLY E 226 -54.20 -17.51 -17.81
N GLU E 227 -53.47 -16.84 -16.93
CA GLU E 227 -53.54 -15.39 -16.86
C GLU E 227 -52.57 -14.73 -17.84
N VAL E 228 -51.72 -15.51 -18.48
CA VAL E 228 -50.72 -15.04 -19.42
C VAL E 228 -51.40 -14.70 -20.73
N PRO E 229 -50.74 -14.00 -21.65
CA PRO E 229 -51.26 -13.92 -23.02
C PRO E 229 -51.29 -15.27 -23.71
N GLU E 230 -52.10 -15.33 -24.77
CA GLU E 230 -52.37 -16.57 -25.49
C GLU E 230 -51.11 -17.13 -26.13
N GLY E 231 -50.21 -16.26 -26.59
CA GLY E 231 -48.96 -16.71 -27.19
C GLY E 231 -48.04 -17.40 -26.22
N LEU E 232 -48.22 -17.19 -24.92
CA LEU E 232 -47.45 -17.89 -23.92
C LEU E 232 -48.23 -18.98 -23.22
N LYS E 233 -49.48 -19.21 -23.62
CA LYS E 233 -50.22 -20.34 -23.09
C LYS E 233 -49.69 -21.63 -23.69
N GLY E 234 -49.67 -22.69 -22.90
CA GLY E 234 -49.18 -23.95 -23.38
C GLY E 234 -47.68 -24.03 -23.57
N ARG E 235 -46.94 -23.06 -23.04
CA ARG E 235 -45.49 -23.12 -23.09
C ARG E 235 -44.97 -24.02 -21.98
N ARG E 236 -43.65 -24.14 -21.90
CA ARG E 236 -43.01 -24.96 -20.88
C ARG E 236 -41.94 -24.16 -20.18
N VAL E 237 -41.85 -24.37 -18.86
CA VAL E 237 -40.84 -23.73 -18.03
C VAL E 237 -40.06 -24.86 -17.39
N LEU E 238 -38.84 -25.10 -17.88
CA LEU E 238 -38.02 -26.19 -17.39
C LEU E 238 -36.76 -25.60 -16.79
N ALA E 239 -36.64 -25.68 -15.47
CA ALA E 239 -35.49 -25.13 -14.76
C ALA E 239 -34.40 -26.18 -14.76
N LEU E 240 -33.36 -25.93 -15.54
CA LEU E 240 -32.32 -26.93 -15.70
C LEU E 240 -31.46 -27.00 -14.45
N ASP E 241 -31.18 -28.23 -14.01
CA ASP E 241 -30.26 -28.49 -12.92
C ASP E 241 -28.84 -28.56 -13.48
N MET E 242 -27.98 -27.69 -12.98
CA MET E 242 -26.56 -27.80 -13.28
C MET E 242 -25.98 -29.06 -12.66
N GLY E 243 -26.33 -29.32 -11.40
CA GLY E 243 -25.71 -30.41 -10.67
C GLY E 243 -26.07 -31.77 -11.23
N ALA E 244 -27.24 -31.88 -11.86
CA ALA E 244 -27.56 -33.11 -12.56
C ALA E 244 -26.67 -33.28 -13.78
N LEU E 245 -26.30 -32.18 -14.43
CA LEU E 245 -25.46 -32.27 -15.61
C LEU E 245 -24.04 -32.66 -15.26
N VAL E 246 -23.59 -32.28 -14.05
CA VAL E 246 -22.17 -32.35 -13.74
C VAL E 246 -21.74 -33.78 -13.47
N ALA E 247 -22.59 -34.55 -12.78
CA ALA E 247 -22.13 -35.69 -11.99
C ALA E 247 -21.63 -36.84 -12.85
N GLY E 248 -22.51 -37.44 -13.64
CA GLY E 248 -22.16 -38.70 -14.28
C GLY E 248 -21.18 -38.61 -15.42
N ALA E 249 -20.74 -37.41 -15.81
CA ALA E 249 -19.83 -37.24 -16.94
C ALA E 249 -18.42 -37.68 -16.54
N LYS E 250 -18.23 -38.99 -16.52
CA LYS E 250 -16.96 -39.53 -16.06
C LYS E 250 -15.94 -39.54 -17.19
N TYR E 251 -16.35 -39.93 -18.38
CA TYR E 251 -15.43 -39.98 -19.50
C TYR E 251 -15.24 -38.60 -20.11
N ARG E 252 -14.48 -38.54 -21.19
CA ARG E 252 -14.10 -37.27 -21.77
C ARG E 252 -15.21 -36.73 -22.64
N GLY E 253 -15.52 -35.45 -22.46
CA GLY E 253 -16.51 -34.78 -23.29
C GLY E 253 -17.93 -35.25 -23.08
N GLU E 254 -18.22 -35.92 -21.98
CA GLU E 254 -19.60 -36.38 -21.76
C GLU E 254 -20.48 -35.20 -21.39
N PHE E 255 -19.95 -34.29 -20.57
CA PHE E 255 -20.65 -33.04 -20.26
C PHE E 255 -20.84 -32.22 -21.52
N GLU E 256 -19.85 -32.25 -22.41
CA GLU E 256 -20.02 -31.68 -23.74
C GLU E 256 -21.13 -32.39 -24.49
N GLU E 257 -21.14 -33.72 -24.41
CA GLU E 257 -22.14 -34.52 -25.12
C GLU E 257 -23.53 -34.31 -24.54
N ARG E 258 -23.64 -34.36 -23.22
CA ARG E 258 -24.90 -34.07 -22.55
C ARG E 258 -25.41 -32.68 -22.87
N LEU E 259 -24.51 -31.70 -22.82
CA LEU E 259 -24.92 -30.33 -22.97
C LEU E 259 -25.33 -30.03 -24.41
N LYS E 260 -24.63 -30.64 -25.36
CA LYS E 260 -25.00 -30.48 -26.75
C LYS E 260 -26.30 -31.22 -27.07
N GLY E 261 -26.56 -32.34 -26.40
CA GLY E 261 -27.85 -32.99 -26.57
C GLY E 261 -28.99 -32.17 -26.01
N VAL E 262 -28.75 -31.51 -24.88
CA VAL E 262 -29.73 -30.57 -24.33
C VAL E 262 -29.97 -29.41 -25.28
N LEU E 263 -28.89 -28.93 -25.88
CA LEU E 263 -28.96 -27.91 -26.92
C LEU E 263 -29.81 -28.36 -28.10
N ASN E 264 -29.61 -29.61 -28.53
CA ASN E 264 -30.34 -30.11 -29.69
C ASN E 264 -31.81 -30.32 -29.37
N ASP E 265 -32.12 -30.78 -28.16
CA ASP E 265 -33.51 -30.98 -27.79
C ASP E 265 -34.22 -29.64 -27.60
N LEU E 266 -33.50 -28.65 -27.06
CA LEU E 266 -34.04 -27.31 -26.93
C LEU E 266 -34.28 -26.69 -28.30
N ALA E 267 -33.40 -27.01 -29.26
CA ALA E 267 -33.65 -26.59 -30.63
C ALA E 267 -34.87 -27.28 -31.21
N LYS E 268 -35.08 -28.55 -30.85
CA LYS E 268 -36.23 -29.28 -31.35
C LYS E 268 -37.53 -28.74 -30.78
N GLN E 269 -37.50 -28.20 -29.56
CA GLN E 269 -38.75 -27.77 -28.92
C GLN E 269 -39.33 -26.51 -29.55
N GLU E 270 -38.48 -25.67 -30.15
CA GLU E 270 -38.88 -24.58 -31.04
C GLU E 270 -39.80 -23.57 -30.38
N GLY E 271 -39.26 -22.88 -29.38
CA GLY E 271 -39.98 -21.82 -28.70
C GLY E 271 -41.05 -22.26 -27.74
N ASN E 272 -41.32 -23.56 -27.64
CA ASN E 272 -42.34 -24.02 -26.72
C ASN E 272 -41.83 -23.98 -25.29
N VAL E 273 -40.60 -24.39 -25.08
CA VAL E 273 -40.04 -24.44 -23.73
C VAL E 273 -39.30 -23.13 -23.48
N ILE E 274 -39.56 -22.53 -22.33
CA ILE E 274 -38.88 -21.31 -21.93
C ILE E 274 -37.99 -21.64 -20.76
N LEU E 275 -36.69 -21.36 -20.91
CA LEU E 275 -35.68 -21.79 -19.96
C LEU E 275 -35.52 -20.75 -18.85
N PHE E 276 -35.13 -21.21 -17.68
CA PHE E 276 -34.81 -20.30 -16.58
C PHE E 276 -33.67 -20.90 -15.78
N ILE E 277 -32.50 -20.28 -15.86
CA ILE E 277 -31.35 -20.71 -15.09
C ILE E 277 -30.80 -19.49 -14.38
N ASP E 278 -31.05 -19.41 -13.09
CA ASP E 278 -30.49 -18.35 -12.26
C ASP E 278 -29.04 -18.66 -11.94
N ALA E 279 -28.41 -17.75 -11.20
CA ALA E 279 -27.00 -17.79 -10.84
C ALA E 279 -26.14 -17.96 -12.09
N LEU E 280 -26.30 -16.98 -12.97
CA LEU E 280 -25.95 -17.11 -14.39
C LEU E 280 -24.46 -17.32 -14.62
N HIS E 281 -23.65 -16.90 -13.65
CA HIS E 281 -22.23 -17.22 -13.61
C HIS E 281 -21.97 -18.72 -13.71
N THR E 282 -22.85 -19.55 -13.15
CA THR E 282 -22.67 -20.98 -13.30
C THR E 282 -22.90 -21.39 -14.74
N MET E 283 -23.75 -20.68 -15.47
CA MET E 283 -23.85 -20.96 -16.89
C MET E 283 -22.64 -20.41 -17.62
N VAL E 284 -22.01 -19.38 -17.08
CA VAL E 284 -20.78 -18.86 -17.70
C VAL E 284 -19.66 -19.89 -17.59
N GLY E 285 -19.63 -20.64 -16.49
CA GLY E 285 -18.70 -21.76 -16.37
C GLY E 285 -19.21 -22.80 -15.39
N ALA E 286 -19.26 -24.06 -15.80
CA ALA E 286 -19.83 -25.16 -15.01
C ALA E 286 -18.85 -26.31 -14.88
N GLY E 287 -17.60 -26.01 -14.54
CA GLY E 287 -16.60 -27.05 -14.32
C GLY E 287 -16.04 -27.66 -15.59
N MET E 293 -15.22 -22.88 -21.77
CA MET E 293 -15.24 -24.16 -22.47
C MET E 293 -16.42 -25.03 -22.06
N ASP E 294 -16.62 -25.10 -20.75
CA ASP E 294 -17.60 -26.03 -20.19
C ASP E 294 -19.03 -25.60 -20.51
N ALA E 295 -19.42 -24.39 -20.10
CA ALA E 295 -20.82 -24.05 -20.32
C ALA E 295 -21.02 -22.72 -21.03
N GLY E 296 -20.23 -21.70 -20.69
CA GLY E 296 -20.41 -20.42 -21.33
C GLY E 296 -20.04 -20.45 -22.80
N ASN E 297 -18.91 -21.07 -23.11
CA ASN E 297 -18.50 -21.23 -24.50
C ASN E 297 -19.40 -22.18 -25.27
N MET E 298 -20.18 -23.02 -24.58
CA MET E 298 -21.09 -23.91 -25.28
C MET E 298 -22.48 -23.33 -25.44
N LEU E 299 -22.98 -22.62 -24.43
CA LEU E 299 -24.31 -22.06 -24.55
C LEU E 299 -24.34 -20.73 -25.28
N LYS E 300 -23.33 -19.89 -25.03
CA LYS E 300 -23.11 -18.57 -25.64
C LYS E 300 -23.32 -18.51 -27.15
N PRO E 301 -23.08 -19.59 -27.93
CA PRO E 301 -23.69 -19.61 -29.28
C PRO E 301 -25.20 -19.46 -29.29
N ALA E 302 -25.94 -20.28 -28.54
CA ALA E 302 -27.39 -20.16 -28.54
C ALA E 302 -27.85 -18.88 -27.88
N LEU E 303 -27.04 -18.33 -26.97
CA LEU E 303 -27.25 -16.97 -26.51
C LEU E 303 -27.07 -15.99 -27.66
N ALA E 304 -25.86 -15.93 -28.22
CA ALA E 304 -25.65 -14.98 -29.30
C ALA E 304 -26.04 -15.55 -30.66
N ARG E 305 -27.18 -16.23 -30.73
CA ARG E 305 -27.90 -16.52 -31.96
C ARG E 305 -29.40 -16.35 -31.81
N GLY E 306 -29.92 -16.17 -30.60
CA GLY E 306 -31.32 -15.93 -30.41
C GLY E 306 -32.20 -17.16 -30.38
N GLU E 307 -31.65 -18.35 -30.59
CA GLU E 307 -32.46 -19.56 -30.46
C GLU E 307 -32.85 -19.79 -29.01
N LEU E 308 -31.99 -19.40 -28.08
CA LEU E 308 -32.31 -19.53 -26.68
C LEU E 308 -33.30 -18.45 -26.27
N HIS E 309 -34.28 -18.84 -25.46
CA HIS E 309 -35.30 -17.93 -24.95
C HIS E 309 -35.33 -18.01 -23.44
N CYS E 310 -34.15 -17.89 -22.82
CA CYS E 310 -34.03 -18.15 -21.40
C CYS E 310 -34.31 -16.89 -20.57
N VAL E 311 -34.36 -17.09 -19.26
CA VAL E 311 -34.56 -16.02 -18.30
C VAL E 311 -33.46 -16.12 -17.26
N GLY E 312 -32.78 -15.00 -17.00
CA GLY E 312 -31.76 -14.95 -16.00
C GLY E 312 -32.27 -14.39 -14.69
N ALA E 313 -31.52 -14.65 -13.62
CA ALA E 313 -31.81 -14.11 -12.32
C ALA E 313 -30.54 -14.12 -11.50
N THR E 314 -30.18 -12.97 -10.93
CA THR E 314 -28.90 -12.86 -10.26
C THR E 314 -28.95 -11.83 -9.16
N THR E 315 -27.92 -11.88 -8.34
CA THR E 315 -27.62 -10.84 -7.40
C THR E 315 -26.90 -9.73 -8.16
N LEU E 316 -26.97 -8.51 -7.63
CA LEU E 316 -26.34 -7.34 -8.25
C LEU E 316 -24.83 -7.50 -8.35
N ASP E 317 -24.23 -8.32 -7.50
CA ASP E 317 -22.80 -8.55 -7.51
C ASP E 317 -22.35 -9.20 -8.80
N GLU E 318 -23.01 -10.28 -9.23
CA GLU E 318 -22.64 -10.86 -10.51
C GLU E 318 -23.06 -9.98 -11.66
N TYR E 319 -24.01 -9.09 -11.46
CA TYR E 319 -24.33 -8.16 -12.53
C TYR E 319 -23.23 -7.16 -12.71
N ARG E 320 -22.54 -6.79 -11.64
CA ARG E 320 -21.39 -5.94 -11.89
C ARG E 320 -20.21 -6.75 -12.37
N GLN E 321 -19.99 -7.93 -11.79
CA GLN E 321 -18.77 -8.66 -12.07
C GLN E 321 -18.84 -9.42 -13.38
N TYR E 322 -19.76 -10.36 -13.47
CA TYR E 322 -19.68 -11.37 -14.51
C TYR E 322 -20.63 -11.08 -15.66
N ILE E 323 -21.23 -9.90 -15.71
CA ILE E 323 -22.18 -9.55 -16.75
C ILE E 323 -21.77 -8.27 -17.47
N GLU E 324 -21.58 -7.18 -16.74
CA GLU E 324 -21.17 -5.95 -17.39
C GLU E 324 -19.74 -5.98 -17.87
N LYS E 325 -18.91 -6.89 -17.34
CA LYS E 325 -17.56 -7.01 -17.86
C LYS E 325 -17.57 -7.56 -19.27
N ASP E 326 -18.24 -8.69 -19.48
CA ASP E 326 -18.42 -9.16 -20.84
C ASP E 326 -19.53 -8.36 -21.47
N ALA E 327 -19.14 -7.25 -22.11
CA ALA E 327 -20.06 -6.50 -22.94
C ALA E 327 -20.44 -7.23 -24.22
N ALA E 328 -19.77 -8.35 -24.52
CA ALA E 328 -20.21 -9.26 -25.57
C ALA E 328 -21.49 -10.00 -25.21
N LEU E 329 -22.03 -9.79 -24.01
CA LEU E 329 -23.30 -10.39 -23.64
C LEU E 329 -24.34 -9.31 -23.40
N GLU E 330 -24.02 -8.06 -23.75
CA GLU E 330 -24.85 -6.92 -23.36
C GLU E 330 -26.15 -6.91 -24.14
N ARG E 331 -26.10 -7.09 -25.45
CA ARG E 331 -27.28 -6.95 -26.28
C ARG E 331 -28.12 -8.22 -26.32
N ARG E 332 -28.00 -9.06 -25.29
CA ARG E 332 -28.89 -10.18 -25.10
C ARG E 332 -29.76 -10.03 -23.88
N PHE E 333 -29.62 -8.95 -23.12
CA PHE E 333 -30.23 -8.92 -21.80
C PHE E 333 -30.83 -7.56 -21.54
N GLN E 334 -31.28 -7.39 -20.30
CA GLN E 334 -32.10 -6.27 -19.91
C GLN E 334 -32.09 -6.18 -18.40
N LYS E 335 -31.92 -4.96 -17.89
CA LYS E 335 -31.87 -4.72 -16.45
C LYS E 335 -33.28 -4.82 -15.90
N VAL E 336 -33.74 -6.04 -15.72
CA VAL E 336 -35.09 -6.21 -15.21
C VAL E 336 -34.97 -6.08 -13.71
N PHE E 337 -35.01 -4.85 -13.20
CA PHE E 337 -34.65 -4.63 -11.82
C PHE E 337 -35.85 -4.93 -10.94
N VAL E 338 -35.67 -5.85 -10.00
CA VAL E 338 -36.65 -6.01 -8.96
C VAL E 338 -36.29 -5.11 -7.80
N ALA E 339 -37.26 -4.33 -7.33
CA ALA E 339 -37.03 -3.47 -6.19
C ALA E 339 -37.23 -4.24 -4.89
N GLU E 340 -36.55 -3.77 -3.86
CA GLU E 340 -36.79 -4.25 -2.51
C GLU E 340 -38.20 -3.86 -2.11
N PRO E 341 -39.08 -4.81 -1.81
CA PRO E 341 -40.50 -4.46 -1.59
C PRO E 341 -40.71 -3.68 -0.31
N SER E 342 -41.90 -3.14 -0.19
CA SER E 342 -42.22 -2.22 0.89
C SER E 342 -42.86 -2.99 2.05
N VAL E 343 -43.42 -2.25 3.00
CA VAL E 343 -43.98 -2.87 4.18
C VAL E 343 -45.29 -3.57 3.85
N GLU E 344 -46.16 -2.88 3.15
CA GLU E 344 -47.54 -3.33 3.08
C GLU E 344 -47.73 -4.46 2.08
N ASP E 345 -46.92 -4.48 1.02
CA ASP E 345 -46.91 -5.67 0.17
C ASP E 345 -46.40 -6.88 0.91
N THR E 346 -45.44 -6.68 1.82
CA THR E 346 -45.02 -7.78 2.68
C THR E 346 -46.16 -8.22 3.59
N ILE E 347 -46.98 -7.27 4.02
CA ILE E 347 -48.15 -7.61 4.84
C ILE E 347 -49.15 -8.46 4.06
N ALA E 348 -49.39 -8.10 2.80
CA ALA E 348 -50.30 -8.91 1.98
C ALA E 348 -49.72 -10.29 1.69
N ILE E 349 -48.42 -10.32 1.38
CA ILE E 349 -47.71 -11.57 1.17
C ILE E 349 -47.80 -12.44 2.41
N LEU E 350 -47.68 -11.84 3.59
CA LEU E 350 -47.79 -12.60 4.80
C LEU E 350 -49.21 -13.03 5.11
N ARG E 351 -50.21 -12.34 4.58
CA ARG E 351 -51.57 -12.85 4.76
C ARG E 351 -51.76 -14.13 3.97
N GLY E 352 -51.34 -14.12 2.71
CA GLY E 352 -51.40 -15.33 1.91
C GLY E 352 -50.51 -16.44 2.45
N LEU E 353 -49.36 -16.08 2.99
CA LEU E 353 -48.49 -17.13 3.46
C LEU E 353 -48.78 -17.53 4.89
N LYS E 354 -49.58 -16.74 5.63
CA LYS E 354 -50.22 -17.26 6.83
C LYS E 354 -51.14 -18.39 6.45
N GLU E 355 -51.94 -18.15 5.42
CA GLU E 355 -52.88 -19.17 4.93
C GLU E 355 -52.14 -20.43 4.46
N ARG E 356 -50.92 -20.28 3.96
CA ARG E 356 -50.12 -21.46 3.71
C ARG E 356 -49.53 -22.05 4.99
N TYR E 357 -48.87 -21.22 5.78
CA TYR E 357 -47.95 -21.71 6.81
C TYR E 357 -48.66 -22.35 7.99
N GLU E 358 -49.93 -22.02 8.22
CA GLU E 358 -50.58 -22.62 9.37
C GLU E 358 -50.89 -24.10 9.17
N LEU E 359 -50.76 -24.61 7.95
CA LEU E 359 -50.80 -26.05 7.75
C LEU E 359 -49.65 -26.73 8.45
N HIS E 360 -48.43 -26.25 8.21
CA HIS E 360 -47.25 -27.00 8.61
C HIS E 360 -47.02 -26.89 10.11
N HIS E 361 -47.33 -25.73 10.69
CA HIS E 361 -47.09 -25.58 12.11
C HIS E 361 -48.31 -25.84 12.95
N HIS E 362 -49.46 -26.10 12.32
CA HIS E 362 -50.67 -26.58 12.97
C HIS E 362 -51.21 -25.57 13.98
N VAL E 363 -50.98 -24.28 13.71
CA VAL E 363 -51.34 -23.23 14.65
C VAL E 363 -52.19 -22.17 14.00
N GLN E 364 -52.48 -21.11 14.74
CA GLN E 364 -53.23 -19.98 14.24
C GLN E 364 -52.44 -18.72 14.52
N ILE E 365 -52.60 -17.72 13.66
CA ILE E 365 -51.79 -16.52 13.68
C ILE E 365 -52.70 -15.30 13.66
N THR E 366 -52.48 -14.40 14.61
CA THR E 366 -53.27 -13.19 14.68
C THR E 366 -52.71 -12.17 13.68
N ASP E 367 -53.59 -11.38 13.09
CA ASP E 367 -53.16 -10.41 12.09
C ASP E 367 -52.46 -9.17 12.68
N PRO E 368 -52.83 -8.63 13.86
CA PRO E 368 -51.93 -7.68 14.52
C PRO E 368 -50.54 -8.23 14.79
N ALA E 369 -50.40 -9.53 15.06
CA ALA E 369 -49.08 -10.13 15.14
C ALA E 369 -48.38 -10.10 13.79
N ILE E 370 -49.13 -10.13 12.69
CA ILE E 370 -48.51 -10.08 11.38
C ILE E 370 -47.99 -8.68 11.08
N VAL E 371 -48.79 -7.66 11.38
CA VAL E 371 -48.31 -6.31 11.10
C VAL E 371 -47.21 -5.93 12.09
N ALA E 372 -47.20 -6.53 13.28
CA ALA E 372 -46.08 -6.32 14.19
C ALA E 372 -44.82 -7.01 13.68
N ALA E 373 -44.98 -8.18 13.06
CA ALA E 373 -43.83 -8.86 12.46
C ALA E 373 -43.23 -8.02 11.35
N ALA E 374 -44.06 -7.45 10.49
CA ALA E 374 -43.56 -6.59 9.43
C ALA E 374 -42.88 -5.37 9.98
N THR E 375 -43.51 -4.72 10.96
CA THR E 375 -42.98 -3.47 11.51
C THR E 375 -41.66 -3.71 12.23
N LEU E 376 -41.64 -4.62 13.19
CA LEU E 376 -40.44 -4.84 13.97
C LEU E 376 -39.37 -5.59 13.19
N SER E 377 -39.71 -6.26 12.10
CA SER E 377 -38.66 -6.80 11.24
C SER E 377 -37.99 -5.69 10.46
N HIS E 378 -38.79 -4.78 9.90
CA HIS E 378 -38.23 -3.70 9.12
C HIS E 378 -37.44 -2.73 9.98
N ARG E 379 -37.83 -2.58 11.24
CA ARG E 379 -37.20 -1.53 12.04
C ARG E 379 -35.83 -1.95 12.54
N TYR E 380 -35.68 -3.20 12.95
CA TYR E 380 -34.52 -3.52 13.75
C TYR E 380 -33.39 -4.17 12.98
N ILE E 381 -33.65 -5.14 12.15
CA ILE E 381 -32.57 -5.85 11.50
C ILE E 381 -32.21 -5.08 10.24
N ALA E 382 -31.02 -5.33 9.73
CA ALA E 382 -30.59 -4.69 8.49
C ALA E 382 -29.99 -5.67 7.51
N ASP E 383 -29.37 -6.75 8.01
CA ASP E 383 -28.74 -7.71 7.12
C ASP E 383 -29.78 -8.45 6.30
N ARG E 384 -30.99 -8.59 6.81
CA ARG E 384 -32.02 -9.24 6.03
C ARG E 384 -33.11 -8.24 5.69
N GLN E 385 -33.84 -8.56 4.62
CA GLN E 385 -34.67 -7.57 3.95
C GLN E 385 -36.08 -8.09 3.80
N LEU E 386 -36.95 -7.17 3.43
CA LEU E 386 -38.29 -7.55 3.05
C LEU E 386 -38.22 -8.40 1.80
N PRO E 387 -39.03 -9.45 1.70
CA PRO E 387 -40.02 -9.84 2.69
C PRO E 387 -39.47 -10.83 3.67
N ASP E 388 -38.23 -11.25 3.46
CA ASP E 388 -37.79 -12.53 3.99
C ASP E 388 -37.68 -12.54 5.50
N LYS E 389 -37.27 -11.42 6.09
CA LYS E 389 -37.07 -11.40 7.53
C LYS E 389 -38.37 -11.55 8.29
N ALA E 390 -39.44 -10.92 7.81
CA ALA E 390 -40.70 -11.05 8.51
C ALA E 390 -41.28 -12.45 8.34
N ILE E 391 -41.09 -13.04 7.16
CA ILE E 391 -41.55 -14.39 6.91
C ILE E 391 -40.84 -15.38 7.82
N ASP E 392 -39.54 -15.19 8.01
CA ASP E 392 -38.82 -16.08 8.89
C ASP E 392 -39.21 -15.86 10.34
N LEU E 393 -39.55 -14.64 10.70
CA LEU E 393 -40.06 -14.41 12.05
C LEU E 393 -41.37 -15.15 12.25
N ILE E 394 -42.19 -15.19 11.20
CA ILE E 394 -43.43 -15.97 11.26
C ILE E 394 -43.12 -17.44 11.45
N ASP E 395 -42.21 -17.98 10.63
CA ASP E 395 -41.94 -19.41 10.65
C ASP E 395 -41.29 -19.85 11.96
N GLU E 396 -40.34 -19.06 12.44
CA GLU E 396 -39.65 -19.37 13.69
C GLU E 396 -40.59 -19.26 14.88
N ALA E 397 -41.39 -18.19 14.95
CA ALA E 397 -42.26 -18.05 16.11
C ALA E 397 -43.39 -19.06 16.07
N ALA E 398 -43.79 -19.49 14.87
CA ALA E 398 -44.71 -20.60 14.77
C ALA E 398 -44.09 -21.88 15.31
N SER E 399 -42.81 -22.07 15.05
CA SER E 399 -42.14 -23.21 15.67
C SER E 399 -42.05 -23.06 17.18
N SER E 400 -41.92 -21.83 17.65
CA SER E 400 -41.88 -21.58 19.10
C SER E 400 -43.19 -21.95 19.74
N ILE E 401 -44.30 -21.62 19.09
CA ILE E 401 -45.61 -22.03 19.55
C ILE E 401 -45.73 -23.55 19.51
N ARG E 402 -45.19 -24.15 18.45
CA ARG E 402 -45.23 -25.61 18.30
C ARG E 402 -44.50 -26.31 19.42
N MET E 403 -43.37 -25.76 19.83
CA MET E 403 -42.61 -26.36 20.93
C MET E 403 -43.28 -26.12 22.26
N GLN E 404 -43.73 -24.88 22.52
CA GLN E 404 -44.35 -24.61 23.82
C GLN E 404 -45.69 -25.27 23.97
N ILE E 405 -46.30 -25.72 22.88
CA ILE E 405 -47.40 -26.66 22.96
C ILE E 405 -46.89 -28.09 23.10
N ASP E 406 -45.71 -28.38 22.55
CA ASP E 406 -45.32 -29.76 22.34
C ASP E 406 -44.92 -30.45 23.64
N SER E 407 -44.76 -29.69 24.74
CA SER E 407 -44.54 -30.23 26.08
C SER E 407 -44.93 -29.21 27.15
N PRO E 409 -45.58 -29.63 28.24
CA PRO E 409 -46.00 -28.68 29.27
C PRO E 409 -44.91 -28.36 30.28
N GLU E 410 -45.26 -27.60 31.32
CA GLU E 410 -44.28 -27.24 32.34
C GLU E 410 -44.80 -27.55 33.74
N GLU E 411 -46.11 -27.37 33.96
CA GLU E 411 -46.72 -27.76 35.23
C GLU E 411 -46.69 -29.27 35.40
N LEU E 412 -46.75 -30.01 34.29
CA LEU E 412 -46.49 -31.44 34.33
C LEU E 412 -45.08 -31.75 34.81
N ASP E 413 -44.12 -30.89 34.48
CA ASP E 413 -42.76 -31.11 34.93
C ASP E 413 -42.61 -30.79 36.41
N ARG E 414 -43.26 -29.71 36.86
CA ARG E 414 -43.34 -29.36 38.28
C ARG E 414 -43.90 -30.52 39.09
N LEU E 415 -45.08 -30.99 38.70
CA LEU E 415 -45.74 -32.04 39.47
C LEU E 415 -45.05 -33.38 39.27
N ASP E 416 -44.38 -33.60 38.14
CA ASP E 416 -43.70 -34.87 37.92
C ASP E 416 -42.44 -34.96 38.77
N ARG E 417 -41.69 -33.85 38.86
CA ARG E 417 -40.56 -33.82 39.77
C ARG E 417 -41.02 -33.90 41.22
N ARG E 418 -42.18 -33.31 41.53
CA ARG E 418 -42.73 -33.42 42.88
C ARG E 418 -43.11 -34.86 43.23
N ILE E 419 -43.77 -35.57 42.30
CA ILE E 419 -44.23 -36.92 42.62
C ILE E 419 -43.07 -37.90 42.61
N ILE E 420 -42.04 -37.66 41.78
CA ILE E 420 -40.91 -38.58 41.85
C ILE E 420 -40.08 -38.30 43.08
N GLN E 421 -40.12 -37.05 43.59
CA GLN E 421 -39.43 -36.72 44.83
C GLN E 421 -40.13 -37.35 46.03
N LEU E 422 -41.47 -37.27 46.07
CA LEU E 422 -42.22 -37.89 47.14
C LEU E 422 -42.17 -39.40 47.03
N LYS E 423 -42.03 -39.93 45.81
CA LYS E 423 -41.85 -41.36 45.60
C LYS E 423 -40.53 -41.83 46.18
N LEU E 424 -39.45 -41.10 45.91
CA LEU E 424 -38.14 -41.43 46.47
C LEU E 424 -38.14 -41.33 48.00
N GLU E 425 -38.83 -40.31 48.53
CA GLU E 425 -38.89 -40.13 49.98
C GLU E 425 -39.70 -41.25 50.65
N GLN E 426 -40.83 -41.62 50.04
CA GLN E 426 -41.67 -42.67 50.61
C GLN E 426 -40.99 -44.03 50.51
N GLN E 427 -40.26 -44.28 49.43
CA GLN E 427 -39.53 -45.53 49.31
C GLN E 427 -38.32 -45.56 50.25
N ALA E 428 -37.75 -44.40 50.57
CA ALA E 428 -36.67 -44.37 51.53
C ALA E 428 -37.17 -44.58 52.96
N LEU E 429 -38.37 -44.07 53.28
CA LEU E 429 -38.89 -44.21 54.63
C LEU E 429 -39.38 -45.62 54.95
N MET E 430 -39.61 -46.46 53.93
CA MET E 430 -40.02 -47.84 54.17
C MET E 430 -38.83 -48.68 54.61
N LEU E 441 -47.12 -42.78 60.53
CA LEU E 441 -46.30 -41.62 60.20
C LEU E 441 -46.52 -41.17 58.77
N ASP E 442 -46.81 -42.15 57.91
CA ASP E 442 -46.55 -42.10 56.47
C ASP E 442 -47.04 -40.86 55.73
N MET E 443 -48.37 -40.73 55.55
CA MET E 443 -49.08 -39.57 54.97
C MET E 443 -48.73 -39.28 53.50
N LEU E 444 -47.73 -39.98 52.97
CA LEU E 444 -47.06 -39.59 51.76
C LEU E 444 -47.58 -40.49 50.66
N ASN E 445 -48.12 -41.65 51.05
CA ASN E 445 -48.98 -42.41 50.15
C ASN E 445 -50.19 -41.59 49.75
N GLU E 446 -50.79 -40.89 50.73
CA GLU E 446 -51.97 -40.06 50.46
C GLU E 446 -51.59 -38.83 49.64
N GLU E 447 -50.51 -38.14 50.04
CA GLU E 447 -50.06 -36.98 49.29
C GLU E 447 -49.62 -37.33 47.87
N LEU E 448 -48.92 -38.46 47.71
CA LEU E 448 -48.48 -38.94 46.42
C LEU E 448 -49.67 -39.36 45.57
N SER E 449 -50.69 -39.96 46.19
CA SER E 449 -51.85 -40.39 45.44
C SER E 449 -52.66 -39.19 44.94
N ASP E 450 -52.79 -38.16 45.77
CA ASP E 450 -53.49 -36.95 45.35
C ASP E 450 -52.73 -36.25 44.24
N LYS E 451 -51.41 -36.17 44.35
CA LYS E 451 -50.65 -35.49 43.32
C LYS E 451 -50.55 -36.32 42.04
N GLU E 452 -50.54 -37.65 42.14
CA GLU E 452 -50.62 -38.51 40.96
C GLU E 452 -51.97 -38.40 40.28
N ARG E 453 -53.04 -38.23 41.06
CA ARG E 453 -54.34 -37.98 40.49
C ARG E 453 -54.36 -36.66 39.74
N GLN E 454 -53.75 -35.62 40.34
CA GLN E 454 -53.63 -34.32 39.68
C GLN E 454 -52.83 -34.42 38.39
N TYR E 455 -51.73 -35.18 38.43
CA TYR E 455 -50.88 -35.42 37.28
C TYR E 455 -51.63 -36.14 36.17
N SER E 456 -52.38 -37.18 36.51
CA SER E 456 -53.11 -37.95 35.52
C SER E 456 -54.26 -37.13 34.93
N GLU E 457 -54.91 -36.30 35.75
CA GLU E 457 -55.99 -35.45 35.26
C GLU E 457 -55.48 -34.41 34.28
N LEU E 458 -54.42 -33.70 34.64
CA LEU E 458 -53.86 -32.69 33.74
C LEU E 458 -53.26 -33.34 32.51
N GLU E 459 -52.75 -34.56 32.66
CA GLU E 459 -52.19 -35.30 31.54
C GLU E 459 -53.26 -35.71 30.54
N GLU E 460 -54.38 -36.22 31.04
CA GLU E 460 -55.46 -36.62 30.16
C GLU E 460 -56.15 -35.41 29.53
N GLU E 461 -56.22 -34.31 30.28
CA GLU E 461 -56.71 -33.05 29.72
C GLU E 461 -55.79 -32.57 28.61
N TRP E 462 -54.48 -32.72 28.81
CA TRP E 462 -53.48 -32.39 27.80
C TRP E 462 -53.67 -33.24 26.55
N LYS E 463 -53.96 -34.53 26.73
CA LYS E 463 -54.18 -35.41 25.59
C LYS E 463 -55.47 -35.05 24.85
N ALA E 464 -56.51 -34.68 25.59
CA ALA E 464 -57.78 -34.30 24.97
C ALA E 464 -57.64 -33.01 24.18
N GLU E 465 -56.89 -32.05 24.73
CA GLU E 465 -56.71 -30.79 24.02
C GLU E 465 -55.80 -30.96 22.81
N LYS E 466 -54.83 -31.87 22.91
CA LYS E 466 -54.03 -32.21 21.73
C LYS E 466 -54.87 -32.89 20.67
N ALA E 467 -55.86 -33.69 21.09
CA ALA E 467 -56.81 -34.27 20.15
C ALA E 467 -57.66 -33.19 19.51
N SER E 468 -57.96 -32.13 20.26
CA SER E 468 -58.67 -30.98 19.69
C SER E 468 -57.83 -30.29 18.62
N LEU E 469 -56.53 -30.12 18.89
CA LEU E 469 -55.60 -29.64 17.87
C LEU E 469 -55.62 -30.53 16.64
N SER E 470 -55.64 -31.84 16.88
CA SER E 470 -55.57 -32.81 15.79
C SER E 470 -56.78 -32.69 14.89
N GLY E 471 -57.98 -32.72 15.47
CA GLY E 471 -59.19 -32.65 14.68
C GLY E 471 -59.33 -31.32 13.96
N THR E 472 -58.99 -30.23 14.67
CA THR E 472 -59.07 -28.90 14.09
C THR E 472 -58.12 -28.73 12.92
N GLN E 473 -56.88 -29.16 13.07
CA GLN E 473 -55.93 -28.90 12.00
C GLN E 473 -56.12 -29.86 10.84
N THR E 474 -56.55 -31.10 11.10
CA THR E 474 -56.85 -32.02 10.00
C THR E 474 -58.03 -31.54 9.19
N ILE E 475 -59.05 -30.98 9.84
CA ILE E 475 -60.19 -30.50 9.08
C ILE E 475 -59.85 -29.19 8.38
N LYS E 476 -58.87 -28.46 8.93
CA LYS E 476 -58.35 -27.28 8.24
C LYS E 476 -57.59 -27.68 6.98
N ALA E 477 -56.84 -28.77 7.07
CA ALA E 477 -56.10 -29.27 5.92
C ALA E 477 -57.04 -29.84 4.87
N GLU E 478 -58.17 -30.39 5.32
CA GLU E 478 -59.18 -30.83 4.38
C GLU E 478 -59.84 -29.65 3.68
N LEU E 479 -60.00 -28.53 4.39
CA LEU E 479 -60.47 -27.30 3.76
C LEU E 479 -59.51 -26.81 2.69
N GLU E 480 -58.20 -26.87 3.00
CA GLU E 480 -57.19 -26.46 2.03
C GLU E 480 -57.17 -27.37 0.81
N GLN E 481 -57.32 -28.68 1.03
CA GLN E 481 -57.39 -29.61 -0.09
C GLN E 481 -58.64 -29.41 -0.93
N ALA E 482 -59.73 -28.99 -0.30
CA ALA E 482 -60.92 -28.62 -1.05
C ALA E 482 -60.64 -27.43 -1.95
N LYS E 483 -59.89 -26.44 -1.44
CA LYS E 483 -59.53 -25.28 -2.25
C LYS E 483 -58.64 -25.67 -3.44
N ILE E 484 -57.68 -26.57 -3.19
CA ILE E 484 -56.78 -27.02 -4.25
C ILE E 484 -57.54 -27.79 -5.32
N ALA E 485 -58.43 -28.68 -4.89
CA ALA E 485 -59.18 -29.50 -5.84
C ALA E 485 -60.19 -28.66 -6.61
N ILE E 486 -60.71 -27.59 -6.00
CA ILE E 486 -61.65 -26.79 -6.75
C ILE E 486 -60.89 -25.88 -7.71
N GLU E 487 -59.62 -25.59 -7.44
CA GLU E 487 -58.79 -24.98 -8.47
C GLU E 487 -58.50 -25.94 -9.61
N GLN E 488 -58.29 -27.22 -9.29
CA GLN E 488 -58.17 -28.24 -10.33
C GLN E 488 -59.40 -28.30 -11.21
N ALA E 489 -60.58 -28.19 -10.59
CA ALA E 489 -61.82 -28.18 -11.35
C ALA E 489 -62.02 -26.87 -12.11
N ARG E 490 -61.43 -25.78 -11.62
CA ARG E 490 -61.45 -24.54 -12.40
C ARG E 490 -60.60 -24.66 -13.66
N ARG E 491 -59.48 -25.37 -13.59
CA ARG E 491 -58.69 -25.59 -14.80
C ARG E 491 -59.38 -26.58 -15.74
N VAL E 492 -59.89 -27.69 -15.21
CA VAL E 492 -60.50 -28.71 -16.05
C VAL E 492 -61.89 -28.31 -16.55
N GLY E 493 -62.77 -27.88 -15.66
CA GLY E 493 -64.08 -27.42 -16.09
C GLY E 493 -65.22 -28.40 -15.91
N ASP E 494 -65.34 -29.00 -14.73
CA ASP E 494 -66.50 -29.82 -14.45
C ASP E 494 -67.64 -28.93 -13.95
N LEU E 495 -68.86 -29.40 -14.11
CA LEU E 495 -70.00 -28.53 -13.83
C LEU E 495 -70.60 -28.78 -12.46
N ALA E 496 -71.08 -29.99 -12.23
CA ALA E 496 -71.66 -30.33 -10.94
C ALA E 496 -70.60 -30.50 -9.88
N ARG E 497 -69.36 -30.81 -10.27
CA ARG E 497 -68.30 -30.98 -9.29
C ARG E 497 -67.90 -29.64 -8.69
N MET E 498 -67.84 -28.60 -9.52
CA MET E 498 -67.56 -27.24 -9.04
C MET E 498 -68.57 -26.77 -8.00
N SER E 499 -69.86 -26.80 -8.36
CA SER E 499 -70.93 -26.37 -7.47
C SER E 499 -71.03 -27.27 -6.24
N GLU E 500 -70.86 -28.58 -6.44
CA GLU E 500 -70.84 -29.54 -5.35
C GLU E 500 -69.75 -29.23 -4.35
N LEU E 501 -68.50 -29.16 -4.81
CA LEU E 501 -67.37 -28.91 -3.92
C LEU E 501 -67.49 -27.57 -3.22
N GLN E 502 -67.85 -26.52 -3.96
CA GLN E 502 -68.00 -25.20 -3.36
C GLN E 502 -69.10 -25.19 -2.32
N TYR E 503 -70.36 -25.33 -2.75
CA TYR E 503 -71.47 -25.01 -1.86
C TYR E 503 -71.77 -26.15 -0.90
N GLY E 504 -71.21 -27.34 -1.12
CA GLY E 504 -71.22 -28.32 -0.08
C GLY E 504 -70.04 -28.18 0.85
N LYS E 505 -68.82 -28.34 0.32
CA LYS E 505 -67.65 -28.60 1.14
C LYS E 505 -67.19 -27.37 1.90
N ILE E 506 -67.23 -26.19 1.26
CA ILE E 506 -66.66 -25.00 1.89
C ILE E 506 -67.45 -24.51 3.10
N PRO E 507 -68.77 -24.26 3.05
CA PRO E 507 -69.40 -23.66 4.24
C PRO E 507 -69.50 -24.60 5.44
N GLU E 508 -69.68 -25.91 5.24
CA GLU E 508 -69.78 -26.81 6.37
C GLU E 508 -68.43 -26.97 7.07
N LEU E 509 -67.35 -27.09 6.30
CA LEU E 509 -66.03 -27.24 6.90
C LEU E 509 -65.59 -25.96 7.55
N GLU E 510 -65.95 -24.81 6.95
CA GLU E 510 -65.70 -23.53 7.60
C GLU E 510 -66.43 -23.39 8.92
N LYS E 511 -67.72 -23.75 8.98
CA LYS E 511 -68.45 -23.53 10.21
C LYS E 511 -68.05 -24.53 11.30
N GLN E 512 -67.69 -25.76 10.94
CA GLN E 512 -67.24 -26.65 12.00
C GLN E 512 -65.78 -26.44 12.36
N LEU E 513 -65.00 -25.83 11.48
CA LEU E 513 -63.67 -25.36 11.85
C LEU E 513 -63.78 -24.20 12.82
N GLU E 514 -64.75 -23.30 12.60
CA GLU E 514 -65.01 -22.25 13.57
C GLU E 514 -65.59 -22.77 14.87
N ALA E 515 -66.35 -23.87 14.81
CA ALA E 515 -66.84 -24.51 16.02
C ALA E 515 -65.71 -25.12 16.82
N ALA E 516 -64.77 -25.78 16.15
CA ALA E 516 -63.58 -26.26 16.82
C ALA E 516 -62.70 -25.11 17.32
N THR E 517 -62.71 -23.97 16.62
CA THR E 517 -61.93 -22.82 17.07
C THR E 517 -62.51 -22.21 18.34
N GLN E 518 -63.83 -22.03 18.39
CA GLN E 518 -64.44 -21.52 19.61
C GLN E 518 -64.43 -22.55 20.72
N LEU E 519 -64.41 -23.84 20.38
CA LEU E 519 -64.22 -24.88 21.38
C LEU E 519 -62.81 -24.83 21.95
N GLU E 520 -61.82 -24.50 21.14
CA GLU E 520 -60.47 -24.29 21.66
C GLU E 520 -60.40 -23.01 22.48
N GLY E 521 -61.17 -22.00 22.10
CA GLY E 521 -61.29 -20.81 22.94
C GLY E 521 -61.91 -21.13 24.29
N LYS E 522 -62.78 -22.14 24.32
CA LYS E 522 -63.26 -22.68 25.58
C LYS E 522 -62.16 -23.41 26.35
N THR E 523 -61.47 -24.36 25.70
CA THR E 523 -60.78 -25.38 26.48
C THR E 523 -59.27 -25.17 26.59
N MET E 524 -58.64 -24.41 25.68
CA MET E 524 -57.18 -24.32 25.70
C MET E 524 -56.74 -23.47 26.87
N ARG E 525 -56.16 -24.13 27.86
CA ARG E 525 -55.91 -23.50 29.15
C ARG E 525 -54.47 -23.07 29.29
N LEU E 526 -53.54 -23.99 29.09
CA LEU E 526 -52.13 -23.70 29.29
C LEU E 526 -51.43 -23.54 27.94
N LEU E 527 -52.23 -23.45 26.88
CA LEU E 527 -51.76 -23.84 25.57
C LEU E 527 -52.13 -22.82 24.49
N ARG E 528 -51.79 -21.56 24.70
CA ARG E 528 -52.19 -20.47 23.81
C ARG E 528 -51.57 -20.68 22.43
N ASN E 529 -52.36 -21.19 21.51
CA ASN E 529 -51.89 -21.58 20.19
C ASN E 529 -51.94 -20.45 19.18
N LYS E 530 -52.58 -19.34 19.52
CA LYS E 530 -52.63 -18.20 18.64
C LYS E 530 -51.41 -17.34 18.89
N VAL E 531 -50.70 -17.01 17.82
CA VAL E 531 -49.46 -16.26 17.91
C VAL E 531 -49.77 -14.81 18.24
N THR E 532 -49.33 -14.36 19.40
CA THR E 532 -49.47 -12.96 19.74
C THR E 532 -48.31 -12.19 19.13
N ASP E 533 -48.32 -10.87 19.26
CA ASP E 533 -47.14 -10.13 18.85
C ASP E 533 -46.00 -10.27 19.84
N ALA E 534 -46.32 -10.59 21.10
CA ALA E 534 -45.28 -10.79 22.09
C ALA E 534 -44.43 -12.00 21.76
N GLU E 535 -45.01 -12.99 21.09
CA GLU E 535 -44.22 -14.09 20.55
C GLU E 535 -43.20 -13.59 19.55
N ILE E 536 -43.64 -12.72 18.63
CA ILE E 536 -42.76 -12.14 17.63
C ILE E 536 -41.67 -11.30 18.28
N ALA E 537 -42.04 -10.53 19.30
CA ALA E 537 -41.08 -9.66 19.95
C ALA E 537 -40.04 -10.45 20.71
N GLU E 538 -40.44 -11.54 21.35
CA GLU E 538 -39.48 -12.39 22.07
C GLU E 538 -38.55 -13.08 21.09
N VAL E 539 -39.08 -13.51 19.96
CA VAL E 539 -38.24 -14.14 18.93
C VAL E 539 -37.23 -13.16 18.39
N LEU E 540 -37.66 -11.93 18.17
CA LEU E 540 -36.77 -10.91 17.64
C LEU E 540 -35.70 -10.53 18.64
N ALA E 541 -36.07 -10.46 19.91
CA ALA E 541 -35.15 -10.12 20.99
C ALA E 541 -34.05 -11.14 21.09
N ARG E 542 -34.43 -12.40 21.14
CA ARG E 542 -33.40 -13.41 21.16
C ARG E 542 -32.74 -13.60 19.81
N TRP E 543 -33.19 -12.92 18.76
CA TRP E 543 -32.43 -13.02 17.53
C TRP E 543 -31.47 -11.87 17.31
N THR E 544 -31.81 -10.66 17.75
CA THR E 544 -30.92 -9.53 17.60
C THR E 544 -30.13 -9.24 18.86
N GLY E 545 -30.82 -9.11 19.98
CA GLY E 545 -30.13 -8.90 21.24
C GLY E 545 -30.81 -7.80 22.02
N ILE E 546 -31.56 -6.99 21.32
CA ILE E 546 -32.24 -5.87 21.96
C ILE E 546 -33.34 -6.42 22.87
N PRO E 547 -33.61 -5.81 24.00
CA PRO E 547 -34.82 -6.15 24.75
C PRO E 547 -36.07 -5.82 23.98
N VAL E 548 -36.41 -6.67 23.02
CA VAL E 548 -37.61 -6.47 22.24
C VAL E 548 -38.80 -7.11 22.92
N SER E 549 -38.55 -8.17 23.71
CA SER E 549 -39.56 -8.87 24.50
C SER E 549 -40.32 -7.92 25.41
N ARG E 550 -41.55 -8.27 25.72
CA ARG E 550 -42.33 -7.36 26.53
C ARG E 550 -41.87 -7.44 27.98
N MET E 551 -42.27 -6.43 28.74
CA MET E 551 -41.69 -6.18 30.06
C MET E 551 -42.19 -7.22 31.04
N MET E 552 -41.40 -8.26 31.23
CA MET E 552 -41.43 -8.99 32.48
C MET E 552 -41.06 -8.04 33.61
N GLU E 553 -41.63 -8.26 34.78
CA GLU E 553 -41.50 -7.22 35.78
C GLU E 553 -40.16 -7.26 36.51
N SER E 554 -39.34 -8.26 36.22
CA SER E 554 -37.92 -8.17 36.52
C SER E 554 -37.28 -6.97 35.84
N GLU E 555 -37.76 -6.59 34.66
CA GLU E 555 -37.25 -5.38 34.02
C GLU E 555 -37.70 -4.12 34.75
N ARG E 556 -38.92 -4.12 35.28
CA ARG E 556 -39.40 -2.93 35.97
C ARG E 556 -38.68 -2.72 37.29
N GLU E 557 -38.53 -3.80 38.05
CA GLU E 557 -37.70 -3.73 39.24
C GLU E 557 -36.24 -3.53 38.87
N LYS E 558 -35.84 -3.95 37.68
CA LYS E 558 -34.50 -3.68 37.18
C LYS E 558 -34.33 -2.21 36.86
N LEU E 559 -35.41 -1.50 36.60
CA LEU E 559 -35.31 -0.08 36.35
C LEU E 559 -35.28 0.73 37.64
N LEU E 560 -36.04 0.26 38.62
CA LEU E 560 -35.83 0.70 40.00
C LEU E 560 -34.37 0.49 40.41
N ARG E 561 -33.86 -0.70 40.10
CA ARG E 561 -32.45 -1.02 40.30
C ARG E 561 -31.54 -0.22 39.39
N MET E 562 -32.03 0.27 38.26
CA MET E 562 -31.20 1.09 37.39
C MET E 562 -30.79 2.35 38.10
N GLU E 563 -31.76 3.05 38.66
CA GLU E 563 -31.46 4.27 39.41
C GLU E 563 -30.66 3.97 40.67
N GLN E 564 -31.10 2.95 41.42
CA GLN E 564 -30.45 2.60 42.68
C GLN E 564 -29.05 2.04 42.48
N GLU E 565 -28.91 1.04 41.62
CA GLU E 565 -27.62 0.40 41.39
C GLU E 565 -26.65 1.33 40.68
N LEU E 566 -27.11 2.34 39.94
CA LEU E 566 -26.15 3.37 39.55
C LEU E 566 -25.69 4.14 40.75
N HIS E 567 -26.56 4.37 41.73
CA HIS E 567 -25.99 4.95 42.94
C HIS E 567 -25.14 3.97 43.73
N HIS E 568 -25.13 2.68 43.40
CA HIS E 568 -24.25 1.77 44.12
C HIS E 568 -22.80 1.87 43.64
N ARG E 569 -22.53 1.57 42.38
CA ARG E 569 -21.15 1.64 41.96
C ARG E 569 -20.67 3.05 41.65
N VAL E 570 -21.53 4.05 41.68
CA VAL E 570 -21.11 5.45 41.57
C VAL E 570 -21.90 6.21 42.61
N ILE E 571 -21.26 6.56 43.71
CA ILE E 571 -21.75 7.67 44.52
C ILE E 571 -21.34 8.96 43.85
N GLY E 572 -22.17 9.98 44.01
CA GLY E 572 -21.93 11.30 43.50
C GLY E 572 -22.44 11.48 42.08
N GLN E 573 -22.44 12.75 41.66
CA GLN E 573 -22.64 13.19 40.28
C GLN E 573 -23.99 12.75 39.72
N ASN E 574 -25.05 13.29 40.31
CA ASN E 574 -26.38 12.79 40.06
C ASN E 574 -26.95 13.18 38.71
N GLU E 575 -26.33 14.14 38.03
CA GLU E 575 -26.82 14.61 36.73
C GLU E 575 -26.80 13.50 35.70
N ALA E 576 -25.62 12.96 35.42
CA ALA E 576 -25.50 11.98 34.35
C ALA E 576 -26.14 10.66 34.73
N VAL E 577 -26.17 10.38 36.03
CA VAL E 577 -27.01 9.32 36.57
C VAL E 577 -28.43 9.46 36.02
N ASP E 578 -29.01 10.64 36.21
CA ASP E 578 -30.38 10.88 35.73
C ASP E 578 -30.45 10.81 34.22
N ALA E 579 -29.41 11.29 33.55
CA ALA E 579 -29.45 11.38 32.10
C ALA E 579 -29.45 10.02 31.47
N VAL E 580 -28.52 9.16 31.88
CA VAL E 580 -28.43 7.82 31.33
C VAL E 580 -29.63 6.99 31.75
N SER E 581 -30.14 7.23 32.96
CA SER E 581 -31.34 6.55 33.41
C SER E 581 -32.52 6.88 32.50
N ASN E 582 -32.69 8.17 32.21
CA ASN E 582 -33.76 8.60 31.31
C ASN E 582 -33.56 8.06 29.91
N ALA E 583 -32.31 7.93 29.48
CA ALA E 583 -32.08 7.49 28.11
C ALA E 583 -32.46 6.02 27.94
N ILE E 584 -32.06 5.17 28.88
CA ILE E 584 -32.44 3.77 28.73
C ILE E 584 -33.93 3.62 29.03
N ARG E 585 -34.50 4.52 29.82
CA ARG E 585 -35.95 4.49 30.01
C ARG E 585 -36.68 4.81 28.71
N ARG E 586 -36.21 5.82 27.98
CA ARG E 586 -36.86 6.14 26.72
C ARG E 586 -36.53 5.12 25.64
N SER E 587 -35.48 4.35 25.84
CA SER E 587 -35.23 3.22 24.97
C SER E 587 -36.24 2.11 25.20
N ARG E 588 -36.44 1.73 26.46
CA ARG E 588 -37.18 0.51 26.73
C ARG E 588 -38.66 0.65 26.45
N ALA E 589 -39.21 1.83 26.64
CA ALA E 589 -40.62 1.98 26.42
C ALA E 589 -40.97 2.27 24.97
N GLY E 590 -40.03 2.13 24.05
CA GLY E 590 -40.28 2.38 22.65
C GLY E 590 -40.30 3.84 22.27
N LEU E 591 -40.11 4.75 23.21
CA LEU E 591 -40.16 6.17 22.97
C LEU E 591 -38.91 6.72 22.32
N ALA E 592 -37.97 5.85 21.98
CA ALA E 592 -36.71 6.27 21.39
C ALA E 592 -36.94 6.76 19.96
N ASP E 593 -35.86 7.27 19.39
CA ASP E 593 -35.92 7.79 18.04
C ASP E 593 -35.22 6.81 17.12
N PRO E 594 -35.90 6.17 16.19
CA PRO E 594 -35.23 5.21 15.30
C PRO E 594 -34.55 5.87 14.13
N ASN E 595 -34.23 7.16 14.25
CA ASN E 595 -33.42 7.85 13.28
C ASN E 595 -32.02 8.13 13.80
N ARG E 596 -31.76 7.81 15.06
CA ARG E 596 -30.54 8.12 15.76
C ARG E 596 -30.24 6.95 16.67
N PRO E 597 -28.99 6.77 17.09
CA PRO E 597 -28.74 5.81 18.16
C PRO E 597 -29.25 6.38 19.46
N ILE E 598 -29.37 5.49 20.45
CA ILE E 598 -30.21 5.75 21.60
C ILE E 598 -29.60 6.82 22.49
N GLY E 599 -28.45 6.53 23.07
CA GLY E 599 -27.83 7.49 23.96
C GLY E 599 -26.65 8.12 23.30
N SER E 600 -26.82 9.34 22.82
CA SER E 600 -25.76 10.05 22.14
C SER E 600 -25.12 10.98 23.15
N PHE E 601 -24.44 10.41 24.12
CA PHE E 601 -23.96 11.18 25.25
C PHE E 601 -22.53 11.65 25.05
N LEU E 602 -22.22 12.77 25.67
CA LEU E 602 -20.87 13.26 25.77
C LEU E 602 -20.65 13.72 27.19
N PHE E 603 -19.62 13.21 27.84
CA PHE E 603 -19.38 13.51 29.24
C PHE E 603 -18.24 14.50 29.34
N LEU E 604 -18.23 15.30 30.39
CA LEU E 604 -17.14 16.22 30.63
C LEU E 604 -16.83 16.28 32.11
N GLY E 605 -15.80 17.05 32.44
CA GLY E 605 -15.56 17.40 33.81
C GLY E 605 -14.10 17.34 34.21
N PRO E 606 -13.85 17.41 35.51
CA PRO E 606 -12.49 17.27 36.01
C PRO E 606 -12.00 15.84 35.91
N THR E 607 -10.79 15.60 36.39
CA THR E 607 -10.12 14.34 36.12
C THR E 607 -10.41 13.33 37.19
N GLY E 608 -10.50 12.07 36.78
CA GLY E 608 -10.61 10.97 37.71
C GLY E 608 -11.85 10.99 38.58
N VAL E 609 -13.03 11.12 37.98
CA VAL E 609 -14.18 11.41 38.85
C VAL E 609 -15.32 10.45 38.56
N GLY E 610 -14.97 9.24 38.17
CA GLY E 610 -15.94 8.25 37.75
C GLY E 610 -16.56 8.52 36.39
N LYS E 611 -15.76 8.71 35.35
CA LYS E 611 -16.46 8.79 34.05
C LYS E 611 -16.51 7.42 33.38
N THR E 612 -15.34 6.86 33.13
CA THR E 612 -15.21 5.48 32.71
C THR E 612 -15.88 4.53 33.70
N GLU E 613 -15.96 4.92 34.98
CA GLU E 613 -16.70 4.12 35.95
C GLU E 613 -18.16 4.06 35.63
N LEU E 614 -18.76 5.18 35.27
CA LEU E 614 -20.17 5.18 34.94
C LEU E 614 -20.42 4.33 33.71
N CYS E 615 -19.49 4.37 32.77
CA CYS E 615 -19.66 3.55 31.60
C CYS E 615 -19.51 2.07 31.92
N LYS E 616 -18.57 1.71 32.79
CA LYS E 616 -18.52 0.33 33.24
C LYS E 616 -19.69 0.01 34.16
N ALA E 617 -20.32 1.01 34.76
CA ALA E 617 -21.44 0.73 35.63
C ALA E 617 -22.66 0.38 34.81
N LEU E 618 -22.83 1.07 33.69
CA LEU E 618 -23.81 0.62 32.71
C LEU E 618 -23.49 -0.76 32.19
N ALA E 619 -22.23 -1.05 31.90
CA ALA E 619 -21.91 -2.36 31.34
C ALA E 619 -22.18 -3.45 32.36
N ASN E 620 -21.92 -3.15 33.63
CA ASN E 620 -22.26 -4.08 34.69
C ASN E 620 -23.75 -4.20 34.84
N PHE E 621 -24.48 -3.14 34.55
CA PHE E 621 -25.92 -3.23 34.68
C PHE E 621 -26.51 -4.04 33.54
N MET E 622 -26.32 -3.54 32.32
CA MET E 622 -27.02 -4.02 31.14
C MET E 622 -26.68 -5.47 30.83
N PHE E 623 -25.44 -5.88 31.05
CA PHE E 623 -24.97 -7.20 30.66
C PHE E 623 -24.32 -8.02 31.76
N ASP E 624 -24.32 -7.54 33.01
CA ASP E 624 -23.74 -8.22 34.18
C ASP E 624 -22.26 -8.56 33.97
N SER E 625 -21.55 -7.64 33.33
CA SER E 625 -20.14 -7.84 33.03
C SER E 625 -19.48 -6.48 32.99
N ASP E 626 -18.42 -6.30 33.77
CA ASP E 626 -17.82 -4.98 33.93
C ASP E 626 -17.21 -4.51 32.62
N GLU E 627 -16.31 -5.31 32.06
CA GLU E 627 -15.82 -5.04 30.72
C GLU E 627 -16.50 -6.04 29.77
N ALA E 628 -17.72 -5.72 29.37
CA ALA E 628 -18.25 -6.21 28.11
C ALA E 628 -18.81 -4.99 27.40
N MET E 629 -17.92 -4.23 26.81
CA MET E 629 -18.31 -2.97 26.22
C MET E 629 -17.17 -2.60 25.31
N VAL E 630 -17.50 -1.92 24.21
CA VAL E 630 -16.54 -1.71 23.16
C VAL E 630 -15.77 -0.45 23.55
N ARG E 631 -14.61 -0.65 24.15
CA ARG E 631 -13.87 0.47 24.71
C ARG E 631 -12.85 0.93 23.68
N ILE E 632 -13.36 1.56 22.63
CA ILE E 632 -12.50 2.13 21.61
C ILE E 632 -11.89 3.39 22.17
N ASP E 633 -10.59 3.49 22.13
CA ASP E 633 -9.91 4.49 22.92
C ASP E 633 -9.38 5.57 22.02
N MET E 634 -9.89 6.79 22.16
CA MET E 634 -9.54 7.85 21.23
C MET E 634 -8.20 8.49 21.55
N SER E 635 -7.35 7.78 22.27
CA SER E 635 -5.99 8.17 22.51
C SER E 635 -5.03 7.41 21.62
N GLU E 636 -5.53 6.62 20.70
CA GLU E 636 -4.68 6.09 19.67
C GLU E 636 -4.82 6.82 18.37
N PHE E 637 -5.90 7.57 18.21
CA PHE E 637 -6.29 8.02 16.89
C PHE E 637 -5.86 9.44 16.65
N MET E 638 -4.64 9.74 17.03
CA MET E 638 -4.14 11.08 16.89
C MET E 638 -3.64 11.39 15.50
N GLU E 639 -3.93 10.56 14.50
CA GLU E 639 -3.49 10.81 13.14
C GLU E 639 -4.60 10.56 12.15
N LYS E 640 -4.30 10.81 10.87
CA LYS E 640 -5.29 10.61 9.82
C LYS E 640 -5.60 9.14 9.59
N HIS E 641 -4.59 8.30 9.55
CA HIS E 641 -4.78 6.92 9.16
C HIS E 641 -5.41 6.07 10.24
N SER E 642 -5.76 6.67 11.34
CA SER E 642 -6.33 5.89 12.39
C SER E 642 -7.81 5.58 12.17
N VAL E 643 -8.47 6.29 11.28
CA VAL E 643 -9.79 5.84 10.86
C VAL E 643 -9.66 4.51 10.17
N SER E 644 -8.61 4.34 9.37
CA SER E 644 -8.33 3.04 8.79
C SER E 644 -7.95 2.03 9.84
N ARG E 645 -7.52 2.47 11.02
CA ARG E 645 -7.50 1.49 12.12
C ARG E 645 -8.91 1.06 12.49
N LEU E 646 -9.75 2.01 12.92
CA LEU E 646 -10.95 1.53 13.60
C LEU E 646 -12.05 1.08 12.64
N VAL E 647 -12.17 1.72 11.49
CA VAL E 647 -13.27 1.38 10.59
C VAL E 647 -12.94 0.14 9.78
N GLY E 648 -11.88 0.18 9.02
CA GLY E 648 -11.58 -0.93 8.14
C GLY E 648 -10.66 -0.46 7.04
N ALA E 649 -10.52 -1.32 6.05
CA ALA E 649 -9.58 -1.01 4.99
C ALA E 649 -10.29 -1.04 3.65
N PRO E 650 -9.92 -0.16 2.74
CA PRO E 650 -10.47 -0.23 1.39
C PRO E 650 -9.91 -1.46 0.69
N PRO E 651 -10.60 -1.99 -0.31
CA PRO E 651 -10.22 -3.29 -0.89
C PRO E 651 -8.86 -3.29 -1.56
N GLY E 652 -8.39 -4.50 -1.83
CA GLY E 652 -7.09 -4.69 -2.41
C GLY E 652 -5.92 -4.56 -1.45
N TYR E 653 -6.10 -3.90 -0.34
CA TYR E 653 -4.98 -3.61 0.50
C TYR E 653 -4.96 -4.54 1.71
N VAL E 654 -4.11 -4.20 2.68
CA VAL E 654 -3.50 -5.13 3.60
C VAL E 654 -4.50 -5.87 4.48
N GLY E 655 -5.18 -5.16 5.36
CA GLY E 655 -5.97 -5.85 6.35
C GLY E 655 -7.42 -5.87 5.95
N TYR E 656 -7.63 -5.83 4.64
CA TYR E 656 -8.97 -5.62 4.10
C TYR E 656 -9.90 -6.76 4.44
N GLU E 657 -9.39 -7.97 4.48
CA GLU E 657 -10.28 -9.07 4.76
C GLU E 657 -10.49 -9.31 6.24
N GLU E 658 -9.79 -8.59 7.09
CA GLU E 658 -10.04 -8.79 8.50
C GLU E 658 -11.11 -7.87 9.05
N GLY E 659 -11.45 -6.80 8.34
CA GLY E 659 -12.40 -5.85 8.87
C GLY E 659 -11.82 -5.00 9.96
N GLY E 660 -12.52 -3.97 10.37
CA GLY E 660 -11.95 -3.13 11.39
C GLY E 660 -12.15 -3.69 12.78
N TYR E 661 -12.57 -2.84 13.67
CA TYR E 661 -12.90 -3.20 15.03
C TYR E 661 -14.31 -2.78 15.39
N LEU E 662 -14.70 -1.60 14.97
CA LEU E 662 -16.04 -1.12 15.28
C LEU E 662 -17.07 -1.82 14.42
N THR E 663 -16.73 -2.13 13.17
CA THR E 663 -17.65 -2.87 12.33
C THR E 663 -17.88 -4.27 12.83
N GLU E 664 -16.84 -4.92 13.33
CA GLU E 664 -17.02 -6.22 13.92
C GLU E 664 -17.88 -6.15 15.16
N ALA E 665 -17.45 -5.35 16.13
CA ALA E 665 -18.07 -5.35 17.43
C ALA E 665 -19.41 -4.66 17.46
N VAL E 666 -19.90 -4.11 16.36
CA VAL E 666 -21.28 -3.71 16.28
C VAL E 666 -22.08 -4.65 15.39
N ARG E 667 -21.56 -5.01 14.22
CA ARG E 667 -22.35 -5.77 13.28
C ARG E 667 -22.65 -7.17 13.78
N ARG E 668 -21.86 -7.67 14.74
CA ARG E 668 -22.28 -8.90 15.40
C ARG E 668 -23.48 -8.65 16.30
N ARG E 669 -23.30 -7.82 17.31
CA ARG E 669 -24.27 -7.68 18.40
C ARG E 669 -24.63 -6.22 18.56
N PRO E 670 -25.76 -5.78 18.00
CA PRO E 670 -26.03 -4.34 17.87
C PRO E 670 -26.41 -3.65 19.15
N TYR E 671 -26.16 -4.23 20.30
CA TYR E 671 -26.72 -3.74 21.55
C TYR E 671 -25.60 -3.77 22.56
N SER E 672 -24.89 -2.66 22.69
CA SER E 672 -23.73 -2.59 23.57
C SER E 672 -23.45 -1.15 23.89
N VAL E 673 -22.46 -0.92 24.72
CA VAL E 673 -22.14 0.44 25.11
C VAL E 673 -20.88 0.86 24.40
N ILE E 674 -21.03 1.48 23.24
CA ILE E 674 -19.89 1.94 22.48
C ILE E 674 -19.26 3.08 23.25
N LEU E 675 -18.00 2.91 23.63
CA LEU E 675 -17.31 3.81 24.52
C LEU E 675 -16.14 4.43 23.81
N LEU E 676 -16.06 5.74 23.80
CA LEU E 676 -15.01 6.43 23.09
C LEU E 676 -14.21 7.18 24.15
N ASP E 677 -13.13 6.58 24.59
CA ASP E 677 -12.38 7.08 25.72
C ASP E 677 -11.53 8.25 25.27
N ALA E 678 -11.66 9.39 25.96
CA ALA E 678 -10.82 10.59 25.79
C ALA E 678 -10.83 11.10 24.35
N VAL E 679 -12.01 11.59 23.93
CA VAL E 679 -12.24 11.85 22.52
C VAL E 679 -11.56 13.11 22.02
N GLU E 680 -11.09 13.98 22.91
CA GLU E 680 -10.46 15.20 22.44
C GLU E 680 -9.08 14.94 21.87
N LYS E 681 -8.48 13.81 22.20
CA LYS E 681 -7.13 13.57 21.75
C LYS E 681 -7.10 13.04 20.34
N ALA E 682 -8.21 12.53 19.84
CA ALA E 682 -8.23 12.02 18.48
C ALA E 682 -8.08 13.15 17.47
N HIS E 683 -7.51 12.81 16.32
CA HIS E 683 -7.29 13.80 15.29
C HIS E 683 -8.61 14.17 14.64
N PRO E 684 -8.88 15.44 14.42
CA PRO E 684 -10.25 15.86 14.11
C PRO E 684 -10.81 15.54 12.73
N ASP E 685 -10.27 14.55 12.02
CA ASP E 685 -11.03 13.98 10.92
C ASP E 685 -11.94 12.85 11.34
N VAL E 686 -11.66 12.21 12.48
CA VAL E 686 -12.47 11.10 12.95
C VAL E 686 -13.87 11.57 13.32
N PHE E 687 -14.01 12.84 13.67
CA PHE E 687 -15.33 13.42 13.94
C PHE E 687 -16.26 13.40 12.75
N ASN E 688 -15.74 13.23 11.53
CA ASN E 688 -16.60 12.98 10.39
C ASN E 688 -17.37 11.69 10.58
N ILE E 689 -16.67 10.66 11.06
CA ILE E 689 -17.33 9.40 11.35
C ILE E 689 -18.33 9.58 12.48
N LEU E 690 -18.00 10.45 13.44
CA LEU E 690 -18.93 10.73 14.53
C LEU E 690 -20.15 11.50 14.04
N LEU E 691 -19.99 12.30 12.99
CA LEU E 691 -21.15 12.94 12.38
C LEU E 691 -22.09 11.91 11.79
N GLN E 692 -21.53 10.95 11.06
CA GLN E 692 -22.42 9.95 10.46
C GLN E 692 -23.07 9.08 11.51
N VAL E 693 -22.37 8.84 12.60
CA VAL E 693 -22.95 8.13 13.73
C VAL E 693 -24.11 8.92 14.30
N LEU E 694 -23.83 10.10 14.82
CA LEU E 694 -24.78 10.84 15.62
C LEU E 694 -25.74 11.68 14.81
N ASP E 695 -25.75 11.52 13.49
CA ASP E 695 -26.94 11.79 12.72
C ASP E 695 -27.70 10.50 12.40
N ASP E 696 -27.06 9.58 11.69
CA ASP E 696 -27.79 8.51 11.04
C ASP E 696 -27.70 7.20 11.79
N GLY E 697 -26.52 6.82 12.23
CA GLY E 697 -26.36 5.52 12.82
C GLY E 697 -26.10 4.41 11.82
N ARG E 698 -25.98 4.73 10.54
CA ARG E 698 -25.41 3.81 9.57
C ARG E 698 -24.12 4.42 9.04
N LEU E 699 -23.11 3.58 8.91
CA LEU E 699 -21.75 4.04 8.76
C LEU E 699 -21.09 3.36 7.57
N THR E 700 -20.63 4.15 6.61
CA THR E 700 -19.98 3.59 5.44
C THR E 700 -18.63 3.06 5.84
N ASP E 701 -18.54 1.75 6.02
CA ASP E 701 -17.23 1.23 6.32
C ASP E 701 -16.43 1.06 5.04
N GLY E 702 -15.17 0.68 5.18
CA GLY E 702 -14.26 0.75 4.07
C GLY E 702 -14.51 -0.29 3.01
N GLN E 703 -15.20 -1.37 3.34
CA GLN E 703 -15.39 -2.41 2.36
C GLN E 703 -16.52 -2.06 1.41
N GLY E 704 -17.51 -1.33 1.88
CA GLY E 704 -18.60 -0.94 1.03
C GLY E 704 -19.93 -0.90 1.74
N ARG E 705 -20.08 -1.65 2.81
CA ARG E 705 -21.39 -1.85 3.40
C ARG E 705 -21.67 -0.81 4.48
N THR E 706 -22.69 -1.07 5.30
CA THR E 706 -23.06 -0.21 6.39
C THR E 706 -23.23 -1.03 7.64
N VAL E 707 -23.42 -0.31 8.75
CA VAL E 707 -23.47 -0.86 10.08
C VAL E 707 -24.53 -0.09 10.85
N ASP E 708 -25.59 -0.75 11.29
CA ASP E 708 -26.59 -0.06 12.08
C ASP E 708 -26.03 0.27 13.45
N PHE E 709 -26.26 1.51 13.90
CA PHE E 709 -25.95 1.89 15.26
C PHE E 709 -27.18 2.18 16.09
N ARG E 710 -28.36 2.09 15.52
CA ARG E 710 -29.53 2.63 16.21
C ARG E 710 -30.09 1.70 17.26
N ASN E 711 -29.30 0.76 17.76
CA ASN E 711 -29.64 0.04 18.97
C ASN E 711 -28.50 0.09 19.97
N THR E 712 -27.64 1.09 19.86
CA THR E 712 -26.46 1.21 20.71
C THR E 712 -26.58 2.44 21.57
N VAL E 713 -25.59 2.63 22.44
CA VAL E 713 -25.44 3.84 23.22
C VAL E 713 -24.02 4.32 23.01
N VAL E 714 -23.87 5.55 22.57
CA VAL E 714 -22.55 6.09 22.29
C VAL E 714 -22.25 7.13 23.36
N ILE E 715 -21.46 6.74 24.33
CA ILE E 715 -20.95 7.62 25.35
C ILE E 715 -19.56 8.05 24.93
N MET E 716 -19.29 9.34 24.96
CA MET E 716 -17.94 9.81 24.73
C MET E 716 -17.47 10.56 25.95
N THR E 717 -16.22 10.37 26.30
CA THR E 717 -15.62 10.95 27.49
C THR E 717 -14.50 11.89 27.10
N SER E 718 -14.25 12.86 27.97
CA SER E 718 -13.15 13.80 27.83
C SER E 718 -13.08 14.64 29.08
N ASN E 719 -11.99 15.39 29.19
CA ASN E 719 -11.83 16.30 30.30
C ASN E 719 -11.37 17.65 29.82
N LEU E 720 -12.10 18.20 28.87
CA LEU E 720 -11.79 19.48 28.26
C LEU E 720 -11.76 20.65 29.24
N GLY E 721 -12.91 21.01 29.80
CA GLY E 721 -12.94 22.20 30.63
C GLY E 721 -12.56 21.93 32.07
N SER E 722 -11.37 21.38 32.27
CA SER E 722 -10.96 20.96 33.61
C SER E 722 -10.75 22.16 34.52
N ASP E 723 -9.99 23.14 34.03
CA ASP E 723 -9.66 24.33 34.83
C ASP E 723 -10.89 25.15 35.15
N LEU E 724 -11.82 25.20 34.20
CA LEU E 724 -13.03 26.00 34.37
C LEU E 724 -13.95 25.41 35.41
N ILE E 725 -14.16 24.10 35.36
CA ILE E 725 -15.07 23.43 36.28
C ILE E 725 -14.47 23.38 37.68
N GLN E 726 -13.18 23.06 37.79
CA GLN E 726 -12.57 23.12 39.12
C GLN E 726 -12.40 24.54 39.63
N GLU E 727 -12.52 25.54 38.76
CA GLU E 727 -12.56 26.89 39.26
C GLU E 727 -13.94 27.22 39.83
N ARG E 728 -15.01 26.92 39.09
CA ARG E 728 -16.26 27.63 39.29
C ARG E 728 -17.48 26.76 39.55
N PHE E 729 -17.33 25.53 40.05
CA PHE E 729 -18.55 24.75 40.31
C PHE E 729 -19.27 25.29 41.54
N GLY E 730 -18.52 25.77 42.51
CA GLY E 730 -19.10 26.63 43.51
C GLY E 730 -19.54 27.95 42.92
N GLU E 731 -20.42 28.63 43.65
CA GLU E 731 -20.96 29.98 43.38
C GLU E 731 -21.55 30.14 41.96
N LEU E 732 -21.88 29.04 41.30
CA LEU E 732 -22.47 29.08 39.96
C LEU E 732 -23.59 28.06 39.89
N ASP E 733 -24.48 28.28 38.93
CA ASP E 733 -25.55 27.35 38.65
C ASP E 733 -25.02 26.15 37.87
N TYR E 734 -25.92 25.25 37.52
CA TYR E 734 -25.55 24.20 36.60
C TYR E 734 -25.69 24.66 35.15
N ALA E 735 -26.59 25.62 34.91
CA ALA E 735 -26.91 26.02 33.55
C ALA E 735 -25.78 26.82 32.91
N HIS E 736 -25.32 27.88 33.57
CA HIS E 736 -24.31 28.73 32.93
C HIS E 736 -22.94 28.10 32.96
N MET E 737 -22.65 27.28 33.98
CA MET E 737 -21.50 26.39 33.90
C MET E 737 -21.58 25.49 32.68
N LYS E 738 -22.77 24.92 32.44
CA LYS E 738 -22.97 24.08 31.25
C LYS E 738 -22.75 24.86 29.97
N GLU E 739 -23.29 26.07 29.89
CA GLU E 739 -23.15 26.84 28.66
C GLU E 739 -21.72 27.34 28.48
N LEU E 740 -21.02 27.56 29.57
CA LEU E 740 -19.65 28.06 29.51
C LEU E 740 -18.71 26.98 29.01
N VAL E 741 -18.81 25.77 29.58
CA VAL E 741 -18.00 24.69 29.08
C VAL E 741 -18.49 24.24 27.70
N LEU E 742 -19.75 24.51 27.38
CA LEU E 742 -20.26 24.27 26.04
C LEU E 742 -19.57 25.15 25.01
N GLY E 743 -19.35 26.42 25.37
CA GLY E 743 -18.58 27.30 24.51
C GLY E 743 -17.14 26.83 24.36
N VAL E 744 -16.58 26.26 25.42
CA VAL E 744 -15.23 25.70 25.32
C VAL E 744 -15.20 24.55 24.31
N VAL E 745 -16.20 23.68 24.37
CA VAL E 745 -16.29 22.57 23.41
C VAL E 745 -16.47 23.09 21.99
N SER E 746 -17.24 24.17 21.84
CA SER E 746 -17.41 24.83 20.55
C SER E 746 -16.07 25.32 20.02
N HIS E 747 -15.20 25.77 20.91
CA HIS E 747 -13.83 26.07 20.48
C HIS E 747 -13.09 24.81 20.08
N ASN E 748 -13.44 23.66 20.65
CA ASN E 748 -12.56 22.54 20.34
C ASN E 748 -13.05 21.62 19.24
N PHE E 749 -14.35 21.40 19.11
CA PHE E 749 -14.83 20.46 18.10
C PHE E 749 -15.32 21.17 16.86
N ARG E 750 -15.97 20.43 15.99
CA ARG E 750 -16.80 21.18 15.07
C ARG E 750 -18.13 21.51 15.74
N PRO E 751 -18.69 22.69 15.46
CA PRO E 751 -20.06 22.95 15.90
C PRO E 751 -21.10 22.09 15.18
N GLU E 752 -20.75 21.54 14.02
CA GLU E 752 -21.63 20.58 13.34
C GLU E 752 -21.74 19.30 14.14
N PHE E 753 -20.70 18.97 14.89
CA PHE E 753 -20.74 17.82 15.78
C PHE E 753 -21.62 18.06 17.00
N ILE E 754 -21.37 19.16 17.72
CA ILE E 754 -21.79 19.29 19.12
C ILE E 754 -23.28 19.40 19.29
N ASN E 755 -24.00 19.82 18.26
CA ASN E 755 -25.44 19.94 18.40
C ASN E 755 -26.11 18.65 17.97
N ARG E 756 -25.34 17.67 17.52
CA ARG E 756 -25.86 16.34 17.25
C ARG E 756 -25.72 15.42 18.45
N ILE E 757 -25.82 15.99 19.64
CA ILE E 757 -25.61 15.29 20.91
C ILE E 757 -26.89 15.39 21.70
N ASP E 758 -27.21 14.35 22.45
CA ASP E 758 -28.31 14.40 23.38
C ASP E 758 -28.08 15.51 24.38
N GLU E 759 -27.10 15.36 25.25
CA GLU E 759 -26.84 16.40 26.24
C GLU E 759 -25.46 16.23 26.80
N VAL E 760 -24.67 17.29 26.72
CA VAL E 760 -23.44 17.37 27.46
C VAL E 760 -23.75 17.37 28.95
N VAL E 761 -23.11 16.50 29.70
CA VAL E 761 -23.23 16.58 31.13
C VAL E 761 -21.92 17.14 31.66
N VAL E 762 -22.01 17.71 32.86
CA VAL E 762 -20.91 18.44 33.45
C VAL E 762 -20.66 17.84 34.81
N PHE E 763 -19.54 17.17 34.98
CA PHE E 763 -19.24 16.65 36.29
C PHE E 763 -18.61 17.73 37.16
N HIS E 764 -18.16 17.35 38.34
CA HIS E 764 -17.51 18.24 39.28
C HIS E 764 -16.78 17.39 40.30
N PRO E 765 -15.80 17.93 41.03
CA PRO E 765 -15.10 17.09 42.00
C PRO E 765 -15.93 16.78 43.23
N LEU E 766 -15.32 16.13 44.19
CA LEU E 766 -16.04 15.49 45.28
C LEU E 766 -15.74 16.14 46.63
N GLY E 767 -16.70 16.02 47.54
CA GLY E 767 -16.51 16.42 48.92
C GLY E 767 -16.07 15.21 49.74
N GLU E 768 -16.09 15.35 51.06
CA GLU E 768 -15.45 14.36 51.90
C GLU E 768 -16.33 13.12 52.08
N GLN E 769 -17.64 13.34 52.16
CA GLN E 769 -18.58 12.24 52.28
C GLN E 769 -18.54 11.32 51.08
N HIS E 770 -18.30 11.89 49.90
CA HIS E 770 -18.24 11.12 48.67
C HIS E 770 -17.07 10.16 48.73
N ILE E 771 -15.90 10.70 49.07
CA ILE E 771 -14.69 9.93 49.15
C ILE E 771 -14.74 8.95 50.31
N ALA E 772 -15.46 9.29 51.38
CA ALA E 772 -15.64 8.34 52.47
C ALA E 772 -16.48 7.16 52.03
N SER E 773 -17.52 7.42 51.24
CA SER E 773 -18.32 6.33 50.69
C SER E 773 -17.51 5.50 49.71
N ILE E 774 -16.67 6.15 48.92
CA ILE E 774 -15.80 5.44 47.99
C ILE E 774 -14.81 4.58 48.75
N ALA E 775 -14.37 5.07 49.90
CA ALA E 775 -13.51 4.28 50.76
C ALA E 775 -14.23 3.05 51.26
N GLN E 776 -15.51 3.20 51.58
CA GLN E 776 -16.31 2.04 51.95
C GLN E 776 -16.39 1.05 50.80
N ILE E 777 -16.49 1.56 49.56
CA ILE E 777 -16.59 0.70 48.39
C ILE E 777 -15.29 -0.08 48.18
N GLN E 778 -14.18 0.63 48.18
CA GLN E 778 -12.91 -0.02 47.92
C GLN E 778 -12.53 -0.94 49.05
N LEU E 779 -12.92 -0.61 50.29
CA LEU E 779 -12.65 -1.52 51.37
C LEU E 779 -13.51 -2.76 51.27
N LYS E 780 -14.72 -2.65 50.74
CA LYS E 780 -15.52 -3.86 50.57
C LYS E 780 -14.96 -4.75 49.47
N ARG E 781 -14.46 -4.16 48.38
CA ARG E 781 -13.81 -5.05 47.42
C ARG E 781 -12.45 -5.52 47.91
N LEU E 782 -11.84 -4.81 48.84
CA LEU E 782 -10.62 -5.32 49.42
C LEU E 782 -10.91 -6.51 50.32
N TYR E 783 -12.03 -6.46 51.03
CA TYR E 783 -12.43 -7.59 51.86
C TYR E 783 -12.79 -8.75 50.97
N LYS E 784 -13.39 -8.44 49.84
CA LYS E 784 -13.64 -9.42 48.79
C LYS E 784 -12.36 -10.07 48.30
N ARG E 785 -11.29 -9.29 48.19
CA ARG E 785 -10.00 -9.86 47.81
C ARG E 785 -9.44 -10.75 48.90
N LEU E 786 -9.37 -10.23 50.11
CA LEU E 786 -8.68 -10.95 51.17
C LEU E 786 -9.44 -12.13 51.70
N GLU E 787 -10.72 -12.27 51.36
CA GLU E 787 -11.39 -13.54 51.57
C GLU E 787 -10.71 -14.64 50.78
N GLU E 788 -10.30 -14.33 49.56
CA GLU E 788 -9.70 -15.35 48.72
C GLU E 788 -8.34 -15.77 49.24
N ARG E 789 -7.58 -14.84 49.81
CA ARG E 789 -6.39 -15.29 50.50
C ARG E 789 -6.76 -15.96 51.82
N GLY E 790 -7.87 -15.54 52.43
CA GLY E 790 -8.33 -16.22 53.62
C GLY E 790 -8.29 -15.35 54.85
N TYR E 791 -8.54 -14.06 54.67
CA TYR E 791 -8.43 -13.13 55.77
C TYR E 791 -9.66 -12.23 55.79
N GLU E 792 -9.98 -11.73 56.97
CA GLU E 792 -11.17 -10.93 57.19
C GLU E 792 -10.83 -9.77 58.11
N ILE E 793 -11.35 -8.59 57.80
CA ILE E 793 -10.91 -7.35 58.43
C ILE E 793 -12.12 -6.52 58.81
N HIS E 794 -12.14 -6.05 60.06
CA HIS E 794 -13.11 -5.06 60.51
C HIS E 794 -12.31 -3.82 60.91
N ILE E 795 -12.52 -2.73 60.20
CA ILE E 795 -11.68 -1.55 60.35
C ILE E 795 -12.08 -0.77 61.59
N SER E 796 -11.12 -0.05 62.17
CA SER E 796 -11.45 1.02 63.09
C SER E 796 -12.15 2.16 62.35
N ASP E 797 -13.14 2.76 63.02
CA ASP E 797 -13.81 3.91 62.43
C ASP E 797 -12.95 5.15 62.47
N GLU E 798 -11.96 5.19 63.37
CA GLU E 798 -11.01 6.28 63.38
C GLU E 798 -10.17 6.27 62.12
N ALA E 799 -9.89 5.08 61.58
CA ALA E 799 -9.09 4.94 60.38
C ALA E 799 -9.75 5.59 59.18
N LEU E 800 -11.09 5.63 59.17
CA LEU E 800 -11.83 6.34 58.13
C LEU E 800 -11.44 7.80 58.08
N LYS E 801 -11.23 8.41 59.24
CA LYS E 801 -10.90 9.83 59.30
C LYS E 801 -9.50 10.07 58.74
N LEU E 802 -8.57 9.17 59.05
CA LEU E 802 -7.21 9.29 58.56
C LEU E 802 -7.15 9.07 57.06
N LEU E 803 -7.93 8.13 56.55
CA LEU E 803 -7.97 7.90 55.11
C LEU E 803 -8.60 9.08 54.39
N SER E 804 -9.65 9.65 54.96
CA SER E 804 -10.31 10.78 54.32
C SER E 804 -9.46 12.03 54.39
N GLU E 805 -8.59 12.14 55.39
CA GLU E 805 -7.63 13.23 55.37
C GLU E 805 -6.54 12.97 54.35
N ASN E 806 -6.12 11.72 54.23
CA ASN E 806 -5.01 11.40 53.33
C ASN E 806 -5.47 11.47 51.88
N GLY E 807 -6.35 10.55 51.49
CA GLY E 807 -6.76 10.44 50.10
C GLY E 807 -7.80 11.46 49.70
N TYR E 808 -7.43 12.73 49.78
CA TYR E 808 -8.35 13.81 49.42
C TYR E 808 -7.56 14.95 48.82
N ASP E 809 -8.09 15.48 47.72
CA ASP E 809 -7.84 16.82 47.19
C ASP E 809 -8.87 17.11 46.12
N PRO E 810 -9.43 18.31 46.08
CA PRO E 810 -10.33 18.65 44.97
C PRO E 810 -9.63 18.77 43.65
N VAL E 811 -8.32 18.98 43.66
CA VAL E 811 -7.62 19.24 42.42
C VAL E 811 -7.50 17.99 41.58
N TYR E 812 -7.41 16.82 42.22
CA TYR E 812 -7.05 15.60 41.52
C TYR E 812 -8.05 14.48 41.73
N GLY E 813 -9.10 14.71 42.48
CA GLY E 813 -10.23 13.81 42.46
C GLY E 813 -10.04 12.62 43.36
N ALA E 814 -10.18 11.43 42.76
CA ALA E 814 -10.40 10.21 43.50
C ALA E 814 -9.18 9.34 43.65
N ARG E 815 -8.33 9.33 42.68
CA ARG E 815 -7.20 8.41 42.68
C ARG E 815 -6.15 8.62 43.77
N PRO E 816 -5.97 9.80 44.37
CA PRO E 816 -5.23 9.81 45.64
C PRO E 816 -5.85 8.97 46.73
N LEU E 817 -7.16 8.71 46.69
CA LEU E 817 -7.71 7.79 47.67
C LEU E 817 -7.27 6.38 47.40
N LYS E 818 -7.28 5.96 46.13
CA LYS E 818 -6.79 4.62 45.82
C LYS E 818 -5.34 4.48 46.18
N ARG E 819 -4.55 5.52 45.94
CA ARG E 819 -3.14 5.44 46.28
C ARG E 819 -2.95 5.43 47.79
N ALA E 820 -3.73 6.21 48.51
CA ALA E 820 -3.52 6.33 49.95
C ALA E 820 -3.92 5.06 50.67
N ILE E 821 -5.05 4.48 50.27
CA ILE E 821 -5.48 3.22 50.84
C ILE E 821 -4.53 2.11 50.48
N GLN E 822 -4.13 2.04 49.20
CA GLN E 822 -3.16 1.07 48.73
C GLN E 822 -1.87 1.12 49.52
N GLN E 823 -1.25 2.31 49.61
CA GLN E 823 -0.06 2.50 50.43
C GLN E 823 -0.28 2.15 51.88
N GLN E 824 -1.06 2.99 52.56
CA GLN E 824 -1.14 2.99 54.02
C GLN E 824 -1.77 1.75 54.58
N ILE E 825 -2.47 0.95 53.77
CA ILE E 825 -2.97 -0.33 54.21
C ILE E 825 -2.08 -1.44 53.71
N GLU E 826 -2.03 -1.62 52.40
CA GLU E 826 -1.46 -2.84 51.90
C GLU E 826 0.06 -2.85 51.87
N ASN E 827 0.73 -1.78 52.27
CA ASN E 827 2.16 -2.01 52.36
C ASN E 827 2.51 -2.76 53.65
N PRO E 828 2.15 -2.32 54.87
CA PRO E 828 2.47 -3.15 56.03
C PRO E 828 1.68 -4.43 56.07
N LEU E 829 0.50 -4.43 55.43
CA LEU E 829 -0.32 -5.63 55.41
C LEU E 829 0.34 -6.73 54.59
N ALA E 830 0.83 -6.41 53.40
CA ALA E 830 1.51 -7.41 52.61
C ALA E 830 2.86 -7.76 53.21
N GLN E 831 3.53 -6.75 53.77
CA GLN E 831 4.78 -6.93 54.51
C GLN E 831 4.64 -8.00 55.58
N GLN E 832 3.54 -7.98 56.30
CA GLN E 832 3.36 -8.91 57.38
C GLN E 832 2.67 -10.19 56.96
N ILE E 833 1.98 -10.21 55.82
CA ILE E 833 1.52 -11.47 55.28
C ILE E 833 2.70 -12.31 54.86
N LEU E 834 3.64 -11.69 54.14
CA LEU E 834 4.76 -12.45 53.65
C LEU E 834 5.77 -12.81 54.74
N SER E 835 5.61 -12.24 55.94
CA SER E 835 6.30 -12.77 57.09
C SER E 835 5.76 -14.10 57.56
N GLY E 836 4.62 -14.55 57.03
CA GLY E 836 3.96 -15.70 57.59
C GLY E 836 3.41 -15.47 58.97
N GLU E 837 3.21 -14.21 59.35
CA GLU E 837 2.97 -13.84 60.72
C GLU E 837 1.48 -13.78 61.02
N LEU E 838 0.69 -13.37 60.04
CA LEU E 838 -0.73 -13.13 60.24
C LEU E 838 -1.50 -14.39 59.86
N VAL E 839 -2.08 -15.03 60.85
CA VAL E 839 -2.61 -16.37 60.70
C VAL E 839 -4.02 -16.30 60.14
N PRO E 840 -4.37 -17.12 59.16
CA PRO E 840 -5.77 -17.22 58.75
C PRO E 840 -6.61 -17.82 59.87
N GLY E 841 -7.72 -17.16 60.17
CA GLY E 841 -8.56 -17.58 61.25
C GLY E 841 -8.90 -16.42 62.16
N LYS E 842 -8.02 -15.43 62.22
CA LYS E 842 -8.22 -14.26 63.06
C LYS E 842 -8.75 -13.09 62.25
N VAL E 843 -9.71 -12.38 62.82
CA VAL E 843 -10.22 -11.17 62.20
C VAL E 843 -9.19 -10.06 62.40
N ILE E 844 -8.62 -9.60 61.30
CA ILE E 844 -7.53 -8.63 61.38
C ILE E 844 -8.15 -7.26 61.61
N ARG E 845 -8.15 -6.82 62.86
CA ARG E 845 -8.63 -5.49 63.17
C ARG E 845 -7.57 -4.49 62.74
N LEU E 846 -7.85 -3.76 61.67
CA LEU E 846 -6.92 -2.71 61.27
C LEU E 846 -7.02 -1.54 62.22
N GLU E 847 -6.22 -1.58 63.27
CA GLU E 847 -6.21 -0.48 64.20
C GLU E 847 -5.15 0.53 63.78
N VAL E 848 -5.18 1.68 64.42
CA VAL E 848 -4.32 2.78 64.01
C VAL E 848 -3.32 3.09 65.11
N ASN E 849 -2.19 3.63 64.69
CA ASN E 849 -1.35 4.41 65.57
C ASN E 849 -1.84 5.85 65.50
N GLU E 850 -1.04 6.78 66.01
CA GLU E 850 -1.38 8.18 65.85
C GLU E 850 -1.24 8.63 64.40
N ASP E 851 -0.43 7.96 63.62
CA ASP E 851 -0.18 8.33 62.24
C ASP E 851 -0.48 7.23 61.26
N ARG E 852 -0.26 5.98 61.63
CA ARG E 852 -0.27 4.91 60.68
C ARG E 852 -1.34 3.90 61.04
N ILE E 853 -1.33 2.79 60.32
CA ILE E 853 -2.29 1.72 60.48
C ILE E 853 -1.56 0.49 60.99
N VAL E 854 -2.00 -0.05 62.10
CA VAL E 854 -1.33 -1.19 62.70
C VAL E 854 -2.30 -2.37 62.75
N ALA E 855 -1.93 -3.44 62.05
CA ALA E 855 -2.77 -4.63 61.99
C ALA E 855 -2.48 -5.51 63.21
N VAL E 856 -3.53 -6.02 63.84
CA VAL E 856 -3.37 -6.83 65.04
C VAL E 856 -3.88 -8.23 64.78
N GLN E 857 -3.46 -9.16 65.64
CA GLN E 857 -3.83 -10.56 65.55
C GLN E 857 -4.43 -11.01 66.87
N HIS E 858 -5.75 -11.09 66.93
CA HIS E 858 -6.44 -11.60 68.11
C HIS E 858 -7.61 -12.49 67.71
N GLN F 159 -14.20 -25.47 -44.88
CA GLN F 159 -13.27 -24.36 -44.68
C GLN F 159 -13.39 -23.78 -43.28
N ALA F 160 -12.26 -23.29 -42.76
CA ALA F 160 -12.29 -22.70 -41.43
C ALA F 160 -13.00 -21.34 -41.42
N LEU F 161 -13.05 -20.67 -42.56
CA LEU F 161 -13.89 -19.48 -42.68
C LEU F 161 -15.36 -19.85 -42.59
N LYS F 162 -15.70 -21.06 -43.01
CA LYS F 162 -17.07 -21.53 -42.89
C LYS F 162 -17.37 -22.06 -41.51
N LYS F 163 -16.39 -22.20 -40.63
CA LYS F 163 -16.67 -22.78 -39.32
C LYS F 163 -17.31 -21.77 -38.39
N TYR F 164 -16.56 -20.74 -38.00
CA TYR F 164 -17.02 -19.95 -36.87
C TYR F 164 -16.88 -18.46 -37.11
N THR F 165 -16.97 -18.05 -38.37
CA THR F 165 -16.89 -16.65 -38.74
C THR F 165 -18.27 -16.16 -39.17
N ILE F 166 -18.53 -14.88 -38.93
CA ILE F 166 -19.83 -14.28 -39.20
C ILE F 166 -19.62 -13.24 -40.30
N ASP F 167 -19.98 -13.59 -41.53
CA ASP F 167 -19.80 -12.72 -42.68
C ASP F 167 -20.86 -11.62 -42.63
N LEU F 168 -20.43 -10.40 -42.34
CA LEU F 168 -21.37 -9.29 -42.31
C LEU F 168 -21.79 -8.88 -43.70
N THR F 169 -20.88 -9.02 -44.68
CA THR F 169 -21.24 -8.71 -46.07
C THR F 169 -22.29 -9.67 -46.60
N GLU F 170 -22.24 -10.93 -46.17
CA GLU F 170 -23.23 -11.91 -46.59
C GLU F 170 -24.60 -11.60 -45.98
N ARG F 171 -24.62 -11.20 -44.71
CA ARG F 171 -25.88 -10.88 -44.05
C ARG F 171 -26.49 -9.61 -44.61
N ALA F 172 -25.66 -8.62 -44.92
CA ALA F 172 -26.16 -7.40 -45.54
C ALA F 172 -26.58 -7.64 -46.98
N GLU F 173 -25.90 -8.55 -47.68
CA GLU F 173 -26.32 -8.96 -49.01
C GLU F 173 -27.65 -9.67 -48.94
N GLN F 174 -27.87 -10.42 -47.87
CA GLN F 174 -29.16 -10.99 -47.55
C GLN F 174 -30.05 -10.02 -46.80
N GLY F 175 -29.57 -8.80 -46.56
CA GLY F 175 -30.36 -7.77 -45.89
C GLY F 175 -30.61 -8.02 -44.43
N LYS F 176 -29.98 -9.04 -43.84
CA LYS F 176 -30.22 -9.42 -42.47
C LYS F 176 -29.76 -8.36 -41.48
N LEU F 177 -28.82 -7.52 -41.87
CA LEU F 177 -28.37 -6.45 -41.00
C LEU F 177 -29.26 -5.24 -41.17
N ASP F 178 -29.36 -4.50 -40.13
CA ASP F 178 -30.29 -3.40 -40.14
C ASP F 178 -29.65 -2.18 -40.79
N PRO F 179 -30.41 -1.41 -41.56
CA PRO F 179 -29.86 -0.22 -42.23
C PRO F 179 -29.47 0.86 -41.22
N VAL F 180 -28.19 1.18 -41.22
CA VAL F 180 -27.61 2.13 -40.29
C VAL F 180 -27.58 3.49 -40.96
N ILE F 181 -27.99 4.52 -40.24
CA ILE F 181 -28.23 5.82 -40.82
C ILE F 181 -27.21 6.80 -40.24
N GLY F 182 -26.58 7.58 -41.11
CA GLY F 182 -25.73 8.66 -40.69
C GLY F 182 -24.29 8.25 -40.49
N ARG F 183 -23.63 8.99 -39.59
CA ARG F 183 -22.27 8.73 -39.12
C ARG F 183 -21.24 8.76 -40.25
N ASP F 184 -21.48 9.55 -41.29
CA ASP F 184 -20.66 9.46 -42.49
C ASP F 184 -19.28 10.06 -42.28
N GLU F 185 -19.16 11.07 -41.40
CA GLU F 185 -17.84 11.56 -41.02
C GLU F 185 -17.04 10.46 -40.32
N GLU F 186 -17.72 9.70 -39.47
CA GLU F 186 -17.08 8.65 -38.71
C GLU F 186 -16.61 7.53 -39.61
N ILE F 187 -17.47 7.11 -40.53
CA ILE F 187 -17.11 6.03 -41.46
C ILE F 187 -16.05 6.51 -42.43
N ARG F 188 -16.13 7.79 -42.82
CA ARG F 188 -15.14 8.37 -43.72
C ARG F 188 -13.76 8.40 -43.06
N ARG F 189 -13.71 8.85 -41.81
CA ARG F 189 -12.45 8.90 -41.10
C ARG F 189 -11.97 7.50 -40.73
N THR F 190 -12.90 6.58 -40.62
CA THR F 190 -12.55 5.18 -40.42
C THR F 190 -11.86 4.63 -41.66
N ILE F 191 -12.39 4.91 -42.84
CA ILE F 191 -11.77 4.47 -44.08
C ILE F 191 -10.44 5.18 -44.30
N GLN F 192 -10.34 6.43 -43.84
CA GLN F 192 -9.05 7.13 -43.78
C GLN F 192 -8.04 6.31 -42.99
N VAL F 193 -8.46 5.80 -41.85
CA VAL F 193 -7.56 4.96 -41.07
C VAL F 193 -7.33 3.61 -41.75
N LEU F 194 -8.32 3.13 -42.53
CA LEU F 194 -8.26 1.80 -43.15
C LEU F 194 -7.14 1.71 -44.17
N GLN F 195 -7.21 2.51 -45.22
CA GLN F 195 -6.22 2.43 -46.29
C GLN F 195 -5.05 3.35 -45.95
N ARG F 196 -4.36 3.01 -44.86
CA ARG F 196 -3.09 3.60 -44.49
C ARG F 196 -1.99 2.59 -44.74
N ARG F 197 -0.76 3.08 -44.75
CA ARG F 197 0.39 2.18 -44.90
C ARG F 197 0.80 1.59 -43.57
N THR F 198 0.89 2.43 -42.54
CA THR F 198 1.18 1.99 -41.19
C THR F 198 0.04 2.43 -40.27
N LYS F 199 0.03 1.84 -39.07
CA LYS F 199 -1.00 2.04 -38.05
C LYS F 199 -2.38 1.72 -38.59
N ASN F 200 -2.57 0.45 -38.93
CA ASN F 200 -3.56 0.05 -39.91
C ASN F 200 -4.77 -0.66 -39.31
N ASN F 201 -4.90 -0.70 -37.99
CA ASN F 201 -6.07 -1.35 -37.42
C ASN F 201 -6.85 -0.36 -36.56
N PRO F 202 -8.04 0.02 -36.97
CA PRO F 202 -8.82 0.97 -36.19
C PRO F 202 -9.52 0.27 -35.04
N VAL F 203 -9.96 1.09 -34.09
CA VAL F 203 -10.70 0.58 -32.95
C VAL F 203 -11.64 1.66 -32.45
N LEU F 204 -12.90 1.30 -32.28
CA LEU F 204 -13.93 2.28 -31.96
C LEU F 204 -13.95 2.49 -30.47
N ILE F 205 -13.31 3.57 -30.03
CA ILE F 205 -13.40 3.96 -28.63
C ILE F 205 -14.74 4.67 -28.43
N GLY F 206 -15.53 4.16 -27.50
CA GLY F 206 -16.78 4.80 -27.21
C GLY F 206 -17.38 4.35 -25.90
N GLU F 207 -18.69 4.18 -25.92
CA GLU F 207 -19.47 3.83 -24.76
C GLU F 207 -20.24 2.54 -25.05
N PRO F 208 -20.52 1.74 -24.03
CA PRO F 208 -21.16 0.44 -24.29
C PRO F 208 -22.59 0.63 -24.76
N GLY F 209 -22.81 0.40 -26.05
CA GLY F 209 -24.14 0.48 -26.61
C GLY F 209 -24.40 1.51 -27.69
N VAL F 210 -23.42 1.85 -28.54
CA VAL F 210 -23.63 3.10 -29.27
C VAL F 210 -23.59 2.91 -30.78
N GLY F 211 -24.06 1.76 -31.25
CA GLY F 211 -23.97 1.43 -32.65
C GLY F 211 -22.56 1.31 -33.19
N LYS F 212 -21.58 1.02 -32.33
CA LYS F 212 -20.23 0.77 -32.81
C LYS F 212 -20.19 -0.47 -33.68
N THR F 213 -20.88 -1.53 -33.24
CA THR F 213 -21.12 -2.69 -34.08
C THR F 213 -21.86 -2.28 -35.35
N ALA F 214 -22.82 -1.37 -35.21
CA ALA F 214 -23.60 -0.91 -36.35
C ALA F 214 -22.77 -0.06 -37.28
N ILE F 215 -21.70 0.57 -36.79
CA ILE F 215 -20.81 1.30 -37.67
C ILE F 215 -20.10 0.35 -38.62
N VAL F 216 -19.65 -0.78 -38.09
CA VAL F 216 -19.02 -1.80 -38.90
C VAL F 216 -20.00 -2.37 -39.90
N GLU F 217 -21.21 -2.64 -39.44
CA GLU F 217 -22.19 -3.24 -40.33
C GLU F 217 -22.69 -2.26 -41.37
N GLY F 218 -22.72 -0.96 -41.04
CA GLY F 218 -23.06 0.04 -42.02
C GLY F 218 -21.97 0.24 -43.04
N LEU F 219 -20.72 0.04 -42.63
CA LEU F 219 -19.63 0.02 -43.60
C LEU F 219 -19.79 -1.15 -44.56
N ALA F 220 -20.16 -2.32 -44.02
CA ALA F 220 -20.43 -3.47 -44.88
C ALA F 220 -21.62 -3.21 -45.80
N GLN F 221 -22.61 -2.46 -45.30
CA GLN F 221 -23.73 -2.07 -46.16
C GLN F 221 -23.30 -1.11 -47.25
N ARG F 222 -22.36 -0.22 -46.96
CA ARG F 222 -21.84 0.65 -48.01
C ARG F 222 -21.02 -0.13 -49.02
N ILE F 223 -20.43 -1.24 -48.58
CA ILE F 223 -19.73 -2.13 -49.49
C ILE F 223 -20.71 -2.80 -50.43
N ILE F 224 -21.79 -3.37 -49.87
CA ILE F 224 -22.80 -4.03 -50.68
C ILE F 224 -23.50 -3.03 -51.60
N ASN F 225 -23.68 -1.81 -51.12
CA ASN F 225 -24.15 -0.72 -51.96
C ASN F 225 -23.07 -0.20 -52.88
N GLY F 226 -21.81 -0.56 -52.65
CA GLY F 226 -20.76 -0.01 -53.48
C GLY F 226 -20.45 1.45 -53.19
N GLU F 227 -20.74 1.91 -51.97
CA GLU F 227 -20.51 3.30 -51.59
C GLU F 227 -19.13 3.52 -51.02
N VAL F 228 -18.17 2.68 -51.41
CA VAL F 228 -16.84 2.66 -50.80
C VAL F 228 -15.83 2.97 -51.90
N PRO F 229 -14.57 3.29 -51.58
CA PRO F 229 -13.54 3.35 -52.61
C PRO F 229 -13.25 1.97 -53.19
N GLU F 230 -12.53 2.00 -54.31
CA GLU F 230 -12.29 0.80 -55.11
C GLU F 230 -11.42 -0.21 -54.38
N GLY F 231 -10.51 0.25 -53.52
CA GLY F 231 -9.67 -0.67 -52.78
C GLY F 231 -10.45 -1.49 -51.79
N LEU F 232 -11.51 -0.92 -51.23
CA LEU F 232 -12.39 -1.72 -50.37
C LEU F 232 -13.38 -2.54 -51.16
N LYS F 233 -13.48 -2.32 -52.47
CA LYS F 233 -14.38 -3.12 -53.28
C LYS F 233 -13.78 -4.50 -53.50
N GLY F 234 -14.64 -5.52 -53.48
CA GLY F 234 -14.20 -6.89 -53.54
C GLY F 234 -13.75 -7.46 -52.22
N ARG F 235 -13.67 -6.65 -51.17
CA ARG F 235 -13.18 -7.12 -49.90
C ARG F 235 -14.29 -7.83 -49.12
N ARG F 236 -13.94 -8.34 -47.94
CA ARG F 236 -14.83 -9.16 -47.15
C ARG F 236 -14.84 -8.67 -45.71
N VAL F 237 -16.00 -8.32 -45.20
CA VAL F 237 -16.16 -7.95 -43.80
C VAL F 237 -16.75 -9.15 -43.07
N LEU F 238 -15.94 -9.75 -42.20
CA LEU F 238 -16.36 -10.88 -41.40
C LEU F 238 -16.23 -10.55 -39.93
N ALA F 239 -16.94 -11.33 -39.12
CA ALA F 239 -16.90 -11.20 -37.68
C ALA F 239 -16.55 -12.56 -37.10
N LEU F 240 -15.54 -12.60 -36.24
CA LEU F 240 -15.11 -13.85 -35.64
C LEU F 240 -15.60 -13.92 -34.20
N ASP F 241 -16.31 -14.99 -33.88
CA ASP F 241 -16.76 -15.23 -32.51
C ASP F 241 -15.72 -16.05 -31.77
N MET F 242 -15.62 -15.81 -30.46
CA MET F 242 -14.68 -16.54 -29.62
C MET F 242 -15.24 -17.90 -29.25
N GLY F 243 -16.36 -17.92 -28.53
CA GLY F 243 -16.94 -19.14 -28.02
C GLY F 243 -17.44 -20.08 -29.09
N ALA F 244 -17.65 -19.59 -30.32
CA ALA F 244 -17.86 -20.47 -31.45
C ALA F 244 -16.61 -21.29 -31.73
N LEU F 245 -15.45 -20.66 -31.65
CA LEU F 245 -14.20 -21.40 -31.81
C LEU F 245 -13.92 -22.29 -30.61
N VAL F 246 -14.40 -21.90 -29.43
CA VAL F 246 -14.18 -22.70 -28.21
C VAL F 246 -15.37 -23.66 -27.98
N ALA F 247 -16.10 -24.00 -29.06
CA ALA F 247 -17.23 -24.90 -28.92
C ALA F 247 -16.78 -26.32 -28.62
N GLY F 248 -16.05 -26.93 -29.54
CA GLY F 248 -15.69 -28.33 -29.39
C GLY F 248 -14.21 -28.58 -29.28
N ALA F 249 -13.49 -27.77 -28.50
CA ALA F 249 -12.04 -27.87 -28.46
C ALA F 249 -11.52 -27.38 -27.12
N LYS F 250 -10.95 -28.30 -26.33
CA LYS F 250 -10.34 -28.00 -25.05
C LYS F 250 -8.97 -28.63 -24.87
N TYR F 251 -8.47 -29.35 -25.88
CA TYR F 251 -7.30 -30.20 -25.73
C TYR F 251 -6.03 -29.37 -25.82
N ARG F 252 -4.90 -30.07 -26.01
CA ARG F 252 -3.60 -29.44 -26.19
C ARG F 252 -3.45 -29.06 -27.66
N GLY F 253 -3.98 -27.90 -28.01
CA GLY F 253 -3.74 -27.31 -29.32
C GLY F 253 -4.72 -27.71 -30.41
N GLU F 254 -6.02 -27.57 -30.15
CA GLU F 254 -7.04 -27.84 -31.16
C GLU F 254 -7.88 -26.61 -31.45
N PHE F 255 -8.36 -25.93 -30.41
CA PHE F 255 -8.86 -24.57 -30.55
C PHE F 255 -7.81 -23.67 -31.17
N GLU F 256 -6.57 -23.80 -30.73
CA GLU F 256 -5.48 -23.02 -31.30
C GLU F 256 -5.15 -23.49 -32.71
N GLU F 257 -5.38 -24.78 -33.00
CA GLU F 257 -5.22 -25.27 -34.36
C GLU F 257 -6.25 -24.69 -35.29
N ARG F 258 -7.52 -24.63 -34.84
CA ARG F 258 -8.57 -23.96 -35.56
C ARG F 258 -8.23 -22.50 -35.80
N LEU F 259 -7.69 -21.83 -34.77
CA LEU F 259 -7.34 -20.43 -34.87
C LEU F 259 -6.25 -20.20 -35.88
N LYS F 260 -5.20 -21.02 -35.84
CA LYS F 260 -4.11 -20.88 -36.78
C LYS F 260 -4.54 -21.25 -38.19
N GLY F 261 -5.51 -22.16 -38.33
CA GLY F 261 -6.06 -22.44 -39.65
C GLY F 261 -6.87 -21.27 -40.19
N VAL F 262 -7.57 -20.56 -39.30
CA VAL F 262 -8.23 -19.30 -39.68
C VAL F 262 -7.20 -18.29 -40.13
N LEU F 263 -6.06 -18.27 -39.44
CA LEU F 263 -4.95 -17.40 -39.84
C LEU F 263 -4.38 -17.82 -41.19
N ASN F 264 -4.35 -19.12 -41.47
CA ASN F 264 -3.88 -19.57 -42.76
C ASN F 264 -4.88 -19.24 -43.86
N ASP F 265 -6.16 -19.17 -43.52
CA ASP F 265 -7.13 -18.68 -44.49
C ASP F 265 -7.02 -17.18 -44.70
N LEU F 266 -6.62 -16.45 -43.67
CA LEU F 266 -6.28 -15.04 -43.84
C LEU F 266 -5.08 -14.90 -44.75
N ALA F 267 -4.12 -15.81 -44.61
CA ALA F 267 -2.99 -15.86 -45.53
C ALA F 267 -3.43 -16.31 -46.92
N LYS F 268 -4.53 -17.04 -47.01
CA LYS F 268 -5.03 -17.44 -48.32
C LYS F 268 -5.67 -16.27 -49.05
N GLN F 269 -6.28 -15.34 -48.32
CA GLN F 269 -6.94 -14.22 -48.95
C GLN F 269 -6.05 -12.99 -49.08
N GLU F 270 -5.06 -12.85 -48.20
CA GLU F 270 -4.04 -11.79 -48.24
C GLU F 270 -4.67 -10.40 -48.16
N GLY F 271 -5.31 -10.13 -47.03
CA GLY F 271 -5.93 -8.83 -46.84
C GLY F 271 -7.21 -8.63 -47.60
N ASN F 272 -7.73 -9.66 -48.26
CA ASN F 272 -9.03 -9.54 -48.90
C ASN F 272 -10.14 -9.51 -47.87
N VAL F 273 -10.03 -10.35 -46.84
CA VAL F 273 -11.01 -10.37 -45.76
C VAL F 273 -10.58 -9.33 -44.73
N ILE F 274 -11.50 -8.44 -44.39
CA ILE F 274 -11.27 -7.43 -43.38
C ILE F 274 -12.17 -7.81 -42.21
N LEU F 275 -11.60 -8.53 -41.25
CA LEU F 275 -12.35 -9.05 -40.12
C LEU F 275 -12.71 -7.91 -39.17
N PHE F 276 -13.73 -8.15 -38.34
CA PHE F 276 -13.98 -7.32 -37.17
C PHE F 276 -14.05 -8.20 -35.94
N ILE F 277 -13.34 -7.80 -34.89
CA ILE F 277 -13.51 -8.35 -33.55
C ILE F 277 -13.47 -7.17 -32.58
N ASP F 278 -14.58 -6.91 -31.91
CA ASP F 278 -14.62 -5.92 -30.85
C ASP F 278 -13.93 -6.43 -29.59
N ALA F 279 -13.78 -5.52 -28.61
CA ALA F 279 -13.25 -5.80 -27.27
C ALA F 279 -11.86 -6.42 -27.36
N LEU F 280 -10.96 -5.65 -27.94
CA LEU F 280 -9.58 -6.08 -28.12
C LEU F 280 -8.91 -6.33 -26.78
N HIS F 281 -9.19 -5.48 -25.80
CA HIS F 281 -8.63 -5.64 -24.46
C HIS F 281 -9.13 -6.91 -23.80
N THR F 282 -10.37 -7.30 -24.10
CA THR F 282 -10.88 -8.56 -23.58
C THR F 282 -10.19 -9.72 -24.27
N MET F 283 -9.96 -9.60 -25.58
CA MET F 283 -9.32 -10.67 -26.32
C MET F 283 -7.83 -10.77 -25.99
N VAL F 284 -7.24 -9.69 -25.45
CA VAL F 284 -5.85 -9.75 -25.02
C VAL F 284 -5.74 -10.26 -23.59
N GLY F 285 -6.47 -9.66 -22.66
CA GLY F 285 -6.27 -9.93 -21.25
C GLY F 285 -7.29 -10.81 -20.55
N ALA F 286 -8.00 -11.64 -21.29
CA ALA F 286 -8.89 -12.62 -20.65
C ALA F 286 -8.85 -14.01 -21.26
N GLY F 287 -8.24 -14.21 -22.42
CA GLY F 287 -8.24 -15.52 -23.04
C GLY F 287 -7.28 -16.51 -22.41
N LYS F 288 -7.55 -16.90 -21.16
CA LYS F 288 -6.68 -17.81 -20.45
C LYS F 288 -6.89 -19.23 -20.95
N ALA F 289 -5.78 -19.95 -21.17
CA ALA F 289 -5.84 -21.35 -21.59
C ALA F 289 -4.74 -22.15 -20.91
N ASP F 290 -5.03 -23.42 -20.64
CA ASP F 290 -4.12 -24.32 -19.95
C ASP F 290 -3.37 -25.16 -20.98
N GLY F 291 -2.03 -25.06 -20.98
CA GLY F 291 -1.13 -25.69 -21.96
C GLY F 291 -1.51 -25.30 -23.38
N ALA F 292 -1.97 -24.06 -23.55
CA ALA F 292 -2.57 -23.59 -24.78
C ALA F 292 -2.60 -22.06 -24.73
N MET F 293 -2.84 -21.44 -25.88
CA MET F 293 -2.62 -20.01 -26.07
C MET F 293 -3.96 -19.25 -26.14
N ASP F 294 -3.87 -17.97 -26.41
CA ASP F 294 -5.02 -17.12 -26.62
C ASP F 294 -5.17 -16.79 -28.11
N ALA F 295 -6.14 -15.95 -28.42
CA ALA F 295 -6.18 -15.30 -29.72
C ALA F 295 -5.25 -14.10 -29.77
N GLY F 296 -4.98 -13.49 -28.62
CA GLY F 296 -4.24 -12.24 -28.59
C GLY F 296 -2.79 -12.41 -29.02
N ASN F 297 -2.09 -13.37 -28.42
CA ASN F 297 -0.69 -13.58 -28.74
C ASN F 297 -0.49 -14.48 -29.95
N MET F 298 -1.55 -15.12 -30.45
CA MET F 298 -1.44 -15.82 -31.71
C MET F 298 -1.75 -14.93 -32.89
N LEU F 299 -2.48 -13.85 -32.67
CA LEU F 299 -2.76 -12.89 -33.72
C LEU F 299 -1.88 -11.64 -33.62
N LYS F 300 -1.17 -11.48 -32.51
CA LYS F 300 -0.07 -10.53 -32.46
C LYS F 300 1.01 -10.77 -33.51
N PRO F 301 1.29 -11.99 -33.99
CA PRO F 301 2.02 -12.09 -35.27
C PRO F 301 1.31 -11.41 -36.42
N ALA F 302 0.00 -11.55 -36.53
CA ALA F 302 -0.71 -10.97 -37.66
C ALA F 302 -0.73 -9.44 -37.62
N LEU F 303 -0.48 -8.86 -36.44
CA LEU F 303 -0.14 -7.44 -36.37
C LEU F 303 1.07 -7.15 -37.24
N ALA F 304 2.21 -7.74 -36.91
CA ALA F 304 3.38 -7.55 -37.75
C ALA F 304 3.50 -8.65 -38.80
N ARG F 305 2.39 -8.96 -39.47
CA ARG F 305 2.42 -9.74 -40.69
C ARG F 305 1.52 -9.19 -41.78
N GLY F 306 0.76 -8.13 -41.51
CA GLY F 306 0.01 -7.46 -42.54
C GLY F 306 -1.20 -8.20 -43.07
N GLU F 307 -1.48 -9.40 -42.59
CA GLU F 307 -2.65 -10.18 -42.99
C GLU F 307 -3.86 -9.84 -42.13
N LEU F 308 -3.83 -8.69 -41.47
CA LEU F 308 -4.80 -8.37 -40.43
C LEU F 308 -5.11 -6.89 -40.55
N HIS F 309 -6.16 -6.56 -41.29
CA HIS F 309 -6.63 -5.19 -41.39
C HIS F 309 -7.85 -4.97 -40.52
N CYS F 310 -7.86 -5.63 -39.37
CA CYS F 310 -9.06 -5.79 -38.57
C CYS F 310 -9.40 -4.49 -37.84
N VAL F 311 -10.65 -4.41 -37.42
CA VAL F 311 -11.22 -3.24 -36.76
C VAL F 311 -11.58 -3.67 -35.34
N GLY F 312 -11.51 -2.73 -34.40
CA GLY F 312 -11.87 -2.99 -33.03
C GLY F 312 -12.96 -2.08 -32.52
N ALA F 313 -13.32 -2.30 -31.25
CA ALA F 313 -14.28 -1.47 -30.55
C ALA F 313 -14.09 -1.69 -29.05
N THR F 314 -14.05 -0.61 -28.29
CA THR F 314 -13.82 -0.70 -26.86
C THR F 314 -14.42 0.51 -26.16
N THR F 315 -14.13 0.60 -24.87
CA THR F 315 -14.46 1.74 -24.04
C THR F 315 -13.17 2.53 -23.79
N LEU F 316 -13.34 3.78 -23.35
CA LEU F 316 -12.23 4.69 -23.12
C LEU F 316 -11.26 4.19 -22.07
N ASP F 317 -11.72 3.38 -21.13
CA ASP F 317 -10.85 3.04 -20.02
C ASP F 317 -10.06 1.76 -20.28
N GLU F 318 -10.71 0.75 -20.85
CA GLU F 318 -10.06 -0.55 -21.00
C GLU F 318 -9.03 -0.58 -22.13
N TYR F 319 -9.24 0.27 -23.14
CA TYR F 319 -8.21 0.52 -24.13
C TYR F 319 -6.92 0.99 -23.48
N ARG F 320 -7.07 1.94 -22.55
CA ARG F 320 -5.96 2.47 -21.79
C ARG F 320 -5.39 1.44 -20.83
N GLN F 321 -6.23 0.55 -20.31
CA GLN F 321 -5.72 -0.51 -19.46
C GLN F 321 -4.84 -1.47 -20.23
N TYR F 322 -5.44 -2.18 -21.19
CA TYR F 322 -4.86 -3.39 -21.70
C TYR F 322 -4.32 -3.24 -23.11
N ILE F 323 -4.33 -2.04 -23.68
CA ILE F 323 -3.93 -1.85 -25.06
C ILE F 323 -2.82 -0.81 -25.20
N GLU F 324 -2.95 0.33 -24.54
CA GLU F 324 -1.96 1.39 -24.67
C GLU F 324 -0.64 1.05 -24.01
N LYS F 325 -0.62 0.05 -23.13
CA LYS F 325 0.59 -0.27 -22.39
C LYS F 325 1.57 -1.07 -23.23
N ASP F 326 1.09 -1.92 -24.13
CA ASP F 326 1.96 -2.64 -25.05
C ASP F 326 2.41 -1.74 -26.19
N ALA F 327 3.63 -2.00 -26.66
CA ALA F 327 4.20 -1.26 -27.78
C ALA F 327 3.60 -1.67 -29.12
N ALA F 328 3.56 -2.97 -29.42
CA ALA F 328 3.03 -3.41 -30.71
C ALA F 328 1.53 -3.17 -30.77
N LEU F 329 0.84 -3.41 -29.65
CA LEU F 329 -0.58 -3.14 -29.55
C LEU F 329 -0.87 -1.65 -29.48
N GLU F 330 0.17 -0.81 -29.31
CA GLU F 330 0.03 0.60 -29.63
C GLU F 330 0.16 0.82 -31.13
N ARG F 331 1.34 0.53 -31.67
CA ARG F 331 1.70 0.97 -33.01
C ARG F 331 1.10 0.12 -34.12
N ARG F 332 0.10 -0.69 -33.83
CA ARG F 332 -0.78 -1.17 -34.89
C ARG F 332 -2.17 -0.56 -34.84
N PHE F 333 -2.44 0.35 -33.91
CA PHE F 333 -3.82 0.68 -33.60
C PHE F 333 -4.03 2.18 -33.47
N GLN F 334 -5.25 2.60 -33.80
CA GLN F 334 -5.59 4.02 -33.93
C GLN F 334 -6.75 4.38 -33.05
N LYS F 335 -6.61 5.47 -32.31
CA LYS F 335 -7.66 5.95 -31.41
C LYS F 335 -8.79 6.54 -32.26
N VAL F 336 -9.61 5.67 -32.80
CA VAL F 336 -10.76 6.13 -33.56
C VAL F 336 -11.85 6.43 -32.56
N PHE F 337 -11.89 7.67 -32.11
CA PHE F 337 -12.89 8.08 -31.15
C PHE F 337 -14.24 8.16 -31.85
N VAL F 338 -15.30 7.82 -31.12
CA VAL F 338 -16.66 7.96 -31.61
C VAL F 338 -17.39 8.87 -30.63
N ALA F 339 -18.05 9.89 -31.16
CA ALA F 339 -18.69 10.87 -30.31
C ALA F 339 -20.08 10.44 -29.89
N GLU F 340 -20.56 11.09 -28.83
CA GLU F 340 -21.95 10.93 -28.43
C GLU F 340 -22.86 11.55 -29.47
N PRO F 341 -23.84 10.82 -29.99
CA PRO F 341 -24.72 11.37 -31.02
C PRO F 341 -25.74 12.33 -30.41
N SER F 342 -26.48 12.99 -31.30
CA SER F 342 -27.43 14.00 -30.89
C SER F 342 -28.79 13.39 -30.59
N VAL F 343 -29.74 14.25 -30.24
CA VAL F 343 -31.11 13.80 -30.09
C VAL F 343 -31.72 13.51 -31.44
N GLU F 344 -31.56 14.45 -32.38
CA GLU F 344 -32.33 14.41 -33.61
C GLU F 344 -31.81 13.37 -34.59
N ASP F 345 -30.50 13.13 -34.59
CA ASP F 345 -29.96 12.07 -35.43
C ASP F 345 -30.45 10.71 -34.95
N THR F 346 -30.55 10.57 -33.64
CA THR F 346 -31.13 9.37 -33.06
C THR F 346 -32.58 9.23 -33.46
N ILE F 347 -33.31 10.35 -33.48
CA ILE F 347 -34.70 10.36 -33.93
C ILE F 347 -34.78 9.91 -35.38
N ALA F 348 -33.83 10.35 -36.20
CA ALA F 348 -33.84 9.99 -37.61
C ALA F 348 -33.56 8.50 -37.79
N ILE F 349 -32.66 7.94 -37.00
CA ILE F 349 -32.43 6.50 -37.06
C ILE F 349 -33.67 5.75 -36.61
N LEU F 350 -34.36 6.28 -35.59
CA LEU F 350 -35.62 5.70 -35.14
C LEU F 350 -36.68 5.74 -36.24
N ARG F 351 -36.71 6.83 -36.99
CA ARG F 351 -37.65 6.96 -38.09
C ARG F 351 -37.32 5.98 -39.21
N GLY F 352 -36.03 5.73 -39.41
CA GLY F 352 -35.65 4.74 -40.40
C GLY F 352 -35.97 3.32 -39.99
N LEU F 353 -35.84 3.02 -38.71
CA LEU F 353 -36.00 1.65 -38.23
C LEU F 353 -37.32 1.45 -37.53
N LYS F 354 -38.22 2.42 -37.62
CA LYS F 354 -39.56 2.30 -37.05
C LYS F 354 -40.33 1.17 -37.71
N GLU F 355 -40.21 1.04 -39.03
CA GLU F 355 -41.08 0.14 -39.76
C GLU F 355 -40.69 -1.31 -39.51
N ARG F 356 -39.42 -1.56 -39.24
CA ARG F 356 -38.97 -2.91 -38.88
C ARG F 356 -39.62 -3.37 -37.58
N TYR F 357 -39.69 -2.48 -36.59
CA TYR F 357 -40.35 -2.82 -35.34
C TYR F 357 -41.85 -2.93 -35.50
N GLU F 358 -42.45 -2.10 -36.36
CA GLU F 358 -43.88 -2.23 -36.62
C GLU F 358 -44.20 -3.55 -37.29
N LEU F 359 -43.29 -4.04 -38.12
CA LEU F 359 -43.40 -5.41 -38.63
C LEU F 359 -43.28 -6.45 -37.54
N HIS F 360 -42.26 -6.35 -36.69
CA HIS F 360 -42.03 -7.42 -35.74
C HIS F 360 -43.10 -7.48 -34.67
N HIS F 361 -43.66 -6.32 -34.32
CA HIS F 361 -44.53 -6.25 -33.17
C HIS F 361 -45.95 -5.87 -33.49
N HIS F 362 -46.32 -5.86 -34.77
CA HIS F 362 -47.72 -5.86 -35.21
C HIS F 362 -48.45 -4.57 -34.85
N VAL F 363 -47.70 -3.48 -34.68
CA VAL F 363 -48.28 -2.26 -34.16
C VAL F 363 -47.94 -1.07 -35.04
N GLN F 364 -48.33 0.11 -34.60
CA GLN F 364 -48.00 1.37 -35.26
C GLN F 364 -47.35 2.29 -34.25
N ILE F 365 -46.54 3.23 -34.75
CA ILE F 365 -45.69 4.04 -33.88
C ILE F 365 -45.90 5.51 -34.21
N THR F 366 -46.16 6.30 -33.17
CA THR F 366 -46.38 7.74 -33.31
C THR F 366 -45.03 8.45 -33.29
N ASP F 367 -44.80 9.31 -34.25
CA ASP F 367 -43.54 10.06 -34.30
C ASP F 367 -43.44 11.18 -33.25
N PRO F 368 -44.53 11.88 -32.88
CA PRO F 368 -44.49 12.62 -31.61
C PRO F 368 -44.13 11.77 -30.40
N ALA F 369 -44.59 10.53 -30.35
CA ALA F 369 -44.14 9.65 -29.28
C ALA F 369 -42.67 9.31 -29.42
N ILE F 370 -42.14 9.28 -30.65
CA ILE F 370 -40.73 9.04 -30.87
C ILE F 370 -39.89 10.18 -30.30
N VAL F 371 -40.27 11.42 -30.62
CA VAL F 371 -39.46 12.55 -30.17
C VAL F 371 -39.65 12.77 -28.67
N ALA F 372 -40.83 12.49 -28.12
CA ALA F 372 -41.01 12.64 -26.68
C ALA F 372 -40.30 11.53 -25.93
N ALA F 373 -40.21 10.34 -26.52
CA ALA F 373 -39.44 9.26 -25.93
C ALA F 373 -37.97 9.60 -25.90
N ALA F 374 -37.46 10.20 -26.99
CA ALA F 374 -36.08 10.68 -27.03
C ALA F 374 -35.85 11.74 -25.97
N THR F 375 -36.86 12.61 -25.76
CA THR F 375 -36.77 13.69 -24.79
C THR F 375 -36.66 13.15 -23.37
N LEU F 376 -37.60 12.28 -22.99
CA LEU F 376 -37.58 11.78 -21.62
C LEU F 376 -36.46 10.78 -21.40
N SER F 377 -35.97 10.14 -22.46
CA SER F 377 -34.83 9.25 -22.31
C SER F 377 -33.56 10.04 -22.05
N HIS F 378 -33.36 11.13 -22.81
CA HIS F 378 -32.20 11.98 -22.58
C HIS F 378 -32.32 12.74 -21.27
N ARG F 379 -33.53 12.97 -20.79
CA ARG F 379 -33.67 13.66 -19.53
C ARG F 379 -33.46 12.72 -18.35
N TYR F 380 -34.03 11.53 -18.41
CA TYR F 380 -34.15 10.68 -17.23
C TYR F 380 -33.24 9.48 -17.20
N ILE F 381 -33.09 8.76 -18.31
CA ILE F 381 -32.37 7.50 -18.29
C ILE F 381 -30.88 7.79 -18.26
N ALA F 382 -30.18 7.22 -17.28
CA ALA F 382 -28.79 7.57 -17.06
C ALA F 382 -27.83 6.69 -17.85
N ASP F 383 -27.84 5.37 -17.56
CA ASP F 383 -26.83 4.47 -18.09
C ASP F 383 -27.00 4.27 -19.58
N ARG F 384 -28.21 3.96 -20.00
CA ARG F 384 -28.45 3.60 -21.38
C ARG F 384 -28.30 4.82 -22.27
N GLN F 385 -28.00 4.55 -23.54
CA GLN F 385 -27.35 5.50 -24.42
C GLN F 385 -28.00 5.47 -25.79
N LEU F 386 -27.32 6.01 -26.78
CA LEU F 386 -28.09 6.13 -27.99
C LEU F 386 -27.63 5.12 -29.04
N PRO F 387 -28.55 4.45 -29.77
CA PRO F 387 -29.99 4.67 -29.58
C PRO F 387 -30.60 3.68 -28.61
N ASP F 388 -29.76 3.21 -27.68
CA ASP F 388 -30.09 2.03 -26.90
C ASP F 388 -31.34 2.22 -26.06
N LYS F 389 -31.41 3.32 -25.32
CA LYS F 389 -32.61 3.59 -24.52
C LYS F 389 -33.81 3.90 -25.40
N ALA F 390 -33.59 4.54 -26.55
CA ALA F 390 -34.68 4.79 -27.47
C ALA F 390 -35.20 3.49 -28.05
N ILE F 391 -34.29 2.62 -28.49
CA ILE F 391 -34.64 1.28 -28.99
C ILE F 391 -35.44 0.52 -27.94
N ASP F 392 -34.94 0.51 -26.70
CA ASP F 392 -35.55 -0.31 -25.68
C ASP F 392 -36.92 0.23 -25.26
N LEU F 393 -37.06 1.56 -25.20
CA LEU F 393 -38.36 2.14 -24.91
C LEU F 393 -39.38 1.81 -25.99
N ILE F 394 -38.97 1.97 -27.25
CA ILE F 394 -39.87 1.72 -28.38
C ILE F 394 -40.30 0.26 -28.40
N ASP F 395 -39.33 -0.64 -28.28
CA ASP F 395 -39.62 -2.05 -28.43
C ASP F 395 -40.35 -2.61 -27.22
N GLU F 396 -40.04 -2.10 -26.02
CA GLU F 396 -40.75 -2.55 -24.84
C GLU F 396 -42.17 -2.04 -24.83
N ALA F 397 -42.39 -0.80 -25.28
CA ALA F 397 -43.76 -0.33 -25.43
C ALA F 397 -44.50 -1.10 -26.50
N ALA F 398 -43.78 -1.55 -27.54
CA ALA F 398 -44.40 -2.34 -28.60
C ALA F 398 -44.89 -3.68 -28.07
N SER F 399 -44.06 -4.34 -27.27
CA SER F 399 -44.48 -5.59 -26.65
C SER F 399 -45.57 -5.36 -25.61
N SER F 400 -45.58 -4.18 -24.97
CA SER F 400 -46.65 -3.85 -24.03
C SER F 400 -47.98 -3.74 -24.72
N ILE F 401 -48.02 -3.03 -25.84
CA ILE F 401 -49.24 -2.92 -26.63
C ILE F 401 -49.61 -4.28 -27.21
N ARG F 402 -48.61 -5.12 -27.50
CA ARG F 402 -48.88 -6.48 -27.95
C ARG F 402 -49.57 -7.29 -26.85
N MET F 403 -49.16 -7.09 -25.60
CA MET F 403 -49.87 -7.70 -24.48
C MET F 403 -51.28 -7.15 -24.36
N GLN F 404 -51.45 -5.87 -24.65
CA GLN F 404 -52.79 -5.29 -24.63
C GLN F 404 -53.64 -5.83 -25.75
N ILE F 405 -53.01 -6.21 -26.87
CA ILE F 405 -53.70 -6.92 -27.94
C ILE F 405 -54.18 -8.26 -27.44
N ASP F 406 -53.34 -8.95 -26.67
CA ASP F 406 -53.71 -10.29 -26.24
C ASP F 406 -54.48 -10.30 -24.92
N SER F 407 -55.25 -9.24 -24.63
CA SER F 407 -56.07 -9.05 -23.44
C SER F 407 -57.49 -9.53 -23.77
N PRO F 409 -58.66 -8.86 -23.44
CA PRO F 409 -59.32 -7.79 -22.65
C PRO F 409 -59.66 -8.14 -21.21
N GLU F 410 -60.51 -7.33 -20.58
CA GLU F 410 -60.69 -7.38 -19.14
C GLU F 410 -62.15 -7.53 -18.77
N GLU F 411 -63.03 -6.85 -19.51
CA GLU F 411 -64.46 -7.03 -19.31
C GLU F 411 -64.89 -8.43 -19.70
N LEU F 412 -64.14 -9.07 -20.61
CA LEU F 412 -64.28 -10.49 -20.86
C LEU F 412 -64.10 -11.30 -19.59
N ASP F 413 -63.09 -10.96 -18.79
CA ASP F 413 -62.87 -11.70 -17.54
C ASP F 413 -63.92 -11.35 -16.50
N ARG F 414 -64.38 -10.09 -16.49
CA ARG F 414 -65.47 -9.67 -15.62
C ARG F 414 -66.73 -10.50 -15.88
N LEU F 415 -67.12 -10.55 -17.15
CA LEU F 415 -68.32 -11.27 -17.54
C LEU F 415 -68.13 -12.78 -17.39
N ASP F 416 -66.91 -13.28 -17.57
CA ASP F 416 -66.69 -14.73 -17.49
C ASP F 416 -66.76 -15.20 -16.05
N ARG F 417 -66.16 -14.43 -15.13
CA ARG F 417 -66.30 -14.75 -13.71
C ARG F 417 -67.74 -14.59 -13.25
N ARG F 418 -68.45 -13.60 -13.80
CA ARG F 418 -69.86 -13.42 -13.48
C ARG F 418 -70.71 -14.61 -13.95
N ILE F 419 -70.48 -15.06 -15.19
CA ILE F 419 -71.32 -16.13 -15.72
C ILE F 419 -70.97 -17.46 -15.06
N ILE F 420 -69.71 -17.66 -14.68
CA ILE F 420 -69.39 -18.93 -14.04
C ILE F 420 -69.88 -18.91 -12.60
N GLN F 421 -69.93 -17.73 -11.96
CA GLN F 421 -70.47 -17.63 -10.62
C GLN F 421 -71.97 -17.88 -10.60
N LEU F 422 -72.68 -17.27 -11.55
CA LEU F 422 -74.11 -17.49 -11.60
C LEU F 422 -74.44 -18.89 -12.12
N LYS F 423 -73.51 -19.50 -12.86
CA LYS F 423 -73.68 -20.90 -13.25
C LYS F 423 -73.56 -21.82 -12.06
N LEU F 424 -72.60 -21.53 -11.17
CA LEU F 424 -72.47 -22.22 -9.89
C LEU F 424 -73.75 -22.10 -9.06
N GLU F 425 -74.30 -20.88 -9.00
CA GLU F 425 -75.51 -20.64 -8.21
C GLU F 425 -76.72 -21.36 -8.78
N GLN F 426 -76.89 -21.31 -10.10
CA GLN F 426 -78.05 -21.95 -10.73
C GLN F 426 -77.93 -23.47 -10.70
N GLN F 427 -76.70 -23.98 -10.83
CA GLN F 427 -76.47 -25.41 -10.68
C GLN F 427 -76.76 -25.87 -9.27
N ALA F 428 -76.52 -25.00 -8.27
CA ALA F 428 -76.90 -25.32 -6.91
C ALA F 428 -78.42 -25.27 -6.72
N LEU F 429 -79.10 -24.30 -7.36
CA LEU F 429 -80.53 -24.14 -7.14
C LEU F 429 -81.37 -25.18 -7.85
N MET F 430 -80.76 -26.04 -8.65
CA MET F 430 -81.49 -27.15 -9.24
C MET F 430 -81.65 -28.28 -8.22
N LEU F 441 -88.37 -19.83 -8.96
CA LEU F 441 -87.47 -19.05 -8.12
C LEU F 441 -86.36 -18.41 -8.94
N ASP F 442 -85.83 -19.20 -9.88
CA ASP F 442 -84.48 -19.06 -10.42
C ASP F 442 -84.07 -17.68 -10.91
N MET F 443 -84.68 -17.21 -12.02
CA MET F 443 -84.43 -15.94 -12.73
C MET F 443 -83.04 -15.85 -13.35
N LEU F 444 -82.22 -16.85 -13.09
CA LEU F 444 -80.79 -16.76 -13.23
C LEU F 444 -80.45 -17.47 -14.52
N ASN F 445 -81.39 -18.29 -14.99
CA ASN F 445 -81.37 -18.73 -16.38
C ASN F 445 -81.44 -17.54 -17.32
N GLU F 446 -82.35 -16.61 -17.04
CA GLU F 446 -82.51 -15.42 -17.88
C GLU F 446 -81.32 -14.48 -17.72
N GLU F 447 -80.87 -14.29 -16.47
CA GLU F 447 -79.69 -13.47 -16.23
C GLU F 447 -78.44 -14.05 -16.92
N LEU F 448 -78.31 -15.37 -16.87
CA LEU F 448 -77.21 -16.06 -17.52
C LEU F 448 -77.29 -15.95 -19.02
N SER F 449 -78.50 -16.02 -19.58
CA SER F 449 -78.67 -15.90 -21.02
C SER F 449 -78.30 -14.51 -21.51
N ASP F 450 -78.70 -13.47 -20.74
CA ASP F 450 -78.33 -12.10 -21.08
C ASP F 450 -76.82 -11.91 -21.02
N LYS F 451 -76.19 -12.36 -19.95
CA LYS F 451 -74.76 -12.14 -19.81
C LYS F 451 -73.95 -12.99 -20.78
N GLU F 452 -74.42 -14.20 -21.12
CA GLU F 452 -73.76 -15.02 -22.14
C GLU F 452 -73.89 -14.43 -23.53
N ARG F 453 -75.04 -13.85 -23.85
CA ARG F 453 -75.18 -13.18 -25.13
C ARG F 453 -74.26 -11.96 -25.21
N GLN F 454 -74.18 -11.18 -24.12
CA GLN F 454 -73.28 -10.04 -24.06
C GLN F 454 -71.82 -10.47 -24.21
N TYR F 455 -71.44 -11.56 -23.53
CA TYR F 455 -70.10 -12.10 -23.60
C TYR F 455 -69.77 -12.61 -25.00
N SER F 456 -70.74 -13.26 -25.66
CA SER F 456 -70.50 -13.76 -27.01
C SER F 456 -70.37 -12.62 -28.00
N GLU F 457 -71.16 -11.57 -27.83
CA GLU F 457 -71.08 -10.39 -28.69
C GLU F 457 -69.74 -9.70 -28.57
N LEU F 458 -69.28 -9.50 -27.33
CA LEU F 458 -67.98 -8.86 -27.10
C LEU F 458 -66.85 -9.77 -27.57
N GLU F 459 -67.03 -11.08 -27.46
CA GLU F 459 -66.04 -12.04 -27.91
C GLU F 459 -65.89 -12.00 -29.43
N GLU F 460 -67.02 -11.95 -30.13
CA GLU F 460 -66.98 -11.90 -31.59
C GLU F 460 -66.43 -10.55 -32.06
N GLU F 461 -66.73 -9.48 -31.31
CA GLU F 461 -66.13 -8.18 -31.58
C GLU F 461 -64.62 -8.22 -31.41
N TRP F 462 -64.15 -8.93 -30.38
CA TRP F 462 -62.73 -9.07 -30.13
C TRP F 462 -62.04 -9.84 -31.24
N LYS F 463 -62.67 -10.92 -31.70
CA LYS F 463 -62.11 -11.70 -32.80
C LYS F 463 -62.11 -10.92 -34.11
N ALA F 464 -63.13 -10.06 -34.29
CA ALA F 464 -63.19 -9.23 -35.49
C ALA F 464 -62.08 -8.18 -35.49
N GLU F 465 -61.84 -7.57 -34.33
CA GLU F 465 -60.72 -6.62 -34.19
C GLU F 465 -59.39 -7.32 -34.41
N LYS F 466 -59.26 -8.56 -33.92
CA LYS F 466 -58.05 -9.33 -34.11
C LYS F 466 -57.82 -9.64 -35.59
N ALA F 467 -58.90 -9.97 -36.31
CA ALA F 467 -58.78 -10.25 -37.74
C ALA F 467 -58.43 -8.99 -38.51
N SER F 468 -58.97 -7.84 -38.07
CA SER F 468 -58.66 -6.56 -38.69
C SER F 468 -57.18 -6.22 -38.54
N LEU F 469 -56.66 -6.37 -37.33
CA LEU F 469 -55.25 -6.09 -37.10
C LEU F 469 -54.36 -7.12 -37.78
N SER F 470 -54.85 -8.35 -37.91
CA SER F 470 -54.09 -9.39 -38.59
C SER F 470 -53.91 -9.07 -40.06
N GLY F 471 -55.01 -8.71 -40.74
CA GLY F 471 -54.92 -8.32 -42.14
C GLY F 471 -54.09 -7.06 -42.34
N THR F 472 -54.24 -6.10 -41.41
CA THR F 472 -53.47 -4.86 -41.46
C THR F 472 -51.97 -5.12 -41.32
N GLN F 473 -51.58 -5.99 -40.40
CA GLN F 473 -50.15 -6.22 -40.19
C GLN F 473 -49.56 -7.08 -41.31
N THR F 474 -50.33 -8.03 -41.83
CA THR F 474 -49.85 -8.80 -42.98
C THR F 474 -49.64 -7.90 -44.20
N ILE F 475 -50.55 -6.95 -44.42
CA ILE F 475 -50.38 -6.12 -45.61
C ILE F 475 -49.30 -5.05 -45.37
N LYS F 476 -49.03 -4.72 -44.10
CA LYS F 476 -47.89 -3.88 -43.78
C LYS F 476 -46.57 -4.59 -44.07
N ALA F 477 -46.50 -5.87 -43.69
CA ALA F 477 -45.31 -6.67 -43.97
C ALA F 477 -45.14 -6.88 -45.47
N GLU F 478 -46.27 -6.96 -46.18
CA GLU F 478 -46.23 -7.00 -47.64
C GLU F 478 -45.67 -5.71 -48.22
N LEU F 479 -46.00 -4.58 -47.60
CA LEU F 479 -45.47 -3.30 -48.06
C LEU F 479 -43.97 -3.23 -47.84
N GLU F 480 -43.50 -3.71 -46.69
CA GLU F 480 -42.06 -3.70 -46.44
C GLU F 480 -41.31 -4.69 -47.34
N GLN F 481 -41.92 -5.85 -47.61
CA GLN F 481 -41.31 -6.79 -48.53
C GLN F 481 -41.28 -6.24 -49.96
N ALA F 482 -42.26 -5.41 -50.32
CA ALA F 482 -42.21 -4.72 -51.60
C ALA F 482 -41.06 -3.71 -51.63
N LYS F 483 -40.82 -3.04 -50.51
CA LYS F 483 -39.68 -2.12 -50.42
C LYS F 483 -38.35 -2.87 -50.55
N ILE F 484 -38.27 -4.04 -49.92
CA ILE F 484 -37.07 -4.89 -50.03
C ILE F 484 -36.87 -5.36 -51.46
N ALA F 485 -37.97 -5.73 -52.13
CA ALA F 485 -37.87 -6.22 -53.50
C ALA F 485 -37.48 -5.11 -54.47
N ILE F 486 -37.95 -3.88 -54.24
CA ILE F 486 -37.58 -2.81 -55.15
C ILE F 486 -36.16 -2.34 -54.85
N GLU F 487 -35.67 -2.52 -53.62
CA GLU F 487 -34.25 -2.32 -53.39
C GLU F 487 -33.39 -3.39 -54.05
N GLN F 488 -33.85 -4.64 -54.07
CA GLN F 488 -33.18 -5.68 -54.83
C GLN F 488 -33.19 -5.37 -56.32
N ALA F 489 -34.27 -4.75 -56.80
CA ALA F 489 -34.30 -4.32 -58.20
C ALA F 489 -33.34 -3.16 -58.45
N ARG F 490 -33.13 -2.30 -57.45
CA ARG F 490 -32.13 -1.24 -57.60
C ARG F 490 -30.71 -1.80 -57.61
N ARG F 491 -30.45 -2.85 -56.83
CA ARG F 491 -29.13 -3.48 -56.87
C ARG F 491 -28.92 -4.27 -58.16
N VAL F 492 -29.90 -5.06 -58.57
CA VAL F 492 -29.77 -5.91 -59.75
C VAL F 492 -29.98 -5.15 -61.06
N GLY F 493 -31.08 -4.41 -61.20
CA GLY F 493 -31.31 -3.66 -62.41
C GLY F 493 -32.32 -4.25 -63.38
N ASP F 494 -33.47 -4.69 -62.89
CA ASP F 494 -34.55 -5.10 -63.77
C ASP F 494 -35.33 -3.85 -64.21
N LEU F 495 -35.85 -3.90 -65.44
CA LEU F 495 -36.34 -2.69 -66.09
C LEU F 495 -37.78 -2.38 -65.74
N ALA F 496 -38.70 -3.28 -66.09
CA ALA F 496 -40.11 -3.05 -65.81
C ALA F 496 -40.44 -3.27 -64.34
N ARG F 497 -39.56 -3.98 -63.63
CA ARG F 497 -39.80 -4.32 -62.23
C ARG F 497 -39.79 -3.07 -61.35
N MET F 498 -38.89 -2.13 -61.67
CA MET F 498 -38.77 -0.87 -60.91
C MET F 498 -40.05 -0.06 -60.93
N SER F 499 -40.45 0.40 -62.11
CA SER F 499 -41.67 1.19 -62.26
C SER F 499 -42.92 0.39 -61.90
N GLU F 500 -42.92 -0.91 -62.19
CA GLU F 500 -44.07 -1.76 -61.84
C GLU F 500 -44.27 -1.83 -60.33
N LEU F 501 -43.23 -2.24 -59.59
CA LEU F 501 -43.31 -2.35 -58.14
C LEU F 501 -43.62 -1.01 -57.50
N GLN F 502 -42.95 0.07 -57.94
CA GLN F 502 -43.21 1.39 -57.38
C GLN F 502 -44.65 1.83 -57.61
N TYR F 503 -45.00 2.09 -58.87
CA TYR F 503 -46.24 2.77 -59.21
C TYR F 503 -47.46 1.89 -58.95
N GLY F 504 -47.31 0.56 -59.04
CA GLY F 504 -48.41 -0.27 -58.60
C GLY F 504 -48.42 -0.43 -57.10
N LYS F 505 -47.39 -1.08 -56.53
CA LYS F 505 -47.51 -1.69 -55.22
C LYS F 505 -47.45 -0.66 -54.10
N ILE F 506 -46.65 0.40 -54.24
CA ILE F 506 -46.48 1.34 -53.12
C ILE F 506 -47.74 2.16 -52.82
N PRO F 507 -48.34 2.90 -53.77
CA PRO F 507 -49.49 3.74 -53.36
C PRO F 507 -50.75 2.96 -53.03
N GLU F 508 -51.01 1.83 -53.69
CA GLU F 508 -52.23 1.10 -53.37
C GLU F 508 -52.14 0.43 -52.01
N LEU F 509 -50.97 -0.10 -51.65
CA LEU F 509 -50.83 -0.73 -50.35
C LEU F 509 -50.79 0.31 -49.24
N GLU F 510 -50.21 1.48 -49.52
CA GLU F 510 -50.27 2.55 -48.53
C GLU F 510 -51.69 3.06 -48.31
N LYS F 511 -52.47 3.21 -49.38
CA LYS F 511 -53.82 3.74 -49.19
C LYS F 511 -54.77 2.69 -48.60
N GLN F 512 -54.58 1.41 -48.90
CA GLN F 512 -55.43 0.43 -48.23
C GLN F 512 -54.92 0.06 -46.85
N LEU F 513 -53.64 0.31 -46.56
CA LEU F 513 -53.16 0.24 -45.20
C LEU F 513 -53.78 1.35 -44.36
N GLU F 514 -53.88 2.55 -44.94
CA GLU F 514 -54.57 3.62 -44.23
C GLU F 514 -56.08 3.43 -44.21
N ALA F 515 -56.64 2.72 -45.19
CA ALA F 515 -58.05 2.37 -45.12
C ALA F 515 -58.32 1.37 -44.02
N ALA F 516 -57.44 0.38 -43.85
CA ALA F 516 -57.51 -0.50 -42.69
C ALA F 516 -57.23 0.25 -41.40
N THR F 517 -56.39 1.28 -41.45
CA THR F 517 -56.09 2.08 -40.26
C THR F 517 -57.30 2.88 -39.80
N GLN F 518 -58.00 3.52 -40.73
CA GLN F 518 -59.22 4.24 -40.36
C GLN F 518 -60.37 3.28 -40.06
N LEU F 519 -60.36 2.09 -40.66
CA LEU F 519 -61.30 1.04 -40.29
C LEU F 519 -61.12 0.62 -38.84
N GLU F 520 -59.86 0.45 -38.43
CA GLU F 520 -59.56 0.18 -37.02
C GLU F 520 -59.96 1.36 -36.15
N GLY F 521 -59.56 2.58 -36.52
CA GLY F 521 -59.89 3.77 -35.74
C GLY F 521 -61.39 4.02 -35.61
N LYS F 522 -62.17 3.46 -36.52
CA LYS F 522 -63.59 3.24 -36.28
C LYS F 522 -63.82 2.17 -35.22
N THR F 523 -63.18 1.00 -35.35
CA THR F 523 -63.60 -0.12 -34.50
C THR F 523 -62.70 -0.37 -33.30
N MET F 524 -61.60 0.39 -33.12
CA MET F 524 -60.76 0.15 -31.94
C MET F 524 -61.49 0.65 -30.69
N ARG F 525 -62.24 -0.25 -30.08
CA ARG F 525 -62.98 0.08 -28.87
C ARG F 525 -62.20 -0.41 -27.66
N LEU F 526 -61.84 -1.68 -27.68
CA LEU F 526 -61.07 -2.25 -26.58
C LEU F 526 -59.59 -2.20 -26.81
N LEU F 527 -59.10 -1.84 -27.99
CA LEU F 527 -57.69 -2.04 -28.28
C LEU F 527 -57.06 -0.77 -28.86
N ARG F 528 -55.72 -0.73 -28.89
CA ARG F 528 -54.97 0.30 -29.57
C ARG F 528 -53.81 -0.35 -30.30
N ASN F 529 -53.28 0.34 -31.31
CA ASN F 529 -52.03 -0.12 -31.93
C ASN F 529 -50.99 0.98 -32.07
N LYS F 530 -51.39 2.24 -32.08
CA LYS F 530 -50.46 3.35 -32.20
C LYS F 530 -49.91 3.68 -30.84
N VAL F 531 -48.61 3.46 -30.65
CA VAL F 531 -47.98 3.70 -29.36
C VAL F 531 -47.89 5.19 -29.16
N THR F 532 -48.64 5.71 -28.21
CA THR F 532 -48.64 7.13 -27.96
C THR F 532 -47.54 7.50 -26.98
N ASP F 533 -47.37 8.81 -26.79
CA ASP F 533 -46.48 9.31 -25.77
C ASP F 533 -46.95 8.95 -24.38
N ALA F 534 -48.26 8.82 -24.19
CA ALA F 534 -48.80 8.36 -22.92
C ALA F 534 -48.35 6.94 -22.62
N GLU F 535 -48.28 6.10 -23.65
CA GLU F 535 -47.77 4.74 -23.46
C GLU F 535 -46.30 4.76 -23.07
N ILE F 536 -45.55 5.70 -23.64
CA ILE F 536 -44.15 5.84 -23.29
C ILE F 536 -44.01 6.30 -21.86
N ALA F 537 -44.88 7.20 -21.41
CA ALA F 537 -44.88 7.63 -20.03
C ALA F 537 -45.25 6.50 -19.09
N GLU F 538 -46.15 5.61 -19.53
CA GLU F 538 -46.48 4.44 -18.74
C GLU F 538 -45.29 3.50 -18.61
N VAL F 539 -44.57 3.28 -19.72
CA VAL F 539 -43.37 2.46 -19.70
C VAL F 539 -42.33 3.07 -18.78
N LEU F 540 -42.18 4.39 -18.84
CA LEU F 540 -41.14 5.07 -18.09
C LEU F 540 -41.47 5.10 -16.60
N ALA F 541 -42.76 5.24 -16.27
CA ALA F 541 -43.16 5.12 -14.88
C ALA F 541 -42.98 3.70 -14.38
N ARG F 542 -43.20 2.73 -15.25
CA ARG F 542 -42.83 1.36 -14.94
C ARG F 542 -41.32 1.22 -14.94
N TRP F 543 -40.62 1.99 -15.76
CA TRP F 543 -39.18 1.96 -15.76
C TRP F 543 -38.67 2.72 -14.54
N GLU F 553 -46.03 20.26 -17.98
CA GLU F 553 -45.25 19.15 -17.45
C GLU F 553 -44.21 19.63 -16.45
N SER F 554 -43.43 20.64 -16.82
CA SER F 554 -42.27 21.03 -16.04
C SER F 554 -42.41 22.40 -15.41
N GLU F 555 -42.61 23.46 -16.21
CA GLU F 555 -42.34 24.81 -15.74
C GLU F 555 -43.44 25.30 -14.79
N ARG F 556 -44.67 25.41 -15.29
CA ARG F 556 -45.74 25.96 -14.47
C ARG F 556 -46.17 24.99 -13.39
N GLU F 557 -46.17 23.69 -13.70
CA GLU F 557 -46.49 22.68 -12.69
C GLU F 557 -45.46 22.71 -11.56
N LYS F 558 -44.18 22.84 -11.92
CA LYS F 558 -43.13 22.94 -10.94
C LYS F 558 -43.27 24.21 -10.11
N LEU F 559 -43.66 25.30 -10.77
CA LEU F 559 -43.88 26.58 -10.10
C LEU F 559 -44.97 26.47 -9.04
N LEU F 560 -46.14 25.98 -9.45
CA LEU F 560 -47.30 25.97 -8.58
C LEU F 560 -47.14 24.97 -7.45
N ARG F 561 -46.65 23.77 -7.76
CA ARG F 561 -46.46 22.78 -6.72
C ARG F 561 -45.31 23.16 -5.79
N MET F 562 -44.32 23.91 -6.29
CA MET F 562 -43.27 24.41 -5.42
C MET F 562 -43.82 25.39 -4.40
N GLU F 563 -44.59 26.36 -4.88
CA GLU F 563 -45.23 27.34 -4.01
C GLU F 563 -46.16 26.68 -3.01
N GLN F 564 -46.80 25.59 -3.41
CA GLN F 564 -47.63 24.84 -2.47
C GLN F 564 -46.77 24.15 -1.42
N GLU F 565 -45.73 23.43 -1.85
CA GLU F 565 -44.91 22.64 -0.95
C GLU F 565 -44.05 23.48 -0.03
N LEU F 566 -43.96 24.79 -0.27
CA LEU F 566 -43.29 25.67 0.68
C LEU F 566 -44.00 25.70 2.03
N HIS F 567 -45.32 25.61 2.03
CA HIS F 567 -46.05 25.84 3.26
C HIS F 567 -46.12 24.62 4.16
N HIS F 568 -45.70 23.46 3.67
CA HIS F 568 -46.02 22.24 4.38
C HIS F 568 -45.04 22.00 5.52
N ARG F 569 -43.77 21.78 5.19
CA ARG F 569 -42.77 21.46 6.20
C ARG F 569 -42.36 22.71 6.94
N VAL F 570 -41.79 23.68 6.21
CA VAL F 570 -41.51 24.97 6.81
C VAL F 570 -42.83 25.69 7.03
N ILE F 571 -43.03 26.14 8.25
CA ILE F 571 -44.25 26.83 8.65
C ILE F 571 -43.99 28.34 8.62
N GLY F 572 -44.94 29.08 8.04
CA GLY F 572 -44.84 30.52 8.01
C GLY F 572 -43.81 31.00 6.99
N GLN F 573 -43.20 32.15 7.30
CA GLN F 573 -42.15 32.80 6.51
C GLN F 573 -42.63 33.07 5.08
N ASN F 574 -43.86 33.59 4.98
CA ASN F 574 -44.54 33.70 3.70
C ASN F 574 -43.87 34.72 2.80
N GLU F 575 -43.25 35.74 3.40
CA GLU F 575 -42.42 36.66 2.65
C GLU F 575 -41.24 35.94 2.01
N ALA F 576 -40.57 35.08 2.78
CA ALA F 576 -39.48 34.29 2.25
C ALA F 576 -39.98 33.25 1.25
N VAL F 577 -41.18 32.71 1.49
CA VAL F 577 -41.84 31.82 0.53
C VAL F 577 -41.96 32.48 -0.83
N ASP F 578 -42.49 33.70 -0.85
CA ASP F 578 -42.71 34.37 -2.12
C ASP F 578 -41.40 34.84 -2.73
N ALA F 579 -40.44 35.24 -1.91
CA ALA F 579 -39.16 35.72 -2.44
C ALA F 579 -38.38 34.58 -3.09
N VAL F 580 -38.31 33.42 -2.42
CA VAL F 580 -37.61 32.29 -2.99
C VAL F 580 -38.39 31.73 -4.17
N SER F 581 -39.73 31.87 -4.16
CA SER F 581 -40.52 31.49 -5.32
C SER F 581 -40.18 32.35 -6.52
N ASN F 582 -40.02 33.66 -6.30
CA ASN F 582 -39.60 34.56 -7.37
C ASN F 582 -38.22 34.22 -7.88
N ALA F 583 -37.32 33.85 -6.97
CA ALA F 583 -35.95 33.54 -7.36
C ALA F 583 -35.88 32.27 -8.18
N ILE F 584 -36.64 31.25 -7.78
CA ILE F 584 -36.70 30.01 -8.55
C ILE F 584 -37.37 30.25 -9.90
N ARG F 585 -38.36 31.14 -9.93
CA ARG F 585 -38.99 31.50 -11.20
C ARG F 585 -38.01 32.17 -12.14
N ARG F 586 -37.25 33.15 -11.64
CA ARG F 586 -36.27 33.82 -12.47
C ARG F 586 -35.10 32.91 -12.80
N SER F 587 -34.85 31.89 -11.98
CA SER F 587 -33.85 30.89 -12.28
C SER F 587 -34.28 30.03 -13.46
N ARG F 588 -35.43 29.35 -13.31
CA ARG F 588 -35.89 28.43 -14.34
C ARG F 588 -36.43 29.15 -15.57
N ALA F 589 -36.61 30.46 -15.51
CA ALA F 589 -36.78 31.23 -16.72
C ALA F 589 -35.53 31.15 -17.57
N GLY F 590 -34.36 31.33 -16.95
CA GLY F 590 -33.13 31.30 -17.69
C GLY F 590 -32.87 32.54 -18.53
N LEU F 591 -33.63 33.60 -18.34
CA LEU F 591 -33.40 34.84 -19.06
C LEU F 591 -32.54 35.81 -18.27
N ALA F 592 -32.07 35.39 -17.09
CA ALA F 592 -31.01 36.09 -16.39
C ALA F 592 -29.67 35.62 -16.96
N ASP F 593 -28.59 35.88 -16.25
CA ASP F 593 -27.29 35.36 -16.65
C ASP F 593 -27.25 33.85 -16.45
N PRO F 594 -27.16 33.04 -17.52
CA PRO F 594 -27.09 31.59 -17.32
C PRO F 594 -25.74 31.15 -16.81
N ASN F 595 -24.70 31.98 -16.97
CA ASN F 595 -23.38 31.69 -16.48
C ASN F 595 -23.24 31.90 -14.99
N ARG F 596 -24.16 32.50 -14.41
CA ARG F 596 -24.26 32.47 -12.97
C ARG F 596 -24.83 31.13 -12.53
N PRO F 597 -24.50 30.66 -11.33
CA PRO F 597 -25.15 29.45 -10.81
C PRO F 597 -26.60 29.70 -10.47
N ILE F 598 -27.33 28.61 -10.24
CA ILE F 598 -28.77 28.69 -10.00
C ILE F 598 -29.06 29.40 -8.70
N GLY F 599 -28.45 28.94 -7.60
CA GLY F 599 -28.73 29.50 -6.30
C GLY F 599 -27.66 30.49 -5.88
N SER F 600 -28.12 31.65 -5.43
CA SER F 600 -27.26 32.62 -4.75
C SER F 600 -28.16 33.27 -3.70
N PHE F 601 -27.96 32.92 -2.43
CA PHE F 601 -28.93 33.22 -1.39
C PHE F 601 -28.23 33.52 -0.08
N LEU F 602 -28.61 34.63 0.56
CA LEU F 602 -28.28 34.89 1.95
C LEU F 602 -29.57 34.90 2.76
N PHE F 603 -29.62 34.05 3.77
CA PHE F 603 -30.83 33.89 4.57
C PHE F 603 -30.55 34.42 5.96
N LEU F 604 -31.13 35.57 6.28
CA LEU F 604 -30.87 36.17 7.57
C LEU F 604 -31.98 35.85 8.55
N GLY F 605 -31.60 35.72 9.82
CA GLY F 605 -32.53 35.41 10.87
C GLY F 605 -31.84 34.69 12.01
N PRO F 606 -32.57 34.48 13.10
CA PRO F 606 -32.02 33.67 14.21
C PRO F 606 -31.96 32.19 13.88
N THR F 607 -31.53 31.36 14.82
CA THR F 607 -31.51 29.94 14.55
C THR F 607 -32.81 29.30 15.01
N GLY F 608 -32.88 27.99 14.81
CA GLY F 608 -34.08 27.22 14.92
C GLY F 608 -34.92 27.11 13.65
N VAL F 609 -34.91 28.12 12.79
CA VAL F 609 -36.17 28.67 12.25
C VAL F 609 -36.58 28.02 10.93
N GLY F 610 -36.11 26.82 10.65
CA GLY F 610 -36.48 26.19 9.41
C GLY F 610 -35.49 26.41 8.30
N LYS F 611 -34.32 26.97 8.60
CA LYS F 611 -33.33 27.28 7.58
C LYS F 611 -32.84 26.01 6.91
N THR F 612 -32.36 25.07 7.72
CA THR F 612 -32.01 23.76 7.23
C THR F 612 -33.24 23.06 6.67
N GLU F 613 -34.40 23.29 7.28
CA GLU F 613 -35.64 22.74 6.76
C GLU F 613 -36.01 23.37 5.43
N LEU F 614 -35.70 24.65 5.25
CA LEU F 614 -35.96 25.27 3.95
C LEU F 614 -35.02 24.70 2.90
N CYS F 615 -33.77 24.47 3.26
CA CYS F 615 -32.82 23.85 2.34
C CYS F 615 -33.28 22.45 1.95
N LYS F 616 -33.79 21.69 2.91
CA LYS F 616 -34.25 20.34 2.61
C LYS F 616 -35.55 20.34 1.82
N ALA F 617 -36.40 21.34 2.01
CA ALA F 617 -37.62 21.43 1.21
C ALA F 617 -37.30 21.85 -0.22
N LEU F 618 -36.34 22.76 -0.37
CA LEU F 618 -35.84 23.11 -1.69
C LEU F 618 -35.23 21.92 -2.38
N ALA F 619 -34.49 21.09 -1.65
CA ALA F 619 -34.02 19.83 -2.19
C ALA F 619 -35.20 18.92 -2.52
N ASN F 620 -36.21 18.93 -1.65
CA ASN F 620 -37.35 18.04 -1.73
C ASN F 620 -38.20 18.31 -2.95
N PHE F 621 -38.19 19.54 -3.47
CA PHE F 621 -38.97 19.74 -4.67
C PHE F 621 -38.15 20.14 -5.89
N MET F 622 -37.15 21.00 -5.75
CA MET F 622 -36.31 21.27 -6.91
C MET F 622 -35.48 20.04 -7.24
N PHE F 623 -34.79 19.49 -6.25
CA PHE F 623 -33.95 18.35 -6.47
C PHE F 623 -34.62 17.05 -6.04
N ASP F 624 -35.86 17.14 -5.55
CA ASP F 624 -36.80 16.03 -5.47
C ASP F 624 -36.34 14.92 -4.54
N SER F 625 -35.45 15.24 -3.61
CA SER F 625 -34.93 14.22 -2.70
C SER F 625 -34.40 14.91 -1.45
N ASP F 626 -34.02 14.10 -0.47
CA ASP F 626 -33.47 14.63 0.76
C ASP F 626 -31.97 14.87 0.62
N GLU F 627 -31.20 13.83 0.29
CA GLU F 627 -29.74 13.95 0.29
C GLU F 627 -29.21 14.49 -1.03
N ALA F 628 -29.85 15.51 -1.57
CA ALA F 628 -29.22 16.36 -2.57
C ALA F 628 -28.75 17.67 -1.94
N MET F 629 -27.92 17.56 -0.90
CA MET F 629 -27.40 18.73 -0.24
C MET F 629 -26.05 18.40 0.36
N VAL F 630 -25.26 19.45 0.59
CA VAL F 630 -23.94 19.34 1.17
C VAL F 630 -23.88 20.39 2.28
N ARG F 631 -23.95 19.95 3.53
CA ARG F 631 -23.95 20.88 4.65
C ARG F 631 -22.50 21.23 5.00
N ILE F 632 -22.15 22.50 4.86
CA ILE F 632 -20.87 23.05 5.30
C ILE F 632 -21.12 24.41 5.92
N ASP F 633 -20.70 24.61 7.17
CA ASP F 633 -20.72 25.92 7.79
C ASP F 633 -19.41 26.62 7.47
N MET F 634 -19.44 27.94 7.45
CA MET F 634 -18.20 28.70 7.32
C MET F 634 -17.67 29.12 8.67
N SER F 635 -18.20 28.54 9.74
CA SER F 635 -17.74 28.84 11.09
C SER F 635 -16.39 28.20 11.38
N GLU F 636 -16.08 27.11 10.71
CA GLU F 636 -14.82 26.42 10.88
C GLU F 636 -13.70 27.03 10.08
N PHE F 637 -13.99 28.08 9.32
CA PHE F 637 -13.14 28.59 8.26
C PHE F 637 -12.75 30.03 8.54
N MET F 638 -12.66 30.39 9.82
CA MET F 638 -11.96 31.60 10.22
C MET F 638 -10.46 31.45 10.03
N GLU F 639 -9.96 30.22 10.05
CA GLU F 639 -8.55 29.95 9.91
C GLU F 639 -8.11 30.18 8.48
N LYS F 640 -6.80 30.45 8.32
CA LYS F 640 -6.22 30.81 7.03
C LYS F 640 -6.29 29.69 6.02
N HIS F 641 -6.35 28.44 6.46
CA HIS F 641 -6.37 27.31 5.56
C HIS F 641 -7.80 26.86 5.26
N SER F 642 -8.65 27.82 4.91
CA SER F 642 -10.03 27.49 4.61
C SER F 642 -10.15 26.92 3.21
N VAL F 643 -9.51 27.58 2.24
CA VAL F 643 -9.61 27.16 0.84
C VAL F 643 -8.92 25.82 0.64
N SER F 644 -7.91 25.51 1.46
CA SER F 644 -7.17 24.27 1.31
C SER F 644 -8.01 23.07 1.71
N ARG F 645 -8.51 23.05 2.94
CA ARG F 645 -9.31 21.94 3.42
C ARG F 645 -10.68 21.92 2.77
N LEU F 646 -11.19 23.10 2.43
CA LEU F 646 -12.50 23.23 1.83
C LEU F 646 -12.51 22.74 0.40
N VAL F 647 -11.47 23.06 -0.35
CA VAL F 647 -11.52 23.09 -1.80
C VAL F 647 -10.60 22.03 -2.40
N GLY F 648 -9.38 21.93 -1.89
CA GLY F 648 -8.38 21.10 -2.51
C GLY F 648 -7.09 21.88 -2.57
N ALA F 649 -5.96 21.22 -2.34
CA ALA F 649 -4.75 21.93 -1.95
C ALA F 649 -3.55 21.19 -2.54
N PRO F 650 -2.35 21.76 -2.44
CA PRO F 650 -1.15 20.94 -2.50
C PRO F 650 -1.00 20.08 -1.26
N PRO F 651 -0.98 18.75 -1.42
CA PRO F 651 -1.17 17.84 -0.29
C PRO F 651 -0.09 17.77 0.77
N GLY F 652 -0.29 16.80 1.66
CA GLY F 652 0.13 16.86 3.03
C GLY F 652 -1.02 16.98 4.01
N TYR F 653 -2.24 17.17 3.52
CA TYR F 653 -3.46 17.37 4.31
C TYR F 653 -4.20 16.04 4.45
N VAL F 654 -5.42 16.14 4.97
CA VAL F 654 -6.35 15.01 5.04
C VAL F 654 -7.35 15.04 3.91
N GLY F 655 -8.05 16.16 3.75
CA GLY F 655 -9.09 16.28 2.74
C GLY F 655 -8.57 16.45 1.33
N TYR F 656 -7.74 15.50 0.90
CA TYR F 656 -7.27 15.37 -0.47
C TYR F 656 -7.61 14.01 -1.05
N GLU F 657 -7.28 12.93 -0.34
CA GLU F 657 -7.66 11.59 -0.78
C GLU F 657 -9.16 11.37 -0.59
N GLU F 658 -9.78 12.13 0.31
CA GLU F 658 -11.22 12.24 0.41
C GLU F 658 -11.80 13.00 -0.76
N GLY F 659 -10.96 13.70 -1.52
CA GLY F 659 -11.41 14.77 -2.37
C GLY F 659 -11.22 16.11 -1.69
N GLY F 660 -12.27 16.57 -1.02
CA GLY F 660 -12.23 17.80 -0.25
C GLY F 660 -13.53 17.93 0.53
N TYR F 661 -13.72 19.11 1.11
CA TYR F 661 -14.99 19.36 1.78
C TYR F 661 -16.09 19.66 0.78
N LEU F 662 -15.88 20.65 -0.10
CA LEU F 662 -16.96 21.24 -0.85
C LEU F 662 -16.91 20.92 -2.33
N THR F 663 -15.81 21.29 -3.00
CA THR F 663 -15.74 21.19 -4.45
C THR F 663 -15.73 19.74 -4.89
N GLU F 664 -15.06 18.89 -4.13
CA GLU F 664 -15.00 17.52 -4.56
C GLU F 664 -16.21 16.72 -4.11
N ALA F 665 -16.99 17.24 -3.16
CA ALA F 665 -18.30 16.67 -2.89
C ALA F 665 -19.33 17.13 -3.93
N VAL F 666 -19.13 18.31 -4.53
CA VAL F 666 -19.91 18.64 -5.72
C VAL F 666 -19.45 17.78 -6.89
N ARG F 667 -18.17 17.40 -6.91
CA ARG F 667 -17.74 16.39 -7.86
C ARG F 667 -18.40 15.04 -7.55
N ARG F 668 -18.70 14.78 -6.28
CA ARG F 668 -19.57 13.66 -5.96
C ARG F 668 -21.02 13.97 -6.32
N ARG F 669 -21.51 15.15 -5.95
CA ARG F 669 -22.92 15.51 -6.07
C ARG F 669 -23.08 16.74 -6.95
N PRO F 670 -23.14 16.58 -8.27
CA PRO F 670 -23.29 17.75 -9.16
C PRO F 670 -24.70 18.31 -9.20
N TYR F 671 -25.61 17.71 -8.48
CA TYR F 671 -27.04 18.02 -8.53
C TYR F 671 -27.47 18.15 -7.07
N SER F 672 -27.25 19.32 -6.49
CA SER F 672 -27.26 19.45 -5.03
C SER F 672 -27.57 20.89 -4.63
N VAL F 673 -27.59 21.13 -3.33
CA VAL F 673 -27.86 22.44 -2.73
C VAL F 673 -26.78 22.72 -1.71
N ILE F 674 -26.19 23.91 -1.77
CA ILE F 674 -25.07 24.24 -0.90
C ILE F 674 -25.53 25.25 0.12
N LEU F 675 -25.42 24.87 1.40
CA LEU F 675 -25.58 25.80 2.52
C LEU F 675 -24.22 26.33 2.92
N LEU F 676 -24.16 27.60 3.30
CA LEU F 676 -22.95 28.16 3.91
C LEU F 676 -23.38 28.91 5.16
N ASP F 677 -23.41 28.20 6.27
CA ASP F 677 -23.75 28.84 7.53
C ASP F 677 -22.57 29.65 8.04
N ALA F 678 -22.90 30.70 8.80
CA ALA F 678 -21.95 31.52 9.56
C ALA F 678 -20.93 32.18 8.64
N VAL F 679 -21.44 33.01 7.73
CA VAL F 679 -20.59 33.79 6.84
C VAL F 679 -19.98 34.98 7.58
N GLU F 680 -20.45 35.28 8.79
CA GLU F 680 -19.77 36.24 9.65
C GLU F 680 -18.43 35.73 10.15
N LYS F 681 -18.15 34.44 10.02
CA LYS F 681 -16.92 33.80 10.45
C LYS F 681 -15.93 33.70 9.30
N ALA F 682 -15.87 34.72 8.46
CA ALA F 682 -15.24 34.58 7.16
C ALA F 682 -13.76 34.90 7.20
N HIS F 683 -13.21 35.04 6.00
CA HIS F 683 -11.80 35.23 5.73
C HIS F 683 -11.70 35.73 4.29
N PRO F 684 -10.60 36.37 3.91
CA PRO F 684 -10.44 36.74 2.50
C PRO F 684 -10.46 35.57 1.52
N ASP F 685 -10.03 34.37 1.91
CA ASP F 685 -10.21 33.24 1.01
C ASP F 685 -11.53 32.52 1.26
N VAL F 686 -12.59 33.30 1.42
CA VAL F 686 -13.94 32.80 1.53
C VAL F 686 -14.76 33.57 0.53
N PHE F 687 -14.69 34.90 0.63
CA PHE F 687 -15.42 35.78 -0.28
C PHE F 687 -14.95 35.57 -1.71
N ASN F 688 -13.65 35.40 -1.89
CA ASN F 688 -13.06 35.37 -3.22
C ASN F 688 -13.42 34.09 -3.96
N ILE F 689 -13.33 32.96 -3.26
CA ILE F 689 -13.82 31.69 -3.80
C ILE F 689 -15.31 31.78 -4.11
N LEU F 690 -16.07 32.40 -3.21
CA LEU F 690 -17.49 32.61 -3.45
C LEU F 690 -17.76 33.59 -4.58
N LEU F 691 -16.90 34.58 -4.80
CA LEU F 691 -17.13 35.46 -5.94
C LEU F 691 -16.81 34.75 -7.25
N GLN F 692 -15.84 33.83 -7.25
CA GLN F 692 -15.63 33.00 -8.42
C GLN F 692 -16.81 32.06 -8.66
N VAL F 693 -17.46 31.62 -7.58
CA VAL F 693 -18.70 30.86 -7.70
C VAL F 693 -19.78 31.73 -8.32
N LEU F 694 -19.98 32.93 -7.77
CA LEU F 694 -21.05 33.83 -8.19
C LEU F 694 -20.91 34.24 -9.64
N ASP F 695 -19.69 34.43 -10.10
CA ASP F 695 -19.52 34.79 -11.49
C ASP F 695 -19.55 33.55 -12.38
N ASP F 696 -18.96 32.44 -11.92
CA ASP F 696 -18.62 31.34 -12.79
C ASP F 696 -19.51 30.12 -12.60
N GLY F 697 -19.54 29.57 -11.41
CA GLY F 697 -20.06 28.22 -11.25
C GLY F 697 -18.96 27.19 -11.37
N ARG F 698 -18.19 27.23 -12.44
CA ARG F 698 -16.98 26.43 -12.48
C ARG F 698 -15.94 27.04 -11.55
N LEU F 699 -15.22 26.21 -10.82
CA LEU F 699 -14.44 26.73 -9.71
C LEU F 699 -13.11 26.00 -9.60
N THR F 700 -12.02 26.76 -9.52
CA THR F 700 -10.68 26.20 -9.51
C THR F 700 -10.39 25.54 -8.16
N ASP F 701 -10.19 24.23 -8.19
CA ASP F 701 -9.77 23.52 -6.99
C ASP F 701 -8.24 23.54 -6.89
N GLY F 702 -7.70 22.71 -6.01
CA GLY F 702 -6.27 22.45 -6.04
C GLY F 702 -5.89 21.45 -7.11
N GLN F 703 -6.74 20.45 -7.36
CA GLN F 703 -6.39 19.37 -8.28
C GLN F 703 -6.48 19.79 -9.74
N GLY F 704 -7.09 20.93 -10.04
CA GLY F 704 -7.07 21.46 -11.39
C GLY F 704 -8.24 21.07 -12.26
N ARG F 705 -9.34 20.61 -11.68
CA ARG F 705 -10.49 20.13 -12.43
C ARG F 705 -11.74 20.82 -11.93
N THR F 706 -12.11 21.91 -12.60
CA THR F 706 -13.23 22.73 -12.16
C THR F 706 -14.55 22.01 -12.42
N VAL F 707 -15.45 22.07 -11.45
CA VAL F 707 -16.78 21.50 -11.58
C VAL F 707 -17.77 22.65 -11.57
N ASP F 708 -18.70 22.64 -12.51
CA ASP F 708 -19.67 23.71 -12.62
C ASP F 708 -20.64 23.67 -11.43
N PHE F 709 -21.15 24.85 -11.06
CA PHE F 709 -22.15 24.96 -10.00
C PHE F 709 -23.49 25.44 -10.52
N ARG F 710 -23.66 25.49 -11.84
CA ARG F 710 -24.86 26.03 -12.45
C ARG F 710 -25.98 24.99 -12.57
N ASN F 711 -25.82 23.82 -11.97
CA ASN F 711 -26.93 22.92 -11.72
C ASN F 711 -27.26 22.82 -10.24
N THR F 712 -26.71 23.72 -9.42
CA THR F 712 -26.81 23.63 -7.97
C THR F 712 -27.19 24.97 -7.37
N VAL F 713 -27.55 24.92 -6.10
CA VAL F 713 -28.06 26.07 -5.36
C VAL F 713 -27.10 26.39 -4.22
N VAL F 714 -26.67 27.64 -4.16
CA VAL F 714 -25.75 28.10 -3.12
C VAL F 714 -26.52 29.01 -2.19
N ILE F 715 -26.49 28.68 -0.90
CA ILE F 715 -27.23 29.40 0.13
C ILE F 715 -26.27 29.79 1.23
N MET F 716 -26.32 31.04 1.66
CA MET F 716 -25.61 31.46 2.86
C MET F 716 -26.62 31.87 3.93
N THR F 717 -26.15 31.82 5.18
CA THR F 717 -26.91 32.33 6.31
C THR F 717 -25.97 33.09 7.23
N SER F 718 -26.54 33.98 8.03
CA SER F 718 -25.76 34.71 9.03
C SER F 718 -26.66 35.10 10.18
N ASN F 719 -26.05 35.79 11.16
CA ASN F 719 -26.78 36.23 12.34
C ASN F 719 -26.42 37.66 12.74
N LEU F 720 -25.88 38.43 11.79
CA LEU F 720 -25.30 39.73 12.13
C LEU F 720 -26.37 40.74 12.48
N GLY F 721 -27.25 41.05 11.53
CA GLY F 721 -28.40 41.86 11.85
C GLY F 721 -29.55 41.09 12.45
N SER F 722 -29.35 39.81 12.76
CA SER F 722 -30.42 39.00 13.34
C SER F 722 -30.71 39.38 14.78
N ASP F 723 -29.82 40.14 15.41
CA ASP F 723 -30.17 40.80 16.67
C ASP F 723 -31.33 41.75 16.45
N LEU F 724 -31.26 42.54 15.37
CA LEU F 724 -32.35 43.42 15.02
C LEU F 724 -33.57 42.64 14.54
N ILE F 725 -33.38 41.45 13.97
CA ILE F 725 -34.51 40.65 13.55
C ILE F 725 -35.25 40.08 14.77
N GLN F 726 -34.51 39.61 15.77
CA GLN F 726 -35.10 39.20 17.03
C GLN F 726 -35.73 40.38 17.76
N GLU F 727 -35.17 41.58 17.58
CA GLU F 727 -35.65 42.74 18.30
C GLU F 727 -36.93 43.30 17.70
N ARG F 728 -36.87 43.73 16.44
CA ARG F 728 -37.88 44.59 15.85
C ARG F 728 -38.58 43.97 14.66
N PHE F 729 -38.82 42.66 14.67
CA PHE F 729 -39.73 42.14 13.66
C PHE F 729 -41.15 42.55 13.95
N GLY F 730 -41.52 42.60 15.23
CA GLY F 730 -42.82 43.13 15.60
C GLY F 730 -42.92 44.62 15.29
N GLU F 731 -44.13 45.02 14.88
CA GLU F 731 -44.53 46.37 14.42
C GLU F 731 -43.55 47.02 13.43
N LEU F 732 -42.85 46.21 12.64
CA LEU F 732 -42.08 46.72 11.51
C LEU F 732 -42.37 45.84 10.30
N ASP F 733 -42.13 46.39 9.12
CA ASP F 733 -42.47 45.72 7.88
C ASP F 733 -41.38 44.72 7.50
N TYR F 734 -41.44 44.25 6.26
CA TYR F 734 -40.47 43.31 5.73
C TYR F 734 -39.49 43.94 4.76
N ALA F 735 -39.96 44.85 3.92
CA ALA F 735 -39.09 45.43 2.89
C ALA F 735 -38.08 46.39 3.49
N HIS F 736 -38.53 47.29 4.38
CA HIS F 736 -37.61 48.24 4.98
C HIS F 736 -36.68 47.57 5.97
N MET F 737 -37.18 46.53 6.65
CA MET F 737 -36.31 45.71 7.49
C MET F 737 -35.25 45.01 6.66
N LYS F 738 -35.63 44.49 5.49
CA LYS F 738 -34.67 43.85 4.60
C LYS F 738 -33.65 44.86 4.09
N GLU F 739 -34.10 46.07 3.80
CA GLU F 739 -33.19 47.11 3.33
C GLU F 739 -32.22 47.54 4.42
N LEU F 740 -32.71 47.70 5.65
CA LEU F 740 -31.85 48.10 6.75
C LEU F 740 -30.85 47.00 7.10
N VAL F 741 -31.27 45.75 7.08
CA VAL F 741 -30.33 44.69 7.39
C VAL F 741 -29.39 44.43 6.21
N LEU F 742 -29.78 44.77 4.99
CA LEU F 742 -28.83 44.73 3.88
C LEU F 742 -27.79 45.81 4.02
N GLY F 743 -28.20 46.97 4.55
CA GLY F 743 -27.22 47.97 4.95
C GLY F 743 -26.30 47.49 6.05
N VAL F 744 -26.82 46.70 6.99
CA VAL F 744 -26.01 46.12 8.05
C VAL F 744 -24.99 45.14 7.47
N VAL F 745 -25.40 44.33 6.50
CA VAL F 745 -24.48 43.42 5.83
C VAL F 745 -23.44 44.21 5.04
N SER F 746 -23.85 45.34 4.47
CA SER F 746 -22.90 46.23 3.80
C SER F 746 -21.92 46.86 4.79
N HIS F 747 -22.34 47.03 6.05
CA HIS F 747 -21.37 47.38 7.09
C HIS F 747 -20.41 46.23 7.33
N ASN F 748 -20.94 45.01 7.42
CA ASN F 748 -20.11 43.86 7.75
C ASN F 748 -19.24 43.45 6.57
N PHE F 749 -19.85 43.31 5.40
CA PHE F 749 -19.14 42.79 4.24
C PHE F 749 -18.78 43.89 3.28
N ARG F 750 -18.08 43.52 2.26
CA ARG F 750 -17.92 44.43 1.15
C ARG F 750 -19.16 44.35 0.26
N PRO F 751 -19.70 45.49 -0.15
CA PRO F 751 -20.95 45.46 -0.95
C PRO F 751 -20.77 44.86 -2.33
N GLU F 752 -19.55 44.83 -2.87
CA GLU F 752 -19.31 44.12 -4.12
C GLU F 752 -19.42 42.61 -3.95
N PHE F 753 -19.27 42.11 -2.73
CA PHE F 753 -19.50 40.70 -2.48
C PHE F 753 -20.99 40.38 -2.47
N ILE F 754 -21.78 41.23 -1.83
CA ILE F 754 -23.15 40.86 -1.48
C ILE F 754 -24.13 41.26 -2.57
N ASN F 755 -23.62 41.77 -3.69
CA ASN F 755 -24.51 42.25 -4.74
C ASN F 755 -24.59 41.30 -5.92
N ARG F 756 -23.78 40.24 -5.94
CA ARG F 756 -23.93 39.20 -6.95
C ARG F 756 -24.92 38.13 -6.51
N ILE F 757 -25.41 38.23 -5.27
CA ILE F 757 -26.44 37.35 -4.76
C ILE F 757 -27.76 37.69 -5.45
N ASP F 758 -28.63 36.68 -5.63
CA ASP F 758 -29.95 36.95 -6.20
C ASP F 758 -30.79 37.75 -5.23
N GLU F 759 -31.00 37.25 -4.01
CA GLU F 759 -31.78 37.99 -3.02
C GLU F 759 -31.38 37.58 -1.62
N VAL F 760 -31.21 38.58 -0.76
CA VAL F 760 -30.97 38.38 0.66
C VAL F 760 -32.30 38.55 1.38
N VAL F 761 -32.78 37.51 2.05
CA VAL F 761 -34.07 37.57 2.71
C VAL F 761 -33.90 37.44 4.22
N VAL F 762 -35.01 37.64 4.93
CA VAL F 762 -35.05 37.75 6.38
C VAL F 762 -35.96 36.65 6.91
N PHE F 763 -35.51 35.97 7.97
CA PHE F 763 -36.33 34.98 8.64
C PHE F 763 -36.70 35.51 10.01
N HIS F 764 -38.00 35.70 10.24
CA HIS F 764 -38.45 36.25 11.50
C HIS F 764 -38.41 35.21 12.61
N PRO F 765 -38.39 35.66 13.87
CA PRO F 765 -38.58 34.72 14.99
C PRO F 765 -39.98 34.12 14.97
N LEU F 766 -40.02 32.79 15.07
CA LEU F 766 -41.26 32.04 15.02
C LEU F 766 -41.94 32.05 16.39
N GLY F 767 -43.04 32.78 16.49
CA GLY F 767 -43.53 33.16 17.82
C GLY F 767 -44.43 32.13 18.49
N GLU F 768 -45.63 31.90 17.98
CA GLU F 768 -46.60 31.09 18.69
C GLU F 768 -47.11 29.90 17.90
N GLN F 769 -47.68 30.16 16.74
CA GLN F 769 -48.39 29.11 16.03
C GLN F 769 -47.43 28.21 15.28
N HIS F 770 -46.27 28.75 14.90
CA HIS F 770 -45.22 27.92 14.33
C HIS F 770 -44.71 26.95 15.38
N ILE F 771 -44.58 27.44 16.62
CA ILE F 771 -44.17 26.63 17.75
C ILE F 771 -45.20 25.55 18.02
N ALA F 772 -46.48 25.93 18.02
CA ALA F 772 -47.55 24.98 18.26
C ALA F 772 -47.60 23.92 17.17
N SER F 773 -47.37 24.32 15.93
CA SER F 773 -47.39 23.40 14.81
C SER F 773 -46.24 22.41 14.86
N ILE F 774 -45.01 22.89 15.13
CA ILE F 774 -43.89 21.97 15.09
C ILE F 774 -43.88 21.08 16.33
N ALA F 775 -44.32 21.59 17.49
CA ALA F 775 -44.50 20.74 18.65
C ALA F 775 -45.60 19.73 18.42
N GLN F 776 -46.61 20.12 17.65
CA GLN F 776 -47.67 19.19 17.30
C GLN F 776 -47.18 18.13 16.35
N ILE F 777 -46.25 18.48 15.46
CA ILE F 777 -45.61 17.49 14.58
C ILE F 777 -44.85 16.46 15.40
N GLN F 778 -44.10 16.93 16.40
CA GLN F 778 -43.34 15.99 17.21
C GLN F 778 -44.27 15.17 18.10
N LEU F 779 -45.37 15.77 18.54
CA LEU F 779 -46.37 15.03 19.29
C LEU F 779 -47.04 13.96 18.43
N LYS F 780 -47.27 14.27 17.16
CA LYS F 780 -47.94 13.30 16.29
C LYS F 780 -47.02 12.16 15.92
N ARG F 781 -45.73 12.43 15.70
CA ARG F 781 -44.84 11.32 15.46
C ARG F 781 -44.60 10.51 16.72
N LEU F 782 -44.70 11.16 17.89
CA LEU F 782 -44.69 10.43 19.15
C LEU F 782 -45.91 9.53 19.26
N TYR F 783 -47.07 10.05 18.85
CA TYR F 783 -48.30 9.26 18.82
C TYR F 783 -48.17 8.10 17.86
N LYS F 784 -47.46 8.34 16.75
CA LYS F 784 -47.23 7.31 15.75
C LYS F 784 -46.37 6.18 16.30
N ARG F 785 -45.30 6.53 17.00
CA ARG F 785 -44.45 5.49 17.56
C ARG F 785 -45.13 4.76 18.71
N LEU F 786 -46.00 5.44 19.44
CA LEU F 786 -46.72 4.70 20.46
C LEU F 786 -47.92 3.95 19.90
N GLU F 787 -48.37 4.29 18.70
CA GLU F 787 -49.27 3.42 17.96
C GLU F 787 -48.55 2.15 17.55
N GLU F 788 -47.29 2.29 17.14
CA GLU F 788 -46.45 1.12 16.91
C GLU F 788 -46.29 0.31 18.17
N ARG F 789 -46.26 0.98 19.32
CA ARG F 789 -46.42 0.28 20.58
C ARG F 789 -47.88 -0.12 20.81
N GLY F 790 -48.83 0.73 20.45
CA GLY F 790 -50.22 0.40 20.65
C GLY F 790 -50.94 1.35 21.59
N TYR F 791 -50.57 2.62 21.58
CA TYR F 791 -51.10 3.59 22.54
C TYR F 791 -51.83 4.73 21.83
N GLU F 792 -52.70 5.39 22.59
CA GLU F 792 -53.60 6.42 22.05
C GLU F 792 -53.61 7.60 23.00
N ILE F 793 -52.96 8.69 22.63
CA ILE F 793 -52.69 9.78 23.55
C ILE F 793 -53.22 11.08 22.96
N HIS F 794 -53.91 11.86 23.79
CA HIS F 794 -54.35 13.20 23.42
C HIS F 794 -53.68 14.22 24.32
N ILE F 795 -53.39 15.38 23.75
CA ILE F 795 -52.71 16.46 24.47
C ILE F 795 -53.71 17.54 24.82
N SER F 796 -53.53 18.16 25.99
CA SER F 796 -54.28 19.36 26.30
C SER F 796 -53.59 20.57 25.70
N ASP F 797 -54.40 21.56 25.34
CA ASP F 797 -53.86 22.77 24.76
C ASP F 797 -53.22 23.68 25.79
N GLU F 798 -53.61 23.56 27.05
CA GLU F 798 -52.88 24.25 28.11
C GLU F 798 -51.48 23.67 28.25
N ALA F 799 -51.37 22.35 28.12
CA ALA F 799 -50.06 21.71 28.06
C ALA F 799 -49.27 22.20 26.86
N LEU F 800 -49.97 22.44 25.74
CA LEU F 800 -49.33 23.04 24.58
C LEU F 800 -48.84 24.45 24.88
N LYS F 801 -49.60 25.19 25.67
CA LYS F 801 -49.19 26.56 26.02
C LYS F 801 -47.96 26.55 26.89
N LEU F 802 -47.92 25.65 27.87
CA LEU F 802 -46.74 25.53 28.71
C LEU F 802 -45.55 25.01 27.93
N LEU F 803 -45.78 24.18 26.92
CA LEU F 803 -44.67 23.78 26.06
C LEU F 803 -44.20 24.94 25.19
N SER F 804 -45.11 25.81 24.78
CA SER F 804 -44.72 26.98 24.00
C SER F 804 -43.90 27.93 24.85
N GLU F 805 -44.23 28.02 26.14
CA GLU F 805 -43.45 28.89 27.01
C GLU F 805 -42.12 28.25 27.35
N ASN F 806 -42.14 26.99 27.74
CA ASN F 806 -40.94 26.30 28.16
C ASN F 806 -40.03 25.96 27.00
N GLY F 807 -40.54 25.97 25.78
CA GLY F 807 -39.78 25.46 24.68
C GLY F 807 -39.11 26.48 23.80
N TYR F 808 -39.69 27.67 23.68
CA TYR F 808 -39.13 28.71 22.84
C TYR F 808 -38.33 29.67 23.68
N ASP F 809 -37.13 29.96 23.22
CA ASP F 809 -36.33 31.05 23.74
C ASP F 809 -36.10 32.07 22.63
N PRO F 810 -35.84 33.34 22.98
CA PRO F 810 -35.59 34.34 21.93
C PRO F 810 -34.28 34.15 21.20
N VAL F 811 -33.42 33.23 21.60
CA VAL F 811 -32.12 33.12 20.97
C VAL F 811 -32.02 31.89 20.07
N TYR F 812 -32.68 30.79 20.45
CA TYR F 812 -32.42 29.52 19.78
C TYR F 812 -33.66 28.90 19.15
N GLY F 813 -34.75 28.77 19.89
CA GLY F 813 -35.98 28.32 19.26
C GLY F 813 -36.32 26.84 19.39
N ALA F 814 -36.17 26.09 18.29
CA ALA F 814 -36.61 24.70 18.23
C ALA F 814 -35.81 23.79 19.15
N ARG F 815 -34.58 24.17 19.48
CA ARG F 815 -33.71 23.27 20.24
C ARG F 815 -34.12 23.16 21.70
N PRO F 816 -34.43 24.27 22.42
CA PRO F 816 -35.05 24.08 23.74
C PRO F 816 -36.43 23.48 23.66
N LEU F 817 -37.14 23.68 22.54
CA LEU F 817 -38.41 22.99 22.36
C LEU F 817 -38.22 21.49 22.27
N LYS F 818 -37.19 21.04 21.55
CA LYS F 818 -36.91 19.62 21.45
C LYS F 818 -36.59 19.02 22.81
N ARG F 819 -35.67 19.64 23.55
CA ARG F 819 -35.33 19.03 24.82
C ARG F 819 -36.43 19.21 25.86
N ALA F 820 -37.29 20.21 25.71
CA ALA F 820 -38.38 20.37 26.66
C ALA F 820 -39.45 19.31 26.43
N ILE F 821 -39.77 19.05 25.15
CA ILE F 821 -40.62 17.93 24.78
C ILE F 821 -40.06 16.63 25.33
N GLN F 822 -38.76 16.44 25.12
CA GLN F 822 -38.02 15.27 25.61
C GLN F 822 -38.22 15.04 27.09
N GLN F 823 -37.78 16.00 27.90
CA GLN F 823 -37.85 15.90 29.35
C GLN F 823 -39.29 15.83 29.83
N GLN F 824 -40.02 16.95 29.69
CA GLN F 824 -41.32 17.12 30.30
C GLN F 824 -42.40 16.28 29.67
N ILE F 825 -42.13 15.51 28.62
CA ILE F 825 -43.06 14.54 28.12
C ILE F 825 -42.54 13.14 28.35
N GLU F 826 -41.42 12.80 27.71
CA GLU F 826 -41.02 11.40 27.65
C GLU F 826 -40.48 10.88 28.97
N ASN F 827 -40.06 11.74 29.90
CA ASN F 827 -39.60 11.14 31.14
C ASN F 827 -40.75 10.69 32.05
N PRO F 828 -41.80 11.48 32.31
CA PRO F 828 -42.94 10.88 33.02
C PRO F 828 -43.69 9.86 32.19
N LEU F 829 -43.69 10.01 30.87
CA LEU F 829 -44.43 9.09 30.01
C LEU F 829 -43.84 7.69 30.08
N ALA F 830 -42.57 7.56 29.69
CA ALA F 830 -41.91 6.26 29.79
C ALA F 830 -41.71 5.83 31.22
N GLN F 831 -41.62 6.80 32.14
CA GLN F 831 -41.59 6.48 33.57
C GLN F 831 -42.82 5.73 34.00
N GLN F 832 -43.97 6.10 33.46
CA GLN F 832 -45.19 5.43 33.86
C GLN F 832 -45.53 4.24 32.98
N ILE F 833 -45.10 4.25 31.71
CA ILE F 833 -45.35 3.11 30.84
C ILE F 833 -44.53 1.92 31.31
N LEU F 834 -43.26 2.15 31.62
CA LEU F 834 -42.45 1.10 32.19
C LEU F 834 -42.88 0.75 33.60
N SER F 835 -43.59 1.66 34.26
CA SER F 835 -44.20 1.32 35.54
C SER F 835 -45.39 0.39 35.40
N GLY F 836 -45.87 0.14 34.18
CA GLY F 836 -47.03 -0.70 34.00
C GLY F 836 -48.31 -0.06 34.47
N GLU F 837 -48.34 1.27 34.56
CA GLU F 837 -49.49 1.98 35.07
C GLU F 837 -50.55 2.18 34.00
N LEU F 838 -50.14 2.28 32.74
CA LEU F 838 -51.03 2.67 31.65
C LEU F 838 -51.48 1.46 30.86
N VAL F 839 -52.75 1.45 30.47
CA VAL F 839 -53.35 0.35 29.75
C VAL F 839 -53.45 0.75 28.29
N PRO F 840 -53.07 -0.14 27.36
CA PRO F 840 -53.30 0.13 25.94
C PRO F 840 -54.79 0.23 25.63
N GLY F 841 -55.14 1.16 24.75
CA GLY F 841 -56.50 1.30 24.29
C GLY F 841 -57.31 2.37 25.00
N LYS F 842 -56.72 3.12 25.91
CA LYS F 842 -57.43 4.21 26.56
C LYS F 842 -57.05 5.54 25.93
N VAL F 843 -57.95 6.51 26.03
CA VAL F 843 -57.66 7.87 25.64
C VAL F 843 -56.75 8.46 26.71
N ILE F 844 -55.46 8.58 26.39
CA ILE F 844 -54.48 9.00 27.37
C ILE F 844 -54.39 10.51 27.25
N ARG F 845 -55.19 11.20 28.03
CA ARG F 845 -55.23 12.65 27.95
C ARG F 845 -54.06 13.23 28.71
N LEU F 846 -53.35 14.17 28.06
CA LEU F 846 -52.19 14.81 28.65
C LEU F 846 -52.64 16.03 29.43
N GLU F 847 -53.18 15.78 30.61
CA GLU F 847 -53.60 16.87 31.47
C GLU F 847 -52.40 17.57 32.07
N VAL F 848 -52.63 18.77 32.57
CA VAL F 848 -51.54 19.60 33.05
C VAL F 848 -51.32 19.32 34.52
N ASN F 849 -50.05 19.38 34.91
CA ASN F 849 -49.70 19.54 36.31
C ASN F 849 -49.52 21.03 36.56
N GLU F 850 -48.91 21.37 37.70
CA GLU F 850 -48.61 22.76 37.98
C GLU F 850 -47.53 23.28 37.04
N ASP F 851 -46.45 22.53 36.90
CA ASP F 851 -45.41 22.85 35.94
C ASP F 851 -45.12 21.68 35.01
N ARG F 852 -45.89 20.60 35.10
CA ARG F 852 -45.64 19.43 34.28
C ARG F 852 -46.88 19.02 33.53
N ILE F 853 -46.84 17.84 32.93
CA ILE F 853 -47.95 17.27 32.19
C ILE F 853 -48.24 15.89 32.74
N VAL F 854 -49.48 15.66 33.13
CA VAL F 854 -49.89 14.37 33.66
C VAL F 854 -50.73 13.63 32.61
N ALA F 855 -50.44 12.36 32.45
CA ALA F 855 -51.21 11.47 31.58
C ALA F 855 -52.24 10.72 32.42
N VAL F 856 -53.47 10.70 31.94
CA VAL F 856 -54.55 10.06 32.69
C VAL F 856 -55.12 8.92 31.86
N GLN F 857 -55.78 8.00 32.55
CA GLN F 857 -56.32 6.78 31.95
C GLN F 857 -57.83 6.79 32.05
N HIS F 858 -58.50 7.13 30.96
CA HIS F 858 -59.94 7.20 30.94
C HIS F 858 -60.48 6.69 29.62
N ALA G 1 -10.25 -42.02 -19.82
CA ALA G 1 -10.72 -40.81 -19.14
C ALA G 1 -9.67 -40.26 -18.21
N ALA G 2 -9.73 -38.96 -17.94
CA ALA G 2 -8.73 -38.27 -17.13
C ALA G 2 -9.39 -37.63 -15.91
N ALA G 3 -8.55 -37.03 -15.08
CA ALA G 3 -8.98 -36.46 -13.81
C ALA G 3 -8.76 -34.96 -13.80
N ALA G 4 -9.61 -34.25 -13.07
CA ALA G 4 -9.51 -32.80 -12.96
C ALA G 4 -8.35 -32.48 -12.04
N ALA G 5 -7.22 -32.08 -12.61
CA ALA G 5 -5.99 -31.97 -11.84
C ALA G 5 -6.01 -30.73 -10.97
N ALA G 6 -5.36 -30.84 -9.81
CA ALA G 6 -5.28 -29.71 -8.90
C ALA G 6 -4.35 -28.64 -9.47
N ALA G 7 -4.53 -27.41 -8.98
CA ALA G 7 -3.85 -26.24 -9.51
C ALA G 7 -2.81 -25.69 -8.54
N ALA G 8 -2.29 -24.50 -8.82
CA ALA G 8 -1.33 -23.85 -7.95
C ALA G 8 -1.80 -22.51 -7.43
N ALA G 9 -2.30 -21.64 -8.32
CA ALA G 9 -3.09 -20.44 -7.99
C ALA G 9 -2.32 -19.43 -7.13
N ALA G 10 -1.33 -18.81 -7.75
CA ALA G 10 -0.60 -17.73 -7.10
C ALA G 10 -1.45 -16.46 -6.98
N ALA G 11 -1.50 -15.87 -5.78
CA ALA G 11 -2.30 -14.69 -5.47
C ALA G 11 -1.43 -13.59 -4.84
N ALA G 12 -1.97 -12.39 -4.74
CA ALA G 12 -1.18 -11.25 -4.33
C ALA G 12 -2.05 -10.21 -3.62
N ALA G 13 -1.41 -9.43 -2.73
CA ALA G 13 -2.01 -8.32 -2.00
C ALA G 13 -1.07 -7.12 -2.01
N ALA G 14 -1.56 -5.97 -1.54
CA ALA G 14 -0.81 -4.74 -1.73
C ALA G 14 -0.64 -3.94 -0.45
N ALA G 15 -0.14 -2.71 -0.54
CA ALA G 15 0.15 -1.86 0.61
C ALA G 15 -0.19 -0.44 0.26
N ALA G 16 -0.68 0.32 1.23
CA ALA G 16 -0.62 1.75 1.05
C ALA G 16 0.67 2.25 1.67
N ALA G 17 0.90 3.54 1.57
CA ALA G 17 1.96 4.26 2.26
C ALA G 17 1.31 5.31 3.12
N ALA G 18 2.13 6.19 3.69
CA ALA G 18 1.57 7.32 4.39
C ALA G 18 2.64 8.38 4.51
N ALA G 19 2.29 9.61 4.17
CA ALA G 19 3.22 10.71 4.23
C ALA G 19 2.69 11.66 5.28
N ALA G 20 3.58 12.36 5.97
CA ALA G 20 3.12 13.13 7.10
C ALA G 20 3.73 14.51 7.09
N ALA G 21 2.91 15.52 7.30
CA ALA G 21 3.38 16.89 7.24
C ALA G 21 4.08 17.26 8.54
N ALA G 22 4.53 18.50 8.57
CA ALA G 22 4.89 19.20 9.79
C ALA G 22 4.00 20.42 9.91
N ALA G 23 3.74 20.85 11.15
CA ALA G 23 2.92 22.04 11.37
C ALA G 23 3.63 23.33 10.96
N ALA G 24 4.82 23.59 11.49
CA ALA G 24 5.44 24.91 11.43
C ALA G 24 5.83 25.37 10.03
#